data_6VBV
#
_entry.id   6VBV
#
_cell.length_a   1.00
_cell.length_b   1.00
_cell.length_c   1.00
_cell.angle_alpha   90.00
_cell.angle_beta   90.00
_cell.angle_gamma   90.00
#
_symmetry.space_group_name_H-M   'P 1'
#
loop_
_entity.id
_entity.type
_entity.pdbx_description
1 polymer 'Bardet-Biedl syndrome 18 protein'
2 polymer 'BBS1 domain-containing protein'
3 polymer 'Bardet-Biedl syndrome 2 protein homolog'
4 polymer 'Bardet-Biedl syndrome 4 protein homolog'
5 polymer 'Bardet-Biedl syndrome 5 protein homolog'
6 polymer 'Bardet-Biedl syndrome 7 protein homolog'
7 polymer 'Tetratricopeptide repeat domain 8'
8 polymer 'Bardet-Biedl syndrome 9'
9 polymer 'ADP-ribosylation factor-like protein 6'
10 non-polymer 'CALCIUM ION'
11 non-polymer "GUANOSINE-5'-TRIPHOSPHATE"
#
loop_
_entity_poly.entity_id
_entity_poly.type
_entity_poly.pdbx_seq_one_letter_code
_entity_poly.pdbx_strand_id
1 'polypeptide(L)' MAETKSMFREVLPKQGQLYVEDITTMVLCKPKLLPLKSLTLEKLEKMQQAAQDTIHQQEMTEKEQKITH 0
2 'polypeptide(L)'
;MAATSSSDSDGGKGESEANSKWLDSLSDSMANIHTFSACLALADFHGDGEYKLAMGDLGPDGRQPRLKVLKGHTLVSQKP
LPDLPAAAVTFLMASHEPRTPALAIASGPCVYVYKNLKPYFKFSLPSLPTNPLEQDLWNQAKEDQIDPLTLKEMLEGIRE
KAEVPLSVQSLRFLPLELSEMEAFVNQHKSKSIRRQTVITTMTTLKKNLADEDAVSCLVLGTENKELLVLDPEAFTILAK
MSLPSVPAFLEASGQFDVEFRLAAACRNGSIYILRRDSKRPKYCIELGAQPVGLVGVHKVLVVGSNQDSLHGFTYKGKRL
WTVQMPAAILAMNLLEQHSRGLQAVMAALANEEVRIYHDKVLLNVIRTPEAVTSLCFGRYGREDNTLIMTTLGGGLIIKI
LKRTAVFAEGGGEAGPPPSQAIKLNVPRKTRLYVDQTLREREAGTAMHRTFQADLYLLRLRAARAYVQALESSLSPVSLT
AREPLKLHAVVQGLGPTFKLTLHLQNTSTARPILGLVVCFLYNEVLYALPRAFFKVPLLVPGLNYPLETFVKSLSDKGIS
DIIKVLVLREGQSTPLLSAHINMPMSEGLAAD
;
1
3 'polypeptide(L)'
;MLQPVFTLKLRHKISPRMVAVGRYDGTHPCLAAATQAGKVFIHNPHSRSQHLGAPRVLQSPLESDVSLLNINQTVSCLTA
GVLNPELGYDALLVGTQTNLLAYDVYNNSDLFYREVADGASAIVLGTLGDITSPLAIIGGNCALQGFNHEGNDLFWTVTG
DNVHSLALCDFDGDGKKELLVGSEDFDIRVFKEDEIVAEMSETEIITSLCPMYGSRFGYALSNGTVGVYDKTARYWRIKS
KNQAMSIHAFDLNSDGVCELITGWSNGKVDARSDRTGEVIFKDNFSSAIAGVVEGDYRMEGCQQLICCSVDGEIRGYLPG
TAEMRGNLMDISVEQDLIRELSQKKQNLLLELRNYEENAKAELSSPLNEADGHRGVIPANTKHHTALSVSLGSEAQAAHA
ELCISTSNDTIIRAVLIFAEGVFAGESHVVHPSVHHLSSSVRIPITPPKDIPVDLHLKTFVGYRSSTQFHVFELTRQLPR
FSMYALTSPDPASEPLSYVNFIIAERAQRVVMWLNQNFLLPEDTNIQNAPFQVCFTSLRNGGQLYIKIKLSGEITVNTDD
IDLAGDIIQSMASFFAIEDLQVEADFPVYFEELRKVLVKVDEYHSVHQKLSADMADNSNLIRSLLVQAEDARLMRDMKTM
KNRYKELYDLNKDLLNGYKIRCNNHTELLGSLKAVNQAIQRAGHLRVGKPKNQVITACRDAIRSNNINMLFRIMRVGTAS
S
;
2
4 'polypeptide(L)'
;MAEEKLSARTQLPVSAESQKPVLKKAPEFPILEKQNWLIHLYYIQKDYEACKAVIKEQLQETHGLCEYAIYVQALIFRLE
GNIQESLRLFQMCAFLSPQCADNLKQVARSLFLLGKHKAAIEVYNEAAKLNQKDWEICHNLGVCYIYLKQFDKAQDQLHN
ALHLNRHDLTYIMLGKIFLLKGDLDKAIEIYKKAVEFSPENTELLTTLGLLYLQLGIYQKAFEHLGNTLTYDPTNYKAIL
AAGSMMQTHGDFDVALTKYKVVACAVIESPPLWNNIGMCFFGKKKYVAAISCLKRANYLAPLDWKILYNLGLVHLTMQQY
ASAFHFLSAAINFQPKMGELYMLLAVALTNLEDSENAKRAYEEAVRLDKCNPLVNLNYAVLLYNQGEKRDALAQYQEMEK
KVNLLKYSSSLEFDPEMVEVAQKLGAALQVGEALVWTKPVKDPKSKHQTASTSKAAGFQQPLGSNQALGQAMSSAATCRK
LSSGAGGTSQLTKPPSLPLEPEPTVEAQPTEASAQTREK
;
4
5 'polypeptide(L)'
;MSVLDALWEDRDVRFDVSSQQMKTRPGEVLIDCLDSVEDTKGNNGDRGRLLVTNLRIVWHSLALPRVNLSIGYNCILNIT
TRTANSKLRGQTEALYVLTKCNSTRFEFIFTNLVPGSPRLYTSLIAVHRAYETSKMYRDFKLRSALIQNKQLRLLPQENV
YNKINGVWNLSSDQGNLGTFFITNVRIVWHANMNDSFNVSIPYLQIRSVKIRDSKFGLALVIESSQQSGGYVLGFKIDPV
EKLQESVKEINSLHKVYSANPIFGVDYEMEEKPQPLEALTVKQIQDDVEIDSDDHTDAFVAYFADGNKQQDREPVFSEEL
GLAIEKLKDGFTLQGLWEVMN
;
5
6 'polypeptide(L)'
;MDLNLNRADYLQVGVTSQKTMKLLPASKHRATQKVVVGDHDGIVMCFGMKKGEAVTVFKTLPGQKIARLELGGALNTPQE
KIFIAAGSEIRGFTKRGKQFLSFETNLTESIKAMHISGSDLFLSASYIYNHYCDCKDQHYYLSGDKINDVICLPVERLLR
EVPVLACQDRVLRVLQGSDVTYEIEVPGPPTVLALHNGNGGDSGEDLLFGTSDGKLGLIQITTSKPIHKWEIRNEKKRGG
ILCVDSFDIVGDGVKDLLVGRDDGMVEVYGFDNANEPVLRFDHTLSESVTSIQGGCVGKDGYDEIVVSTYSGWITGLTTE
PVHKESGPGEELKFNQEMQNKISSLRSELEQLQYKVLQEREKYQQSSQSSKAKSAVPSFSVNDKFTLNKDDASYSLILEV
QTAIDNVLIQSDVPIDLLDVDKNSAVVSFSSCDSESNDNFLLATYRCQANTTRLELKIRSIEGQYGTLQAYVTPRIQPKT
CQVRQYHIKPLSLHQRTHFIDHDRPMNTLTLTGQFSFSELHSWVVFCMPEVPEKPPAGECVTFYFQNTFLDTQLESTYRK
GEGVFKSDNISTISILKDVLSKEATKRKINLNISYEINEVSVKHTLKLIHPKLEYQLLLAKKVQLIDALKELQVHEGNTN
FLIPEYRCILEEADHLQEEYKKQPAHLERLYGMITDLFIDKFKFKGTNVKTKVPLLLEILDSYDQNALIAFFDAA
;
7
7 'polypeptide(L)'
;MEPLLLAWSYFRRRRFQLCADLCTQMLEKSPCDQAAWILKARALTEMVYVDEIDVDEEGIAEMILDENAIAQVPRPGTSL
KLPGTNQTGGPSPAVRPVTQAGRPITGFLRPSTQSGRPGTIEQAIKTPRTAYTARPIASSSGRFVRLGTASMLTSPDGPF
INLSRLNLAKYAQKPKLAKALFEYIFHHENDVKTALDLAALSTEHSQYKDWWWKVQIGKCYYRLGLYREAEKQFKSALKQ
QEMVDTFLYLAKVYISLDQPLTALNLFKQGLDKFPGEVTLLCGIARIYEEMNNISSATEYYKEVLKQDNTHVEAIACIGS
NHFYTDQPEVALRFYRRLLQMGVYNCQLFNNLGLCCFYAQQYDMTLTSFERALSLAENEEEVADVWYNLGHVAVGTGDTN
LAHQCFRLALVSNNQHAEAYNNLAVLEMRRGHVEQAKALLQTASSLAPHMYEPHFNFATISDKIGDLQRSYAAAKKSEAA
FPDHVDTQHLIKQLEQHFAML
;
8
8 'polypeptide(L)'
;MSLFKARDWWSTVLGDKEEFDQGCLCLADVDNTGNGQDKIIVGSFMGYLRIFNPHPVKTGDGAQAEDLLLEVHLRDPILQ
VEVGKFVSGTEMLHLAVLHSRKLCVYSVSGTLGNVEHGNQYQIKLMYEHNLQRTACNMTYGSFGGVKGRDLICIQSVDGM
LMVFEQESYAFGRFLPGSLLPGPLAYSSRTDSFITVSSCHQVESYKYQVLAFATDADKRQETEQQKHGSGKRLVVDWTLN
IGEQAIDICIVSFIQSASSVFVLGERNFFCLKDNGQIQFMKKLDYSPSCFLPYCSVSEGTINTLIGNHNNMLHIYQDVTL
KWATQLPHVPVAVRVGCLHDLKGVIVTLSDDGHLQCSYLGTDPSLFQAPKVESRELNYDELDMELKELQKVIKNVNKSQD
VWPLTEREDDLKVSAMVSPNFDSVSQATDVEVGADLVPSVTVKVTLKNRVALQKIKLSIYVQPPLVLTGDQFTFEFMAPE
MTRTVGFSVYLKGSYSPPELEGNAVVSYSRPTERNPDGIPRVSQCKFRLPLKLVCLPGQPSKTASHKLTIDTNKSPVSLL
SLFPGFAKQSEDDQVNVMGFRFLGGSQVTLLASKTSQRYRIQSEQFEDLWLITNELIIRLQEYFEKQGIKDFTCSFSGSV
PLEEYFELIDHHFELRINGEKLEELLSERAVQFRAIQRRLLTRFKDKTPAPLQHLDTLLDGTYKQVIALADAVEENQDNL
FQSFTRLKSATHLVILLIGLWQKLSADQIAILEAAFLPLQQDTQELGWEETVDAALSHLLKTCLSKSSKEQALNLNSQLG
IPKDTSQLKKHITLFCDRLAKGGRLCLSTDAAAPQTMVMPGGCATIPESDLEGRSIDQDSSELFTNHKHLMVETPVPEVS
PLQGVTE
;
9
9 'polypeptide(L)'
;MGLLDRLSGLLGLKKKEVHVLCLGLDNSGKTTIINKLKPSNAQSQDIVPTIGFSIQKFKSSSLSFTVFDMSGQGRYRNLW
EHYYKEGQAIIFVIDSSDKLRMVVAKEELRTLLNHPDIKHRRIPILFFANKMDLRDALTSVKVSQLLCLEDIKDKPWHIC
ASDAIKGEGLQEGVDWLQDQIQSVKT
;
3
#
# COMPACT_ATOMS: atom_id res chain seq x y z
N MET A 7 26.71 -63.22 36.27
CA MET A 7 25.41 -62.50 36.25
C MET A 7 25.60 -61.08 36.80
N PHE A 8 26.54 -60.33 36.25
CA PHE A 8 26.75 -58.92 36.68
C PHE A 8 26.33 -57.96 35.57
N ARG A 9 25.59 -56.90 35.93
CA ARG A 9 25.12 -55.91 34.93
C ARG A 9 26.05 -54.69 34.98
N GLU A 10 26.48 -54.21 33.80
CA GLU A 10 27.40 -53.04 33.74
C GLU A 10 26.70 -51.83 34.36
N VAL A 11 27.41 -51.07 35.20
CA VAL A 11 26.81 -49.90 35.89
C VAL A 11 26.94 -48.65 35.01
N LEU A 12 25.87 -47.85 34.91
CA LEU A 12 25.88 -46.64 34.06
C LEU A 12 25.89 -45.40 34.97
N PRO A 13 26.64 -44.33 34.62
CA PRO A 13 26.62 -43.11 35.42
C PRO A 13 25.20 -42.53 35.42
N LYS A 14 24.74 -42.02 36.55
CA LYS A 14 23.35 -41.49 36.67
C LYS A 14 23.34 -39.98 36.41
N GLN A 15 24.50 -39.40 36.13
CA GLN A 15 24.57 -37.92 35.95
C GLN A 15 25.03 -37.60 34.52
N GLY A 16 24.29 -36.74 33.83
CA GLY A 16 24.63 -36.36 32.44
C GLY A 16 25.54 -35.15 32.37
N GLN A 17 25.83 -34.68 31.15
CA GLN A 17 26.67 -33.48 30.96
C GLN A 17 25.75 -32.26 30.92
N LEU A 18 26.04 -31.23 31.73
CA LEU A 18 25.16 -30.03 31.81
C LEU A 18 25.94 -28.80 31.34
N TYR A 19 25.38 -28.01 30.41
CA TYR A 19 26.05 -26.78 29.95
C TYR A 19 26.10 -25.78 31.11
N VAL A 20 27.21 -25.05 31.24
CA VAL A 20 27.37 -24.06 32.35
C VAL A 20 27.53 -22.66 31.74
N GLU A 21 27.53 -22.54 30.42
CA GLU A 21 27.50 -21.23 29.79
C GLU A 21 26.98 -21.37 28.37
N ASP A 22 26.28 -20.35 27.91
CA ASP A 22 25.73 -20.34 26.55
C ASP A 22 26.74 -19.64 25.65
N ILE A 23 27.31 -20.39 24.71
CA ILE A 23 28.32 -19.89 23.79
C ILE A 23 27.71 -19.80 22.40
N THR A 24 27.88 -18.65 21.75
CA THR A 24 27.30 -18.43 20.42
C THR A 24 27.93 -19.35 19.39
N THR A 25 27.17 -20.35 18.95
CA THR A 25 27.64 -21.30 17.95
C THR A 25 26.90 -21.06 16.65
N MET A 26 27.61 -21.26 15.54
CA MET A 26 26.99 -21.10 14.23
C MET A 26 25.89 -22.13 14.04
N VAL A 27 24.70 -21.67 13.68
CA VAL A 27 23.53 -22.52 13.54
C VAL A 27 23.49 -23.09 12.13
N LEU A 28 22.93 -24.28 12.00
CA LEU A 28 22.73 -24.90 10.70
C LEU A 28 21.30 -24.66 10.23
N CYS A 29 21.12 -24.71 8.92
CA CYS A 29 19.77 -24.67 8.37
C CYS A 29 19.02 -25.92 8.79
N LYS A 30 17.71 -25.91 8.60
CA LYS A 30 16.96 -26.98 9.19
C LYS A 30 16.46 -27.97 8.14
N PRO A 31 16.29 -29.24 8.49
CA PRO A 31 15.86 -30.23 7.50
C PRO A 31 14.56 -29.85 6.84
N LYS A 32 14.49 -30.09 5.53
CA LYS A 32 13.46 -29.53 4.66
C LYS A 32 12.55 -30.65 4.15
N LEU A 33 11.33 -30.70 4.66
CA LEU A 33 10.34 -31.64 4.17
C LEU A 33 9.86 -31.18 2.79
N LEU A 34 10.13 -31.98 1.79
CA LEU A 34 9.74 -31.64 0.43
C LEU A 34 8.23 -31.63 0.33
N PRO A 35 7.62 -30.50 0.00
CA PRO A 35 6.16 -30.44 -0.10
C PRO A 35 5.65 -31.30 -1.25
N LEU A 36 4.52 -31.97 -1.01
CA LEU A 36 3.90 -32.77 -2.05
C LEU A 36 3.27 -31.85 -3.10
N LYS A 37 2.75 -32.46 -4.16
CA LYS A 37 2.13 -31.72 -5.24
C LYS A 37 0.65 -32.06 -5.31
N SER A 38 -0.10 -31.21 -6.02
CA SER A 38 -1.49 -31.50 -6.29
C SER A 38 -1.57 -32.38 -7.53
N LEU A 39 -2.79 -32.64 -8.00
CA LEU A 39 -2.96 -33.36 -9.26
C LEU A 39 -2.97 -32.39 -10.44
N THR A 40 -3.59 -31.23 -10.27
CA THR A 40 -3.59 -30.20 -11.30
C THR A 40 -2.17 -29.75 -11.61
N LEU A 41 -1.33 -29.60 -10.59
CA LEU A 41 0.04 -29.15 -10.81
C LEU A 41 0.84 -30.19 -11.58
N GLU A 42 0.70 -31.47 -11.22
CA GLU A 42 1.37 -32.52 -11.97
C GLU A 42 0.88 -32.56 -13.41
N LYS A 43 -0.43 -32.44 -13.62
CA LYS A 43 -0.95 -32.46 -14.98
C LYS A 43 -0.43 -31.28 -15.80
N LEU A 44 -0.35 -30.10 -15.17
CA LEU A 44 0.14 -28.93 -15.88
C LEU A 44 1.61 -29.07 -16.24
N GLU A 45 2.43 -29.57 -15.31
CA GLU A 45 3.84 -29.76 -15.61
C GLU A 45 4.04 -30.81 -16.70
N LYS A 46 3.25 -31.89 -16.67
CA LYS A 46 3.39 -32.92 -17.69
C LYS A 46 2.92 -32.43 -19.05
N MET A 47 1.87 -31.61 -19.09
CA MET A 47 1.43 -31.03 -20.36
C MET A 47 2.43 -30.01 -20.87
N GLN A 48 3.13 -29.33 -19.97
CA GLN A 48 4.17 -28.40 -20.37
C GLN A 48 5.40 -29.12 -20.93
N GLN A 49 5.77 -30.27 -20.36
CA GLN A 49 6.92 -31.01 -20.85
C GLN A 49 6.60 -31.88 -22.07
N ALA A 50 5.35 -32.30 -22.24
CA ALA A 50 4.99 -33.08 -23.41
C ALA A 50 5.11 -32.25 -24.68
N ALA A 51 4.76 -30.96 -24.60
CA ALA A 51 4.94 -30.08 -25.75
C ALA A 51 6.42 -29.97 -26.12
N GLN A 52 7.29 -29.81 -25.12
CA GLN A 52 8.72 -29.80 -25.37
C GLN A 52 9.17 -31.10 -26.04
N ASP A 53 8.67 -32.23 -25.55
CA ASP A 53 9.08 -33.51 -26.11
C ASP A 53 8.65 -33.65 -27.56
N THR A 54 7.41 -33.27 -27.88
CA THR A 54 6.96 -33.33 -29.27
C THR A 54 7.73 -32.34 -30.15
N ILE A 55 8.09 -31.18 -29.60
CA ILE A 55 8.90 -30.23 -30.38
C ILE A 55 10.25 -30.83 -30.72
N HIS A 56 10.88 -31.50 -29.75
CA HIS A 56 12.18 -32.12 -30.01
C HIS A 56 12.08 -33.39 -30.86
N GLN A 57 10.91 -34.03 -30.90
CA GLN A 57 10.80 -35.32 -31.59
C GLN A 57 10.38 -35.21 -33.04
N GLN A 58 9.96 -34.03 -33.50
CA GLN A 58 9.55 -33.86 -34.89
C GLN A 58 10.71 -34.08 -35.84
N SER B 20 -1.56 12.46 42.51
CA SER B 20 -1.86 13.69 41.78
C SER B 20 -1.35 14.92 42.53
N LYS B 21 -0.04 14.97 42.74
CA LYS B 21 0.58 16.05 43.49
C LYS B 21 0.86 17.29 42.65
N TRP B 22 0.86 17.16 41.33
CA TRP B 22 1.25 18.25 40.43
C TRP B 22 0.01 18.89 39.83
N LEU B 23 -0.40 20.02 40.40
CA LEU B 23 -1.53 20.78 39.90
C LEU B 23 -1.16 21.42 38.56
N ASP B 24 -1.86 21.04 37.50
CA ASP B 24 -1.58 21.58 36.18
C ASP B 24 -2.15 22.97 36.02
N SER B 25 -1.39 23.85 35.38
CA SER B 25 -1.79 25.25 35.20
C SER B 25 -2.06 25.59 33.76
N LEU B 26 -1.09 25.37 32.85
CA LEU B 26 -1.28 25.71 31.46
C LEU B 26 -0.63 24.67 30.56
N SER B 27 -1.34 24.28 29.50
CA SER B 27 -0.83 23.38 28.48
C SER B 27 -1.14 24.00 27.11
N ASP B 28 -0.11 24.45 26.41
CA ASP B 28 -0.25 25.07 25.10
C ASP B 28 0.70 24.39 24.12
N SER B 29 0.37 24.49 22.83
CA SER B 29 1.15 23.85 21.79
C SER B 29 1.51 24.76 20.61
N MET B 30 0.99 25.99 20.57
CA MET B 30 1.35 26.91 19.51
C MET B 30 2.55 27.77 19.85
N ALA B 31 2.96 27.81 21.12
CA ALA B 31 4.12 28.59 21.53
C ALA B 31 5.39 27.91 21.04
N ASN B 32 6.02 28.48 20.01
CA ASN B 32 7.24 27.93 19.45
C ASN B 32 8.40 28.40 20.32
N ILE B 33 8.67 27.64 21.38
CA ILE B 33 9.70 27.99 22.35
C ILE B 33 10.70 26.83 22.36
N HIS B 34 11.71 26.91 21.51
CA HIS B 34 12.75 25.89 21.44
C HIS B 34 14.00 26.32 22.19
N THR B 35 13.83 26.61 23.49
CA THR B 35 14.97 26.96 24.32
C THR B 35 15.63 25.69 24.86
N PHE B 36 16.63 25.87 25.72
CA PHE B 36 17.30 24.77 26.40
C PHE B 36 17.17 24.95 27.90
N SER B 37 17.64 23.94 28.64
CA SER B 37 17.54 23.97 30.10
C SER B 37 18.55 24.89 30.75
N ALA B 38 19.40 25.58 29.97
CA ALA B 38 20.41 26.47 30.54
C ALA B 38 20.30 27.91 30.06
N CYS B 39 19.65 28.16 28.92
CA CYS B 39 19.43 29.51 28.42
C CYS B 39 18.03 30.03 28.74
N LEU B 40 17.47 29.58 29.88
CA LEU B 40 16.11 29.94 30.27
C LEU B 40 16.11 30.10 31.77
N ALA B 41 15.94 31.33 32.26
CA ALA B 41 16.02 31.60 33.69
C ALA B 41 14.94 32.59 34.09
N LEU B 42 14.36 32.39 35.26
CA LEU B 42 13.32 33.27 35.79
C LEU B 42 13.84 34.00 37.02
N ALA B 43 13.47 35.26 37.14
CA ALA B 43 13.90 36.11 38.26
C ALA B 43 13.03 37.35 38.27
N ASP B 44 13.27 38.22 39.25
CA ASP B 44 12.57 39.50 39.30
C ASP B 44 13.22 40.45 38.31
N PHE B 45 12.38 41.17 37.55
CA PHE B 45 12.89 42.06 36.53
C PHE B 45 12.34 43.48 36.58
N HIS B 46 11.35 43.76 37.42
CA HIS B 46 10.91 45.13 37.65
C HIS B 46 10.58 45.36 39.12
N GLY B 47 11.17 44.57 40.01
CA GLY B 47 10.84 44.69 41.42
C GLY B 47 9.44 44.18 41.71
N ASP B 48 8.83 44.78 42.74
CA ASP B 48 7.44 44.54 43.14
C ASP B 48 7.06 43.07 43.19
N GLY B 49 8.04 42.20 43.44
CA GLY B 49 7.75 40.77 43.65
C GLY B 49 6.96 40.12 42.54
N GLU B 50 7.27 40.45 41.29
CA GLU B 50 6.63 39.83 40.13
C GLU B 50 7.72 39.25 39.26
N TYR B 51 7.93 37.94 39.37
CA TYR B 51 9.03 37.29 38.66
C TYR B 51 8.64 37.00 37.21
N LYS B 52 9.50 37.42 36.30
CA LYS B 52 9.36 37.08 34.89
C LYS B 52 10.32 35.95 34.54
N LEU B 53 10.20 35.44 33.33
CA LEU B 53 11.07 34.37 32.85
C LEU B 53 11.67 34.78 31.52
N ALA B 54 12.97 35.01 31.49
CA ALA B 54 13.68 35.41 30.27
C ALA B 54 14.35 34.19 29.67
N MET B 55 14.21 34.03 28.35
CA MET B 55 14.80 32.92 27.63
C MET B 55 15.31 33.39 26.29
N GLY B 56 16.53 32.99 25.94
CA GLY B 56 17.03 33.23 24.61
C GLY B 56 16.64 32.07 23.71
N ASP B 57 15.54 32.22 22.99
CA ASP B 57 15.00 31.14 22.18
C ASP B 57 15.60 31.20 20.78
N LEU B 58 15.92 30.02 20.24
CA LEU B 58 16.46 29.94 18.89
C LEU B 58 15.34 30.18 17.89
N GLY B 59 15.65 29.96 16.60
CA GLY B 59 14.61 29.94 15.61
C GLY B 59 13.80 28.67 15.72
N PRO B 60 12.67 28.60 15.01
CA PRO B 60 11.96 27.32 14.93
C PRO B 60 12.86 26.18 14.47
N ASP B 61 13.91 26.49 13.71
CA ASP B 61 14.96 25.55 13.38
C ASP B 61 16.28 25.87 14.06
N GLY B 62 16.57 27.15 14.30
CA GLY B 62 17.84 27.55 14.87
C GLY B 62 18.51 28.64 14.07
N ARG B 63 17.73 29.28 13.19
CA ARG B 63 18.25 30.32 12.31
C ARG B 63 18.07 31.72 12.89
N GLN B 64 16.99 31.96 13.64
CA GLN B 64 16.62 33.30 14.11
C GLN B 64 16.74 33.38 15.63
N PRO B 65 17.88 33.84 16.17
CA PRO B 65 17.97 34.04 17.62
C PRO B 65 17.08 35.19 18.10
N ARG B 66 16.18 34.89 19.03
CA ARG B 66 15.19 35.84 19.51
C ARG B 66 15.10 35.73 21.03
N LEU B 67 15.29 36.85 21.73
CA LEU B 67 15.12 36.85 23.17
C LEU B 67 13.65 37.11 23.50
N LYS B 68 13.04 36.19 24.25
CA LYS B 68 11.64 36.30 24.62
C LYS B 68 11.51 36.23 26.13
N VAL B 69 10.71 37.11 26.70
CA VAL B 69 10.44 37.06 28.13
C VAL B 69 8.95 36.80 28.33
N LEU B 70 8.62 36.10 29.41
CA LEU B 70 7.27 35.68 29.70
C LEU B 70 6.85 36.18 31.08
N LYS B 71 5.70 36.85 31.13
CA LYS B 71 5.04 37.24 32.36
C LYS B 71 3.63 36.67 32.32
N GLY B 72 3.20 36.06 33.42
CA GLY B 72 1.94 35.33 33.37
C GLY B 72 2.08 34.14 32.43
N HIS B 73 1.16 34.03 31.48
CA HIS B 73 1.31 33.06 30.41
C HIS B 73 1.01 33.68 29.05
N THR B 74 1.15 34.99 28.93
CA THR B 74 1.09 35.67 27.65
C THR B 74 2.44 36.31 27.34
N LEU B 75 2.86 36.21 26.09
CA LEU B 75 4.14 36.78 25.67
C LEU B 75 4.05 38.30 25.66
N VAL B 76 5.03 38.95 26.28
CA VAL B 76 5.02 40.39 26.45
C VAL B 76 6.08 41.07 25.61
N SER B 77 7.24 40.44 25.41
CA SER B 77 8.27 41.04 24.56
C SER B 77 9.19 39.97 24.04
N GLN B 78 9.27 39.87 22.70
CA GLN B 78 10.29 39.12 21.99
C GLN B 78 10.99 40.06 21.03
N LYS B 79 12.32 40.02 21.02
CA LYS B 79 13.11 40.93 20.23
C LYS B 79 14.32 40.22 19.67
N PRO B 80 14.75 40.56 18.46
CA PRO B 80 15.85 39.83 17.82
C PRO B 80 17.16 39.98 18.59
N LEU B 81 18.02 38.99 18.40
CA LEU B 81 19.32 38.89 19.06
C LEU B 81 20.40 38.70 18.01
N PRO B 82 21.61 39.23 18.24
CA PRO B 82 22.67 39.10 17.23
C PRO B 82 22.98 37.66 16.85
N ASP B 83 23.31 36.82 17.84
CA ASP B 83 23.64 35.43 17.58
C ASP B 83 22.93 34.54 18.58
N LEU B 84 23.06 33.23 18.37
CA LEU B 84 22.37 32.26 19.20
C LEU B 84 22.88 32.31 20.64
N PRO B 85 21.99 32.46 21.62
CA PRO B 85 22.44 32.50 23.02
C PRO B 85 22.89 31.13 23.49
N ALA B 86 24.06 31.09 24.10
CA ALA B 86 24.60 29.85 24.66
C ALA B 86 24.21 29.63 26.11
N ALA B 87 23.80 30.68 26.81
CA ALA B 87 23.36 30.60 28.20
C ALA B 87 22.76 31.93 28.59
N ALA B 88 21.98 31.91 29.66
CA ALA B 88 21.34 33.13 30.15
C ALA B 88 21.05 32.94 31.63
N VAL B 89 21.77 33.64 32.50
CA VAL B 89 21.60 33.53 33.94
C VAL B 89 21.61 34.92 34.54
N THR B 90 20.78 35.09 35.58
CA THR B 90 20.64 36.38 36.24
C THR B 90 21.45 36.41 37.53
N PHE B 91 21.68 37.63 38.02
CA PHE B 91 22.56 37.86 39.16
C PHE B 91 22.47 39.33 39.56
N LEU B 92 22.71 39.59 40.84
CA LEU B 92 22.76 40.95 41.36
C LEU B 92 24.17 41.49 41.24
N MET B 93 24.31 42.65 40.60
CA MET B 93 25.62 43.23 40.35
C MET B 93 26.16 44.03 41.54
N ALA B 94 25.28 44.54 42.39
CA ALA B 94 25.69 45.37 43.53
C ALA B 94 24.50 45.50 44.47
N SER B 95 24.78 45.86 45.72
CA SER B 95 23.74 45.94 46.73
C SER B 95 23.20 47.34 46.96
N HIS B 96 23.63 48.32 46.16
CA HIS B 96 23.16 49.69 46.36
C HIS B 96 21.72 49.82 45.86
N GLU B 97 20.77 49.90 46.81
CA GLU B 97 19.35 50.00 46.51
C GLU B 97 18.96 48.88 45.55
N PRO B 98 18.88 47.63 46.03
CA PRO B 98 18.77 46.48 45.12
C PRO B 98 17.55 46.57 44.21
N ARG B 99 17.81 46.76 42.92
CA ARG B 99 16.80 46.64 41.89
C ARG B 99 16.85 45.21 41.36
N THR B 100 16.19 44.96 40.23
CA THR B 100 16.24 43.65 39.59
C THR B 100 17.67 43.21 39.33
N PRO B 101 17.93 41.90 39.38
CA PRO B 101 19.22 41.39 38.92
C PRO B 101 19.44 41.69 37.44
N ALA B 102 20.69 41.55 37.02
CA ALA B 102 21.05 41.77 35.62
C ALA B 102 21.04 40.44 34.87
N LEU B 103 20.49 40.46 33.67
CA LEU B 103 20.40 39.27 32.83
C LEU B 103 21.60 39.27 31.87
N ALA B 104 22.56 38.38 32.13
CA ALA B 104 23.76 38.29 31.30
C ALA B 104 23.54 37.16 30.29
N ILE B 105 23.15 37.52 29.07
CA ILE B 105 22.92 36.55 28.02
C ILE B 105 24.18 36.42 27.18
N ALA B 106 24.67 35.19 27.03
CA ALA B 106 25.91 34.91 26.33
C ALA B 106 25.65 34.69 24.85
N SER B 107 26.34 35.45 24.01
CA SER B 107 26.20 35.31 22.55
C SER B 107 27.55 35.56 21.91
N GLY B 108 28.04 34.58 21.16
CA GLY B 108 29.32 34.68 20.52
C GLY B 108 30.43 34.87 21.54
N PRO B 109 31.37 35.77 21.25
CA PRO B 109 32.39 36.11 22.24
C PRO B 109 31.94 37.23 23.18
N CYS B 110 30.65 37.54 23.17
CA CYS B 110 30.13 38.70 23.87
C CYS B 110 29.12 38.28 24.93
N VAL B 111 28.94 39.17 25.90
CA VAL B 111 27.97 38.99 26.98
C VAL B 111 27.09 40.24 26.99
N TYR B 112 25.84 40.10 26.56
CA TYR B 112 24.90 41.21 26.62
C TYR B 112 24.31 41.24 28.03
N VAL B 113 24.63 42.28 28.79
CA VAL B 113 24.10 42.46 30.13
C VAL B 113 22.90 43.39 30.02
N TYR B 114 21.71 42.85 30.31
CA TYR B 114 20.46 43.59 30.27
C TYR B 114 20.06 44.00 31.68
N LYS B 115 19.70 45.26 31.85
CA LYS B 115 19.16 45.79 33.09
C LYS B 115 17.71 46.18 32.83
N ASN B 116 16.78 45.59 33.59
CA ASN B 116 15.35 45.81 33.39
C ASN B 116 14.92 45.45 31.97
N LEU B 117 15.53 44.39 31.42
CA LEU B 117 15.20 43.89 30.09
C LEU B 117 15.43 44.96 29.02
N LYS B 118 16.53 45.69 29.18
CA LYS B 118 16.93 46.74 28.26
C LYS B 118 18.43 46.64 28.04
N PRO B 119 18.91 46.92 26.82
CA PRO B 119 20.35 46.81 26.58
C PRO B 119 21.14 47.78 27.43
N TYR B 120 21.92 47.25 28.37
CA TYR B 120 22.63 48.07 29.34
C TYR B 120 24.14 48.01 29.18
N PHE B 121 24.69 46.84 28.82
CA PHE B 121 26.14 46.73 28.66
C PHE B 121 26.45 45.59 27.71
N LYS B 122 27.62 45.65 27.11
CA LYS B 122 28.09 44.62 26.17
C LYS B 122 29.53 44.27 26.54
N PHE B 123 29.70 43.29 27.42
CA PHE B 123 31.03 42.87 27.81
C PHE B 123 31.66 42.05 26.69
N SER B 124 32.93 42.31 26.41
CA SER B 124 33.68 41.60 25.39
C SER B 124 34.72 40.71 26.04
N LEU B 125 35.01 39.60 25.41
CA LEU B 125 35.96 38.67 25.98
C LEU B 125 37.37 39.05 25.55
N PRO B 126 38.33 39.06 26.48
CA PRO B 126 39.72 39.40 26.11
C PRO B 126 40.28 38.38 25.13
N SER B 127 40.68 38.87 23.96
CA SER B 127 41.08 37.99 22.86
C SER B 127 42.36 37.23 23.21
N LEU B 128 42.66 36.25 22.36
CA LEU B 128 43.82 35.37 22.43
C LEU B 128 44.77 35.66 21.28
N PRO B 129 46.09 35.62 21.52
CA PRO B 129 47.09 35.88 20.48
C PRO B 129 47.04 34.88 19.32
N ARG B 194 42.89 37.66 14.31
CA ARG B 194 43.21 37.05 15.60
C ARG B 194 42.29 35.86 15.87
N ARG B 195 42.69 35.02 16.82
CA ARG B 195 41.96 33.80 17.17
C ARG B 195 41.28 34.03 18.52
N GLN B 196 40.07 34.57 18.49
CA GLN B 196 39.28 34.73 19.70
C GLN B 196 38.61 33.40 20.04
N THR B 197 37.69 33.40 21.00
CA THR B 197 36.96 32.21 21.38
C THR B 197 35.49 32.57 21.57
N VAL B 198 34.68 31.55 21.85
CA VAL B 198 33.25 31.73 22.07
C VAL B 198 32.92 31.16 23.44
N ILE B 199 31.93 31.74 24.09
CA ILE B 199 31.47 31.32 25.41
C ILE B 199 30.26 30.40 25.25
N THR B 200 30.29 29.27 25.94
CA THR B 200 29.29 28.22 25.78
C THR B 200 28.44 28.02 27.04
N THR B 201 29.07 27.92 28.19
CA THR B 201 28.37 27.71 29.45
C THR B 201 28.58 28.91 30.37
N MET B 202 27.53 29.27 31.11
CA MET B 202 27.58 30.44 31.99
C MET B 202 26.68 30.19 33.20
N THR B 203 27.24 30.34 34.39
CA THR B 203 26.47 30.34 35.63
C THR B 203 27.01 31.48 36.50
N THR B 204 26.46 31.60 37.71
CA THR B 204 26.89 32.62 38.65
C THR B 204 27.51 31.98 39.89
N LEU B 205 28.18 32.80 40.68
CA LEU B 205 28.85 32.35 41.89
C LEU B 205 28.71 33.44 42.95
N LYS B 206 28.52 33.02 44.20
CA LYS B 206 28.22 33.95 45.27
C LYS B 206 29.50 34.53 45.86
N LYS B 207 29.43 35.80 46.25
CA LYS B 207 30.63 36.46 46.77
C LYS B 207 30.85 36.15 48.25
N ASN B 208 29.97 36.66 49.12
CA ASN B 208 30.12 36.41 50.55
C ASN B 208 28.84 36.10 51.30
N LEU B 209 27.67 36.53 50.83
CA LEU B 209 26.45 36.47 51.62
C LEU B 209 25.60 35.24 51.31
N ALA B 210 25.37 34.95 50.02
CA ALA B 210 24.60 33.80 49.57
C ALA B 210 23.16 33.85 50.05
N ASP B 211 22.55 35.04 50.03
CA ASP B 211 21.14 35.19 50.32
C ASP B 211 20.43 35.76 49.08
N GLU B 212 19.15 36.12 49.25
CA GLU B 212 18.39 36.62 48.11
C GLU B 212 18.85 38.00 47.67
N ASP B 213 19.60 38.71 48.51
CA ASP B 213 20.06 40.05 48.22
C ASP B 213 21.56 40.12 47.98
N ALA B 214 22.24 38.99 47.93
CA ALA B 214 23.70 38.98 47.80
C ALA B 214 24.12 39.38 46.39
N VAL B 215 25.41 39.64 46.24
CA VAL B 215 26.01 39.98 44.95
C VAL B 215 26.62 38.72 44.36
N SER B 216 26.34 38.45 43.09
CA SER B 216 26.83 37.27 42.41
C SER B 216 27.81 37.67 41.31
N CYS B 217 28.77 36.80 41.05
CA CYS B 217 29.76 37.01 40.00
C CYS B 217 29.63 35.91 38.95
N LEU B 218 29.82 36.31 37.69
CA LEU B 218 29.68 35.38 36.58
C LEU B 218 30.85 34.40 36.53
N VAL B 219 30.61 33.26 35.89
CA VAL B 219 31.66 32.32 35.53
C VAL B 219 31.37 31.85 34.12
N LEU B 220 32.25 32.19 33.18
CA LEU B 220 32.07 31.89 31.76
C LEU B 220 32.93 30.70 31.38
N GLY B 221 32.38 29.84 30.52
CA GLY B 221 33.18 28.77 29.94
C GLY B 221 33.48 29.05 28.49
N THR B 222 34.71 29.47 28.19
CA THR B 222 35.04 29.76 26.81
C THR B 222 35.12 28.47 26.00
N GLU B 223 34.97 28.59 24.68
CA GLU B 223 35.15 27.41 23.84
C GLU B 223 36.58 26.94 23.88
N ASN B 224 37.54 27.86 23.80
CA ASN B 224 38.88 27.55 24.25
C ASN B 224 38.81 27.10 25.70
N LYS B 225 39.57 26.05 26.03
CA LYS B 225 39.36 25.32 27.28
C LYS B 225 39.80 26.20 28.45
N GLU B 226 38.93 27.14 28.82
CA GLU B 226 39.23 28.11 29.87
C GLU B 226 37.95 28.52 30.58
N LEU B 227 38.09 28.82 31.87
CA LEU B 227 37.00 29.26 32.72
C LEU B 227 37.34 30.65 33.25
N LEU B 228 36.51 31.63 32.92
CA LEU B 228 36.74 33.02 33.31
C LEU B 228 35.80 33.35 34.47
N VAL B 229 36.36 33.53 35.66
CA VAL B 229 35.60 33.98 36.81
C VAL B 229 35.59 35.50 36.78
N LEU B 230 34.43 36.07 36.46
CA LEU B 230 34.28 37.49 36.16
C LEU B 230 34.08 38.31 37.43
N ASP B 231 33.65 39.55 37.26
CA ASP B 231 33.40 40.51 38.32
C ASP B 231 31.90 40.71 38.52
N PRO B 232 31.49 41.34 39.62
CA PRO B 232 30.06 41.57 39.84
C PRO B 232 29.38 42.37 38.74
N GLU B 233 30.12 43.22 38.02
CA GLU B 233 29.50 44.11 37.05
C GLU B 233 29.88 43.77 35.61
N ALA B 234 30.48 42.60 35.39
CA ALA B 234 30.74 42.07 34.05
C ALA B 234 31.61 43.03 33.22
N PHE B 235 32.74 43.45 33.80
CA PHE B 235 33.71 44.20 33.01
C PHE B 235 35.16 43.77 33.20
N THR B 236 35.54 43.09 34.29
CA THR B 236 36.92 42.69 34.48
C THR B 236 36.97 41.24 34.96
N ILE B 237 38.14 40.64 34.82
CA ILE B 237 38.35 39.24 35.16
C ILE B 237 38.88 39.14 36.59
N LEU B 238 38.30 38.24 37.37
CA LEU B 238 38.81 37.92 38.70
C LEU B 238 39.68 36.68 38.72
N ALA B 239 39.43 35.71 37.84
CA ALA B 239 40.25 34.52 37.82
C ALA B 239 40.19 33.87 36.45
N LYS B 240 41.26 33.16 36.10
CA LYS B 240 41.36 32.42 34.85
C LYS B 240 41.81 30.99 35.15
N MET B 241 40.94 30.02 34.91
CA MET B 241 41.17 28.63 35.24
C MET B 241 41.37 27.83 33.96
N SER B 242 42.33 26.91 33.98
CA SER B 242 42.68 26.12 32.82
C SER B 242 42.06 24.73 32.93
N LEU B 243 41.32 24.33 31.91
CA LEU B 243 40.63 23.06 31.83
C LEU B 243 41.18 22.26 30.65
N PRO B 244 41.22 20.92 30.73
CA PRO B 244 41.81 20.14 29.63
C PRO B 244 40.91 19.95 28.42
N SER B 245 39.61 20.19 28.54
CA SER B 245 38.70 20.01 27.42
C SER B 245 37.57 21.04 27.52
N VAL B 246 36.94 21.29 26.38
CA VAL B 246 35.87 22.30 26.30
C VAL B 246 34.74 21.94 27.24
N PRO B 247 34.38 22.82 28.18
CA PRO B 247 33.26 22.53 29.06
C PRO B 247 31.93 22.60 28.32
N ALA B 248 30.95 21.88 28.84
CA ALA B 248 29.62 21.88 28.26
C ALA B 248 28.57 22.26 29.31
N PHE B 249 28.82 21.85 30.55
CA PHE B 249 27.91 22.16 31.65
C PHE B 249 28.72 22.63 32.85
N LEU B 250 28.13 23.52 33.65
CA LEU B 250 28.83 24.10 34.79
C LEU B 250 27.95 24.09 36.02
N GLU B 251 28.59 23.98 37.19
CA GLU B 251 27.93 24.04 38.48
C GLU B 251 28.85 24.78 39.43
N ALA B 252 28.32 25.79 40.11
CA ALA B 252 29.10 26.62 41.03
C ALA B 252 28.49 26.50 42.42
N SER B 253 29.27 26.01 43.38
CA SER B 253 28.82 25.82 44.74
C SER B 253 29.66 26.66 45.69
N GLY B 254 29.00 27.32 46.64
CA GLY B 254 29.69 28.03 47.69
C GLY B 254 29.84 29.52 47.41
N GLN B 255 30.80 30.10 48.12
CA GLN B 255 31.14 31.52 47.98
C GLN B 255 32.55 31.64 47.42
N PHE B 256 32.70 32.59 46.49
CA PHE B 256 33.89 32.62 45.63
C PHE B 256 35.15 32.89 46.43
N ASP B 257 35.08 33.79 47.41
CA ASP B 257 36.31 34.26 48.06
C ASP B 257 37.00 33.15 48.84
N VAL B 258 36.24 32.36 49.60
CA VAL B 258 36.83 31.44 50.56
C VAL B 258 36.56 29.98 50.22
N GLU B 259 35.37 29.65 49.70
CA GLU B 259 35.05 28.25 49.42
C GLU B 259 34.23 28.18 48.14
N PHE B 260 34.90 27.95 47.01
CA PHE B 260 34.22 27.78 45.74
C PHE B 260 34.51 26.38 45.19
N ARG B 261 33.48 25.75 44.64
CA ARG B 261 33.60 24.47 43.96
C ARG B 261 32.98 24.60 42.58
N LEU B 262 33.78 24.41 41.54
CA LEU B 262 33.32 24.56 40.17
C LEU B 262 33.38 23.21 39.47
N ALA B 263 32.23 22.61 39.23
CA ALA B 263 32.14 21.35 38.49
C ALA B 263 31.88 21.64 37.02
N ALA B 264 32.69 21.05 36.15
CA ALA B 264 32.63 21.30 34.72
C ALA B 264 32.49 19.96 34.00
N ALA B 265 31.34 19.77 33.34
CA ALA B 265 31.12 18.62 32.47
C ALA B 265 31.59 19.00 31.08
N CYS B 266 32.61 18.29 30.58
CA CYS B 266 33.23 18.63 29.31
C CYS B 266 32.69 17.76 28.19
N ARG B 267 33.26 17.95 26.99
CA ARG B 267 32.84 17.16 25.84
C ARG B 267 33.48 15.79 25.81
N ASN B 268 34.65 15.64 26.43
CA ASN B 268 35.34 14.36 26.49
C ASN B 268 34.73 13.40 27.49
N GLY B 269 33.54 13.70 28.01
CA GLY B 269 32.87 12.83 28.96
C GLY B 269 33.57 12.78 30.29
N SER B 270 33.71 13.92 30.95
CA SER B 270 34.36 13.96 32.25
C SER B 270 33.88 15.16 33.04
N ILE B 271 33.90 15.01 34.36
CA ILE B 271 33.58 16.08 35.29
C ILE B 271 34.89 16.47 35.96
N TYR B 272 35.23 17.75 35.89
CA TYR B 272 36.41 18.30 36.56
C TYR B 272 35.95 19.28 37.63
N ILE B 273 36.52 19.17 38.82
CA ILE B 273 36.16 20.05 39.93
C ILE B 273 37.31 21.01 40.17
N LEU B 274 36.97 22.27 40.41
CA LEU B 274 37.93 23.35 40.61
C LEU B 274 37.73 23.91 42.02
N ARG B 275 38.80 23.89 42.81
CA ARG B 275 38.82 24.40 44.17
C ARG B 275 39.84 25.52 44.29
N ARG B 276 40.04 26.00 45.51
CA ARG B 276 40.97 27.10 45.76
C ARG B 276 42.40 26.67 45.44
N ASP B 277 43.19 27.63 44.96
CA ASP B 277 44.63 27.53 44.73
C ASP B 277 44.97 26.60 43.57
N SER B 278 43.99 25.94 42.97
CA SER B 278 44.24 24.95 41.92
C SER B 278 43.87 25.56 40.57
N LYS B 279 44.89 25.97 39.80
CA LYS B 279 44.64 26.40 38.43
C LYS B 279 44.21 25.23 37.55
N ARG B 280 44.68 24.02 37.88
CA ARG B 280 44.28 22.78 37.25
C ARG B 280 43.43 21.96 38.22
N PRO B 281 42.41 21.26 37.73
CA PRO B 281 41.50 20.53 38.62
C PRO B 281 42.20 19.50 39.50
N LYS B 282 42.90 18.55 38.88
CA LYS B 282 43.59 17.45 39.54
C LYS B 282 42.65 16.54 40.32
N TYR B 283 41.34 16.73 40.21
CA TYR B 283 40.34 15.81 40.74
C TYR B 283 39.30 15.63 39.64
N CYS B 284 39.53 14.67 38.76
CA CYS B 284 38.65 14.41 37.63
C CYS B 284 37.92 13.09 37.82
N ILE B 285 36.73 13.00 37.23
CA ILE B 285 35.96 11.76 37.25
C ILE B 285 35.38 11.52 35.86
N GLU B 286 35.62 10.32 35.33
CA GLU B 286 35.10 9.94 34.02
C GLU B 286 33.78 9.23 34.18
N LEU B 287 32.85 9.52 33.27
CA LEU B 287 31.52 8.93 33.30
C LEU B 287 31.37 7.76 32.34
N GLY B 288 32.31 7.55 31.43
CA GLY B 288 32.17 6.57 30.38
C GLY B 288 31.32 7.01 29.22
N ALA B 289 30.44 7.99 29.43
CA ALA B 289 29.66 8.58 28.36
C ALA B 289 29.57 10.07 28.61
N GLN B 290 29.33 10.82 27.54
CA GLN B 290 29.32 12.28 27.63
C GLN B 290 28.20 12.75 28.53
N PRO B 291 28.46 13.66 29.47
CA PRO B 291 27.41 14.10 30.40
C PRO B 291 26.41 15.02 29.71
N VAL B 292 25.14 14.64 29.77
CA VAL B 292 24.06 15.42 29.17
C VAL B 292 23.48 16.44 30.14
N GLY B 293 23.82 16.36 31.43
CA GLY B 293 23.31 17.32 32.40
C GLY B 293 24.20 17.38 33.61
N LEU B 294 23.98 18.41 34.42
CA LEU B 294 24.77 18.61 35.64
C LEU B 294 23.97 19.49 36.59
N VAL B 295 23.55 18.91 37.72
CA VAL B 295 22.81 19.64 38.75
C VAL B 295 23.45 19.33 40.09
N GLY B 296 23.73 20.37 40.86
CA GLY B 296 24.42 20.20 42.12
C GLY B 296 23.54 20.24 43.35
N VAL B 297 23.40 19.10 44.01
CA VAL B 297 22.72 19.00 45.29
C VAL B 297 23.73 19.34 46.38
N HIS B 298 23.24 19.86 47.51
CA HIS B 298 24.11 20.42 48.54
C HIS B 298 25.29 19.52 48.90
N LYS B 299 25.12 18.21 48.82
CA LYS B 299 26.22 17.29 49.11
C LYS B 299 26.59 16.39 47.95
N VAL B 300 25.61 15.84 47.25
CA VAL B 300 25.85 14.95 46.12
C VAL B 300 25.77 15.76 44.84
N LEU B 301 26.58 15.38 43.85
CA LEU B 301 26.54 15.98 42.53
C LEU B 301 26.08 14.92 41.55
N VAL B 302 24.95 15.16 40.92
CA VAL B 302 24.40 14.21 39.96
C VAL B 302 24.95 14.53 38.58
N VAL B 303 25.25 13.48 37.81
CA VAL B 303 25.68 13.61 36.42
C VAL B 303 24.78 12.72 35.59
N GLY B 304 24.09 13.31 34.63
CA GLY B 304 23.24 12.54 33.73
C GLY B 304 24.05 12.00 32.57
N SER B 305 23.96 10.70 32.34
CA SER B 305 24.79 10.07 31.32
C SER B 305 24.03 9.98 30.00
N ASN B 306 24.79 9.88 28.91
CA ASN B 306 24.20 9.59 27.61
C ASN B 306 23.64 8.18 27.56
N GLN B 307 24.04 7.31 28.50
CA GLN B 307 23.53 5.95 28.62
C GLN B 307 22.22 5.87 29.37
N ASP B 308 21.49 6.98 29.48
CA ASP B 308 20.15 7.02 30.06
C ASP B 308 20.17 6.60 31.53
N SER B 309 20.87 7.39 32.34
CA SER B 309 20.97 7.10 33.76
C SER B 309 21.49 8.35 34.48
N LEU B 310 21.42 8.31 35.81
CA LEU B 310 22.01 9.33 36.65
C LEU B 310 23.09 8.69 37.52
N HIS B 311 24.12 9.46 37.84
CA HIS B 311 25.24 9.00 38.65
C HIS B 311 25.55 10.06 39.69
N GLY B 312 25.27 9.74 40.95
CA GLY B 312 25.58 10.64 42.04
C GLY B 312 26.98 10.41 42.57
N PHE B 313 27.82 11.43 42.43
CA PHE B 313 29.20 11.45 42.91
C PHE B 313 29.31 12.37 44.12
N THR B 314 30.46 12.27 44.79
CA THR B 314 30.83 13.18 45.86
C THR B 314 31.80 14.23 45.33
N TYR B 315 31.84 15.37 46.02
CA TYR B 315 32.69 16.48 45.60
C TYR B 315 34.18 16.19 45.75
N LYS B 316 34.57 15.00 46.21
CA LYS B 316 35.97 14.63 46.28
C LYS B 316 36.42 13.77 45.12
N GLY B 317 35.49 13.20 44.36
CA GLY B 317 35.86 12.34 43.24
C GLY B 317 35.65 10.87 43.51
N LYS B 318 34.53 10.52 44.15
CA LYS B 318 34.20 9.13 44.44
C LYS B 318 32.69 8.96 44.29
N ARG B 319 32.28 8.13 43.33
CA ARG B 319 30.86 7.88 43.12
C ARG B 319 30.24 7.20 44.33
N LEU B 320 29.05 7.65 44.71
CA LEU B 320 28.33 7.00 45.80
C LEU B 320 27.06 6.28 45.35
N TRP B 321 26.42 6.69 44.25
CA TRP B 321 25.32 5.86 43.76
C TRP B 321 25.08 6.10 42.28
N THR B 322 24.21 5.27 41.71
CA THR B 322 23.85 5.34 40.31
C THR B 322 22.47 4.74 40.13
N VAL B 323 21.60 5.44 39.41
CA VAL B 323 20.23 4.99 39.15
C VAL B 323 20.02 4.93 37.65
N GLN B 324 19.25 3.95 37.20
CA GLN B 324 19.03 3.70 35.78
C GLN B 324 17.70 4.29 35.33
N MET B 325 17.73 4.96 34.17
CA MET B 325 16.52 5.51 33.58
C MET B 325 15.98 4.58 32.50
N PRO B 326 14.66 4.57 32.29
CA PRO B 326 14.10 3.72 31.23
C PRO B 326 14.31 4.28 29.83
N ALA B 327 14.60 5.57 29.68
CA ALA B 327 14.79 6.16 28.37
C ALA B 327 15.85 7.25 28.47
N ALA B 328 16.10 7.91 27.34
CA ALA B 328 17.14 8.92 27.26
C ALA B 328 16.83 10.11 28.16
N ILE B 329 17.88 10.84 28.53
CA ILE B 329 17.78 12.01 29.38
C ILE B 329 18.01 13.24 28.51
N LEU B 330 16.97 14.07 28.37
CA LEU B 330 17.06 15.23 27.50
C LEU B 330 17.54 16.49 28.24
N ALA B 331 17.11 16.68 29.48
CA ALA B 331 17.49 17.88 30.22
C ALA B 331 17.27 17.63 31.71
N MET B 332 18.26 18.00 32.52
CA MET B 332 18.17 17.89 33.97
C MET B 332 18.27 19.27 34.59
N ASN B 333 17.31 19.58 35.46
CA ASN B 333 17.37 20.83 36.23
C ASN B 333 17.17 20.52 37.71
N LEU B 334 17.03 21.55 38.53
CA LEU B 334 16.94 21.41 39.98
C LEU B 334 15.58 21.90 40.46
N LEU B 335 14.94 21.11 41.31
CA LEU B 335 13.66 21.48 41.92
C LEU B 335 13.92 21.68 43.41
N GLU B 336 13.88 22.92 43.86
CA GLU B 336 14.20 23.28 45.24
C GLU B 336 13.07 24.10 45.83
N GLN B 337 12.44 23.58 46.86
CA GLN B 337 11.46 24.30 47.66
C GLN B 337 11.95 24.36 49.10
N HIS B 338 12.05 25.57 49.65
CA HIS B 338 12.60 25.75 50.97
C HIS B 338 11.59 25.54 52.09
N SER B 339 10.29 25.51 51.78
CA SER B 339 9.29 25.26 52.81
C SER B 339 9.47 23.86 53.40
N ARG B 340 9.60 22.85 52.53
CA ARG B 340 9.87 21.49 52.96
C ARG B 340 11.33 21.11 52.81
N GLY B 341 12.18 22.05 52.44
CA GLY B 341 13.60 21.76 52.27
C GLY B 341 13.91 20.71 51.23
N LEU B 342 13.04 20.57 50.22
CA LEU B 342 13.20 19.54 49.20
C LEU B 342 14.05 20.11 48.07
N GLN B 343 15.27 19.59 47.93
CA GLN B 343 16.18 19.97 46.84
C GLN B 343 16.50 18.70 46.07
N ALA B 344 15.70 18.41 45.04
CA ALA B 344 15.80 17.17 44.29
C ALA B 344 16.09 17.47 42.83
N VAL B 345 16.87 16.61 42.20
CA VAL B 345 17.18 16.77 40.79
C VAL B 345 16.01 16.26 39.97
N MET B 346 15.81 16.87 38.79
CA MET B 346 14.74 16.46 37.89
C MET B 346 15.32 15.58 36.80
N ALA B 347 14.46 15.18 35.87
CA ALA B 347 14.89 14.40 34.71
C ALA B 347 13.81 14.51 33.65
N ALA B 348 14.18 15.01 32.48
CA ALA B 348 13.25 15.14 31.36
C ALA B 348 13.54 14.00 30.39
N LEU B 349 12.92 12.86 30.64
CA LEU B 349 13.19 11.67 29.84
C LEU B 349 12.53 11.76 28.48
N ALA B 350 13.07 11.00 27.53
CA ALA B 350 12.59 11.01 26.16
C ALA B 350 11.34 10.16 25.95
N ASN B 351 10.86 9.48 26.98
CA ASN B 351 9.66 8.66 26.88
C ASN B 351 8.40 9.41 27.31
N GLU B 352 8.36 10.72 27.10
CA GLU B 352 7.18 11.55 27.38
C GLU B 352 6.82 11.51 28.86
N GLU B 353 7.80 11.77 29.72
CA GLU B 353 7.57 11.83 31.15
C GLU B 353 8.72 12.59 31.81
N VAL B 354 8.46 13.07 33.02
CA VAL B 354 9.46 13.77 33.83
C VAL B 354 9.35 13.25 35.25
N ARG B 355 10.46 12.76 35.80
CA ARG B 355 10.48 12.17 37.13
C ARG B 355 11.43 12.94 38.02
N ILE B 356 10.91 13.45 39.14
CA ILE B 356 11.73 14.16 40.11
C ILE B 356 12.47 13.14 40.97
N TYR B 357 13.78 13.31 41.09
CA TYR B 357 14.64 12.35 41.77
C TYR B 357 15.32 13.01 42.95
N HIS B 358 15.10 12.47 44.14
CA HIS B 358 15.94 12.75 45.30
C HIS B 358 17.15 11.83 45.24
N ASP B 359 17.82 11.69 46.38
CA ASP B 359 19.03 10.87 46.50
C ASP B 359 18.92 9.55 45.74
N LYS B 360 17.86 8.76 45.99
CA LYS B 360 17.68 7.50 45.29
C LYS B 360 16.26 7.19 44.88
N VAL B 361 15.26 7.88 45.43
CA VAL B 361 13.86 7.49 45.26
C VAL B 361 13.21 8.32 44.16
N LEU B 362 12.24 7.71 43.48
CA LEU B 362 11.44 8.42 42.49
C LEU B 362 10.14 8.90 43.13
N LEU B 363 9.65 10.04 42.67
CA LEU B 363 8.40 10.59 43.17
C LEU B 363 7.92 11.68 42.24
N ASN B 364 6.60 11.92 42.26
CA ASN B 364 5.97 13.00 41.52
C ASN B 364 6.24 12.90 40.02
N VAL B 365 6.31 11.69 39.51
CA VAL B 365 6.49 11.49 38.07
C VAL B 365 5.27 12.00 37.35
N ILE B 366 5.49 12.73 36.26
CA ILE B 366 4.41 13.36 35.51
C ILE B 366 4.42 12.83 34.08
N ARG B 367 3.41 13.23 33.32
CA ARG B 367 3.27 12.87 31.91
C ARG B 367 3.10 14.13 31.09
N THR B 368 3.43 14.02 29.81
CA THR B 368 3.33 15.14 28.88
C THR B 368 2.86 14.62 27.53
N PRO B 369 2.12 15.42 26.76
CA PRO B 369 1.71 14.97 25.43
C PRO B 369 2.86 14.78 24.47
N GLU B 370 4.05 15.28 24.80
CA GLU B 370 5.24 15.10 23.98
C GLU B 370 6.46 15.21 24.89
N ALA B 371 7.52 14.47 24.55
CA ALA B 371 8.77 14.54 25.29
C ALA B 371 9.23 15.99 25.39
N VAL B 372 9.80 16.34 26.55
CA VAL B 372 10.10 17.74 27.01
C VAL B 372 11.61 18.01 27.00
N THR B 373 12.04 19.14 26.42
CA THR B 373 13.51 19.41 26.27
C THR B 373 14.13 20.33 27.33
N SER B 374 13.32 21.01 28.13
CA SER B 374 13.85 21.99 29.11
C SER B 374 12.88 22.18 30.27
N LEU B 375 13.35 22.15 31.50
CA LEU B 375 12.43 22.26 32.63
C LEU B 375 12.98 23.35 33.52
N CYS B 376 12.16 24.22 34.14
CA CYS B 376 12.68 25.20 35.14
C CYS B 376 11.81 25.27 36.41
N PHE B 377 12.36 25.27 37.63
CA PHE B 377 11.57 25.28 38.85
C PHE B 377 11.98 26.47 39.70
N GLY B 378 11.02 27.36 39.95
CA GLY B 378 11.31 28.52 40.76
C GLY B 378 10.05 29.27 41.11
N ARG B 379 10.24 30.53 41.48
CA ARG B 379 9.15 31.40 41.91
C ARG B 379 8.60 32.21 40.73
N TYR B 380 8.24 31.53 39.64
CA TYR B 380 7.63 32.23 38.53
C TYR B 380 6.28 32.77 38.94
N GLY B 381 5.89 33.89 38.33
CA GLY B 381 4.66 34.57 38.72
C GLY B 381 4.69 35.00 40.18
N ARG B 382 3.88 34.34 41.01
CA ARG B 382 3.85 34.64 42.44
C ARG B 382 3.80 33.37 43.28
N GLU B 383 4.24 32.25 42.75
CA GLU B 383 4.19 30.97 43.44
C GLU B 383 5.59 30.42 43.62
N ASP B 384 5.95 30.08 44.85
CA ASP B 384 7.26 29.53 45.18
C ASP B 384 7.50 28.15 44.57
N ASN B 385 6.51 27.56 43.89
CA ASN B 385 6.61 26.18 43.44
C ASN B 385 6.14 26.04 42.00
N THR B 386 6.63 26.91 41.12
CA THR B 386 6.26 26.85 39.72
C THR B 386 7.30 26.06 38.94
N LEU B 387 6.84 25.27 37.97
CA LEU B 387 7.72 24.47 37.12
C LEU B 387 7.27 24.63 35.68
N ILE B 388 8.13 25.21 34.85
CA ILE B 388 7.81 25.51 33.46
C ILE B 388 8.71 24.68 32.56
N MET B 389 8.06 24.10 31.54
CA MET B 389 8.61 22.95 30.75
C MET B 389 8.27 23.18 29.29
N THR B 390 9.21 22.94 28.37
CA THR B 390 8.97 23.24 26.95
C THR B 390 9.08 21.97 26.09
N THR B 391 8.03 21.66 25.30
CA THR B 391 8.00 20.38 24.53
C THR B 391 9.01 20.36 23.39
N LEU B 392 9.48 19.18 23.01
CA LEU B 392 10.55 19.08 21.99
C LEU B 392 10.04 19.71 20.71
N GLY B 393 8.72 19.75 20.56
CA GLY B 393 8.11 20.32 19.34
C GLY B 393 7.66 21.76 19.51
N GLY B 394 7.94 22.37 20.66
CA GLY B 394 7.40 23.72 20.90
C GLY B 394 6.34 23.67 21.98
N GLY B 395 5.58 24.74 22.17
CA GLY B 395 4.45 24.72 23.12
C GLY B 395 4.95 24.97 24.53
N LEU B 396 4.05 25.26 25.48
CA LEU B 396 4.57 25.41 26.86
C LEU B 396 3.66 24.67 27.83
N ILE B 397 4.24 24.08 28.86
CA ILE B 397 3.42 23.43 29.91
C ILE B 397 3.97 23.93 31.24
N ILE B 398 3.15 24.67 31.97
CA ILE B 398 3.41 25.29 33.26
C ILE B 398 2.58 24.56 34.31
N LYS B 399 3.25 24.07 35.35
CA LYS B 399 2.61 23.31 36.41
C LYS B 399 2.95 23.94 37.75
N ILE B 400 1.94 24.13 38.59
CA ILE B 400 2.08 24.75 39.90
C ILE B 400 1.97 23.68 40.97
N LEU B 401 3.03 23.51 41.75
CA LEU B 401 3.05 22.47 42.78
C LEU B 401 2.27 22.92 44.01
N LYS B 402 1.32 22.09 44.43
CA LYS B 402 0.56 22.39 45.64
C LYS B 402 1.47 22.32 46.86
N ARG B 403 1.16 23.16 47.85
CA ARG B 403 1.92 23.13 49.10
C ARG B 403 1.59 21.94 49.97
N THR B 404 0.55 21.18 49.64
CA THR B 404 0.20 19.97 50.38
C THR B 404 0.80 18.74 49.71
N ALA B 405 2.12 18.76 49.57
CA ALA B 405 2.83 17.66 48.94
C ALA B 405 3.05 16.52 49.94
N LYS B 423 4.12 -26.06 33.71
CA LYS B 423 4.42 -24.66 33.44
C LYS B 423 5.24 -24.51 32.16
N LEU B 424 6.02 -25.54 31.87
CA LEU B 424 6.87 -25.56 30.68
C LEU B 424 6.12 -26.10 29.48
N ASN B 425 6.77 -26.06 28.32
CA ASN B 425 6.23 -26.61 27.09
C ASN B 425 6.85 -27.97 26.77
N VAL B 426 7.12 -28.77 27.79
CA VAL B 426 7.65 -30.12 27.55
C VAL B 426 6.65 -30.91 26.72
N PRO B 427 7.06 -31.56 25.64
CA PRO B 427 6.11 -32.19 24.74
C PRO B 427 5.44 -33.39 25.37
N ARG B 428 4.37 -33.86 24.71
CA ARG B 428 3.61 -35.02 25.13
C ARG B 428 3.87 -36.17 24.16
N LYS B 429 3.73 -37.39 24.67
CA LYS B 429 3.99 -38.59 23.88
C LYS B 429 2.77 -39.48 23.90
N THR B 430 2.39 -39.99 22.74
CA THR B 430 1.17 -40.75 22.56
C THR B 430 1.48 -42.25 22.52
N ARG B 431 0.45 -43.05 22.18
CA ARG B 431 0.63 -44.49 22.12
C ARG B 431 1.67 -44.88 21.07
N LEU B 432 1.77 -44.09 19.99
CA LEU B 432 2.76 -44.38 18.95
C LEU B 432 4.16 -44.43 19.54
N TYR B 433 4.47 -43.53 20.46
CA TYR B 433 5.82 -43.46 21.01
C TYR B 433 6.13 -44.68 21.87
N VAL B 434 5.18 -45.11 22.71
CA VAL B 434 5.47 -46.26 23.56
C VAL B 434 5.52 -47.54 22.73
N ASP B 435 4.68 -47.67 21.70
CA ASP B 435 4.79 -48.83 20.83
C ASP B 435 6.12 -48.85 20.09
N GLN B 436 6.59 -47.69 19.64
CA GLN B 436 7.87 -47.62 18.94
C GLN B 436 9.03 -47.95 19.87
N THR B 437 8.98 -47.45 21.12
CA THR B 437 10.03 -47.78 22.07
C THR B 437 9.98 -49.25 22.46
N LEU B 438 8.79 -49.85 22.50
CA LEU B 438 8.72 -51.29 22.79
C LEU B 438 9.32 -52.09 21.64
N ARG B 439 9.03 -51.71 20.40
CA ARG B 439 9.65 -52.37 19.27
C ARG B 439 11.17 -52.21 19.30
N GLU B 440 11.65 -51.03 19.68
CA GLU B 440 13.09 -50.81 19.76
C GLU B 440 13.71 -51.64 20.88
N ARG B 441 13.00 -51.80 21.99
CA ARG B 441 13.54 -52.58 23.10
C ARG B 441 13.53 -54.07 22.80
N GLU B 442 12.60 -54.53 21.96
CA GLU B 442 12.53 -55.94 21.62
C GLU B 442 13.30 -56.29 20.35
N ALA B 443 13.57 -55.33 19.48
CA ALA B 443 14.27 -55.60 18.22
C ALA B 443 15.34 -54.53 17.97
N GLY B 444 16.14 -54.25 19.00
CA GLY B 444 17.18 -53.24 18.84
C GLY B 444 18.35 -53.73 18.02
N THR B 445 18.66 -55.02 18.12
CA THR B 445 19.84 -55.55 17.43
C THR B 445 19.69 -55.49 15.93
N ALA B 446 18.51 -55.89 15.42
CA ALA B 446 18.29 -55.85 13.98
C ALA B 446 18.32 -54.43 13.46
N MET B 447 17.74 -53.48 14.21
CA MET B 447 17.79 -52.08 13.81
C MET B 447 19.23 -51.58 13.74
N HIS B 448 20.01 -51.86 14.78
CA HIS B 448 21.41 -51.45 14.77
C HIS B 448 22.15 -52.01 13.56
N ARG B 449 22.01 -53.31 13.31
CA ARG B 449 22.74 -53.95 12.22
C ARG B 449 22.32 -53.37 10.87
N THR B 450 21.01 -53.23 10.65
CA THR B 450 20.56 -52.76 9.34
C THR B 450 20.88 -51.29 9.14
N PHE B 451 20.90 -50.49 10.21
CA PHE B 451 21.29 -49.09 10.04
C PHE B 451 22.77 -48.97 9.76
N GLN B 452 23.59 -49.85 10.35
CA GLN B 452 25.02 -49.81 10.02
C GLN B 452 25.26 -50.25 8.59
N ALA B 453 24.52 -51.26 8.12
CA ALA B 453 24.61 -51.66 6.71
C ALA B 453 24.19 -50.52 5.79
N ASP B 454 23.09 -49.83 6.13
CA ASP B 454 22.63 -48.72 5.31
C ASP B 454 23.64 -47.58 5.32
N LEU B 455 24.29 -47.33 6.45
CA LEU B 455 25.30 -46.29 6.51
C LEU B 455 26.52 -46.65 5.67
N TYR B 456 26.92 -47.92 5.67
CA TYR B 456 28.01 -48.36 4.81
C TYR B 456 27.66 -48.13 3.34
N LEU B 457 26.45 -48.53 2.94
CA LEU B 457 26.04 -48.33 1.56
C LEU B 457 25.93 -46.85 1.21
N LEU B 458 25.55 -46.01 2.18
CA LEU B 458 25.45 -44.58 1.93
C LEU B 458 26.83 -43.96 1.76
N ARG B 459 27.79 -44.36 2.59
CA ARG B 459 29.15 -43.90 2.38
C ARG B 459 29.66 -44.32 1.01
N LEU B 460 29.35 -45.57 0.61
CA LEU B 460 29.78 -46.04 -0.70
C LEU B 460 29.21 -45.17 -1.81
N ARG B 461 27.90 -44.91 -1.79
CA ARG B 461 27.27 -44.16 -2.87
C ARG B 461 27.68 -42.69 -2.85
N ALA B 462 27.88 -42.11 -1.67
CA ALA B 462 28.34 -40.73 -1.60
C ALA B 462 29.76 -40.60 -2.13
N ALA B 463 30.65 -41.54 -1.79
CA ALA B 463 31.99 -41.52 -2.36
C ALA B 463 31.94 -41.70 -3.88
N ARG B 464 31.04 -42.57 -4.35
CA ARG B 464 30.89 -42.77 -5.79
C ARG B 464 30.50 -41.47 -6.48
N ALA B 465 29.48 -40.79 -5.96
CA ALA B 465 29.02 -39.56 -6.61
C ALA B 465 30.05 -38.45 -6.49
N TYR B 466 30.78 -38.40 -5.37
CA TYR B 466 31.84 -37.40 -5.23
C TYR B 466 32.95 -37.62 -6.25
N VAL B 467 33.32 -38.89 -6.48
CA VAL B 467 34.34 -39.19 -7.46
C VAL B 467 33.86 -38.88 -8.87
N GLN B 468 32.58 -39.17 -9.16
CA GLN B 468 32.05 -38.85 -10.48
C GLN B 468 32.01 -37.35 -10.71
N ALA B 469 31.67 -36.58 -9.68
CA ALA B 469 31.68 -35.13 -9.80
C ALA B 469 33.09 -34.61 -10.00
N LEU B 470 34.07 -35.14 -9.25
CA LEU B 470 35.46 -34.76 -9.47
C LEU B 470 35.90 -35.07 -10.89
N GLU B 471 35.49 -36.22 -11.42
CA GLU B 471 35.79 -36.56 -12.80
C GLU B 471 35.23 -35.50 -13.75
N SER B 472 33.92 -35.31 -13.73
CA SER B 472 33.31 -34.32 -14.62
C SER B 472 33.63 -32.89 -14.21
N SER B 473 34.17 -32.67 -13.01
CA SER B 473 34.44 -31.34 -12.48
C SER B 473 33.19 -30.46 -12.54
N LEU B 474 32.14 -30.93 -11.87
CA LEU B 474 30.85 -30.26 -11.89
C LEU B 474 30.57 -29.50 -10.60
N SER B 475 31.54 -29.40 -9.70
CA SER B 475 31.32 -28.74 -8.42
C SER B 475 31.64 -27.26 -8.55
N PRO B 476 30.68 -26.36 -8.28
CA PRO B 476 30.95 -24.93 -8.37
C PRO B 476 31.70 -24.35 -7.18
N VAL B 477 32.28 -25.19 -6.33
CA VAL B 477 32.96 -24.71 -5.13
C VAL B 477 34.44 -25.06 -5.11
N SER B 478 34.88 -26.09 -5.81
CA SER B 478 36.30 -26.44 -5.83
C SER B 478 37.13 -25.35 -6.48
N ARG B 482 44.48 -25.36 -1.64
CA ARG B 482 45.09 -25.44 -2.95
C ARG B 482 44.05 -25.27 -4.04
N GLU B 483 44.31 -24.35 -4.97
CA GLU B 483 43.38 -23.98 -6.03
C GLU B 483 42.07 -23.50 -5.42
N PRO B 484 42.06 -22.33 -4.77
CA PRO B 484 40.82 -21.87 -4.13
C PRO B 484 39.96 -21.01 -5.04
N LEU B 485 38.69 -21.35 -5.18
CA LEU B 485 37.77 -20.59 -6.02
C LEU B 485 36.35 -20.89 -5.58
N LYS B 486 35.41 -20.10 -6.10
CA LYS B 486 33.99 -20.31 -5.82
C LYS B 486 33.18 -19.53 -6.85
N LEU B 487 32.35 -20.20 -7.62
CA LEU B 487 31.58 -19.55 -8.67
C LEU B 487 30.15 -20.03 -8.67
N HIS B 488 29.22 -19.11 -8.91
CA HIS B 488 27.83 -19.48 -9.11
C HIS B 488 27.18 -18.48 -10.06
N ALA B 489 26.33 -18.99 -10.96
CA ALA B 489 25.78 -18.19 -12.05
C ALA B 489 24.31 -17.90 -11.78
N VAL B 490 23.95 -16.62 -11.83
CA VAL B 490 22.59 -16.16 -11.61
C VAL B 490 22.02 -15.67 -12.93
N VAL B 491 20.76 -16.02 -13.20
CA VAL B 491 20.05 -15.57 -14.39
C VAL B 491 18.97 -14.60 -13.96
N GLN B 492 18.81 -13.52 -14.72
CA GLN B 492 17.82 -12.49 -14.41
C GLN B 492 17.07 -12.11 -15.68
N GLY B 493 15.77 -11.92 -15.54
CA GLY B 493 14.98 -11.36 -16.62
C GLY B 493 14.14 -12.38 -17.37
N LEU B 494 12.91 -12.01 -17.66
CA LEU B 494 12.09 -12.74 -18.60
C LEU B 494 12.40 -12.23 -20.01
N GLY B 495 11.58 -12.60 -20.99
CA GLY B 495 11.76 -12.11 -22.33
C GLY B 495 12.90 -12.81 -23.04
N PRO B 496 13.05 -12.55 -24.34
CA PRO B 496 14.06 -13.27 -25.12
C PRO B 496 15.49 -13.01 -24.70
N THR B 497 15.76 -11.94 -23.95
CA THR B 497 17.11 -11.59 -23.55
C THR B 497 17.23 -11.68 -22.04
N PHE B 498 18.13 -12.55 -21.56
CA PHE B 498 18.39 -12.74 -20.15
C PHE B 498 19.77 -12.22 -19.81
N LYS B 499 19.92 -11.68 -18.60
CA LYS B 499 21.21 -11.25 -18.10
C LYS B 499 21.78 -12.36 -17.22
N LEU B 500 22.91 -12.90 -17.63
CA LEU B 500 23.54 -14.01 -16.93
C LEU B 500 24.82 -13.51 -16.26
N THR B 501 24.79 -13.38 -14.95
CA THR B 501 25.91 -12.84 -14.20
C THR B 501 26.56 -13.96 -13.39
N LEU B 502 27.84 -14.19 -13.65
CA LEU B 502 28.63 -15.17 -12.92
C LEU B 502 29.30 -14.47 -11.75
N HIS B 503 28.92 -14.86 -10.54
CA HIS B 503 29.58 -14.34 -9.34
C HIS B 503 30.74 -15.27 -9.03
N LEU B 504 31.96 -14.77 -9.21
CA LEU B 504 33.16 -15.55 -9.01
C LEU B 504 33.95 -14.95 -7.85
N GLN B 505 34.64 -15.80 -7.10
CA GLN B 505 35.31 -15.31 -5.90
C GLN B 505 36.52 -16.16 -5.60
N ASN B 506 37.64 -15.49 -5.31
CA ASN B 506 38.83 -16.15 -4.80
C ASN B 506 38.74 -16.23 -3.28
N THR B 507 38.84 -17.45 -2.74
CA THR B 507 38.68 -17.69 -1.32
C THR B 507 40.00 -18.19 -0.75
N SER B 508 40.88 -17.25 -0.41
CA SER B 508 42.18 -17.61 0.14
C SER B 508 42.62 -16.48 1.06
N THR B 509 43.64 -16.78 1.88
CA THR B 509 44.11 -15.80 2.86
C THR B 509 44.64 -14.56 2.16
N ALA B 510 45.74 -14.68 1.42
CA ALA B 510 46.21 -13.60 0.56
C ALA B 510 47.01 -14.24 -0.58
N ARG B 511 46.31 -14.55 -1.67
CA ARG B 511 46.97 -15.04 -2.87
C ARG B 511 46.07 -14.81 -4.08
N PRO B 512 46.45 -13.96 -5.03
CA PRO B 512 45.64 -13.74 -6.21
C PRO B 512 45.83 -14.87 -7.23
N ILE B 513 44.89 -14.93 -8.17
CA ILE B 513 44.89 -15.95 -9.21
C ILE B 513 45.01 -15.22 -10.54
N LEU B 514 46.15 -15.37 -11.22
CA LEU B 514 46.42 -14.56 -12.40
C LEU B 514 45.70 -15.09 -13.64
N GLY B 515 46.08 -16.29 -14.09
CA GLY B 515 45.60 -16.77 -15.37
C GLY B 515 44.40 -17.70 -15.29
N LEU B 516 43.20 -17.15 -15.46
CA LEU B 516 41.98 -17.94 -15.52
C LEU B 516 41.14 -17.44 -16.68
N VAL B 517 40.17 -18.25 -17.10
CA VAL B 517 39.35 -17.90 -18.24
C VAL B 517 38.06 -18.70 -18.17
N VAL B 518 36.97 -18.11 -18.66
CA VAL B 518 35.64 -18.69 -18.58
C VAL B 518 35.17 -19.03 -19.98
N CYS B 519 34.64 -20.25 -20.15
CA CYS B 519 34.12 -20.73 -21.42
C CYS B 519 32.71 -21.26 -21.21
N PHE B 520 31.78 -20.81 -22.04
CA PHE B 520 30.39 -21.22 -21.95
C PHE B 520 30.12 -22.35 -22.93
N LEU B 521 29.24 -23.27 -22.53
CA LEU B 521 28.80 -24.37 -23.37
C LEU B 521 27.28 -24.28 -23.47
N TYR B 522 26.78 -24.02 -24.67
CA TYR B 522 25.35 -23.86 -24.89
C TYR B 522 24.96 -24.57 -26.18
N ASN B 523 23.67 -24.55 -26.48
CA ASN B 523 23.15 -25.09 -27.74
C ASN B 523 23.03 -23.93 -28.72
N GLU B 524 23.92 -23.90 -29.71
CA GLU B 524 24.02 -22.77 -30.63
C GLU B 524 22.78 -22.54 -31.47
N VAL B 525 21.76 -23.39 -31.36
CA VAL B 525 20.52 -23.20 -32.08
C VAL B 525 19.44 -22.58 -31.21
N LEU B 526 19.65 -22.52 -29.89
CA LEU B 526 18.67 -21.96 -28.96
C LEU B 526 19.12 -20.68 -28.29
N TYR B 527 20.42 -20.49 -28.10
CA TYR B 527 20.94 -19.34 -27.38
C TYR B 527 22.08 -18.71 -28.17
N ALA B 528 22.06 -17.39 -28.27
CA ALA B 528 23.05 -16.63 -29.03
C ALA B 528 23.91 -15.85 -28.04
N LEU B 529 25.02 -16.45 -27.61
CA LEU B 529 25.94 -15.80 -26.70
C LEU B 529 26.94 -14.97 -27.49
N PRO B 530 27.03 -13.66 -27.26
CA PRO B 530 28.00 -12.84 -28.00
C PRO B 530 29.44 -13.29 -27.79
N ARG B 531 29.88 -13.34 -26.54
CA ARG B 531 31.25 -13.72 -26.20
C ARG B 531 31.20 -14.95 -25.31
N ALA B 532 31.23 -16.14 -25.92
CA ALA B 532 31.15 -17.39 -25.17
C ALA B 532 32.46 -17.79 -24.54
N PHE B 533 33.44 -16.89 -24.44
CA PHE B 533 34.73 -17.21 -23.87
C PHE B 533 35.46 -15.91 -23.58
N PHE B 534 35.90 -15.72 -22.35
CA PHE B 534 36.57 -14.47 -22.01
C PHE B 534 37.46 -14.66 -20.79
N LYS B 535 38.54 -13.90 -20.76
CA LYS B 535 39.42 -13.88 -19.59
C LYS B 535 38.72 -13.20 -18.43
N VAL B 536 39.17 -13.53 -17.22
CA VAL B 536 38.63 -12.98 -15.98
C VAL B 536 39.69 -12.07 -15.38
N PRO B 537 39.31 -11.00 -14.69
CA PRO B 537 40.32 -10.12 -14.08
C PRO B 537 41.10 -10.84 -13.01
N LEU B 538 42.18 -10.19 -12.57
CA LEU B 538 42.96 -10.70 -11.45
C LEU B 538 42.08 -10.76 -10.21
N LEU B 539 41.83 -11.97 -9.72
CA LEU B 539 40.87 -12.17 -8.63
C LEU B 539 41.56 -11.93 -7.30
N VAL B 540 41.21 -10.83 -6.65
CA VAL B 540 41.79 -10.49 -5.35
C VAL B 540 41.04 -11.27 -4.27
N PRO B 541 41.75 -11.91 -3.33
CA PRO B 541 41.08 -12.73 -2.32
C PRO B 541 40.10 -11.95 -1.46
N GLY B 542 38.81 -12.28 -1.57
CA GLY B 542 37.78 -11.69 -0.73
C GLY B 542 36.73 -10.89 -1.47
N LEU B 543 36.85 -10.65 -2.77
CA LEU B 543 35.92 -9.81 -3.51
C LEU B 543 35.11 -10.67 -4.47
N ASN B 544 33.80 -10.46 -4.49
CA ASN B 544 32.92 -11.14 -5.42
C ASN B 544 32.89 -10.35 -6.74
N TYR B 545 33.43 -10.93 -7.80
CA TYR B 545 33.43 -10.31 -9.11
C TYR B 545 32.18 -10.74 -9.87
N PRO B 546 31.26 -9.84 -10.17
CA PRO B 546 30.16 -10.17 -11.09
C PRO B 546 30.55 -9.97 -12.54
N LEU B 547 30.60 -11.06 -13.30
CA LEU B 547 30.98 -11.03 -14.70
C LEU B 547 29.75 -11.43 -15.52
N GLU B 548 29.15 -10.47 -16.20
CA GLU B 548 27.84 -10.73 -16.79
C GLU B 548 27.89 -10.76 -18.31
N THR B 549 26.90 -11.45 -18.87
CA THR B 549 26.75 -11.68 -20.30
C THR B 549 25.27 -11.58 -20.62
N PHE B 550 24.95 -11.51 -21.91
CA PHE B 550 23.57 -11.38 -22.36
C PHE B 550 23.21 -12.62 -23.18
N VAL B 551 22.48 -13.54 -22.57
CA VAL B 551 21.98 -14.70 -23.30
C VAL B 551 20.72 -14.29 -24.05
N LYS B 552 20.48 -14.89 -25.21
CA LYS B 552 19.31 -14.54 -25.99
C LYS B 552 18.71 -15.78 -26.61
N SER B 553 17.42 -16.01 -26.36
CA SER B 553 16.73 -17.18 -26.88
C SER B 553 16.39 -16.96 -28.36
N LEU B 554 16.69 -17.95 -29.19
CA LEU B 554 16.45 -17.87 -30.62
C LEU B 554 15.26 -18.70 -31.08
N SER B 555 14.91 -19.75 -30.34
CA SER B 555 13.79 -20.60 -30.72
C SER B 555 12.48 -19.81 -30.65
N ASP B 556 11.71 -19.87 -31.74
CA ASP B 556 10.40 -19.23 -31.74
C ASP B 556 9.43 -19.93 -30.79
N LYS B 557 9.62 -21.23 -30.57
CA LYS B 557 8.86 -21.97 -29.58
C LYS B 557 9.64 -22.01 -28.26
N GLY B 558 8.90 -22.00 -27.16
CA GLY B 558 9.53 -22.04 -25.85
C GLY B 558 10.31 -23.31 -25.63
N ILE B 559 11.63 -23.21 -25.57
CA ILE B 559 12.52 -24.35 -25.33
C ILE B 559 13.52 -23.93 -24.28
N SER B 560 13.57 -24.66 -23.16
CA SER B 560 14.47 -24.38 -22.06
C SER B 560 15.59 -25.41 -22.08
N ASP B 561 16.81 -24.95 -22.35
CA ASP B 561 17.97 -25.84 -22.43
C ASP B 561 19.04 -25.36 -21.45
N ILE B 562 19.79 -26.33 -20.91
CA ILE B 562 20.81 -26.02 -19.92
C ILE B 562 21.98 -25.29 -20.58
N ILE B 563 22.69 -24.50 -19.78
CA ILE B 563 23.93 -23.86 -20.19
C ILE B 563 25.00 -24.18 -19.16
N LYS B 564 26.12 -24.72 -19.63
CA LYS B 564 27.26 -25.02 -18.78
C LYS B 564 28.25 -23.86 -18.80
N VAL B 565 28.96 -23.70 -17.69
CA VAL B 565 30.02 -22.71 -17.57
C VAL B 565 31.24 -23.42 -17.01
N LEU B 566 32.39 -23.23 -17.64
CA LEU B 566 33.64 -23.84 -17.19
C LEU B 566 34.65 -22.75 -16.92
N VAL B 567 35.19 -22.74 -15.70
CA VAL B 567 36.30 -21.87 -15.34
C VAL B 567 37.56 -22.71 -15.33
N LEU B 568 38.57 -22.28 -16.09
CA LEU B 568 39.76 -23.09 -16.28
C LEU B 568 40.98 -22.21 -16.48
N ARG B 569 42.14 -22.77 -16.16
CA ARG B 569 43.41 -22.10 -16.39
C ARG B 569 43.62 -21.90 -17.88
N GLU B 570 44.65 -21.12 -18.24
CA GLU B 570 44.97 -20.92 -19.63
C GLU B 570 46.04 -21.87 -20.15
N GLY B 571 46.82 -22.48 -19.25
CA GLY B 571 47.77 -23.51 -19.62
C GLY B 571 47.25 -24.92 -19.52
N GLN B 572 46.10 -25.11 -18.90
CA GLN B 572 45.49 -26.43 -18.74
C GLN B 572 44.25 -26.55 -19.61
N SER B 573 43.82 -27.80 -19.82
CA SER B 573 42.63 -28.08 -20.60
C SER B 573 41.50 -28.68 -19.78
N THR B 574 41.75 -29.09 -18.53
CA THR B 574 40.70 -29.60 -17.67
C THR B 574 40.09 -28.45 -16.87
N PRO B 575 38.78 -28.25 -16.92
CA PRO B 575 38.16 -27.13 -16.19
C PRO B 575 38.51 -27.16 -14.71
N LEU B 576 38.89 -26.00 -14.18
CA LEU B 576 39.11 -25.88 -12.75
C LEU B 576 37.80 -26.10 -11.99
N LEU B 577 36.70 -25.55 -12.48
CA LEU B 577 35.39 -25.83 -11.91
C LEU B 577 34.33 -25.54 -12.96
N SER B 578 33.08 -25.85 -12.62
CA SER B 578 31.99 -25.70 -13.56
C SER B 578 30.72 -25.31 -12.83
N ALA B 579 29.72 -24.94 -13.62
CA ALA B 579 28.40 -24.58 -13.11
C ALA B 579 27.38 -24.84 -14.20
N HIS B 580 26.13 -24.98 -13.78
CA HIS B 580 25.02 -25.23 -14.70
C HIS B 580 23.91 -24.23 -14.44
N ILE B 581 23.19 -23.88 -15.49
CA ILE B 581 22.04 -23.00 -15.36
C ILE B 581 20.94 -23.48 -16.29
N ASN B 582 19.77 -23.80 -15.72
CA ASN B 582 18.60 -24.09 -16.52
C ASN B 582 17.97 -22.78 -16.96
N MET B 583 18.12 -22.45 -18.23
CA MET B 583 17.55 -21.21 -18.74
C MET B 583 16.03 -21.30 -18.72
N PRO B 584 15.33 -20.31 -18.20
CA PRO B 584 13.87 -20.37 -18.15
C PRO B 584 13.24 -20.23 -19.54
N MET B 585 11.91 -20.21 -19.60
CA MET B 585 11.23 -20.08 -20.87
C MET B 585 11.38 -18.67 -21.43
N SER B 586 11.17 -18.55 -22.73
CA SER B 586 11.55 -17.33 -23.44
C SER B 586 10.53 -16.21 -23.24
N GLU B 587 9.23 -16.53 -23.32
CA GLU B 587 8.18 -15.51 -23.36
C GLU B 587 8.43 -14.53 -24.51
N GLY B 588 8.73 -15.09 -25.67
CA GLY B 588 9.13 -14.29 -26.82
C GLY B 588 7.99 -13.60 -27.52
N LEU B 589 8.13 -13.43 -28.83
CA LEU B 589 7.11 -12.75 -29.64
C LEU B 589 6.97 -13.39 -31.00
N LEU C 2 -20.19 29.96 20.29
CA LEU C 2 -19.49 28.97 21.12
C LEU C 2 -18.02 28.92 20.76
N GLN C 3 -17.38 27.78 21.08
CA GLN C 3 -15.98 27.56 20.78
C GLN C 3 -15.86 26.15 20.22
N PRO C 4 -15.09 25.94 19.16
CA PRO C 4 -14.93 24.59 18.61
C PRO C 4 -14.26 23.66 19.61
N VAL C 5 -15.01 22.66 20.10
CA VAL C 5 -14.49 21.77 21.11
C VAL C 5 -13.32 20.95 20.60
N PHE C 6 -13.22 20.74 19.29
CA PHE C 6 -12.00 20.16 18.74
C PHE C 6 -11.81 20.66 17.32
N THR C 7 -10.55 20.67 16.87
CA THR C 7 -10.22 21.04 15.50
C THR C 7 -9.12 20.11 14.98
N LEU C 8 -9.10 19.94 13.66
CA LEU C 8 -8.04 19.16 13.02
C LEU C 8 -8.03 19.47 11.54
N LYS C 9 -6.89 19.19 10.91
CA LYS C 9 -6.68 19.46 9.48
C LYS C 9 -6.38 18.15 8.77
N LEU C 10 -7.25 17.77 7.84
CA LEU C 10 -7.07 16.58 7.03
C LEU C 10 -6.62 16.98 5.62
N ARG C 11 -5.53 16.38 5.17
CA ARG C 11 -4.87 16.82 3.94
C ARG C 11 -5.64 16.48 2.67
N HIS C 12 -6.80 15.86 2.77
CA HIS C 12 -7.53 15.38 1.60
C HIS C 12 -8.75 16.25 1.32
N LYS C 13 -8.93 16.62 0.06
CA LYS C 13 -10.12 17.35 -0.35
C LYS C 13 -11.35 16.48 -0.16
N ILE C 14 -12.32 16.98 0.59
CA ILE C 14 -13.54 16.24 0.84
C ILE C 14 -14.59 16.62 -0.21
N SER C 15 -15.18 15.61 -0.85
CA SER C 15 -16.28 15.91 -1.76
C SER C 15 -17.48 16.41 -0.96
N PRO C 16 -18.20 17.41 -1.48
CA PRO C 16 -19.13 18.15 -0.62
C PRO C 16 -20.20 17.32 0.05
N ARG C 17 -21.07 16.67 -0.70
CA ARG C 17 -22.22 16.00 -0.12
C ARG C 17 -21.93 14.57 0.30
N MET C 18 -20.66 14.17 0.37
CA MET C 18 -20.27 12.80 0.69
C MET C 18 -19.49 12.80 2.00
N VAL C 19 -20.22 12.77 3.11
CA VAL C 19 -19.64 12.74 4.45
C VAL C 19 -20.55 11.92 5.35
N ALA C 20 -19.97 11.13 6.24
CA ALA C 20 -20.75 10.38 7.20
C ALA C 20 -19.92 10.11 8.44
N VAL C 21 -20.62 9.92 9.56
CA VAL C 21 -20.01 9.52 10.82
C VAL C 21 -20.59 8.16 11.20
N GLY C 22 -19.72 7.20 11.48
CA GLY C 22 -20.18 5.86 11.79
C GLY C 22 -19.23 5.15 12.72
N ARG C 23 -19.80 4.39 13.65
CA ARG C 23 -19.02 3.63 14.62
C ARG C 23 -18.57 2.31 14.00
N TYR C 24 -17.59 2.43 13.10
CA TYR C 24 -17.16 1.29 12.29
C TYR C 24 -16.49 0.20 13.12
N ASP C 25 -16.00 0.54 14.31
CA ASP C 25 -15.48 -0.47 15.24
C ASP C 25 -16.56 -1.02 16.15
N GLY C 26 -17.82 -0.65 15.93
CA GLY C 26 -18.92 -1.02 16.80
C GLY C 26 -19.19 0.00 17.89
N THR C 27 -18.14 0.47 18.56
CA THR C 27 -18.28 1.44 19.65
C THR C 27 -17.34 2.64 19.48
N HIS C 28 -16.60 2.69 18.37
CA HIS C 28 -15.62 3.75 18.14
C HIS C 28 -16.01 4.55 16.91
N PRO C 29 -16.60 5.73 17.08
CA PRO C 29 -17.07 6.49 15.92
C PRO C 29 -15.91 7.05 15.10
N CYS C 30 -16.09 7.04 13.78
CA CYS C 30 -15.07 7.48 12.84
C CYS C 30 -15.76 8.25 11.71
N LEU C 31 -14.96 8.92 10.91
CA LEU C 31 -15.44 9.75 9.81
C LEU C 31 -15.13 9.09 8.48
N ALA C 32 -16.12 9.01 7.61
CA ALA C 32 -15.95 8.53 6.24
C ALA C 32 -16.25 9.67 5.30
N ALA C 33 -15.35 9.92 4.35
CA ALA C 33 -15.56 11.04 3.44
C ALA C 33 -14.89 10.76 2.11
N ALA C 34 -15.59 11.08 1.03
CA ALA C 34 -15.05 10.89 -0.31
C ALA C 34 -13.88 11.83 -0.55
N THR C 35 -13.14 11.57 -1.62
CA THR C 35 -11.98 12.37 -1.97
C THR C 35 -11.80 12.32 -3.48
N GLN C 36 -10.89 13.15 -3.98
CA GLN C 36 -10.49 13.07 -5.37
C GLN C 36 -9.95 11.68 -5.71
N ALA C 37 -9.92 11.37 -7.00
CA ALA C 37 -9.44 10.13 -7.58
C ALA C 37 -10.33 8.94 -7.27
N GLY C 38 -11.48 9.15 -6.63
CA GLY C 38 -12.36 8.05 -6.30
C GLY C 38 -11.84 7.19 -5.17
N LYS C 39 -11.41 7.83 -4.08
CA LYS C 39 -10.98 7.15 -2.87
C LYS C 39 -11.74 7.71 -1.68
N VAL C 40 -12.11 6.83 -0.76
CA VAL C 40 -12.89 7.22 0.42
C VAL C 40 -11.97 7.08 1.63
N PHE C 41 -11.80 8.16 2.37
CA PHE C 41 -10.91 8.11 3.52
C PHE C 41 -11.71 7.97 4.82
N ILE C 42 -11.05 7.38 5.81
CA ILE C 42 -11.62 7.09 7.12
C ILE C 42 -10.69 7.68 8.16
N HIS C 43 -11.21 8.61 8.96
CA HIS C 43 -10.49 9.18 10.09
C HIS C 43 -10.98 8.48 11.35
N ASN C 44 -10.04 7.82 12.07
CA ASN C 44 -10.45 6.97 13.19
C ASN C 44 -10.89 7.79 14.40
N PRO C 45 -10.03 8.63 15.01
CA PRO C 45 -10.53 9.31 16.20
C PRO C 45 -11.49 10.45 15.87
N ASP C 65 -5.46 8.48 12.69
CA ASP C 65 -4.82 8.35 11.40
C ASP C 65 -5.85 8.11 10.30
N VAL C 66 -5.54 8.58 9.10
CA VAL C 66 -6.43 8.48 7.95
C VAL C 66 -6.09 7.22 7.17
N SER C 67 -7.13 6.42 6.88
CA SER C 67 -6.97 5.19 6.11
C SER C 67 -7.76 5.31 4.81
N LEU C 68 -7.11 4.98 3.70
CA LEU C 68 -7.73 5.12 2.40
C LEU C 68 -8.41 3.83 1.97
N LEU C 69 -9.51 3.96 1.23
CA LEU C 69 -10.21 2.85 0.60
C LEU C 69 -10.32 3.15 -0.88
N ASN C 70 -9.78 2.27 -1.71
CA ASN C 70 -9.74 2.46 -3.16
C ASN C 70 -11.08 2.04 -3.75
N ILE C 71 -12.00 2.99 -3.85
CA ILE C 71 -13.19 2.74 -4.66
C ILE C 71 -12.80 2.66 -6.13
N ASN C 72 -11.73 3.35 -6.51
CA ASN C 72 -11.23 3.36 -7.89
C ASN C 72 -12.32 3.77 -8.88
N GLN C 73 -13.20 4.66 -8.42
CA GLN C 73 -14.37 5.01 -9.20
C GLN C 73 -15.03 6.24 -8.57
N THR C 74 -15.51 7.15 -9.40
CA THR C 74 -16.00 8.44 -8.93
C THR C 74 -17.24 8.25 -8.05
N VAL C 75 -17.08 8.51 -6.75
CA VAL C 75 -18.18 8.34 -5.81
C VAL C 75 -19.22 9.43 -6.02
N SER C 76 -20.48 9.11 -5.74
CA SER C 76 -21.56 10.07 -5.82
C SER C 76 -22.47 10.11 -4.61
N CYS C 77 -22.43 9.09 -3.75
CA CYS C 77 -23.15 9.09 -2.48
C CYS C 77 -22.28 8.43 -1.42
N LEU C 78 -22.61 8.73 -0.17
CA LEU C 78 -21.92 8.11 0.97
C LEU C 78 -22.71 8.33 2.24
N THR C 79 -22.99 7.26 2.98
CA THR C 79 -23.64 7.37 4.26
C THR C 79 -23.08 6.27 5.16
N ALA C 80 -23.70 6.10 6.33
CA ALA C 80 -23.29 5.07 7.27
C ALA C 80 -24.40 4.87 8.29
N GLY C 81 -24.77 3.62 8.51
CA GLY C 81 -25.82 3.34 9.47
C GLY C 81 -25.82 1.87 9.86
N VAL C 82 -26.90 1.47 10.51
CA VAL C 82 -27.09 0.10 10.96
C VAL C 82 -27.94 -0.61 9.91
N LEU C 83 -27.34 -1.57 9.22
CA LEU C 83 -28.04 -2.28 8.15
C LEU C 83 -28.53 -3.66 8.58
N ASN C 84 -27.86 -4.29 9.54
CA ASN C 84 -28.35 -5.51 10.16
C ASN C 84 -28.32 -5.29 11.68
N PRO C 85 -29.48 -5.11 12.32
CA PRO C 85 -29.49 -4.79 13.76
C PRO C 85 -29.04 -5.94 14.65
N GLU C 86 -28.68 -7.10 14.08
CA GLU C 86 -28.18 -8.20 14.91
C GLU C 86 -26.86 -7.84 15.56
N LEU C 87 -26.01 -7.10 14.84
CA LEU C 87 -24.75 -6.62 15.38
C LEU C 87 -24.80 -5.10 15.54
N GLY C 88 -23.87 -4.57 16.32
CA GLY C 88 -23.87 -3.16 16.64
C GLY C 88 -22.81 -2.35 15.91
N TYR C 89 -22.61 -2.63 14.63
CA TYR C 89 -21.62 -1.94 13.82
C TYR C 89 -22.32 -1.10 12.75
N ASP C 90 -21.72 0.04 12.44
CA ASP C 90 -22.20 0.87 11.34
C ASP C 90 -21.60 0.39 10.03
N ALA C 91 -22.44 0.31 9.01
CA ALA C 91 -22.04 -0.13 7.68
C ALA C 91 -21.78 1.07 6.80
N LEU C 92 -20.58 1.16 6.23
CA LEU C 92 -20.21 2.28 5.36
C LEU C 92 -20.77 2.02 3.98
N LEU C 93 -21.69 2.87 3.53
CA LEU C 93 -22.24 2.75 2.19
C LEU C 93 -21.53 3.70 1.25
N VAL C 94 -21.33 3.25 0.02
CA VAL C 94 -20.67 4.04 -1.02
C VAL C 94 -21.44 3.82 -2.31
N GLY C 95 -22.02 4.88 -2.85
CA GLY C 95 -22.76 4.82 -4.08
C GLY C 95 -21.97 5.41 -5.24
N THR C 96 -22.14 4.81 -6.41
CA THR C 96 -21.53 5.30 -7.64
C THR C 96 -22.58 5.25 -8.73
N GLN C 97 -22.38 6.06 -9.77
CA GLN C 97 -23.37 6.23 -10.82
C GLN C 97 -23.70 4.92 -11.54
N THR C 98 -23.03 3.82 -11.16
CA THR C 98 -23.41 2.51 -11.66
C THR C 98 -23.27 1.40 -10.64
N ASN C 99 -22.98 1.69 -9.38
CA ASN C 99 -22.74 0.65 -8.38
C ASN C 99 -23.22 1.12 -7.02
N LEU C 100 -23.28 0.18 -6.08
CA LEU C 100 -23.60 0.49 -4.69
C LEU C 100 -22.97 -0.56 -3.78
N LEU C 101 -22.23 -0.12 -2.77
CA LEU C 101 -21.39 -1.03 -1.99
C LEU C 101 -21.60 -0.77 -0.51
N ALA C 102 -21.98 -1.80 0.23
CA ALA C 102 -21.94 -1.74 1.68
C ALA C 102 -20.65 -2.39 2.16
N TYR C 103 -20.08 -1.83 3.22
CA TYR C 103 -18.73 -2.21 3.63
C TYR C 103 -18.68 -2.26 5.15
N ASP C 104 -18.27 -3.40 5.68
CA ASP C 104 -17.99 -3.56 7.11
C ASP C 104 -16.50 -3.29 7.31
N VAL C 105 -16.16 -2.04 7.66
CA VAL C 105 -14.76 -1.63 7.68
C VAL C 105 -13.97 -2.43 8.71
N TYR C 106 -14.60 -2.78 9.84
CA TYR C 106 -13.92 -3.50 10.90
C TYR C 106 -13.36 -4.83 10.40
N ASN C 107 -14.25 -5.74 10.02
CA ASN C 107 -13.88 -6.97 9.34
C ASN C 107 -14.13 -6.73 7.85
N ASN C 108 -13.08 -6.34 7.13
CA ASN C 108 -13.30 -5.82 5.78
C ASN C 108 -13.93 -6.91 4.91
N SER C 109 -15.20 -6.71 4.62
CA SER C 109 -16.01 -7.73 3.94
C SER C 109 -17.26 -7.07 3.41
N ASP C 110 -17.53 -7.27 2.13
CA ASP C 110 -18.65 -6.63 1.48
C ASP C 110 -19.96 -7.19 2.02
N LEU C 111 -20.80 -6.34 2.61
CA LEU C 111 -22.14 -6.78 2.96
C LEU C 111 -22.95 -7.07 1.72
N PHE C 112 -22.89 -6.17 0.73
CA PHE C 112 -23.46 -6.43 -0.58
C PHE C 112 -22.87 -5.43 -1.56
N TYR C 113 -22.47 -5.91 -2.73
CA TYR C 113 -21.99 -5.08 -3.82
C TYR C 113 -22.97 -5.24 -4.98
N ARG C 114 -23.97 -4.38 -5.01
CA ARG C 114 -25.01 -4.44 -6.03
C ARG C 114 -24.66 -3.50 -7.18
N GLU C 115 -25.09 -3.87 -8.37
CA GLU C 115 -24.91 -3.05 -9.56
C GLU C 115 -26.27 -2.52 -9.97
N VAL C 116 -26.42 -1.20 -9.93
CA VAL C 116 -27.73 -0.58 -10.06
C VAL C 116 -28.11 -0.33 -11.50
N ALA C 117 -27.20 0.27 -12.27
CA ALA C 117 -27.39 0.61 -13.68
C ALA C 117 -28.37 1.77 -13.83
N ASP C 118 -28.97 2.21 -12.73
CA ASP C 118 -29.76 3.43 -12.71
C ASP C 118 -29.01 4.59 -12.07
N GLY C 119 -27.95 4.32 -11.32
CA GLY C 119 -27.15 5.35 -10.69
C GLY C 119 -27.43 5.48 -9.21
N ALA C 120 -26.54 6.20 -8.55
CA ALA C 120 -26.64 6.53 -7.13
C ALA C 120 -26.43 8.03 -7.02
N SER C 121 -27.54 8.78 -7.07
CA SER C 121 -27.47 10.23 -6.94
C SER C 121 -27.80 10.71 -5.54
N ALA C 122 -28.52 9.93 -4.75
CA ALA C 122 -28.83 10.27 -3.37
C ALA C 122 -29.31 9.04 -2.61
N ILE C 123 -28.71 8.74 -1.46
CA ILE C 123 -29.06 7.56 -0.70
C ILE C 123 -29.31 7.93 0.75
N VAL C 124 -30.11 7.10 1.42
CA VAL C 124 -30.37 7.18 2.84
C VAL C 124 -30.29 5.78 3.43
N LEU C 125 -30.57 5.68 4.72
CA LEU C 125 -30.51 4.40 5.42
C LEU C 125 -31.44 4.49 6.62
N GLY C 126 -32.54 3.75 6.57
CA GLY C 126 -33.46 3.73 7.69
C GLY C 126 -34.56 2.73 7.47
N THR C 127 -35.61 2.86 8.28
CA THR C 127 -36.75 1.96 8.24
C THR C 127 -37.94 2.67 7.60
N LEU C 128 -38.45 2.10 6.51
CA LEU C 128 -39.63 2.64 5.85
C LEU C 128 -40.88 2.16 6.58
N GLY C 129 -42.05 2.40 5.99
CA GLY C 129 -43.30 2.00 6.59
C GLY C 129 -43.70 0.57 6.30
N ASP C 130 -43.94 -0.21 7.35
CA ASP C 130 -44.34 -1.62 7.24
C ASP C 130 -43.24 -2.44 6.56
N ILE C 131 -42.00 -2.19 6.95
CA ILE C 131 -40.86 -2.98 6.52
C ILE C 131 -39.97 -3.20 7.74
N THR C 132 -39.74 -4.47 8.08
CA THR C 132 -39.05 -4.83 9.31
C THR C 132 -37.53 -4.95 9.10
N SER C 133 -36.99 -4.28 8.10
CA SER C 133 -35.56 -4.34 7.82
C SER C 133 -35.06 -2.99 7.35
N PRO C 134 -34.04 -2.42 8.00
CA PRO C 134 -33.52 -1.11 7.59
C PRO C 134 -33.00 -1.15 6.16
N LEU C 135 -33.65 -0.38 5.29
CA LEU C 135 -33.35 -0.37 3.87
C LEU C 135 -32.29 0.67 3.54
N ALA C 136 -31.49 0.36 2.52
CA ALA C 136 -30.51 1.29 1.97
C ALA C 136 -31.10 1.90 0.70
N ILE C 137 -32.04 2.83 0.87
CA ILE C 137 -32.72 3.45 -0.26
C ILE C 137 -31.71 4.19 -1.13
N ILE C 138 -32.03 4.30 -2.42
CA ILE C 138 -31.13 4.89 -3.41
C ILE C 138 -31.98 5.65 -4.42
N GLY C 139 -31.34 6.60 -5.11
CA GLY C 139 -32.03 7.38 -6.12
C GLY C 139 -31.18 7.59 -7.35
N GLY C 140 -31.68 7.19 -8.52
CA GLY C 140 -30.88 7.28 -9.73
C GLY C 140 -31.48 8.19 -10.79
N ASN C 141 -31.63 7.67 -12.00
CA ASN C 141 -32.18 8.48 -13.09
C ASN C 141 -33.61 8.90 -12.78
N CYS C 142 -34.51 7.93 -12.67
CA CYS C 142 -35.89 8.24 -12.30
C CYS C 142 -36.49 7.20 -11.37
N ALA C 143 -35.69 6.27 -10.84
CA ALA C 143 -36.22 5.15 -10.09
C ALA C 143 -35.45 4.97 -8.80
N LEU C 144 -36.19 4.79 -7.71
CA LEU C 144 -35.61 4.48 -6.41
C LEU C 144 -35.54 2.98 -6.21
N GLN C 145 -34.78 2.57 -5.21
CA GLN C 145 -34.60 1.16 -4.91
C GLN C 145 -34.39 1.00 -3.42
N GLY C 146 -34.31 -0.25 -2.98
CA GLY C 146 -34.10 -0.55 -1.57
C GLY C 146 -33.47 -1.92 -1.36
N PHE C 147 -32.53 -2.01 -0.42
CA PHE C 147 -31.78 -3.23 -0.22
C PHE C 147 -31.61 -3.49 1.27
N ASN C 148 -31.73 -4.75 1.66
CA ASN C 148 -31.55 -5.16 3.05
C ASN C 148 -30.08 -5.49 3.30
N HIS C 149 -29.80 -6.13 4.43
CA HIS C 149 -28.42 -6.43 4.81
C HIS C 149 -27.72 -7.36 3.84
N GLU C 150 -28.46 -8.03 2.95
CA GLU C 150 -27.86 -8.92 1.97
C GLU C 150 -27.91 -8.37 0.56
N GLY C 151 -28.73 -7.36 0.30
CA GLY C 151 -28.83 -6.78 -1.01
C GLY C 151 -30.02 -7.20 -1.84
N ASN C 152 -31.12 -7.60 -1.21
CA ASN C 152 -32.32 -8.02 -1.92
C ASN C 152 -33.23 -6.81 -2.15
N ASP C 153 -33.69 -6.66 -3.40
CA ASP C 153 -34.61 -5.58 -3.72
C ASP C 153 -35.92 -5.76 -2.96
N LEU C 154 -36.17 -4.85 -2.01
CA LEU C 154 -37.42 -4.87 -1.26
C LEU C 154 -38.30 -3.66 -1.50
N PHE C 155 -37.80 -2.64 -2.20
CA PHE C 155 -38.55 -1.42 -2.46
C PHE C 155 -38.07 -0.85 -3.78
N TRP C 156 -39.02 -0.45 -4.63
CA TRP C 156 -38.68 0.09 -5.94
C TRP C 156 -39.86 0.88 -6.47
N THR C 157 -39.63 2.14 -6.83
CA THR C 157 -40.66 2.98 -7.40
C THR C 157 -40.00 4.03 -8.29
N VAL C 158 -40.80 4.60 -9.18
CA VAL C 158 -40.32 5.52 -10.20
C VAL C 158 -40.78 6.93 -9.84
N THR C 159 -39.94 7.91 -10.13
CA THR C 159 -40.22 9.31 -9.83
C THR C 159 -40.10 10.15 -11.10
N GLY C 160 -40.38 11.44 -10.95
CA GLY C 160 -40.43 12.35 -12.09
C GLY C 160 -39.11 12.52 -12.83
N ASP C 161 -38.11 13.07 -12.16
CA ASP C 161 -36.82 13.33 -12.77
C ASP C 161 -35.68 12.87 -11.87
N ASN C 162 -34.45 13.27 -12.20
CA ASN C 162 -33.29 12.85 -11.42
C ASN C 162 -33.47 13.20 -9.94
N VAL C 163 -33.41 12.17 -9.11
CA VAL C 163 -33.47 12.35 -7.66
C VAL C 163 -32.16 12.97 -7.20
N HIS C 164 -32.26 14.01 -6.37
CA HIS C 164 -31.08 14.71 -5.88
C HIS C 164 -30.89 14.64 -4.38
N SER C 165 -31.90 14.21 -3.62
CA SER C 165 -31.81 14.19 -2.17
C SER C 165 -32.95 13.33 -1.63
N LEU C 166 -32.66 12.60 -0.56
CA LEU C 166 -33.69 11.73 0.02
C LEU C 166 -33.56 11.84 1.53
N ALA C 167 -34.65 11.82 2.28
CA ALA C 167 -34.58 11.70 3.73
C ALA C 167 -35.81 10.98 4.24
N LEU C 168 -35.77 10.48 5.48
CA LEU C 168 -36.88 9.70 6.04
C LEU C 168 -37.58 10.52 7.12
N CYS C 169 -38.83 10.90 6.90
CA CYS C 169 -39.59 11.73 7.86
C CYS C 169 -41.00 11.20 7.98
N ASP C 170 -41.58 11.16 9.18
CA ASP C 170 -42.94 10.57 9.33
C ASP C 170 -44.01 11.60 9.01
N PHE C 171 -44.15 12.00 7.75
CA PHE C 171 -45.26 12.92 7.41
C PHE C 171 -46.49 12.11 7.78
N ASP C 172 -47.53 12.72 8.35
CA ASP C 172 -48.82 11.99 8.59
C ASP C 172 -48.91 11.39 10.00
N GLY C 173 -47.86 11.43 10.80
CA GLY C 173 -47.91 10.96 12.20
C GLY C 173 -48.38 9.53 12.47
N ASP C 174 -47.95 8.51 11.71
CA ASP C 174 -48.48 7.15 11.97
C ASP C 174 -47.40 6.19 12.47
N GLY C 175 -46.21 6.68 12.76
CA GLY C 175 -45.14 5.85 13.38
C GLY C 175 -44.25 5.10 12.40
N LYS C 176 -44.56 5.13 11.11
CA LYS C 176 -43.68 4.47 10.10
C LYS C 176 -43.25 5.59 9.16
N LYS C 177 -41.96 5.79 8.95
CA LYS C 177 -41.52 6.99 8.21
C LYS C 177 -41.67 6.88 6.70
N GLU C 178 -42.33 7.84 6.06
CA GLU C 178 -42.38 7.91 4.59
C GLU C 178 -41.06 8.54 4.14
N LEU C 179 -40.70 8.45 2.87
CA LEU C 179 -39.38 8.95 2.41
C LEU C 179 -39.68 10.17 1.55
N LEU C 180 -38.86 11.20 1.67
CA LEU C 180 -39.08 12.44 0.91
C LEU C 180 -38.04 12.52 -0.21
N VAL C 181 -38.51 12.58 -1.45
CA VAL C 181 -37.74 12.57 -2.68
C VAL C 181 -37.72 13.97 -3.26
N GLY C 182 -36.52 14.48 -3.55
CA GLY C 182 -36.37 15.75 -4.22
C GLY C 182 -35.99 15.59 -5.67
N SER C 183 -36.96 15.77 -6.57
CA SER C 183 -36.70 15.53 -7.98
C SER C 183 -36.04 16.73 -8.62
N GLU C 184 -35.28 16.45 -9.69
CA GLU C 184 -34.72 17.52 -10.52
C GLU C 184 -35.80 18.37 -11.18
N ASP C 185 -37.05 17.90 -11.18
CA ASP C 185 -38.22 18.61 -11.71
C ASP C 185 -38.68 19.75 -10.80
N PHE C 186 -37.90 20.03 -9.75
CA PHE C 186 -38.11 21.08 -8.76
C PHE C 186 -39.18 20.70 -7.74
N ASP C 187 -39.62 19.44 -7.73
CA ASP C 187 -40.69 19.01 -6.85
C ASP C 187 -40.13 18.21 -5.68
N ILE C 188 -40.89 18.20 -4.58
CA ILE C 188 -40.60 17.39 -3.41
C ILE C 188 -41.81 16.50 -3.20
N ARG C 189 -41.65 15.20 -3.42
CA ARG C 189 -42.73 14.26 -3.21
C ARG C 189 -42.45 13.43 -1.97
N VAL C 190 -43.52 12.93 -1.35
CA VAL C 190 -43.40 12.05 -0.20
C VAL C 190 -43.99 10.70 -0.56
N PHE C 191 -43.18 9.65 -0.41
CA PHE C 191 -43.52 8.30 -0.83
C PHE C 191 -43.63 7.41 0.40
N LYS C 192 -44.74 6.67 0.49
CA LYS C 192 -44.86 5.64 1.51
C LYS C 192 -44.13 4.40 1.01
N GLU C 193 -44.36 3.25 1.67
CA GLU C 193 -43.76 2.01 1.19
C GLU C 193 -44.12 1.75 -0.27
N ASP C 194 -45.36 1.99 -0.63
CA ASP C 194 -45.79 1.84 -2.02
C ASP C 194 -46.52 3.06 -2.55
N GLU C 195 -47.31 3.73 -1.73
CA GLU C 195 -48.18 4.80 -2.17
C GLU C 195 -47.47 6.15 -2.11
N ILE C 196 -47.89 7.06 -2.98
CA ILE C 196 -47.48 8.46 -2.94
C ILE C 196 -48.50 9.21 -2.10
N VAL C 197 -48.03 10.12 -1.26
CA VAL C 197 -48.91 10.83 -0.34
C VAL C 197 -49.18 12.25 -0.86
N ALA C 198 -48.13 13.05 -1.01
CA ALA C 198 -48.30 14.43 -1.40
C ALA C 198 -47.06 14.90 -2.15
N GLU C 199 -47.18 16.06 -2.80
CA GLU C 199 -46.09 16.66 -3.56
C GLU C 199 -46.21 18.16 -3.45
N MET C 200 -45.14 18.81 -3.00
CA MET C 200 -45.05 20.26 -2.97
C MET C 200 -44.06 20.73 -4.02
N SER C 201 -44.44 21.75 -4.79
CA SER C 201 -43.67 22.20 -5.94
C SER C 201 -42.76 23.35 -5.50
N GLU C 202 -41.49 23.04 -5.27
CA GLU C 202 -40.51 24.08 -5.00
C GLU C 202 -40.07 24.69 -6.33
N THR C 203 -39.01 25.51 -6.30
CA THR C 203 -38.71 26.39 -7.41
C THR C 203 -37.35 26.13 -8.06
N GLU C 204 -36.64 25.08 -7.66
CA GLU C 204 -35.35 24.77 -8.26
C GLU C 204 -34.98 23.35 -7.88
N ILE C 205 -33.90 22.85 -8.50
CA ILE C 205 -33.45 21.49 -8.26
C ILE C 205 -33.07 21.35 -6.79
N ILE C 206 -33.79 20.47 -6.07
CA ILE C 206 -33.49 20.26 -4.66
C ILE C 206 -32.07 19.72 -4.54
N THR C 207 -31.43 19.99 -3.40
CA THR C 207 -30.08 19.50 -3.15
C THR C 207 -29.89 18.81 -1.82
N SER C 208 -30.74 19.08 -0.82
CA SER C 208 -30.57 18.44 0.48
C SER C 208 -31.87 18.55 1.27
N LEU C 209 -32.27 17.43 1.89
CA LEU C 209 -33.35 17.40 2.85
C LEU C 209 -32.84 16.83 4.16
N CYS C 210 -33.41 17.30 5.26
CA CYS C 210 -33.03 16.79 6.57
C CYS C 210 -34.21 16.87 7.53
N PRO C 211 -34.70 15.72 8.01
CA PRO C 211 -35.69 15.73 9.08
C PRO C 211 -35.09 15.51 10.45
N MET C 212 -35.56 16.26 11.45
CA MET C 212 -35.37 15.89 12.85
C MET C 212 -36.60 16.15 13.71
N TYR C 213 -37.64 16.78 13.18
CA TYR C 213 -38.87 17.06 13.90
C TYR C 213 -39.88 15.96 13.62
N GLY C 214 -41.12 16.14 14.05
CA GLY C 214 -42.15 15.17 13.79
C GLY C 214 -42.52 15.07 12.32
N SER C 215 -43.10 16.13 11.77
CA SER C 215 -43.46 16.18 10.35
C SER C 215 -42.82 17.38 9.66
N ARG C 216 -41.81 17.98 10.29
CA ARG C 216 -41.11 19.14 9.78
C ARG C 216 -39.79 18.70 9.17
N PHE C 217 -39.48 19.19 7.97
CA PHE C 217 -38.20 18.87 7.35
C PHE C 217 -37.60 20.13 6.74
N GLY C 218 -36.28 20.24 6.85
CA GLY C 218 -35.55 21.37 6.29
C GLY C 218 -34.99 21.02 4.92
N TYR C 219 -35.19 21.93 3.97
CA TYR C 219 -34.81 21.68 2.58
C TYR C 219 -33.90 22.78 2.07
N ALA C 220 -33.14 22.44 1.04
CA ALA C 220 -32.28 23.39 0.35
C ALA C 220 -32.49 23.25 -1.16
N LEU C 221 -32.12 24.30 -1.88
CA LEU C 221 -32.25 24.33 -3.34
C LEU C 221 -30.92 24.70 -3.96
N SER C 222 -30.90 24.97 -5.27
CA SER C 222 -29.72 25.49 -5.91
C SER C 222 -29.82 26.98 -6.21
N ASN C 223 -30.97 27.59 -5.92
CA ASN C 223 -31.02 29.05 -5.87
C ASN C 223 -30.18 29.58 -4.72
N GLY C 224 -30.17 28.86 -3.60
CA GLY C 224 -29.55 29.32 -2.38
C GLY C 224 -30.60 29.34 -1.27
N THR C 225 -31.82 28.94 -1.61
CA THR C 225 -32.94 29.03 -0.68
C THR C 225 -32.86 27.88 0.31
N VAL C 226 -32.74 28.20 1.58
CA VAL C 226 -32.85 27.22 2.66
C VAL C 226 -34.15 27.48 3.39
N GLY C 227 -34.95 26.44 3.59
CA GLY C 227 -36.27 26.62 4.16
C GLY C 227 -36.70 25.44 4.99
N VAL C 228 -37.91 25.55 5.52
CA VAL C 228 -38.48 24.58 6.45
C VAL C 228 -39.93 24.30 6.05
N TYR C 229 -40.33 23.04 6.14
CA TYR C 229 -41.65 22.60 5.75
C TYR C 229 -42.36 21.90 6.91
N ASP C 230 -43.60 22.29 7.15
CA ASP C 230 -44.57 21.48 7.87
C ASP C 230 -45.12 20.47 6.88
N LYS C 231 -46.27 19.86 7.19
CA LYS C 231 -46.88 18.89 6.28
C LYS C 231 -46.87 19.35 4.82
N THR C 232 -47.58 20.43 4.51
CA THR C 232 -47.65 20.91 3.13
C THR C 232 -47.59 22.43 3.09
N ALA C 233 -46.70 23.02 3.87
CA ALA C 233 -46.53 24.48 3.86
C ALA C 233 -45.17 24.81 4.45
N ARG C 234 -44.66 25.99 4.10
CA ARG C 234 -43.34 26.42 4.50
C ARG C 234 -43.44 27.31 5.73
N TYR C 235 -42.82 26.89 6.83
CA TYR C 235 -42.67 27.77 7.99
C TYR C 235 -41.93 29.04 7.62
N TRP C 236 -40.68 28.90 7.18
CA TRP C 236 -39.88 30.05 6.76
C TRP C 236 -39.05 29.66 5.56
N ARG C 237 -38.29 30.63 5.06
CA ARG C 237 -37.43 30.47 3.89
C ARG C 237 -36.50 31.67 3.81
N ILE C 238 -35.23 31.43 3.50
CA ILE C 238 -34.30 32.52 3.27
C ILE C 238 -33.46 32.20 2.04
N LYS C 239 -33.37 33.16 1.13
CA LYS C 239 -32.59 33.02 -0.09
C LYS C 239 -31.38 33.93 0.00
N SER C 240 -30.20 33.37 -0.26
CA SER C 240 -28.97 34.15 -0.21
C SER C 240 -28.05 33.77 -1.36
N LYS C 241 -26.81 34.25 -1.32
CA LYS C 241 -25.78 33.73 -2.21
C LYS C 241 -25.19 32.46 -1.61
N ASN C 242 -24.20 31.90 -2.30
CA ASN C 242 -23.40 30.79 -1.78
C ASN C 242 -24.30 29.61 -1.38
N GLN C 243 -24.98 29.04 -2.38
CA GLN C 243 -26.01 28.05 -2.14
C GLN C 243 -25.53 26.95 -1.19
N ALA C 244 -26.44 26.51 -0.32
CA ALA C 244 -26.08 25.60 0.75
C ALA C 244 -25.60 24.27 0.20
N MET C 245 -24.52 23.75 0.77
CA MET C 245 -24.01 22.45 0.36
C MET C 245 -24.60 21.33 1.20
N SER C 246 -24.66 21.51 2.52
CA SER C 246 -25.14 20.45 3.40
C SER C 246 -25.92 21.05 4.55
N ILE C 247 -27.15 20.58 4.74
CA ILE C 247 -28.00 20.97 5.84
C ILE C 247 -28.23 19.76 6.75
N HIS C 248 -28.32 20.02 8.04
CA HIS C 248 -28.51 18.97 9.02
C HIS C 248 -29.04 19.60 10.30
N ALA C 249 -30.11 19.02 10.83
CA ALA C 249 -30.80 19.58 11.98
C ALA C 249 -30.17 19.07 13.27
N PHE C 250 -29.79 20.00 14.15
CA PHE C 250 -29.18 19.69 15.44
C PHE C 250 -29.79 20.62 16.48
N ASP C 251 -29.38 20.46 17.73
CA ASP C 251 -29.92 21.22 18.91
C ASP C 251 -28.79 22.06 19.48
N LEU C 252 -28.35 23.08 18.77
CA LEU C 252 -27.15 23.79 19.26
C LEU C 252 -27.38 24.45 20.63
N ASN C 253 -28.54 25.06 20.86
CA ASN C 253 -28.79 25.84 22.11
C ASN C 253 -29.21 24.92 23.26
N SER C 254 -29.41 23.63 23.00
CA SER C 254 -29.90 22.68 24.03
C SER C 254 -31.23 23.15 24.64
N ASP C 255 -32.14 23.63 23.80
CA ASP C 255 -33.48 24.08 24.27
C ASP C 255 -34.47 22.96 24.03
N GLY C 256 -34.01 21.83 23.50
CA GLY C 256 -34.88 20.65 23.30
C GLY C 256 -35.52 20.54 21.93
N VAL C 257 -35.42 21.57 21.08
CA VAL C 257 -35.97 21.54 19.69
C VAL C 257 -34.79 21.71 18.75
N CYS C 258 -34.70 20.91 17.69
CA CYS C 258 -33.57 20.93 16.74
C CYS C 258 -33.59 22.20 15.89
N GLU C 259 -32.44 22.62 15.37
CA GLU C 259 -32.34 23.84 14.54
C GLU C 259 -31.69 23.52 13.21
N LEU C 260 -31.92 24.27 12.14
CA LEU C 260 -31.26 23.87 10.88
C LEU C 260 -29.80 24.29 10.83
N ILE C 261 -28.82 23.43 11.18
CA ILE C 261 -27.44 23.72 10.83
C ILE C 261 -27.29 23.69 9.30
N THR C 262 -26.49 24.62 8.79
CA THR C 262 -26.30 24.77 7.35
C THR C 262 -24.85 25.10 7.08
N GLY C 263 -24.31 24.52 6.01
CA GLY C 263 -22.98 24.89 5.57
C GLY C 263 -22.98 25.44 4.16
N TRP C 264 -22.67 26.72 4.01
CA TRP C 264 -22.85 27.39 2.72
C TRP C 264 -21.60 27.26 1.86
N SER C 265 -21.69 27.80 0.63
CA SER C 265 -20.61 27.64 -0.33
C SER C 265 -19.40 28.51 -0.02
N ASN C 266 -19.54 29.50 0.86
CA ASN C 266 -18.43 30.36 1.21
C ASN C 266 -17.67 29.86 2.43
N GLY C 267 -18.35 29.21 3.36
CA GLY C 267 -17.71 28.72 4.56
C GLY C 267 -18.58 28.92 5.79
N LYS C 268 -19.56 29.81 5.67
CA LYS C 268 -20.39 30.16 6.81
C LYS C 268 -21.24 28.97 7.25
N VAL C 269 -21.22 28.68 8.55
CA VAL C 269 -22.09 27.71 9.17
C VAL C 269 -23.04 28.49 10.07
N ASP C 270 -24.29 28.60 9.67
CA ASP C 270 -25.28 29.38 10.43
C ASP C 270 -26.33 28.44 11.00
N ALA C 271 -26.25 28.18 12.29
CA ALA C 271 -27.31 27.46 12.97
C ALA C 271 -28.50 28.38 13.18
N ARG C 272 -29.56 28.13 12.43
CA ARG C 272 -30.78 28.91 12.49
C ARG C 272 -31.80 28.17 13.35
N SER C 273 -33.02 28.69 13.37
CA SER C 273 -34.12 28.10 14.13
C SER C 273 -35.15 27.52 13.19
N ASP C 274 -35.90 26.54 13.68
CA ASP C 274 -37.04 26.06 12.92
C ASP C 274 -38.26 26.91 13.13
N ARG C 275 -38.04 28.11 13.66
CA ARG C 275 -39.08 29.12 13.85
C ARG C 275 -38.62 30.38 13.13
N THR C 276 -39.34 30.75 12.07
CA THR C 276 -39.18 31.99 11.28
C THR C 276 -37.73 32.24 10.85
N GLY C 277 -36.87 31.22 10.93
CA GLY C 277 -35.52 31.30 10.42
C GLY C 277 -34.68 32.45 10.91
N GLU C 278 -34.40 32.49 12.21
CA GLU C 278 -33.58 33.53 12.82
C GLU C 278 -32.23 32.93 13.21
N VAL C 279 -31.15 33.53 12.72
CA VAL C 279 -29.82 32.99 12.95
C VAL C 279 -29.51 33.02 14.44
N ILE C 280 -29.16 31.87 14.98
CA ILE C 280 -28.81 31.74 16.39
C ILE C 280 -27.30 31.64 16.59
N PHE C 281 -26.66 30.72 15.89
CA PHE C 281 -25.21 30.54 15.99
C PHE C 281 -24.58 30.75 14.62
N LYS C 282 -23.33 31.19 14.61
CA LYS C 282 -22.67 31.45 13.34
C LYS C 282 -21.18 31.16 13.46
N ASP C 283 -20.60 30.65 12.38
CA ASP C 283 -19.19 30.33 12.31
C ASP C 283 -18.75 30.48 10.85
N ASN C 284 -17.43 30.47 10.63
CA ASN C 284 -16.89 30.62 9.30
C ASN C 284 -15.67 29.73 9.11
N PHE C 285 -15.36 29.45 7.85
CA PHE C 285 -14.25 28.59 7.49
C PHE C 285 -13.32 29.29 6.51
N SER C 286 -12.37 28.56 5.95
CA SER C 286 -11.51 29.09 4.89
C SER C 286 -11.97 28.69 3.50
N SER C 287 -12.57 27.52 3.35
CA SER C 287 -13.13 27.04 2.10
C SER C 287 -14.63 26.77 2.30
N ALA C 288 -15.24 26.19 1.27
CA ALA C 288 -16.65 25.83 1.37
C ALA C 288 -16.84 24.76 2.44
N ILE C 289 -18.10 24.50 2.78
CA ILE C 289 -18.45 23.50 3.77
C ILE C 289 -18.91 22.25 3.05
N ALA C 290 -18.15 21.16 3.20
CA ALA C 290 -18.57 19.89 2.63
C ALA C 290 -19.77 19.35 3.39
N GLY C 291 -19.58 19.05 4.67
CA GLY C 291 -20.66 18.41 5.40
C GLY C 291 -20.75 18.70 6.88
N VAL C 292 -21.96 18.92 7.36
CA VAL C 292 -22.23 19.04 8.79
C VAL C 292 -22.95 17.78 9.23
N VAL C 293 -22.38 17.08 10.21
CA VAL C 293 -22.90 15.78 10.65
C VAL C 293 -22.73 15.65 12.16
N GLU C 294 -23.67 14.96 12.79
CA GLU C 294 -23.61 14.75 14.23
C GLU C 294 -23.01 13.39 14.52
N GLY C 295 -22.23 13.32 15.60
CA GLY C 295 -21.56 12.11 16.00
C GLY C 295 -20.62 12.36 17.16
N ASP C 296 -20.61 11.46 18.14
CA ASP C 296 -19.91 11.71 19.41
C ASP C 296 -18.47 11.21 19.30
N TYR C 297 -17.59 12.07 18.77
CA TYR C 297 -16.18 11.73 18.70
C TYR C 297 -15.59 11.47 20.08
N ARG C 298 -15.64 12.48 20.94
CA ARG C 298 -14.90 12.50 22.19
C ARG C 298 -15.42 11.50 23.21
N MET C 299 -16.39 10.66 22.84
CA MET C 299 -16.89 9.60 23.72
C MET C 299 -17.40 10.18 25.04
N GLU C 300 -18.33 11.12 24.94
CA GLU C 300 -18.91 11.77 26.10
C GLU C 300 -20.35 11.36 26.34
N GLY C 301 -20.86 10.40 25.57
CA GLY C 301 -22.23 9.96 25.71
C GLY C 301 -23.28 10.92 25.18
N CYS C 302 -22.88 12.06 24.62
CA CYS C 302 -23.79 13.02 24.04
C CYS C 302 -23.32 13.36 22.64
N GLN C 303 -24.27 13.57 21.73
CA GLN C 303 -23.93 13.85 20.34
C GLN C 303 -23.14 15.14 20.22
N GLN C 304 -22.45 15.27 19.10
CA GLN C 304 -21.66 16.45 18.78
C GLN C 304 -22.16 17.05 17.47
N LEU C 305 -21.41 18.03 16.96
CA LEU C 305 -21.67 18.59 15.63
C LEU C 305 -20.32 18.84 14.97
N ILE C 306 -20.00 18.03 13.96
CA ILE C 306 -18.76 18.14 13.22
C ILE C 306 -19.05 18.86 11.91
N CYS C 307 -18.27 19.88 11.62
CA CYS C 307 -18.28 20.58 10.35
C CYS C 307 -17.01 20.23 9.60
N CYS C 308 -17.16 19.76 8.37
CA CYS C 308 -16.05 19.31 7.55
C CYS C 308 -16.02 20.16 6.29
N SER C 309 -14.89 20.79 6.03
CA SER C 309 -14.77 21.68 4.89
C SER C 309 -14.48 20.89 3.62
N VAL C 310 -14.49 21.61 2.49
CA VAL C 310 -14.07 21.01 1.23
C VAL C 310 -12.56 20.80 1.21
N ASP C 311 -11.81 21.75 1.79
CA ASP C 311 -10.36 21.66 1.79
C ASP C 311 -9.82 20.73 2.86
N GLY C 312 -10.68 20.18 3.71
CA GLY C 312 -10.29 19.13 4.62
C GLY C 312 -9.99 19.52 6.04
N GLU C 313 -10.58 20.59 6.56
CA GLU C 313 -10.47 20.92 7.97
C GLU C 313 -11.78 20.58 8.68
N ILE C 314 -11.66 19.90 9.82
CA ILE C 314 -12.79 19.44 10.60
C ILE C 314 -12.80 20.20 11.92
N ARG C 315 -13.99 20.59 12.37
CA ARG C 315 -14.13 21.24 13.66
C ARG C 315 -15.43 20.80 14.32
N GLY C 316 -15.36 20.54 15.62
CA GLY C 316 -16.47 19.95 16.33
C GLY C 316 -16.90 20.72 17.56
N TYR C 317 -18.21 20.96 17.65
CA TYR C 317 -18.85 21.70 18.72
C TYR C 317 -19.77 20.78 19.52
N LEU C 318 -19.85 21.04 20.82
CA LEU C 318 -20.82 20.50 21.76
C LEU C 318 -21.93 21.51 22.00
N PRO C 319 -23.17 21.06 22.26
CA PRO C 319 -24.26 22.02 22.46
C PRO C 319 -24.18 22.72 23.81
N ILE C 338 -28.84 43.44 18.28
CA ILE C 338 -29.32 43.73 19.63
C ILE C 338 -29.87 45.14 19.69
N ARG C 339 -29.62 45.92 18.65
CA ARG C 339 -30.05 47.30 18.58
C ARG C 339 -31.00 47.60 17.42
N GLU C 340 -31.22 46.64 16.52
CA GLU C 340 -31.98 46.88 15.30
C GLU C 340 -33.40 47.37 15.58
N LEU C 341 -33.97 47.02 16.74
CA LEU C 341 -35.34 47.43 17.02
C LEU C 341 -35.44 48.93 17.24
N SER C 342 -34.39 49.55 17.80
CA SER C 342 -34.34 51.01 17.85
C SER C 342 -34.31 51.59 16.44
N GLN C 343 -33.64 50.90 15.52
CA GLN C 343 -33.66 51.34 14.12
C GLN C 343 -35.06 51.25 13.54
N LYS C 344 -35.81 50.20 13.89
CA LYS C 344 -37.20 50.13 13.46
C LYS C 344 -38.02 51.27 14.04
N LYS C 345 -37.77 51.61 15.32
CA LYS C 345 -38.43 52.76 15.91
C LYS C 345 -38.13 54.03 15.12
N GLN C 346 -36.87 54.20 14.72
CA GLN C 346 -36.50 55.38 13.94
C GLN C 346 -37.17 55.38 12.57
N ASN C 347 -37.30 54.20 11.95
CA ASN C 347 -38.02 54.12 10.69
C ASN C 347 -39.49 54.51 10.86
N LEU C 348 -40.10 54.07 11.96
CA LEU C 348 -41.48 54.46 12.24
C LEU C 348 -41.59 55.97 12.43
N LEU C 349 -40.63 56.56 13.14
CA LEU C 349 -40.65 58.02 13.33
C LEU C 349 -40.44 58.73 12.00
N LEU C 350 -39.63 58.15 11.11
CA LEU C 350 -39.44 58.74 9.79
C LEU C 350 -40.72 58.69 8.98
N GLU C 351 -41.44 57.57 9.05
CA GLU C 351 -42.75 57.47 8.41
C GLU C 351 -43.69 58.56 8.94
N LEU C 352 -43.70 58.74 10.26
CA LEU C 352 -44.52 59.79 10.85
C LEU C 352 -44.11 61.17 10.35
N ARG C 353 -42.80 61.39 10.18
CA ARG C 353 -42.32 62.64 9.59
C ARG C 353 -42.87 62.82 8.19
N ASN C 354 -42.89 61.75 7.40
CA ASN C 354 -43.42 61.84 6.05
C ASN C 354 -44.89 62.21 6.07
N TYR C 355 -45.67 61.54 6.91
CA TYR C 355 -47.10 61.82 6.97
C TYR C 355 -47.39 63.21 7.52
N GLU C 356 -46.53 63.74 8.39
CA GLU C 356 -46.74 65.10 8.89
C GLU C 356 -46.33 66.13 7.84
N GLU C 357 -45.29 65.83 7.05
CA GLU C 357 -44.96 66.70 5.93
C GLU C 357 -46.12 66.75 4.93
N ASN C 358 -46.75 65.60 4.66
CA ASN C 358 -47.92 65.59 3.80
C ASN C 358 -49.05 66.42 4.40
N ALA C 359 -49.40 66.16 5.65
CA ALA C 359 -50.46 66.89 6.31
C ALA C 359 -50.06 67.26 7.74
N GLY C 375 -41.20 65.51 -7.91
CA GLY C 375 -41.57 64.12 -8.06
C GLY C 375 -42.83 63.74 -7.30
N VAL C 376 -43.85 64.59 -7.41
CA VAL C 376 -45.12 64.36 -6.73
C VAL C 376 -46.13 63.82 -7.73
N ILE C 377 -47.09 63.06 -7.23
CA ILE C 377 -48.04 62.35 -8.08
C ILE C 377 -49.44 62.49 -7.47
N PRO C 378 -50.48 62.65 -8.28
CA PRO C 378 -51.85 62.59 -7.74
C PRO C 378 -52.05 61.34 -6.91
N ALA C 379 -52.58 61.53 -5.69
CA ALA C 379 -52.64 60.45 -4.72
C ALA C 379 -53.60 59.34 -5.12
N ASN C 380 -54.50 59.59 -6.08
CA ASN C 380 -55.51 58.61 -6.46
C ASN C 380 -55.08 57.75 -7.64
N THR C 381 -53.76 57.62 -7.80
CA THR C 381 -53.14 56.84 -8.90
C THR C 381 -53.26 55.37 -8.59
N LYS C 382 -53.98 54.62 -9.44
CA LYS C 382 -54.20 53.18 -9.20
C LYS C 382 -53.53 52.40 -10.33
N HIS C 383 -52.71 51.40 -9.98
CA HIS C 383 -52.12 50.54 -11.06
C HIS C 383 -53.08 49.38 -11.32
N HIS C 384 -53.57 49.26 -12.56
CA HIS C 384 -54.51 48.17 -12.91
C HIS C 384 -53.87 47.25 -13.95
N THR C 385 -53.84 45.94 -13.68
CA THR C 385 -53.16 44.98 -14.58
C THR C 385 -54.16 44.33 -15.54
N ALA C 386 -53.64 43.55 -16.50
CA ALA C 386 -54.46 42.67 -17.33
C ALA C 386 -53.57 41.65 -18.00
N LEU C 387 -53.97 40.38 -17.90
CA LEU C 387 -53.25 39.30 -18.57
C LEU C 387 -53.93 38.96 -19.89
N SER C 388 -53.09 38.56 -20.85
CA SER C 388 -53.57 38.09 -22.15
C SER C 388 -52.48 37.22 -22.74
N VAL C 389 -52.71 36.72 -23.95
CA VAL C 389 -51.76 35.85 -24.62
C VAL C 389 -51.71 36.21 -26.10
N SER C 390 -50.50 36.31 -26.64
CA SER C 390 -50.30 36.70 -28.02
C SER C 390 -49.58 35.61 -28.79
N LEU C 391 -50.04 35.37 -30.01
CA LEU C 391 -49.49 34.31 -30.86
C LEU C 391 -48.39 34.82 -31.78
N GLY C 392 -48.72 35.79 -32.64
CA GLY C 392 -47.78 36.31 -33.61
C GLY C 392 -46.90 37.43 -33.08
N ALA C 398 -46.52 34.96 -29.28
CA ALA C 398 -46.03 33.72 -28.71
C ALA C 398 -45.56 33.91 -27.28
N HIS C 399 -46.37 34.62 -26.49
CA HIS C 399 -46.00 34.91 -25.11
C HIS C 399 -47.23 35.34 -24.33
N ALA C 400 -47.21 35.12 -23.02
CA ALA C 400 -48.26 35.58 -22.13
C ALA C 400 -47.96 37.03 -21.76
N GLU C 401 -48.74 37.96 -22.28
CA GLU C 401 -48.49 39.37 -22.05
C GLU C 401 -49.22 39.85 -20.80
N LEU C 402 -48.56 40.71 -20.05
CA LEU C 402 -49.14 41.31 -18.85
C LEU C 402 -49.01 42.82 -18.98
N CYS C 403 -50.13 43.50 -19.14
CA CYS C 403 -50.13 44.95 -19.36
C CYS C 403 -50.51 45.66 -18.07
N ILE C 404 -49.73 46.69 -17.74
CA ILE C 404 -49.93 47.49 -16.53
C ILE C 404 -50.15 48.92 -16.95
N SER C 405 -51.13 49.59 -16.35
CA SER C 405 -51.46 50.98 -16.75
C SER C 405 -51.82 51.86 -15.54
N THR C 406 -52.04 53.15 -15.76
CA THR C 406 -52.40 54.09 -14.66
C THR C 406 -53.38 55.14 -15.19
N SER C 407 -54.59 55.18 -14.64
CA SER C 407 -55.66 56.04 -15.16
C SER C 407 -55.37 57.52 -14.90
N ASN C 408 -54.17 57.95 -15.26
CA ASN C 408 -53.74 59.33 -15.05
C ASN C 408 -52.85 59.73 -16.23
N ASP C 409 -52.18 60.86 -16.08
CA ASP C 409 -51.14 61.28 -17.01
C ASP C 409 -49.76 60.81 -16.57
N THR C 410 -49.67 60.10 -15.44
CA THR C 410 -48.40 59.61 -14.94
C THR C 410 -47.85 58.53 -15.87
N ILE C 411 -46.57 58.20 -15.66
CA ILE C 411 -45.85 57.29 -16.55
C ILE C 411 -45.28 56.15 -15.71
N ILE C 412 -44.98 55.04 -16.39
CA ILE C 412 -44.37 53.85 -15.73
C ILE C 412 -42.91 53.77 -16.17
N ARG C 413 -42.01 54.29 -15.34
CA ARG C 413 -40.60 54.41 -15.70
C ARG C 413 -39.90 53.06 -15.77
N ALA C 414 -40.28 52.11 -14.92
CA ALA C 414 -39.65 50.80 -14.91
C ALA C 414 -40.55 49.83 -14.15
N VAL C 415 -40.48 48.55 -14.52
CA VAL C 415 -41.21 47.50 -13.84
C VAL C 415 -40.26 46.37 -13.48
N LEU C 416 -40.32 45.92 -12.25
CA LEU C 416 -39.37 44.86 -11.85
C LEU C 416 -40.11 43.61 -11.37
N ILE C 417 -40.66 42.79 -12.27
CA ILE C 417 -41.42 41.55 -11.91
C ILE C 417 -40.51 40.61 -11.14
N PHE C 418 -41.01 39.98 -10.09
CA PHE C 418 -40.22 39.02 -9.32
C PHE C 418 -40.99 37.71 -9.19
N ALA C 419 -40.51 36.63 -9.80
CA ALA C 419 -41.05 35.29 -9.87
C ALA C 419 -39.93 34.29 -9.69
N GLU C 420 -40.24 33.16 -9.06
CA GLU C 420 -39.19 32.25 -8.64
C GLU C 420 -38.62 31.45 -9.81
N GLY C 421 -39.46 30.65 -10.47
CA GLY C 421 -39.00 29.74 -11.49
C GLY C 421 -39.31 30.11 -12.92
N VAL C 422 -39.97 31.22 -13.16
CA VAL C 422 -40.38 31.51 -14.55
C VAL C 422 -39.18 32.14 -15.20
N PHE C 423 -38.85 33.36 -14.79
CA PHE C 423 -37.73 34.10 -15.41
C PHE C 423 -36.38 33.50 -15.04
N ALA C 424 -35.38 33.65 -15.91
CA ALA C 424 -34.01 33.24 -15.56
C ALA C 424 -33.57 34.25 -14.52
N GLY C 425 -32.95 33.82 -13.41
CA GLY C 425 -32.70 34.76 -12.31
C GLY C 425 -33.98 34.90 -11.50
N GLU C 426 -34.12 35.91 -10.67
CA GLU C 426 -35.41 36.03 -9.98
C GLU C 426 -36.21 37.18 -10.55
N SER C 427 -35.59 38.02 -11.40
CA SER C 427 -36.29 39.26 -11.84
C SER C 427 -36.45 39.26 -13.36
N HIS C 428 -37.19 40.23 -13.89
CA HIS C 428 -37.11 40.50 -15.35
C HIS C 428 -37.37 41.96 -15.54
N VAL C 429 -36.42 42.79 -15.20
CA VAL C 429 -36.75 44.22 -15.25
C VAL C 429 -37.05 44.70 -16.65
N VAL C 430 -38.22 45.24 -16.85
CA VAL C 430 -38.49 45.88 -18.16
C VAL C 430 -37.97 47.28 -17.91
N HIS C 431 -37.98 48.21 -18.87
CA HIS C 431 -37.37 49.54 -18.57
C HIS C 431 -37.25 50.32 -19.85
N PRO C 432 -38.35 50.91 -20.36
CA PRO C 432 -38.43 51.62 -21.63
C PRO C 432 -37.43 52.77 -21.70
N SER C 433 -37.03 53.10 -22.93
CA SER C 433 -36.16 54.24 -23.15
C SER C 433 -36.96 55.53 -23.03
N VAL C 434 -36.24 56.62 -22.74
CA VAL C 434 -36.89 57.89 -22.42
C VAL C 434 -37.80 58.36 -23.55
N HIS C 435 -37.51 57.95 -24.79
CA HIS C 435 -38.37 58.31 -25.90
C HIS C 435 -39.57 57.38 -26.05
N HIS C 436 -39.61 56.29 -25.29
CA HIS C 436 -40.65 55.28 -25.44
C HIS C 436 -41.64 55.26 -24.29
N LEU C 437 -41.45 56.10 -23.27
CA LEU C 437 -42.29 56.07 -22.09
C LEU C 437 -43.75 56.40 -22.44
N SER C 438 -44.67 55.72 -21.77
CA SER C 438 -46.10 55.96 -21.94
C SER C 438 -46.82 55.42 -20.71
N SER C 439 -48.15 55.51 -20.71
CA SER C 439 -48.93 55.08 -19.56
C SER C 439 -48.87 53.57 -19.38
N SER C 440 -49.34 52.82 -20.38
CA SER C 440 -49.46 51.37 -20.29
C SER C 440 -48.22 50.70 -20.87
N VAL C 441 -47.66 49.75 -20.12
CA VAL C 441 -46.49 49.00 -20.55
C VAL C 441 -46.82 47.51 -20.46
N ARG C 442 -46.36 46.75 -21.45
CA ARG C 442 -46.62 45.32 -21.53
C ARG C 442 -45.33 44.55 -21.28
N ILE C 443 -45.42 43.48 -20.50
CA ILE C 443 -44.30 42.59 -20.24
C ILE C 443 -44.62 41.23 -20.84
N PRO C 444 -43.77 40.67 -21.69
CA PRO C 444 -44.00 39.31 -22.17
C PRO C 444 -43.41 38.27 -21.23
N ILE C 445 -44.15 37.20 -20.97
CA ILE C 445 -43.73 36.15 -20.06
C ILE C 445 -43.78 34.82 -20.80
N THR C 446 -42.78 33.97 -20.54
CA THR C 446 -42.70 32.63 -21.14
C THR C 446 -42.24 31.65 -20.09
N PRO C 447 -43.14 31.15 -19.24
CA PRO C 447 -42.75 30.15 -18.26
C PRO C 447 -42.22 28.91 -18.94
N PRO C 448 -41.35 28.16 -18.28
CA PRO C 448 -40.78 26.96 -18.90
C PRO C 448 -41.67 25.74 -18.71
N LYS C 449 -42.55 25.77 -17.72
CA LYS C 449 -43.42 24.65 -17.41
C LYS C 449 -44.73 25.17 -16.84
N ASP C 450 -45.72 24.26 -16.76
CA ASP C 450 -47.07 24.62 -16.33
C ASP C 450 -47.20 24.40 -14.83
N ILE C 451 -46.74 25.38 -14.06
CA ILE C 451 -46.94 25.43 -12.62
C ILE C 451 -47.43 26.82 -12.27
N PRO C 452 -48.50 26.96 -11.48
CA PRO C 452 -49.03 28.30 -11.20
C PRO C 452 -48.04 29.13 -10.42
N VAL C 453 -47.67 30.28 -10.98
CA VAL C 453 -46.66 31.14 -10.37
C VAL C 453 -47.32 32.44 -9.95
N ASP C 454 -46.67 33.14 -9.03
CA ASP C 454 -47.20 34.37 -8.45
C ASP C 454 -46.17 35.49 -8.63
N LEU C 455 -46.34 36.29 -9.67
CA LEU C 455 -45.48 37.44 -9.87
C LEU C 455 -45.75 38.51 -8.83
N HIS C 456 -44.69 39.06 -8.28
CA HIS C 456 -44.75 40.21 -7.37
C HIS C 456 -44.24 41.42 -8.14
N LEU C 457 -45.15 42.07 -8.85
CA LEU C 457 -44.77 43.22 -9.66
C LEU C 457 -44.48 44.43 -8.77
N LYS C 458 -43.49 45.22 -9.18
CA LYS C 458 -43.14 46.46 -8.50
C LYS C 458 -43.01 47.52 -9.59
N THR C 459 -44.13 48.16 -9.92
CA THR C 459 -44.16 49.15 -11.02
C THR C 459 -43.66 50.51 -10.50
N PHE C 460 -42.55 50.98 -11.06
CA PHE C 460 -42.01 52.30 -10.73
C PHE C 460 -42.85 53.34 -11.45
N VAL C 461 -43.62 54.09 -10.67
CA VAL C 461 -44.59 55.08 -11.21
C VAL C 461 -44.01 56.48 -10.98
N GLY C 462 -44.03 57.31 -12.02
CA GLY C 462 -43.55 58.67 -11.86
C GLY C 462 -43.72 59.44 -13.15
N TYR C 463 -43.31 60.71 -13.11
CA TYR C 463 -43.45 61.58 -14.26
C TYR C 463 -42.27 61.36 -15.22
N ARG C 464 -42.18 62.19 -16.25
CA ARG C 464 -41.15 62.01 -17.27
C ARG C 464 -39.77 62.38 -16.75
N SER C 465 -39.58 63.64 -16.40
CA SER C 465 -38.29 64.15 -15.94
C SER C 465 -38.34 64.23 -14.42
N SER C 466 -38.11 63.10 -13.77
CA SER C 466 -38.15 63.02 -12.32
C SER C 466 -36.89 62.32 -11.81
N THR C 467 -36.48 62.69 -10.60
CA THR C 467 -35.36 62.05 -9.93
C THR C 467 -35.80 61.21 -8.74
N GLN C 468 -37.10 61.12 -8.48
CA GLN C 468 -37.61 60.33 -7.36
C GLN C 468 -39.10 60.11 -7.59
N PHE C 469 -39.54 58.86 -7.51
CA PHE C 469 -40.93 58.53 -7.82
C PHE C 469 -41.30 57.20 -7.17
N HIS C 470 -42.61 56.95 -7.12
CA HIS C 470 -43.17 55.90 -6.27
C HIS C 470 -42.91 54.51 -6.84
N VAL C 471 -43.09 53.51 -5.99
CA VAL C 471 -42.96 52.11 -6.36
C VAL C 471 -44.22 51.40 -5.87
N PHE C 472 -45.16 51.14 -6.78
CA PHE C 472 -46.46 50.49 -6.46
C PHE C 472 -46.29 48.97 -6.54
N GLU C 473 -46.59 48.26 -5.45
CA GLU C 473 -46.44 46.81 -5.40
C GLU C 473 -47.77 46.14 -5.71
N LEU C 474 -47.72 45.00 -6.41
CA LEU C 474 -48.95 44.33 -6.93
C LEU C 474 -48.64 42.86 -7.20
N THR C 475 -49.53 41.95 -6.76
CA THR C 475 -49.36 40.51 -6.87
C THR C 475 -50.33 39.97 -7.90
N ARG C 476 -49.80 39.26 -8.90
CA ARG C 476 -50.65 38.69 -9.94
C ARG C 476 -50.19 37.26 -10.21
N GLN C 477 -51.12 36.33 -10.20
CA GLN C 477 -50.80 34.91 -10.34
C GLN C 477 -51.07 34.44 -11.76
N LEU C 478 -50.02 34.01 -12.44
CA LEU C 478 -50.18 33.27 -13.67
C LEU C 478 -50.68 31.87 -13.34
N PRO C 479 -51.81 31.43 -13.90
CA PRO C 479 -52.34 30.11 -13.57
C PRO C 479 -51.41 29.00 -14.03
N ARG C 480 -51.79 27.76 -13.68
CA ARG C 480 -50.97 26.61 -14.02
C ARG C 480 -50.75 26.52 -15.53
N PHE C 481 -51.83 26.46 -16.30
CA PHE C 481 -51.74 26.40 -17.75
C PHE C 481 -51.90 27.81 -18.35
N SER C 482 -50.94 28.67 -18.00
CA SER C 482 -50.96 30.04 -18.49
C SER C 482 -50.83 30.09 -20.01
N MET C 483 -50.12 29.14 -20.59
CA MET C 483 -49.99 29.02 -22.04
C MET C 483 -51.23 28.37 -22.63
N TYR C 484 -51.15 27.91 -23.87
CA TYR C 484 -52.25 27.25 -24.57
C TYR C 484 -53.43 28.21 -24.74
N ALA C 485 -53.19 29.25 -25.53
CA ALA C 485 -54.25 30.18 -25.91
C ALA C 485 -55.38 29.43 -26.60
N LEU C 486 -56.59 29.91 -26.38
CA LEU C 486 -57.76 29.34 -27.03
C LEU C 486 -57.82 29.76 -28.49
N THR C 487 -58.24 28.84 -29.35
CA THR C 487 -58.34 29.09 -30.77
C THR C 487 -59.60 28.41 -31.29
N SER C 488 -59.71 28.32 -32.61
CA SER C 488 -60.82 27.61 -33.25
C SER C 488 -60.38 26.22 -33.65
N PRO C 489 -61.13 25.18 -33.29
CA PRO C 489 -60.68 23.82 -33.60
C PRO C 489 -60.72 23.55 -35.09
N ASP C 490 -59.63 22.98 -35.60
CA ASP C 490 -59.54 22.55 -36.98
C ASP C 490 -59.47 21.03 -37.03
N PRO C 491 -60.58 20.34 -37.29
CA PRO C 491 -60.58 18.87 -37.22
C PRO C 491 -59.61 18.21 -38.19
N ALA C 492 -59.18 18.91 -39.23
CA ALA C 492 -58.16 18.35 -40.10
C ALA C 492 -56.83 18.18 -39.38
N SER C 493 -56.52 19.08 -38.45
CA SER C 493 -55.31 19.02 -37.65
C SER C 493 -55.54 18.39 -36.28
N GLU C 494 -56.62 17.65 -36.12
CA GLU C 494 -56.92 17.02 -34.84
C GLU C 494 -55.84 15.98 -34.51
N PRO C 495 -55.29 15.99 -33.31
CA PRO C 495 -54.31 14.95 -32.94
C PRO C 495 -55.01 13.63 -32.66
N LEU C 496 -54.28 12.55 -32.92
CA LEU C 496 -54.84 11.22 -32.77
C LEU C 496 -54.66 10.65 -31.37
N SER C 497 -53.59 11.05 -30.66
CA SER C 497 -53.35 10.54 -29.32
C SER C 497 -54.36 11.11 -28.34
N TYR C 498 -55.06 10.24 -27.63
CA TYR C 498 -56.05 10.72 -26.67
C TYR C 498 -56.10 9.83 -25.45
N VAL C 499 -56.43 10.45 -24.32
CA VAL C 499 -56.70 9.76 -23.07
C VAL C 499 -58.15 10.05 -22.67
N ASN C 500 -58.85 9.02 -22.20
CA ASN C 500 -60.26 9.13 -21.88
C ASN C 500 -60.52 8.61 -20.47
N PHE C 501 -61.45 9.26 -19.78
CA PHE C 501 -61.87 8.83 -18.46
C PHE C 501 -63.18 9.54 -18.13
N ILE C 502 -63.79 9.13 -17.02
CA ILE C 502 -65.09 9.64 -16.60
C ILE C 502 -64.89 10.55 -15.40
N ILE C 503 -65.80 11.51 -15.27
CA ILE C 503 -65.76 12.47 -14.17
C ILE C 503 -67.05 12.30 -13.37
N ALA C 504 -67.12 12.97 -12.22
CA ALA C 504 -68.24 12.72 -11.32
C ALA C 504 -69.54 13.29 -11.86
N GLU C 505 -69.65 14.62 -11.95
CA GLU C 505 -70.86 15.31 -12.36
C GLU C 505 -70.50 16.78 -12.58
N ARG C 506 -71.53 17.61 -12.75
CA ARG C 506 -71.44 19.07 -12.69
C ARG C 506 -70.49 19.61 -13.78
N ALA C 507 -70.95 19.47 -15.02
CA ALA C 507 -70.28 20.12 -16.15
C ALA C 507 -69.99 21.59 -15.87
N GLN C 508 -70.86 22.25 -15.09
CA GLN C 508 -70.58 23.62 -14.65
C GLN C 508 -69.27 23.67 -13.86
N ARG C 509 -69.04 22.68 -13.00
CA ARG C 509 -67.80 22.65 -12.24
C ARG C 509 -66.60 22.39 -13.17
N VAL C 510 -66.82 21.67 -14.27
CA VAL C 510 -65.75 21.53 -15.26
C VAL C 510 -65.47 22.88 -15.91
N VAL C 511 -66.51 23.65 -16.20
CA VAL C 511 -66.31 25.01 -16.71
C VAL C 511 -65.51 25.82 -15.70
N MET C 512 -65.79 25.63 -14.42
CA MET C 512 -65.06 26.35 -13.37
C MET C 512 -63.58 25.97 -13.38
N TRP C 513 -63.29 24.67 -13.43
CA TRP C 513 -61.90 24.22 -13.50
C TRP C 513 -61.19 24.81 -14.71
N LEU C 514 -61.85 24.78 -15.88
CA LEU C 514 -61.23 25.28 -17.10
C LEU C 514 -61.03 26.78 -17.04
N ASN C 515 -61.93 27.50 -16.35
CA ASN C 515 -61.81 28.95 -16.28
C ASN C 515 -60.82 29.40 -15.21
N GLN C 516 -60.51 28.55 -14.23
CA GLN C 516 -59.59 28.92 -13.17
C GLN C 516 -58.18 28.36 -13.36
N ASN C 517 -57.94 27.60 -14.43
CA ASN C 517 -56.61 27.08 -14.72
C ASN C 517 -56.17 27.40 -16.14
N PHE C 518 -56.86 28.30 -16.81
CA PHE C 518 -56.54 28.66 -18.18
C PHE C 518 -56.88 30.14 -18.39
N LEU C 519 -56.15 30.78 -19.29
CA LEU C 519 -56.37 32.20 -19.58
C LEU C 519 -57.29 32.32 -20.79
N LEU C 520 -58.53 31.89 -20.59
CA LEU C 520 -59.53 31.97 -21.65
C LEU C 520 -59.98 33.41 -21.84
N PRO C 521 -60.19 33.85 -23.08
CA PRO C 521 -60.71 35.21 -23.30
C PRO C 521 -62.09 35.38 -22.68
N GLU C 522 -62.57 36.63 -22.70
CA GLU C 522 -63.84 36.95 -22.06
C GLU C 522 -65.02 36.37 -22.84
N ASP C 523 -64.93 36.37 -24.17
CA ASP C 523 -66.07 36.03 -25.01
C ASP C 523 -66.44 34.55 -24.97
N THR C 524 -65.73 33.71 -24.22
CA THR C 524 -66.05 32.30 -24.18
C THR C 524 -67.30 32.07 -23.35
N ASN C 525 -68.23 31.28 -23.91
CA ASN C 525 -69.48 30.94 -23.22
C ASN C 525 -69.81 29.49 -23.52
N ILE C 526 -69.57 28.61 -22.54
CA ILE C 526 -69.73 27.17 -22.71
C ILE C 526 -70.23 26.58 -21.41
N GLN C 527 -71.36 25.85 -21.46
CA GLN C 527 -71.96 25.36 -20.22
C GLN C 527 -72.02 23.84 -20.10
N ASN C 528 -72.75 23.13 -20.97
CA ASN C 528 -72.89 21.71 -20.72
C ASN C 528 -72.55 20.75 -21.87
N ALA C 529 -73.28 20.83 -22.98
CA ALA C 529 -73.33 19.65 -23.85
C ALA C 529 -72.15 19.47 -24.79
N PRO C 530 -71.89 20.39 -25.75
CA PRO C 530 -70.82 20.11 -26.72
C PRO C 530 -69.45 20.17 -26.08
N PHE C 531 -69.15 21.34 -25.50
CA PHE C 531 -67.96 21.58 -24.69
C PHE C 531 -66.69 21.00 -25.32
N GLN C 532 -66.34 21.54 -26.48
CA GLN C 532 -65.07 21.22 -27.13
C GLN C 532 -64.24 22.49 -27.20
N VAL C 533 -63.16 22.54 -26.44
CA VAL C 533 -62.23 23.66 -26.43
C VAL C 533 -60.89 23.19 -27.00
N CYS C 534 -60.34 23.98 -27.92
CA CYS C 534 -59.10 23.65 -28.62
C CYS C 534 -58.07 24.73 -28.35
N PHE C 535 -57.07 24.38 -27.57
CA PHE C 535 -55.93 25.25 -27.30
C PHE C 535 -54.77 24.87 -28.19
N THR C 536 -53.94 25.85 -28.54
CA THR C 536 -52.69 25.62 -29.25
C THR C 536 -51.55 25.94 -28.31
N SER C 537 -50.68 24.95 -28.10
CA SER C 537 -49.53 25.15 -27.22
C SER C 537 -48.65 26.27 -27.76
N LEU C 538 -47.90 26.90 -26.85
CA LEU C 538 -47.02 28.00 -27.22
C LEU C 538 -45.55 27.64 -27.14
N ARG C 539 -45.17 26.69 -26.29
CA ARG C 539 -43.83 26.14 -26.36
C ARG C 539 -43.66 25.21 -27.56
N ASN C 540 -44.75 24.86 -28.24
CA ASN C 540 -44.73 24.04 -29.44
C ASN C 540 -45.79 24.58 -30.39
N GLY C 541 -46.11 23.79 -31.40
CA GLY C 541 -47.27 24.02 -32.23
C GLY C 541 -48.42 23.07 -31.96
N GLY C 542 -48.29 22.20 -30.96
CA GLY C 542 -49.26 21.17 -30.69
C GLY C 542 -50.64 21.68 -30.31
N GLN C 543 -51.57 20.75 -30.10
CA GLN C 543 -52.95 21.08 -29.79
C GLN C 543 -53.35 20.51 -28.44
N LEU C 544 -54.55 20.90 -28.00
CA LEU C 544 -55.09 20.49 -26.72
C LEU C 544 -56.62 20.52 -26.87
N TYR C 545 -57.22 19.35 -27.05
CA TYR C 545 -58.66 19.24 -27.27
C TYR C 545 -59.29 18.70 -25.99
N ILE C 546 -60.05 19.53 -25.31
CA ILE C 546 -60.86 19.09 -24.17
C ILE C 546 -62.29 19.00 -24.67
N LYS C 547 -62.81 17.78 -24.79
CA LYS C 547 -64.19 17.56 -25.18
C LYS C 547 -64.94 16.87 -24.05
N ILE C 548 -66.20 17.27 -23.87
CA ILE C 548 -67.05 16.75 -22.80
C ILE C 548 -68.35 16.25 -23.42
N LYS C 549 -68.77 15.06 -23.04
CA LYS C 549 -70.02 14.48 -23.48
C LYS C 549 -71.00 14.43 -22.31
N LEU C 550 -72.24 14.04 -22.62
CA LEU C 550 -73.31 14.10 -21.62
C LEU C 550 -73.07 13.11 -20.49
N SER C 551 -72.54 11.92 -20.80
CA SER C 551 -72.33 10.90 -19.78
C SER C 551 -71.28 11.32 -18.75
N GLY C 552 -70.53 12.38 -19.01
CA GLY C 552 -69.50 12.83 -18.09
C GLY C 552 -68.15 12.24 -18.41
N GLU C 553 -67.86 12.05 -19.69
CA GLU C 553 -66.60 11.49 -20.16
C GLU C 553 -65.75 12.60 -20.75
N ILE C 554 -64.50 12.69 -20.31
CA ILE C 554 -63.59 13.74 -20.71
C ILE C 554 -62.61 13.17 -21.72
N THR C 555 -62.61 13.73 -22.94
CA THR C 555 -61.64 13.33 -23.96
C THR C 555 -60.58 14.42 -24.07
N VAL C 556 -59.34 14.05 -23.76
CA VAL C 556 -58.18 14.91 -23.92
C VAL C 556 -57.39 14.37 -25.10
N ASN C 557 -57.17 15.20 -26.11
CA ASN C 557 -56.56 14.77 -27.37
C ASN C 557 -55.17 15.34 -27.55
N THR C 558 -54.37 15.33 -26.48
CA THR C 558 -53.02 15.86 -26.54
C THR C 558 -52.05 14.77 -26.97
N ASP C 559 -51.29 15.04 -28.04
CA ASP C 559 -50.21 14.13 -28.40
C ASP C 559 -49.10 14.12 -27.36
N ASP C 560 -49.01 15.17 -26.55
CA ASP C 560 -48.06 15.19 -25.44
C ASP C 560 -48.64 14.41 -24.26
N ILE C 561 -47.79 13.64 -23.59
CA ILE C 561 -48.25 12.80 -22.50
C ILE C 561 -48.07 13.48 -21.14
N ASP C 562 -47.00 14.26 -20.96
CA ASP C 562 -46.84 15.01 -19.72
C ASP C 562 -47.96 16.02 -19.54
N LEU C 563 -48.41 16.62 -20.63
CA LEU C 563 -49.51 17.59 -20.55
C LEU C 563 -50.80 16.93 -20.13
N ALA C 564 -51.12 15.76 -20.70
CA ALA C 564 -52.32 15.05 -20.30
C ALA C 564 -52.23 14.57 -18.86
N GLY C 565 -51.04 14.15 -18.43
CA GLY C 565 -50.85 13.80 -17.03
C GLY C 565 -51.12 14.98 -16.11
N ASP C 566 -50.58 16.15 -16.46
CA ASP C 566 -50.82 17.34 -15.66
C ASP C 566 -52.31 17.66 -15.61
N ILE C 567 -53.00 17.60 -16.75
CA ILE C 567 -54.42 17.92 -16.78
C ILE C 567 -55.20 16.96 -15.91
N ILE C 568 -54.91 15.66 -16.01
CA ILE C 568 -55.67 14.67 -15.25
C ILE C 568 -55.42 14.84 -13.76
N GLN C 569 -54.16 15.02 -13.36
CA GLN C 569 -53.88 15.17 -11.93
C GLN C 569 -54.47 16.46 -11.37
N SER C 570 -54.42 17.55 -12.14
CA SER C 570 -55.01 18.80 -11.67
C SER C 570 -56.53 18.69 -11.56
N MET C 571 -57.18 18.07 -12.54
CA MET C 571 -58.64 17.93 -12.49
C MET C 571 -59.06 16.98 -11.39
N ALA C 572 -58.22 16.01 -11.05
CA ALA C 572 -58.52 15.12 -9.92
C ALA C 572 -58.40 15.86 -8.60
N SER C 573 -57.29 16.58 -8.41
CA SER C 573 -57.14 17.38 -7.19
C SER C 573 -58.17 18.49 -7.11
N PHE C 574 -58.78 18.87 -8.23
CA PHE C 574 -59.79 19.93 -8.23
C PHE C 574 -61.16 19.40 -7.85
N PHE C 575 -61.55 18.26 -8.41
CA PHE C 575 -62.85 17.66 -8.13
C PHE C 575 -62.83 16.75 -6.91
N ALA C 576 -61.77 16.78 -6.12
CA ALA C 576 -61.64 15.97 -4.91
C ALA C 576 -61.86 14.49 -5.21
N ILE C 577 -60.98 13.95 -6.05
CA ILE C 577 -61.06 12.57 -6.49
C ILE C 577 -59.86 11.81 -5.94
N GLU C 578 -60.11 10.61 -5.43
CA GLU C 578 -59.04 9.79 -4.85
C GLU C 578 -58.44 8.83 -5.87
N ASP C 579 -59.28 8.06 -6.55
CA ASP C 579 -58.81 7.04 -7.48
C ASP C 579 -59.47 7.24 -8.83
N LEU C 580 -58.80 6.77 -9.88
CA LEU C 580 -59.29 6.93 -11.24
C LEU C 580 -58.45 6.06 -12.17
N GLN C 581 -59.11 5.53 -13.21
CA GLN C 581 -58.45 4.73 -14.24
C GLN C 581 -58.78 5.34 -15.60
N VAL C 582 -57.82 5.29 -16.51
CA VAL C 582 -57.94 5.99 -17.78
C VAL C 582 -57.91 5.02 -18.94
N GLU C 583 -58.12 5.54 -20.16
CA GLU C 583 -57.97 4.80 -21.40
C GLU C 583 -57.18 5.70 -22.35
N ALA C 584 -55.88 5.46 -22.45
CA ALA C 584 -54.97 6.37 -23.15
C ALA C 584 -54.32 5.68 -24.33
N ASP C 585 -54.17 6.42 -25.43
CA ASP C 585 -53.48 5.96 -26.62
C ASP C 585 -52.47 7.02 -27.04
N PHE C 586 -51.21 6.62 -27.16
CA PHE C 586 -50.13 7.49 -27.63
C PHE C 586 -49.29 6.73 -28.65
N PRO C 587 -49.83 6.53 -29.87
CA PRO C 587 -49.14 5.69 -30.85
C PRO C 587 -47.71 6.13 -31.15
N VAL C 588 -47.55 7.38 -31.58
CA VAL C 588 -46.25 7.88 -32.01
C VAL C 588 -45.25 7.90 -30.87
N TYR C 589 -45.72 7.95 -29.62
CA TYR C 589 -44.84 7.91 -28.46
C TYR C 589 -44.55 6.48 -28.02
N PHE C 590 -45.57 5.62 -28.05
CA PHE C 590 -45.38 4.23 -27.66
C PHE C 590 -44.42 3.52 -28.61
N GLU C 591 -44.54 3.77 -29.91
CA GLU C 591 -43.62 3.13 -30.85
C GLU C 591 -42.19 3.61 -30.66
N GLU C 592 -42.01 4.90 -30.32
CA GLU C 592 -40.67 5.39 -30.02
C GLU C 592 -40.10 4.70 -28.79
N LEU C 593 -40.91 4.55 -27.75
CA LEU C 593 -40.44 3.83 -26.56
C LEU C 593 -40.11 2.39 -26.90
N ARG C 594 -40.89 1.76 -27.80
CA ARG C 594 -40.59 0.41 -28.23
C ARG C 594 -39.24 0.34 -28.93
N LYS C 595 -38.96 1.30 -29.81
CA LYS C 595 -37.68 1.30 -30.50
C LYS C 595 -36.52 1.51 -29.52
N VAL C 596 -36.73 2.35 -28.51
CA VAL C 596 -35.71 2.51 -27.47
C VAL C 596 -35.47 1.20 -26.73
N LEU C 597 -36.56 0.52 -26.38
CA LEU C 597 -36.44 -0.77 -25.70
C LEU C 597 -35.70 -1.78 -26.56
N VAL C 598 -35.92 -1.73 -27.88
CA VAL C 598 -35.18 -2.61 -28.78
C VAL C 598 -33.70 -2.26 -28.77
N LYS C 599 -33.37 -0.98 -28.82
CA LYS C 599 -31.97 -0.56 -28.81
C LYS C 599 -31.26 -0.91 -27.51
N VAL C 600 -32.00 -1.08 -26.42
CA VAL C 600 -31.38 -1.28 -25.11
C VAL C 600 -30.44 -2.50 -25.12
N ASP C 601 -30.95 -3.66 -25.55
CA ASP C 601 -30.15 -4.88 -25.45
C ASP C 601 -28.96 -4.85 -26.40
N GLU C 602 -29.14 -4.24 -27.57
CA GLU C 602 -28.02 -4.05 -28.48
C GLU C 602 -26.92 -3.22 -27.83
N TYR C 603 -27.30 -2.14 -27.15
CA TYR C 603 -26.31 -1.34 -26.44
C TYR C 603 -25.63 -2.16 -25.36
N HIS C 604 -26.39 -3.00 -24.65
CA HIS C 604 -25.81 -3.86 -23.62
C HIS C 604 -24.74 -4.78 -24.21
N SER C 605 -25.08 -5.45 -25.31
CA SER C 605 -24.13 -6.38 -25.94
C SER C 605 -22.88 -5.65 -26.42
N VAL C 606 -23.06 -4.49 -27.06
CA VAL C 606 -21.91 -3.73 -27.54
C VAL C 606 -21.01 -3.33 -26.37
N HIS C 607 -21.61 -2.90 -25.27
CA HIS C 607 -20.81 -2.54 -24.09
C HIS C 607 -20.04 -3.74 -23.56
N GLN C 608 -20.67 -4.91 -23.54
CA GLN C 608 -19.98 -6.10 -23.07
C GLN C 608 -18.78 -6.45 -23.95
N LYS C 609 -18.99 -6.41 -25.26
CA LYS C 609 -17.89 -6.70 -26.19
C LYS C 609 -16.74 -5.72 -25.99
N LEU C 610 -17.04 -4.43 -25.93
CA LEU C 610 -15.98 -3.43 -25.76
C LEU C 610 -15.28 -3.57 -24.43
N SER C 611 -16.02 -3.95 -23.39
CA SER C 611 -15.41 -4.14 -22.07
C SER C 611 -14.43 -5.31 -22.09
N ALA C 612 -14.83 -6.43 -22.69
CA ALA C 612 -13.92 -7.56 -22.79
C ALA C 612 -12.66 -7.18 -23.58
N ASP C 613 -12.84 -6.48 -24.70
CA ASP C 613 -11.69 -6.08 -25.51
C ASP C 613 -10.75 -5.18 -24.74
N MET C 614 -11.29 -4.18 -24.04
CA MET C 614 -10.46 -3.26 -23.29
C MET C 614 -9.77 -3.94 -22.13
N ALA C 615 -10.42 -4.93 -21.50
CA ALA C 615 -9.76 -5.69 -20.46
C ALA C 615 -8.58 -6.46 -21.02
N ASP C 616 -8.76 -7.09 -22.18
CA ASP C 616 -7.64 -7.79 -22.80
C ASP C 616 -6.47 -6.85 -23.08
N ASN C 617 -6.77 -5.68 -23.65
CA ASN C 617 -5.72 -4.72 -23.95
C ASN C 617 -5.05 -4.20 -22.69
N SER C 618 -5.81 -4.05 -21.60
CA SER C 618 -5.21 -3.60 -20.35
C SER C 618 -4.27 -4.65 -19.78
N ASN C 619 -4.63 -5.93 -19.89
CA ASN C 619 -3.72 -6.98 -19.47
C ASN C 619 -2.44 -6.97 -20.30
N LEU C 620 -2.60 -6.79 -21.62
CA LEU C 620 -1.42 -6.63 -22.48
C LEU C 620 -0.54 -5.48 -22.01
N ILE C 621 -1.16 -4.35 -21.65
CA ILE C 621 -0.38 -3.18 -21.25
C ILE C 621 0.35 -3.43 -19.94
N ARG C 622 -0.28 -4.15 -19.01
CA ARG C 622 0.40 -4.47 -17.75
C ARG C 622 1.61 -5.37 -18.01
N SER C 623 1.42 -6.41 -18.82
CA SER C 623 2.54 -7.28 -19.15
C SER C 623 3.66 -6.49 -19.82
N LEU C 624 3.29 -5.55 -20.70
CA LEU C 624 4.29 -4.76 -21.41
C LEU C 624 5.03 -3.83 -20.47
N LEU C 625 4.33 -3.26 -19.48
CA LEU C 625 5.00 -2.44 -18.48
C LEU C 625 6.03 -3.27 -17.73
N VAL C 626 5.69 -4.51 -17.38
CA VAL C 626 6.65 -5.36 -16.66
C VAL C 626 7.85 -5.68 -17.56
N GLN C 627 7.59 -6.04 -18.81
CA GLN C 627 8.68 -6.36 -19.73
C GLN C 627 9.59 -5.16 -19.96
N ALA C 628 9.01 -3.97 -20.09
CA ALA C 628 9.80 -2.76 -20.27
C ALA C 628 10.63 -2.46 -19.03
N GLU C 629 10.06 -2.67 -17.84
CA GLU C 629 10.84 -2.48 -16.62
C GLU C 629 12.03 -3.44 -16.58
N ASP C 630 11.81 -4.68 -16.98
CA ASP C 630 12.90 -5.66 -16.98
C ASP C 630 13.99 -5.26 -17.97
N ALA C 631 13.61 -4.88 -19.19
CA ALA C 631 14.57 -4.42 -20.18
C ALA C 631 15.36 -3.23 -19.66
N ARG C 632 14.67 -2.27 -19.04
CA ARG C 632 15.34 -1.10 -18.49
C ARG C 632 16.31 -1.48 -17.37
N LEU C 633 15.98 -2.51 -16.59
CA LEU C 633 16.84 -2.92 -15.49
C LEU C 633 18.07 -3.68 -15.99
N MET C 634 17.95 -4.39 -17.10
CA MET C 634 19.11 -5.06 -17.68
C MET C 634 19.85 -4.17 -18.68
N ARG C 635 19.40 -2.93 -18.87
CA ARG C 635 20.04 -1.97 -19.77
C ARG C 635 20.10 -2.49 -21.20
N ASP C 636 18.95 -2.95 -21.69
CA ASP C 636 18.76 -3.32 -23.09
C ASP C 636 17.83 -2.26 -23.68
N MET C 637 18.43 -1.18 -24.20
CA MET C 637 17.65 -0.01 -24.58
C MET C 637 16.80 -0.25 -25.82
N LYS C 638 17.26 -1.12 -26.73
CA LYS C 638 16.51 -1.36 -27.95
C LYS C 638 15.17 -2.02 -27.65
N THR C 639 15.18 -3.09 -26.86
CA THR C 639 13.92 -3.74 -26.51
C THR C 639 13.07 -2.86 -25.63
N MET C 640 13.68 -1.99 -24.82
CA MET C 640 12.90 -1.04 -24.03
C MET C 640 12.13 -0.10 -24.94
N LYS C 641 12.81 0.47 -25.94
CA LYS C 641 12.13 1.33 -26.90
C LYS C 641 11.05 0.57 -27.66
N ASN C 642 11.29 -0.71 -27.94
CA ASN C 642 10.29 -1.52 -28.61
C ASN C 642 9.04 -1.69 -27.74
N ARG C 643 9.25 -2.01 -26.47
CA ARG C 643 8.11 -2.15 -25.55
C ARG C 643 7.34 -0.85 -25.45
N TYR C 644 8.04 0.29 -25.44
CA TYR C 644 7.32 1.55 -25.32
C TYR C 644 6.58 1.91 -26.60
N LYS C 645 7.10 1.54 -27.76
CA LYS C 645 6.35 1.71 -29.00
C LYS C 645 5.07 0.87 -28.97
N GLU C 646 5.20 -0.39 -28.54
CA GLU C 646 4.02 -1.24 -28.41
C GLU C 646 3.00 -0.64 -27.45
N LEU C 647 3.48 -0.09 -26.33
CA LEU C 647 2.58 0.53 -25.36
C LEU C 647 1.87 1.74 -25.95
N TYR C 648 2.60 2.56 -26.71
CA TYR C 648 1.99 3.72 -27.37
C TYR C 648 0.87 3.28 -28.30
N ASP C 649 1.13 2.26 -29.12
CA ASP C 649 0.10 1.79 -30.05
C ASP C 649 -1.11 1.24 -29.30
N LEU C 650 -0.88 0.44 -28.27
CA LEU C 650 -2.00 -0.09 -27.49
C LEU C 650 -2.79 1.02 -26.82
N ASN C 651 -2.11 2.05 -26.34
CA ASN C 651 -2.82 3.17 -25.72
C ASN C 651 -3.69 3.90 -26.72
N LYS C 652 -3.20 4.08 -27.94
CA LYS C 652 -4.04 4.76 -28.94
C LYS C 652 -5.26 3.92 -29.29
N ASP C 653 -5.07 2.61 -29.49
CA ASP C 653 -6.22 1.74 -29.71
C ASP C 653 -7.20 1.80 -28.56
N LEU C 654 -6.68 1.80 -27.32
CA LEU C 654 -7.55 1.80 -26.15
C LEU C 654 -8.30 3.12 -26.01
N LEU C 655 -7.67 4.23 -26.38
CA LEU C 655 -8.37 5.51 -26.32
C LEU C 655 -9.47 5.59 -27.37
N ASN C 656 -9.24 5.03 -28.55
CA ASN C 656 -10.31 4.96 -29.54
C ASN C 656 -11.48 4.13 -29.01
N GLY C 657 -11.17 2.95 -28.46
CA GLY C 657 -12.21 2.14 -27.85
C GLY C 657 -12.91 2.83 -26.70
N TYR C 658 -12.16 3.65 -25.96
CA TYR C 658 -12.73 4.40 -24.84
C TYR C 658 -13.75 5.42 -25.33
N LYS C 659 -13.41 6.16 -26.38
CA LYS C 659 -14.38 7.09 -26.96
C LYS C 659 -15.63 6.36 -27.41
N ILE C 660 -15.46 5.25 -28.13
CA ILE C 660 -16.61 4.49 -28.62
C ILE C 660 -17.48 4.03 -27.45
N ARG C 661 -16.85 3.44 -26.43
CA ARG C 661 -17.59 2.90 -25.30
C ARG C 661 -18.28 4.01 -24.52
N CYS C 662 -17.65 5.19 -24.43
CA CYS C 662 -18.25 6.28 -23.69
C CYS C 662 -19.50 6.81 -24.39
N ASN C 663 -19.43 6.96 -25.72
CA ASN C 663 -20.61 7.37 -26.46
C ASN C 663 -21.73 6.34 -26.33
N ASN C 664 -21.38 5.05 -26.43
CA ASN C 664 -22.37 4.00 -26.29
C ASN C 664 -23.01 4.01 -24.91
N HIS C 665 -22.20 4.22 -23.87
CA HIS C 665 -22.72 4.24 -22.50
C HIS C 665 -23.63 5.44 -22.26
N THR C 666 -23.28 6.58 -22.83
CA THR C 666 -24.16 7.75 -22.73
C THR C 666 -25.49 7.47 -23.41
N GLU C 667 -25.47 6.88 -24.60
CA GLU C 667 -26.72 6.55 -25.28
C GLU C 667 -27.53 5.55 -24.48
N LEU C 668 -26.87 4.57 -23.87
CA LEU C 668 -27.58 3.56 -23.10
C LEU C 668 -28.22 4.16 -21.85
N LEU C 669 -27.51 5.07 -21.19
CA LEU C 669 -28.09 5.75 -20.03
C LEU C 669 -29.29 6.58 -20.43
N GLY C 670 -29.19 7.28 -21.57
CA GLY C 670 -30.35 8.01 -22.07
C GLY C 670 -31.53 7.09 -22.34
N SER C 671 -31.28 5.91 -22.90
CA SER C 671 -32.35 4.97 -23.18
C SER C 671 -32.98 4.45 -21.89
N LEU C 672 -32.16 4.17 -20.88
CA LEU C 672 -32.70 3.70 -19.60
C LEU C 672 -33.56 4.78 -18.94
N LYS C 673 -33.07 6.02 -18.94
CA LYS C 673 -33.88 7.10 -18.38
C LYS C 673 -35.16 7.31 -19.18
N ALA C 674 -35.12 7.08 -20.49
CA ALA C 674 -36.34 7.17 -21.29
C ALA C 674 -37.34 6.10 -20.91
N VAL C 675 -36.88 4.87 -20.70
CA VAL C 675 -37.76 3.79 -20.28
C VAL C 675 -38.40 4.12 -18.93
N ASN C 676 -37.60 4.61 -17.99
CA ASN C 676 -38.13 4.90 -16.66
C ASN C 676 -39.08 6.09 -16.68
N GLN C 677 -38.77 7.11 -17.49
CA GLN C 677 -39.70 8.22 -17.64
C GLN C 677 -41.00 7.77 -18.31
N ALA C 678 -40.92 6.79 -19.20
CA ALA C 678 -42.13 6.24 -19.79
C ALA C 678 -42.99 5.56 -18.73
N ILE C 679 -42.37 4.73 -17.90
CA ILE C 679 -43.10 4.11 -16.79
C ILE C 679 -43.76 5.17 -15.92
N GLN C 680 -42.99 6.23 -15.60
CA GLN C 680 -43.49 7.24 -14.68
C GLN C 680 -44.59 8.09 -15.30
N ARG C 681 -44.54 8.30 -16.61
CA ARG C 681 -45.58 9.07 -17.27
C ARG C 681 -46.83 8.24 -17.49
N ALA C 682 -46.68 6.92 -17.65
CA ALA C 682 -47.84 6.05 -17.71
C ALA C 682 -48.55 6.00 -16.36
N GLY C 683 -47.78 5.75 -15.28
CA GLY C 683 -48.38 5.73 -13.96
C GLY C 683 -48.93 7.08 -13.54
N HIS C 684 -48.20 8.15 -13.89
CA HIS C 684 -48.59 9.51 -13.52
C HIS C 684 -49.96 9.89 -14.07
N LEU C 685 -50.38 9.23 -15.15
CA LEU C 685 -51.67 9.54 -15.76
C LEU C 685 -52.85 9.05 -14.95
N ARG C 686 -52.61 8.32 -13.86
CA ARG C 686 -53.66 7.73 -13.04
C ARG C 686 -53.51 8.17 -11.59
N VAL C 687 -54.62 8.45 -10.95
CA VAL C 687 -54.63 8.99 -9.60
C VAL C 687 -54.90 7.86 -8.61
N GLY C 688 -54.22 7.93 -7.46
CA GLY C 688 -54.46 6.98 -6.39
C GLY C 688 -53.86 5.61 -6.69
N LYS C 689 -54.47 4.59 -6.09
CA LYS C 689 -53.99 3.22 -6.26
C LYS C 689 -53.83 2.79 -7.72
N PRO C 690 -54.75 3.11 -8.66
CA PRO C 690 -54.52 2.71 -10.06
C PRO C 690 -53.19 3.17 -10.62
N LYS C 691 -52.55 4.14 -9.98
CA LYS C 691 -51.19 4.49 -10.36
C LYS C 691 -50.22 3.39 -9.98
N ASN C 692 -50.12 3.11 -8.68
CA ASN C 692 -49.10 2.19 -8.16
C ASN C 692 -49.07 0.89 -8.96
N GLN C 693 -50.24 0.26 -9.13
CA GLN C 693 -50.36 -0.97 -9.90
C GLN C 693 -49.53 -0.91 -11.19
N VAL C 694 -49.84 0.08 -12.03
CA VAL C 694 -49.16 0.21 -13.32
C VAL C 694 -47.65 0.09 -13.13
N ILE C 695 -47.10 0.93 -12.24
CA ILE C 695 -45.66 0.94 -12.00
C ILE C 695 -45.16 -0.48 -11.77
N THR C 696 -45.72 -1.16 -10.76
CA THR C 696 -45.32 -2.53 -10.48
C THR C 696 -45.42 -3.37 -11.74
N ALA C 697 -46.60 -3.39 -12.35
CA ALA C 697 -46.81 -4.18 -13.56
C ALA C 697 -45.77 -3.82 -14.61
N CYS C 698 -45.53 -2.52 -14.80
CA CYS C 698 -44.59 -2.09 -15.82
C CYS C 698 -43.22 -2.71 -15.58
N ARG C 699 -42.75 -2.67 -14.32
CA ARG C 699 -41.47 -3.30 -14.03
C ARG C 699 -41.54 -4.79 -14.27
N ASP C 700 -42.63 -5.42 -13.83
CA ASP C 700 -42.79 -6.85 -14.08
C ASP C 700 -43.01 -7.15 -15.56
N ALA C 701 -43.25 -6.12 -16.37
CA ALA C 701 -43.33 -6.30 -17.81
C ALA C 701 -42.00 -6.03 -18.51
N ILE C 702 -41.00 -5.52 -17.80
CA ILE C 702 -39.68 -5.34 -18.37
C ILE C 702 -38.77 -6.51 -18.04
N ARG C 703 -38.85 -7.02 -16.80
CA ARG C 703 -38.06 -8.19 -16.43
C ARG C 703 -38.43 -9.41 -17.25
N SER C 704 -39.59 -9.40 -17.91
CA SER C 704 -40.03 -10.50 -18.75
C SER C 704 -39.99 -10.19 -20.23
N ASN C 705 -39.67 -8.95 -20.61
CA ASN C 705 -39.56 -8.54 -22.01
C ASN C 705 -40.86 -8.74 -22.78
N ASN C 706 -42.00 -8.72 -22.07
CA ASN C 706 -43.31 -8.83 -22.70
C ASN C 706 -43.74 -7.41 -23.11
N ILE C 707 -43.17 -6.95 -24.22
CA ILE C 707 -43.31 -5.55 -24.60
C ILE C 707 -44.75 -5.22 -25.00
N ASN C 708 -45.42 -6.15 -25.70
CA ASN C 708 -46.80 -5.89 -26.09
C ASN C 708 -47.70 -5.81 -24.86
N MET C 709 -47.58 -6.76 -23.93
CA MET C 709 -48.36 -6.68 -22.70
C MET C 709 -47.97 -5.45 -21.90
N LEU C 710 -46.67 -5.11 -21.88
CA LEU C 710 -46.22 -3.87 -21.27
C LEU C 710 -47.01 -2.69 -21.78
N PHE C 711 -47.06 -2.53 -23.10
CA PHE C 711 -47.80 -1.42 -23.70
C PHE C 711 -49.28 -1.50 -23.37
N ARG C 712 -49.82 -2.72 -23.24
CA ARG C 712 -51.21 -2.85 -22.84
C ARG C 712 -51.42 -2.36 -21.40
N ILE C 713 -50.41 -2.50 -20.54
CA ILE C 713 -50.52 -2.00 -19.18
C ILE C 713 -50.55 -0.47 -19.17
N MET C 714 -49.73 0.16 -20.00
CA MET C 714 -49.70 1.61 -20.09
C MET C 714 -50.78 2.17 -21.00
N ARG C 715 -51.53 1.32 -21.68
CA ARG C 715 -52.61 1.76 -22.55
C ARG C 715 -53.96 1.80 -21.84
N VAL C 716 -54.32 0.72 -21.14
CA VAL C 716 -55.59 0.63 -20.44
C VAL C 716 -55.40 0.53 -18.93
N GLY C 717 -54.36 -0.17 -18.47
CA GLY C 717 -54.11 -0.33 -17.05
C GLY C 717 -54.67 -1.62 -16.48
N PHE D 29 36.55 35.33 7.29
CA PHE D 29 36.65 36.22 8.45
C PHE D 29 35.61 36.01 9.58
N PRO D 30 34.46 35.38 9.33
CA PRO D 30 33.59 35.01 10.45
C PRO D 30 34.28 34.03 11.38
N ILE D 31 33.81 34.02 12.63
CA ILE D 31 34.39 33.12 13.63
C ILE D 31 34.26 31.68 13.16
N LEU D 32 35.33 30.91 13.34
CA LEU D 32 35.40 29.55 12.83
C LEU D 32 34.37 28.64 13.48
N GLU D 33 34.46 28.43 14.79
CA GLU D 33 33.52 27.55 15.50
C GLU D 33 32.46 28.40 16.18
N LYS D 34 31.47 28.83 15.38
CA LYS D 34 30.39 29.64 15.92
C LYS D 34 29.37 28.83 16.70
N GLN D 35 29.13 27.59 16.30
CA GLN D 35 28.04 26.79 16.84
C GLN D 35 28.50 25.39 17.21
N ASN D 36 29.62 25.30 17.93
CA ASN D 36 30.05 24.01 18.43
C ASN D 36 29.21 23.57 19.62
N TRP D 37 28.79 24.51 20.46
CA TRP D 37 27.96 24.19 21.61
C TRP D 37 26.61 23.63 21.17
N LEU D 38 26.00 24.24 20.15
CA LEU D 38 24.69 23.78 19.69
C LEU D 38 24.80 22.40 19.05
N ILE D 39 25.85 22.17 18.26
CA ILE D 39 26.05 20.86 17.65
C ILE D 39 26.26 19.81 18.73
N HIS D 40 27.05 20.13 19.76
CA HIS D 40 27.29 19.17 20.83
C HIS D 40 26.01 18.88 21.60
N LEU D 41 25.18 19.90 21.82
CA LEU D 41 23.94 19.70 22.56
C LEU D 41 22.91 18.92 21.74
N TYR D 42 22.91 19.10 20.43
CA TYR D 42 22.03 18.30 19.59
C TYR D 42 22.51 16.86 19.50
N TYR D 43 23.82 16.64 19.48
CA TYR D 43 24.34 15.28 19.37
C TYR D 43 24.23 14.52 20.68
N ILE D 44 24.33 15.22 21.81
CA ILE D 44 24.33 14.55 23.11
C ILE D 44 22.94 14.17 23.59
N GLN D 45 21.89 14.75 23.00
CA GLN D 45 20.52 14.36 23.30
C GLN D 45 20.00 13.32 22.34
N LYS D 46 20.88 12.71 21.55
CA LYS D 46 20.51 11.65 20.60
C LYS D 46 19.46 12.14 19.60
N ASP D 47 19.78 13.22 18.91
CA ASP D 47 18.91 13.72 17.84
C ASP D 47 19.36 13.21 16.48
N TYR D 48 20.59 13.52 16.08
CA TYR D 48 21.21 13.03 14.85
C TYR D 48 20.46 13.48 13.60
N GLU D 49 19.43 14.31 13.76
CA GLU D 49 18.69 14.86 12.63
C GLU D 49 18.89 16.36 12.53
N ALA D 50 18.55 17.11 13.59
CA ALA D 50 18.84 18.53 13.60
C ALA D 50 20.34 18.78 13.71
N CYS D 51 21.05 17.92 14.43
CA CYS D 51 22.51 18.04 14.53
C CYS D 51 23.16 17.94 13.15
N LYS D 52 22.67 17.01 12.32
CA LYS D 52 23.22 16.87 10.97
C LYS D 52 22.95 18.11 10.13
N ALA D 53 21.74 18.68 10.25
CA ALA D 53 21.42 19.88 9.49
C ALA D 53 22.29 21.04 9.92
N VAL D 54 22.50 21.21 11.22
CA VAL D 54 23.36 22.30 11.71
C VAL D 54 24.80 22.07 11.28
N ILE D 55 25.24 20.80 11.28
CA ILE D 55 26.59 20.48 10.80
C ILE D 55 26.74 20.89 9.34
N LYS D 56 25.76 20.51 8.52
CA LYS D 56 25.83 20.84 7.09
C LYS D 56 25.83 22.34 6.87
N GLU D 57 25.00 23.06 7.61
CA GLU D 57 24.95 24.52 7.48
C GLU D 57 26.28 25.14 7.87
N GLN D 58 26.83 24.72 9.02
CA GLN D 58 28.11 25.26 9.47
C GLN D 58 29.20 24.99 8.45
N LEU D 59 29.24 23.77 7.90
CA LEU D 59 30.28 23.43 6.94
C LEU D 59 30.12 24.21 5.64
N GLN D 60 28.89 24.36 5.16
CA GLN D 60 28.65 25.15 3.97
C GLN D 60 29.06 26.60 4.17
N GLU D 61 28.88 27.12 5.38
CA GLU D 61 29.27 28.51 5.64
C GLU D 61 30.79 28.64 5.77
N THR D 62 31.44 27.69 6.44
CA THR D 62 32.86 27.82 6.76
C THR D 62 33.77 27.16 5.73
N HIS D 63 33.21 26.47 4.73
CA HIS D 63 34.00 25.80 3.69
C HIS D 63 35.00 24.82 4.29
N GLY D 64 34.62 24.19 5.40
CA GLY D 64 35.52 23.29 6.10
C GLY D 64 36.33 23.99 7.16
N LEU D 65 37.33 23.27 7.66
CA LEU D 65 38.22 23.71 8.74
C LEU D 65 37.49 23.89 10.06
N CYS D 66 36.30 23.31 10.20
CA CYS D 66 35.55 23.42 11.44
C CYS D 66 36.10 22.48 12.52
N GLU D 67 36.47 21.27 12.13
CA GLU D 67 37.09 20.27 13.00
C GLU D 67 36.14 19.75 14.07
N TYR D 68 34.92 20.28 14.11
CA TYR D 68 33.91 19.74 15.02
C TYR D 68 32.56 19.53 14.34
N ALA D 69 32.40 19.98 13.11
CA ALA D 69 31.30 19.52 12.28
C ALA D 69 31.67 18.23 11.57
N ILE D 70 32.98 17.99 11.42
CA ILE D 70 33.45 16.72 10.87
C ILE D 70 33.54 15.67 11.97
N TYR D 71 34.00 16.06 13.15
CA TYR D 71 34.17 15.11 14.26
C TYR D 71 32.83 14.52 14.70
N VAL D 72 31.85 15.40 14.98
CA VAL D 72 30.55 14.92 15.43
C VAL D 72 29.84 14.15 14.32
N GLN D 73 30.00 14.58 13.06
CA GLN D 73 29.40 13.85 11.95
C GLN D 73 30.00 12.45 11.84
N ALA D 74 31.31 12.31 12.02
CA ALA D 74 31.92 10.99 12.01
C ALA D 74 31.46 10.14 13.17
N LEU D 75 31.31 10.75 14.35
CA LEU D 75 30.80 10.00 15.50
C LEU D 75 29.37 9.53 15.25
N ILE D 76 28.57 10.36 14.57
CA ILE D 76 27.21 9.97 14.23
C ILE D 76 27.22 8.81 13.25
N PHE D 77 28.08 8.89 12.22
CA PHE D 77 28.23 7.77 11.29
C PHE D 77 28.60 6.49 12.04
N ARG D 78 29.57 6.58 12.94
CA ARG D 78 29.98 5.43 13.74
C ARG D 78 28.83 4.90 14.60
N LEU D 79 27.94 5.80 15.04
CA LEU D 79 26.78 5.33 15.79
C LEU D 79 25.87 4.48 14.92
N GLU D 80 25.63 4.91 13.68
CA GLU D 80 25.04 4.02 12.69
C GLU D 80 26.02 2.89 12.37
N GLY D 81 25.55 1.94 11.58
CA GLY D 81 26.39 0.79 11.27
C GLY D 81 27.69 1.18 10.59
N ASN D 82 27.66 2.23 9.78
CA ASN D 82 28.80 2.63 8.96
C ASN D 82 30.01 2.96 9.82
N ILE D 83 31.14 2.30 9.55
CA ILE D 83 32.43 2.64 10.13
C ILE D 83 33.46 2.94 9.05
N GLN D 84 33.02 3.35 7.87
CA GLN D 84 33.93 3.73 6.79
C GLN D 84 33.97 5.25 6.63
N GLU D 85 32.81 5.88 6.47
CA GLU D 85 32.77 7.34 6.45
C GLU D 85 33.22 7.93 7.78
N SER D 86 32.97 7.24 8.88
CA SER D 86 33.52 7.68 10.16
C SER D 86 35.05 7.71 10.11
N LEU D 87 35.66 6.67 9.54
CA LEU D 87 37.11 6.65 9.42
C LEU D 87 37.61 7.76 8.50
N ARG D 88 36.92 7.98 7.38
CA ARG D 88 37.31 9.06 6.47
C ARG D 88 37.28 10.41 7.16
N LEU D 89 36.19 10.69 7.89
CA LEU D 89 36.05 12.01 8.51
C LEU D 89 36.99 12.15 9.70
N PHE D 90 37.30 11.07 10.40
CA PHE D 90 38.32 11.15 11.44
C PHE D 90 39.70 11.36 10.83
N GLN D 91 39.94 10.81 9.64
CA GLN D 91 41.16 11.13 8.90
C GLN D 91 41.23 12.62 8.59
N MET D 92 40.12 13.20 8.15
CA MET D 92 40.09 14.63 7.85
C MET D 92 40.33 15.46 9.12
N CYS D 93 39.71 15.06 10.24
CA CYS D 93 39.94 15.76 11.50
C CYS D 93 41.38 15.63 11.99
N ALA D 94 42.03 14.50 11.74
CA ALA D 94 43.44 14.38 12.07
C ALA D 94 44.31 15.25 11.16
N PHE D 95 43.95 15.33 9.88
CA PHE D 95 44.68 16.19 8.96
C PHE D 95 44.55 17.65 9.35
N LEU D 96 43.39 18.06 9.85
CA LEU D 96 43.20 19.45 10.26
C LEU D 96 44.04 19.78 11.48
N SER D 97 44.07 18.88 12.47
CA SER D 97 44.84 19.07 13.71
C SER D 97 45.88 17.96 13.78
N PRO D 98 47.03 18.13 13.10
CA PRO D 98 48.01 17.04 13.05
C PRO D 98 48.56 16.64 14.41
N GLN D 99 48.68 17.58 15.35
CA GLN D 99 49.12 17.27 16.71
C GLN D 99 47.89 17.38 17.62
N CYS D 100 47.14 16.28 17.70
CA CYS D 100 45.94 16.20 18.53
C CYS D 100 45.71 14.73 18.82
N ALA D 101 46.06 14.31 20.03
CA ALA D 101 46.07 12.87 20.35
C ALA D 101 44.69 12.25 20.23
N ASP D 102 43.63 13.01 20.52
CA ASP D 102 42.29 12.44 20.46
C ASP D 102 41.89 12.07 19.04
N ASN D 103 42.31 12.85 18.04
CA ASN D 103 41.98 12.52 16.67
C ASN D 103 42.69 11.25 16.21
N LEU D 104 43.95 11.09 16.57
CA LEU D 104 44.66 9.85 16.27
C LEU D 104 44.04 8.67 16.99
N LYS D 105 43.62 8.88 18.23
CA LYS D 105 42.92 7.83 18.96
C LYS D 105 41.65 7.42 18.23
N GLN D 106 40.89 8.40 17.75
CA GLN D 106 39.64 8.09 17.06
C GLN D 106 39.90 7.39 15.74
N VAL D 107 40.97 7.75 15.04
CA VAL D 107 41.26 7.07 13.77
C VAL D 107 41.68 5.63 14.03
N ALA D 108 42.53 5.41 15.04
CA ALA D 108 42.92 4.05 15.38
C ALA D 108 41.73 3.24 15.87
N ARG D 109 40.78 3.90 16.54
CA ARG D 109 39.58 3.21 16.97
C ARG D 109 38.70 2.83 15.79
N SER D 110 38.59 3.73 14.80
CA SER D 110 37.84 3.39 13.59
C SER D 110 38.50 2.26 12.84
N LEU D 111 39.84 2.17 12.87
CA LEU D 111 40.52 1.01 12.33
C LEU D 111 40.15 -0.24 13.11
N PHE D 112 40.29 -0.20 14.44
CA PHE D 112 40.04 -1.36 15.28
C PHE D 112 38.60 -1.83 15.21
N LEU D 113 37.66 -0.94 14.86
CA LEU D 113 36.29 -1.38 14.64
C LEU D 113 36.19 -2.23 13.39
N LEU D 114 37.08 -2.01 12.42
CA LEU D 114 37.26 -2.94 11.33
C LEU D 114 38.21 -4.04 11.80
N GLY D 115 38.71 -4.86 10.88
CA GLY D 115 39.52 -5.98 11.30
C GLY D 115 40.99 -5.68 11.49
N LYS D 116 41.45 -4.48 11.15
CA LYS D 116 42.86 -4.16 11.12
C LYS D 116 43.32 -3.73 12.50
N HIS D 117 44.07 -4.60 13.18
CA HIS D 117 44.57 -4.29 14.52
C HIS D 117 46.02 -3.85 14.53
N LYS D 118 46.83 -4.31 13.59
CA LYS D 118 48.23 -3.85 13.52
C LYS D 118 48.28 -2.36 13.21
N ALA D 119 47.49 -1.91 12.23
CA ALA D 119 47.44 -0.49 11.93
C ALA D 119 46.83 0.30 13.08
N ALA D 120 45.84 -0.29 13.76
CA ALA D 120 45.31 0.34 14.95
C ALA D 120 46.39 0.53 16.01
N ILE D 121 47.26 -0.47 16.19
CA ILE D 121 48.36 -0.34 17.13
C ILE D 121 49.31 0.76 16.69
N GLU D 122 49.63 0.80 15.39
CA GLU D 122 50.61 1.77 14.91
C GLU D 122 50.06 3.19 14.92
N VAL D 123 48.75 3.36 14.95
CA VAL D 123 48.18 4.69 15.12
C VAL D 123 48.03 5.06 16.60
N TYR D 124 47.68 4.07 17.44
CA TYR D 124 47.68 4.30 18.88
C TYR D 124 49.06 4.67 19.40
N ASN D 125 50.11 4.15 18.77
CA ASN D 125 51.47 4.51 19.18
C ASN D 125 51.72 6.00 18.96
N GLU D 126 51.39 6.50 17.77
CA GLU D 126 51.51 7.93 17.52
C GLU D 126 50.62 8.73 18.44
N ALA D 127 49.42 8.23 18.72
CA ALA D 127 48.53 8.90 19.66
C ALA D 127 49.10 8.91 21.06
N ALA D 128 50.00 7.99 21.38
CA ALA D 128 50.64 7.91 22.68
C ALA D 128 51.89 8.80 22.76
N LYS D 129 52.61 8.94 21.67
CA LYS D 129 53.77 9.83 21.66
C LYS D 129 53.38 11.30 21.60
N LEU D 130 52.08 11.59 21.68
CA LEU D 130 51.59 12.94 21.92
C LEU D 130 50.91 13.08 23.27
N ASN D 131 50.65 11.96 23.96
CA ASN D 131 50.00 11.98 25.27
C ASN D 131 50.35 10.67 25.96
N GLN D 132 51.15 10.76 27.03
CA GLN D 132 51.64 9.59 27.74
C GLN D 132 50.97 9.43 29.11
N LYS D 133 49.72 9.86 29.24
CA LYS D 133 49.09 9.87 30.56
C LYS D 133 47.62 9.43 30.53
N ASP D 134 47.18 8.74 29.48
CA ASP D 134 45.80 8.32 29.38
C ASP D 134 45.68 6.80 29.34
N TRP D 135 44.61 6.29 29.94
CA TRP D 135 44.38 4.86 30.03
C TRP D 135 43.78 4.28 28.77
N GLU D 136 43.12 5.09 27.95
CA GLU D 136 42.39 4.55 26.79
C GLU D 136 43.36 3.97 25.77
N ILE D 137 44.47 4.65 25.51
CA ILE D 137 45.46 4.14 24.57
C ILE D 137 45.98 2.78 25.01
N CYS D 138 46.28 2.64 26.30
CA CYS D 138 46.84 1.40 26.79
C CYS D 138 45.79 0.28 26.79
N HIS D 139 44.55 0.59 27.16
CA HIS D 139 43.51 -0.42 27.12
C HIS D 139 43.26 -0.90 25.69
N ASN D 140 43.24 0.03 24.73
CA ASN D 140 43.00 -0.36 23.36
C ASN D 140 44.19 -1.10 22.75
N LEU D 141 45.42 -0.73 23.13
CA LEU D 141 46.57 -1.51 22.71
C LEU D 141 46.51 -2.91 23.30
N GLY D 142 46.03 -3.04 24.53
CA GLY D 142 45.85 -4.37 25.11
C GLY D 142 44.86 -5.19 24.32
N VAL D 143 43.69 -4.62 24.02
CA VAL D 143 42.66 -5.41 23.33
C VAL D 143 43.08 -5.69 21.89
N CYS D 144 43.97 -4.87 21.32
CA CYS D 144 44.48 -5.15 19.98
C CYS D 144 45.50 -6.27 20.01
N TYR D 145 46.52 -6.15 20.87
CA TYR D 145 47.49 -7.22 21.03
C TYR D 145 46.83 -8.53 21.44
N ILE D 146 45.64 -8.47 22.04
CA ILE D 146 44.89 -9.68 22.34
C ILE D 146 44.44 -10.35 21.05
N TYR D 147 43.85 -9.60 20.14
CA TYR D 147 43.47 -10.14 18.84
C TYR D 147 44.69 -10.54 18.01
N LEU D 148 45.86 -10.01 18.32
CA LEU D 148 47.08 -10.40 17.62
C LEU D 148 47.86 -11.50 18.32
N LYS D 149 47.30 -12.09 19.38
CA LYS D 149 47.90 -13.20 20.10
C LYS D 149 49.30 -12.88 20.64
N GLN D 150 49.63 -11.61 20.78
CA GLN D 150 50.86 -11.20 21.46
C GLN D 150 50.48 -10.95 22.92
N PHE D 151 50.74 -11.93 23.77
CA PHE D 151 50.22 -11.90 25.13
C PHE D 151 51.14 -11.20 26.11
N ASP D 152 52.45 -11.20 25.86
CA ASP D 152 53.36 -10.45 26.73
C ASP D 152 53.10 -8.96 26.63
N LYS D 153 53.07 -8.43 25.40
CA LYS D 153 52.84 -7.01 25.21
C LYS D 153 51.44 -6.61 25.64
N ALA D 154 50.43 -7.42 25.32
CA ALA D 154 49.08 -7.14 25.78
C ALA D 154 48.99 -7.09 27.29
N GLN D 155 49.59 -8.10 27.96
CA GLN D 155 49.55 -8.16 29.41
C GLN D 155 50.22 -6.94 30.04
N ASP D 156 51.40 -6.58 29.56
CA ASP D 156 52.10 -5.43 30.11
C ASP D 156 51.33 -4.14 29.85
N GLN D 157 50.76 -4.00 28.65
CA GLN D 157 50.02 -2.79 28.33
C GLN D 157 48.78 -2.66 29.19
N LEU D 158 48.12 -3.78 29.49
CA LEU D 158 46.92 -3.72 30.32
C LEU D 158 47.26 -3.50 31.79
N HIS D 159 48.40 -4.01 32.25
CA HIS D 159 48.89 -3.64 33.57
C HIS D 159 49.10 -2.14 33.66
N ASN D 160 49.71 -1.55 32.62
CA ASN D 160 49.86 -0.10 32.57
C ASN D 160 48.50 0.59 32.59
N ALA D 161 47.54 0.10 31.79
CA ALA D 161 46.22 0.69 31.75
C ALA D 161 45.55 0.66 33.11
N LEU D 162 45.81 -0.39 33.90
CA LEU D 162 45.33 -0.39 35.28
C LEU D 162 46.03 0.69 36.10
N HIS D 163 47.36 0.76 35.99
CA HIS D 163 48.11 1.67 36.87
C HIS D 163 47.77 3.13 36.59
N LEU D 164 47.44 3.46 35.34
CA LEU D 164 47.03 4.84 35.04
C LEU D 164 45.64 5.13 35.60
N ASN D 165 44.66 4.30 35.25
CA ASN D 165 43.30 4.49 35.76
C ASN D 165 42.57 3.16 35.66
N ARG D 166 42.25 2.57 36.80
CA ARG D 166 41.63 1.25 36.81
C ARG D 166 40.20 1.32 36.30
N HIS D 167 39.89 0.51 35.30
CA HIS D 167 38.56 0.40 34.73
C HIS D 167 38.14 -1.07 34.66
N ASP D 168 36.83 -1.29 34.62
CA ASP D 168 36.30 -2.65 34.63
C ASP D 168 36.70 -3.42 33.39
N LEU D 169 36.63 -2.78 32.22
CA LEU D 169 36.92 -3.48 30.98
C LEU D 169 38.37 -3.91 30.88
N THR D 170 39.29 -3.13 31.45
CA THR D 170 40.68 -3.55 31.51
C THR D 170 40.83 -4.81 32.35
N TYR D 171 40.13 -4.86 33.49
CA TYR D 171 40.14 -6.06 34.32
C TYR D 171 39.60 -7.25 33.56
N ILE D 172 38.52 -7.05 32.80
CA ILE D 172 37.94 -8.14 32.03
C ILE D 172 38.92 -8.65 30.98
N MET D 173 39.58 -7.73 30.27
CA MET D 173 40.53 -8.15 29.24
C MET D 173 41.74 -8.85 29.85
N LEU D 174 42.19 -8.40 31.02
CA LEU D 174 43.30 -9.08 31.68
C LEU D 174 42.90 -10.49 32.11
N GLY D 175 41.70 -10.64 32.67
CA GLY D 175 41.21 -11.97 32.98
C GLY D 175 41.11 -12.85 31.75
N LYS D 176 40.68 -12.27 30.62
CA LYS D 176 40.61 -13.04 29.39
C LYS D 176 41.99 -13.47 28.93
N ILE D 177 42.98 -12.60 29.07
CA ILE D 177 44.36 -12.96 28.74
C ILE D 177 44.83 -14.12 29.61
N PHE D 178 44.60 -14.01 30.92
CA PHE D 178 45.08 -15.03 31.83
C PHE D 178 44.30 -16.34 31.70
N LEU D 179 43.12 -16.30 31.11
CA LEU D 179 42.39 -17.53 30.84
C LEU D 179 42.85 -18.17 29.54
N LEU D 180 42.99 -17.37 28.48
CA LEU D 180 43.45 -17.90 27.20
C LEU D 180 44.85 -18.47 27.30
N LYS D 181 45.78 -17.67 27.84
CA LYS D 181 47.17 -18.11 27.95
C LYS D 181 47.30 -19.29 28.90
N GLY D 182 46.94 -19.09 30.17
CA GLY D 182 47.24 -20.09 31.18
C GLY D 182 46.05 -20.64 31.92
N ASP D 183 46.07 -20.51 33.25
CA ASP D 183 45.14 -21.19 34.14
C ASP D 183 44.33 -20.17 34.92
N LEU D 184 43.27 -20.68 35.57
CA LEU D 184 42.44 -19.86 36.43
C LEU D 184 43.16 -19.44 37.69
N ASP D 185 44.29 -20.10 38.03
CA ASP D 185 45.07 -19.68 39.18
C ASP D 185 45.53 -18.23 39.05
N LYS D 186 45.71 -17.75 37.83
CA LYS D 186 46.07 -16.36 37.59
C LYS D 186 44.87 -15.46 37.40
N ALA D 187 43.69 -16.02 37.10
CA ALA D 187 42.51 -15.21 36.84
C ALA D 187 41.67 -14.97 38.09
N ILE D 188 41.73 -15.87 39.08
CA ILE D 188 40.93 -15.70 40.28
C ILE D 188 41.37 -14.46 41.05
N GLU D 189 42.68 -14.24 41.16
CA GLU D 189 43.18 -13.06 41.83
C GLU D 189 42.72 -11.78 41.14
N ILE D 190 42.80 -11.74 39.82
CA ILE D 190 42.43 -10.54 39.08
C ILE D 190 40.94 -10.27 39.22
N TYR D 191 40.11 -11.30 39.07
CA TYR D 191 38.67 -11.09 39.17
C TYR D 191 38.26 -10.73 40.59
N LYS D 192 38.92 -11.30 41.61
CA LYS D 192 38.60 -10.91 42.98
C LYS D 192 38.97 -9.46 43.23
N LYS D 193 40.17 -9.05 42.80
CA LYS D 193 40.57 -7.66 42.94
C LYS D 193 39.65 -6.73 42.16
N ALA D 194 39.11 -7.19 41.03
CA ALA D 194 38.21 -6.36 40.24
C ALA D 194 36.88 -6.18 40.96
N VAL D 195 36.23 -7.27 41.37
CA VAL D 195 34.97 -7.18 42.08
C VAL D 195 35.13 -6.50 43.44
N GLU D 196 36.37 -6.41 43.95
CA GLU D 196 36.59 -5.72 45.22
C GLU D 196 36.01 -4.32 45.22
N PHE D 197 36.25 -3.55 44.15
CA PHE D 197 35.68 -2.22 44.01
C PHE D 197 34.69 -2.23 42.85
N SER D 198 33.70 -1.34 42.95
CA SER D 198 32.55 -1.32 42.03
C SER D 198 31.94 -2.71 41.91
N PRO D 199 31.35 -3.24 42.98
CA PRO D 199 30.93 -4.65 42.98
C PRO D 199 29.54 -4.86 42.41
N GLU D 200 29.01 -3.88 41.70
CA GLU D 200 27.67 -3.95 41.15
C GLU D 200 27.65 -4.37 39.68
N ASN D 201 28.81 -4.62 39.08
CA ASN D 201 28.87 -5.06 37.69
C ASN D 201 28.53 -6.54 37.62
N THR D 202 27.47 -6.86 36.88
CA THR D 202 27.03 -8.25 36.78
C THR D 202 28.04 -9.12 36.06
N GLU D 203 28.73 -8.56 35.06
CA GLU D 203 29.69 -9.34 34.29
C GLU D 203 30.81 -9.87 35.17
N LEU D 204 31.38 -9.01 36.02
CA LEU D 204 32.48 -9.42 36.88
C LEU D 204 32.07 -10.49 37.87
N LEU D 205 30.98 -10.24 38.60
CA LEU D 205 30.46 -11.22 39.55
C LEU D 205 30.19 -12.56 38.87
N THR D 206 29.50 -12.53 37.73
CA THR D 206 29.12 -13.77 37.06
C THR D 206 30.34 -14.52 36.54
N THR D 207 31.33 -13.80 36.01
CA THR D 207 32.51 -14.46 35.49
C THR D 207 33.35 -15.06 36.61
N LEU D 208 33.45 -14.36 37.75
CA LEU D 208 34.15 -14.92 38.89
C LEU D 208 33.43 -16.15 39.43
N GLY D 209 32.10 -16.11 39.45
CA GLY D 209 31.34 -17.29 39.86
C GLY D 209 31.55 -18.46 38.93
N LEU D 210 31.54 -18.19 37.62
CA LEU D 210 31.82 -19.24 36.64
C LEU D 210 33.20 -19.83 36.86
N LEU D 211 34.21 -18.98 37.09
CA LEU D 211 35.55 -19.49 37.31
C LEU D 211 35.66 -20.27 38.60
N TYR D 212 34.84 -19.93 39.60
CA TYR D 212 34.76 -20.77 40.79
C TYR D 212 34.16 -22.13 40.47
N LEU D 213 33.12 -22.17 39.63
CA LEU D 213 32.61 -23.45 39.16
C LEU D 213 33.69 -24.26 38.46
N GLN D 214 34.49 -23.60 37.62
CA GLN D 214 35.54 -24.30 36.87
C GLN D 214 36.52 -25.00 37.81
N LEU D 215 36.63 -24.55 39.05
CA LEU D 215 37.46 -25.20 40.05
C LEU D 215 36.57 -25.95 41.05
N GLY D 216 37.19 -26.49 42.10
CA GLY D 216 36.46 -27.32 43.02
C GLY D 216 35.47 -26.57 43.89
N ILE D 217 35.69 -25.26 44.06
CA ILE D 217 34.84 -24.49 44.97
C ILE D 217 33.44 -24.37 44.39
N TYR D 218 32.45 -24.83 45.16
CA TYR D 218 31.05 -24.67 44.79
C TYR D 218 30.31 -23.70 45.70
N GLN D 219 30.93 -23.25 46.78
CA GLN D 219 30.28 -22.39 47.77
C GLN D 219 30.39 -20.91 47.40
N LYS D 220 31.61 -20.42 47.18
CA LYS D 220 31.78 -19.03 46.78
C LYS D 220 31.19 -18.78 45.39
N ALA D 221 31.14 -19.82 44.55
CA ALA D 221 30.44 -19.71 43.28
C ALA D 221 28.97 -19.39 43.50
N PHE D 222 28.32 -20.13 44.41
CA PHE D 222 26.93 -19.85 44.75
C PHE D 222 26.79 -18.47 45.36
N GLU D 223 27.76 -18.08 46.19
CA GLU D 223 27.73 -16.74 46.79
C GLU D 223 27.69 -15.65 45.73
N HIS D 224 28.61 -15.73 44.76
CA HIS D 224 28.68 -14.68 43.75
C HIS D 224 27.51 -14.75 42.77
N LEU D 225 27.03 -15.96 42.44
CA LEU D 225 25.87 -16.05 41.56
C LEU D 225 24.63 -15.48 42.24
N GLY D 226 24.46 -15.72 43.54
CA GLY D 226 23.38 -15.08 44.27
C GLY D 226 23.56 -13.57 44.37
N ASN D 227 24.80 -13.11 44.54
CA ASN D 227 25.07 -11.68 44.51
C ASN D 227 24.62 -11.07 43.18
N THR D 228 24.90 -11.75 42.08
CA THR D 228 24.41 -11.30 40.78
C THR D 228 22.89 -11.32 40.72
N LEU D 229 22.28 -12.39 41.22
CA LEU D 229 20.84 -12.56 41.07
C LEU D 229 20.06 -11.56 41.92
N THR D 230 20.66 -11.08 43.01
CA THR D 230 20.03 -10.01 43.78
C THR D 230 19.83 -8.77 42.91
N TYR D 231 20.89 -8.33 42.23
CA TYR D 231 20.78 -7.21 41.31
C TYR D 231 19.83 -7.52 40.16
N ASP D 232 20.18 -8.53 39.35
CA ASP D 232 19.37 -8.92 38.21
C ASP D 232 18.74 -10.27 38.48
N PRO D 233 17.44 -10.36 38.76
CA PRO D 233 16.83 -11.67 39.04
C PRO D 233 16.72 -12.55 37.82
N THR D 234 16.56 -11.97 36.63
CA THR D 234 16.31 -12.73 35.41
C THR D 234 17.56 -12.86 34.54
N ASN D 235 18.74 -12.82 35.15
CA ASN D 235 19.98 -12.91 34.40
C ASN D 235 20.15 -14.33 33.86
N TYR D 236 20.06 -14.48 32.54
CA TYR D 236 20.08 -15.81 31.93
C TYR D 236 21.43 -16.49 32.10
N LYS D 237 22.51 -15.76 31.87
CA LYS D 237 23.86 -16.34 31.99
C LYS D 237 24.19 -16.77 33.41
N ALA D 238 23.51 -16.19 34.41
CA ALA D 238 23.73 -16.59 35.80
C ALA D 238 22.72 -17.65 36.23
N ILE D 239 21.47 -17.55 35.78
CA ILE D 239 20.48 -18.57 36.07
C ILE D 239 20.93 -19.93 35.53
N LEU D 240 21.54 -19.94 34.35
CA LEU D 240 21.98 -21.20 33.77
C LEU D 240 23.00 -21.89 34.67
N ALA D 241 24.02 -21.15 35.12
CA ALA D 241 25.06 -21.74 35.95
C ALA D 241 24.53 -22.10 37.33
N ALA D 242 23.63 -21.28 37.89
CA ALA D 242 23.05 -21.61 39.18
C ALA D 242 22.25 -22.90 39.10
N GLY D 243 21.43 -23.04 38.06
CA GLY D 243 20.68 -24.28 37.87
C GLY D 243 21.58 -25.47 37.65
N SER D 244 22.69 -25.27 36.93
CA SER D 244 23.67 -26.35 36.76
C SER D 244 24.21 -26.81 38.11
N MET D 245 24.70 -25.86 38.91
CA MET D 245 25.22 -26.20 40.23
C MET D 245 24.16 -26.91 41.07
N MET D 246 22.92 -26.44 41.01
CA MET D 246 21.85 -27.09 41.77
C MET D 246 21.64 -28.53 41.32
N GLN D 247 21.50 -28.74 40.01
CA GLN D 247 21.36 -30.09 39.48
C GLN D 247 22.49 -31.00 39.94
N THR D 248 23.70 -30.46 40.04
CA THR D 248 24.83 -31.30 40.42
C THR D 248 24.63 -31.91 41.81
N HIS D 249 24.16 -31.11 42.76
CA HIS D 249 23.86 -31.60 44.11
C HIS D 249 22.38 -31.91 44.27
N GLY D 250 21.88 -32.80 43.42
CA GLY D 250 20.51 -33.27 43.56
C GLY D 250 19.49 -32.17 43.35
N ASP D 251 18.46 -32.18 44.19
CA ASP D 251 17.41 -31.15 44.31
C ASP D 251 17.05 -30.53 42.96
N PHE D 252 16.61 -31.39 42.05
CA PHE D 252 16.32 -30.98 40.68
C PHE D 252 15.16 -30.02 40.57
N ASP D 253 14.24 -30.00 41.53
CA ASP D 253 13.08 -29.11 41.43
C ASP D 253 13.48 -27.64 41.58
N VAL D 254 14.48 -27.36 42.40
CA VAL D 254 14.92 -25.97 42.56
C VAL D 254 15.53 -25.47 41.25
N ALA D 255 16.36 -26.29 40.60
CA ALA D 255 16.91 -25.91 39.31
C ALA D 255 15.82 -25.81 38.26
N LEU D 256 14.79 -26.65 38.35
CA LEU D 256 13.69 -26.58 37.41
C LEU D 256 12.94 -25.27 37.55
N THR D 257 12.78 -24.79 38.79
CA THR D 257 12.15 -23.49 38.99
C THR D 257 13.03 -22.35 38.49
N LYS D 258 14.34 -22.45 38.77
CA LYS D 258 15.29 -21.48 38.21
C LYS D 258 15.16 -21.38 36.70
N TYR D 259 15.01 -22.53 36.03
CA TYR D 259 14.86 -22.52 34.58
C TYR D 259 13.50 -22.01 34.14
N LYS D 260 12.45 -22.28 34.93
CA LYS D 260 11.15 -21.71 34.65
C LYS D 260 11.19 -20.19 34.71
N VAL D 261 12.10 -19.64 35.51
CA VAL D 261 12.23 -18.18 35.61
C VAL D 261 12.60 -17.57 34.27
N VAL D 262 13.40 -18.26 33.45
CA VAL D 262 13.97 -17.68 32.24
C VAL D 262 13.53 -18.42 30.99
N ALA D 263 12.57 -19.35 31.10
CA ALA D 263 12.20 -20.17 29.97
C ALA D 263 11.64 -19.34 28.82
N CYS D 264 10.82 -18.34 29.14
CA CYS D 264 10.18 -17.55 28.08
C CYS D 264 11.13 -16.56 27.44
N ALA D 265 12.11 -16.05 28.19
CA ALA D 265 13.08 -15.12 27.64
C ALA D 265 13.90 -15.78 26.54
N VAL D 266 14.37 -17.00 26.79
CA VAL D 266 15.08 -17.80 25.80
C VAL D 266 14.30 -19.09 25.62
N ILE D 267 13.38 -19.09 24.64
CA ILE D 267 12.51 -20.24 24.44
C ILE D 267 13.16 -21.31 23.58
N GLU D 268 14.17 -20.95 22.79
CA GLU D 268 14.90 -21.90 21.95
C GLU D 268 16.38 -21.70 22.18
N SER D 269 16.91 -22.37 23.20
CA SER D 269 18.34 -22.37 23.47
C SER D 269 18.78 -23.75 23.89
N PRO D 270 19.68 -24.38 23.14
CA PRO D 270 20.06 -25.77 23.41
C PRO D 270 20.54 -26.00 24.84
N PRO D 271 21.37 -25.12 25.42
CA PRO D 271 21.82 -25.39 26.80
C PRO D 271 20.70 -25.44 27.82
N LEU D 272 19.73 -24.52 27.74
CA LEU D 272 18.63 -24.53 28.68
C LEU D 272 17.84 -25.83 28.59
N TRP D 273 17.52 -26.26 27.38
CA TRP D 273 16.72 -27.47 27.23
C TRP D 273 17.52 -28.72 27.59
N ASN D 274 18.83 -28.70 27.39
CA ASN D 274 19.65 -29.82 27.84
C ASN D 274 19.64 -29.92 29.36
N ASN D 275 19.79 -28.78 30.04
CA ASN D 275 19.73 -28.79 31.49
C ASN D 275 18.34 -29.19 32.00
N ILE D 276 17.29 -28.78 31.29
CA ILE D 276 15.93 -29.15 31.69
C ILE D 276 15.70 -30.64 31.49
N GLY D 277 16.24 -31.20 30.40
CA GLY D 277 16.15 -32.62 30.18
C GLY D 277 16.91 -33.42 31.22
N MET D 278 18.06 -32.89 31.67
CA MET D 278 18.76 -33.57 32.75
C MET D 278 18.03 -33.43 34.08
N CYS D 279 17.33 -32.32 34.29
CA CYS D 279 16.45 -32.19 35.44
C CYS D 279 15.38 -33.28 35.42
N PHE D 280 14.68 -33.41 34.30
CA PHE D 280 13.62 -34.41 34.19
C PHE D 280 14.17 -35.83 34.17
N PHE D 281 15.45 -36.02 33.84
CA PHE D 281 16.05 -37.34 33.92
C PHE D 281 16.49 -37.67 35.34
N GLY D 282 16.79 -36.65 36.14
CA GLY D 282 17.09 -36.86 37.54
C GLY D 282 15.94 -37.51 38.29
N LYS D 283 14.76 -36.92 38.19
CA LYS D 283 13.59 -37.47 38.90
C LYS D 283 12.80 -38.45 38.02
N LYS D 284 13.53 -39.38 37.40
CA LYS D 284 12.96 -40.57 36.76
C LYS D 284 11.83 -40.27 35.78
N LYS D 285 11.82 -39.06 35.21
CA LYS D 285 10.89 -38.74 34.12
C LYS D 285 11.66 -38.88 32.81
N TYR D 286 11.86 -40.14 32.41
CA TYR D 286 12.77 -40.43 31.30
C TYR D 286 12.18 -39.99 29.97
N VAL D 287 10.87 -40.12 29.78
CA VAL D 287 10.26 -39.74 28.51
C VAL D 287 10.24 -38.23 28.38
N ALA D 288 9.82 -37.53 29.44
CA ALA D 288 9.81 -36.08 29.44
C ALA D 288 11.21 -35.48 29.47
N ALA D 289 12.25 -36.31 29.61
CA ALA D 289 13.63 -35.90 29.45
C ALA D 289 14.15 -36.16 28.04
N ILE D 290 13.78 -37.30 27.46
CA ILE D 290 14.09 -37.56 26.06
C ILE D 290 13.48 -36.48 25.18
N SER D 291 12.28 -36.02 25.54
CA SER D 291 11.63 -34.98 24.76
C SER D 291 12.46 -33.70 24.74
N CYS D 292 12.82 -33.19 25.92
CA CYS D 292 13.60 -31.96 25.99
C CYS D 292 14.98 -32.13 25.35
N LEU D 293 15.60 -33.29 25.56
CA LEU D 293 16.94 -33.50 25.02
C LEU D 293 16.91 -33.59 23.50
N LYS D 294 15.87 -34.23 22.93
CA LYS D 294 15.77 -34.29 21.48
C LYS D 294 15.44 -32.93 20.89
N ARG D 295 14.63 -32.13 21.61
CA ARG D 295 14.37 -30.77 21.15
C ARG D 295 15.66 -29.94 21.13
N ALA D 296 16.47 -30.06 22.18
CA ALA D 296 17.74 -29.34 22.22
C ALA D 296 18.71 -29.85 21.16
N ASN D 297 18.66 -31.15 20.86
CA ASN D 297 19.54 -31.71 19.83
C ASN D 297 19.14 -31.24 18.45
N TYR D 298 17.84 -31.07 18.21
CA TYR D 298 17.39 -30.58 16.92
C TYR D 298 17.88 -29.15 16.67
N LEU D 299 17.93 -28.33 17.72
CA LEU D 299 18.38 -26.96 17.60
C LEU D 299 19.88 -26.81 17.63
N ALA D 300 20.63 -27.90 17.79
CA ALA D 300 22.09 -27.87 17.78
C ALA D 300 22.63 -29.26 17.54
N PRO D 301 22.66 -29.74 16.29
CA PRO D 301 23.07 -31.11 16.02
C PRO D 301 24.57 -31.36 16.16
N LEU D 302 25.36 -30.34 16.46
CA LEU D 302 26.80 -30.48 16.59
C LEU D 302 27.28 -30.34 18.02
N ASP D 303 26.40 -30.46 19.00
CA ASP D 303 26.74 -30.23 20.40
C ASP D 303 26.84 -31.57 21.11
N TRP D 304 28.07 -31.95 21.48
CA TRP D 304 28.32 -33.30 21.95
C TRP D 304 27.66 -33.59 23.28
N LYS D 305 27.40 -32.57 24.09
CA LYS D 305 26.83 -32.83 25.41
C LYS D 305 25.41 -33.37 25.30
N ILE D 306 24.61 -32.81 24.39
CA ILE D 306 23.25 -33.29 24.21
C ILE D 306 23.26 -34.70 23.63
N LEU D 307 24.22 -35.00 22.76
CA LEU D 307 24.30 -36.35 22.19
C LEU D 307 24.68 -37.36 23.26
N TYR D 308 25.63 -36.99 24.14
CA TYR D 308 26.00 -37.85 25.25
C TYR D 308 24.83 -38.07 26.18
N ASN D 309 24.06 -37.02 26.47
CA ASN D 309 22.91 -37.16 27.35
C ASN D 309 21.84 -38.05 26.73
N LEU D 310 21.58 -37.88 25.44
CA LEU D 310 20.61 -38.75 24.77
C LEU D 310 21.07 -40.21 24.81
N GLY D 311 22.35 -40.45 24.54
CA GLY D 311 22.86 -41.81 24.66
C GLY D 311 22.70 -42.39 26.04
N LEU D 312 23.01 -41.59 27.07
CA LEU D 312 22.91 -42.07 28.45
C LEU D 312 21.46 -42.41 28.79
N VAL D 313 20.53 -41.53 28.42
CA VAL D 313 19.13 -41.76 28.76
C VAL D 313 18.58 -42.96 28.02
N HIS D 314 18.96 -43.13 26.74
CA HIS D 314 18.53 -44.31 26.01
C HIS D 314 19.18 -45.58 26.51
N LEU D 315 20.34 -45.47 27.16
CA LEU D 315 20.88 -46.61 27.89
C LEU D 315 20.02 -46.92 29.11
N THR D 316 19.70 -45.90 29.90
CA THR D 316 18.89 -46.10 31.09
C THR D 316 17.50 -46.63 30.74
N MET D 317 16.94 -46.15 29.64
CA MET D 317 15.65 -46.64 29.17
C MET D 317 15.72 -48.02 28.54
N GLN D 318 16.91 -48.61 28.47
CA GLN D 318 17.11 -49.94 27.89
C GLN D 318 16.57 -50.00 26.46
N GLN D 319 17.16 -49.17 25.60
CA GLN D 319 16.83 -49.20 24.18
C GLN D 319 17.99 -49.68 23.32
N TYR D 320 19.21 -49.25 23.61
CA TYR D 320 20.43 -49.92 23.20
C TYR D 320 20.67 -49.86 21.69
N ALA D 321 19.72 -49.32 20.94
CA ALA D 321 19.91 -49.09 19.52
C ALA D 321 20.06 -47.63 19.17
N SER D 322 19.35 -46.75 19.89
CA SER D 322 19.56 -45.32 19.80
C SER D 322 20.69 -44.85 20.70
N ALA D 323 20.90 -45.54 21.83
CA ALA D 323 22.01 -45.20 22.70
C ALA D 323 23.34 -45.29 21.95
N PHE D 324 23.55 -46.38 21.22
CA PHE D 324 24.76 -46.51 20.43
C PHE D 324 24.87 -45.40 19.41
N HIS D 325 23.76 -45.04 18.77
CA HIS D 325 23.79 -44.01 17.73
C HIS D 325 24.21 -42.67 18.30
N PHE D 326 23.56 -42.23 19.39
CA PHE D 326 23.88 -40.93 19.95
C PHE D 326 25.26 -40.90 20.59
N LEU D 327 25.67 -42.01 21.22
CA LEU D 327 27.00 -42.05 21.82
C LEU D 327 28.09 -42.07 20.74
N SER D 328 27.82 -42.72 19.61
CA SER D 328 28.79 -42.69 18.51
C SER D 328 28.87 -41.30 17.90
N ALA D 329 27.75 -40.59 17.82
CA ALA D 329 27.79 -39.20 17.38
C ALA D 329 28.64 -38.36 18.32
N ALA D 330 28.37 -38.46 19.62
CA ALA D 330 29.13 -37.67 20.60
C ALA D 330 30.60 -38.06 20.61
N ILE D 331 30.92 -39.31 20.23
CA ILE D 331 32.30 -39.71 20.06
C ILE D 331 32.91 -38.99 18.86
N ASN D 332 32.21 -39.02 17.72
CA ASN D 332 32.68 -38.32 16.53
C ASN D 332 32.80 -36.82 16.74
N PHE D 333 32.18 -36.26 17.79
CA PHE D 333 32.31 -34.83 18.05
C PHE D 333 33.35 -34.50 19.12
N GLN D 334 33.54 -35.37 20.12
CA GLN D 334 34.62 -35.21 21.08
C GLN D 334 35.23 -36.59 21.35
N PRO D 335 36.24 -36.98 20.56
CA PRO D 335 36.73 -38.36 20.64
C PRO D 335 37.67 -38.63 21.80
N LYS D 336 38.27 -37.60 22.40
CA LYS D 336 39.25 -37.81 23.47
C LYS D 336 38.58 -37.81 24.84
N MET D 337 37.57 -38.66 25.00
CA MET D 337 36.86 -38.80 26.26
C MET D 337 36.83 -40.28 26.65
N GLY D 338 36.69 -40.53 27.94
CA GLY D 338 36.72 -41.89 28.44
C GLY D 338 35.34 -42.47 28.69
N GLU D 339 34.43 -41.63 29.20
CA GLU D 339 33.09 -42.10 29.51
C GLU D 339 32.30 -42.41 28.26
N LEU D 340 32.53 -41.67 27.18
CA LEU D 340 31.83 -41.91 25.93
C LEU D 340 32.06 -43.33 25.43
N TYR D 341 33.32 -43.76 25.39
CA TYR D 341 33.61 -45.11 24.91
C TYR D 341 33.12 -46.17 25.89
N MET D 342 33.11 -45.86 27.19
CA MET D 342 32.52 -46.78 28.16
C MET D 342 31.05 -47.01 27.87
N LEU D 343 30.29 -45.93 27.67
CA LEU D 343 28.86 -46.07 27.41
C LEU D 343 28.61 -46.71 26.05
N LEU D 344 29.44 -46.42 25.06
CA LEU D 344 29.29 -47.10 23.76
C LEU D 344 29.55 -48.59 23.90
N ALA D 345 30.50 -48.97 24.74
CA ALA D 345 30.76 -50.38 24.96
C ALA D 345 29.63 -51.05 25.72
N VAL D 346 29.02 -50.34 26.67
CA VAL D 346 27.86 -50.87 27.37
C VAL D 346 26.69 -51.04 26.42
N ALA D 347 26.56 -50.14 25.44
CA ALA D 347 25.53 -50.31 24.42
C ALA D 347 25.85 -51.45 23.46
N LEU D 348 27.13 -51.69 23.18
CA LEU D 348 27.53 -52.79 22.31
C LEU D 348 27.44 -54.15 22.99
N THR D 349 27.53 -54.18 24.32
CA THR D 349 27.41 -55.45 25.04
C THR D 349 26.01 -56.03 24.91
N ASN D 350 24.99 -55.17 24.79
CA ASN D 350 23.61 -55.60 24.64
C ASN D 350 23.15 -55.59 23.18
N LEU D 351 24.08 -55.42 22.24
CA LEU D 351 23.77 -55.44 20.82
C LEU D 351 24.35 -56.66 20.12
N GLU D 352 24.68 -57.71 20.88
CA GLU D 352 25.26 -58.93 20.33
C GLU D 352 26.53 -58.65 19.54
N ASP D 353 27.35 -57.74 20.07
CA ASP D 353 28.65 -57.40 19.49
C ASP D 353 29.62 -57.21 20.64
N SER D 354 30.32 -58.29 21.00
CA SER D 354 31.21 -58.26 22.15
C SER D 354 32.65 -57.89 21.79
N GLU D 355 33.08 -58.17 20.57
CA GLU D 355 34.42 -57.78 20.15
C GLU D 355 34.54 -56.26 20.04
N ASN D 356 33.53 -55.62 19.45
CA ASN D 356 33.50 -54.17 19.41
C ASN D 356 33.46 -53.59 20.82
N ALA D 357 32.74 -54.25 21.73
CA ALA D 357 32.74 -53.80 23.12
C ALA D 357 34.13 -53.94 23.74
N LYS D 358 34.84 -55.02 23.42
CA LYS D 358 36.21 -55.20 23.90
C LYS D 358 37.09 -54.04 23.46
N ARG D 359 37.09 -53.76 22.15
CA ARG D 359 37.98 -52.71 21.65
C ARG D 359 37.55 -51.34 22.14
N ALA D 360 36.25 -51.10 22.31
CA ALA D 360 35.79 -49.83 22.86
C ALA D 360 36.22 -49.67 24.30
N TYR D 361 36.15 -50.74 25.09
CA TYR D 361 36.61 -50.67 26.48
C TYR D 361 38.11 -50.44 26.54
N GLU D 362 38.86 -51.04 25.60
CA GLU D 362 40.30 -50.77 25.56
C GLU D 362 40.58 -49.31 25.27
N GLU D 363 39.89 -48.76 24.26
CA GLU D 363 39.99 -47.33 23.98
C GLU D 363 39.68 -46.50 25.22
N ALA D 364 38.62 -46.86 25.94
CA ALA D 364 38.21 -46.09 27.11
C ALA D 364 39.25 -46.14 28.21
N VAL D 365 39.71 -47.35 28.56
CA VAL D 365 40.66 -47.48 29.66
C VAL D 365 41.97 -46.80 29.30
N ARG D 366 42.34 -46.78 28.01
CA ARG D 366 43.52 -46.02 27.61
C ARG D 366 43.27 -44.53 27.73
N LEU D 367 42.05 -44.08 27.47
CA LEU D 367 41.73 -42.66 27.41
C LEU D 367 41.10 -42.13 28.70
N ASP D 368 40.89 -42.98 29.70
CA ASP D 368 40.34 -42.55 30.97
C ASP D 368 41.42 -42.62 32.04
N LYS D 369 41.39 -41.65 32.96
CA LYS D 369 42.40 -41.55 34.01
C LYS D 369 41.83 -41.56 35.42
N CYS D 370 40.69 -40.91 35.65
CA CYS D 370 40.19 -40.69 37.01
C CYS D 370 38.71 -41.02 37.12
N ASN D 371 38.27 -42.10 36.47
CA ASN D 371 36.90 -42.59 36.62
C ASN D 371 36.91 -44.11 36.72
N PRO D 372 36.71 -44.66 37.92
CA PRO D 372 36.76 -46.12 38.09
C PRO D 372 35.55 -46.85 37.53
N LEU D 373 34.48 -46.14 37.17
CA LEU D 373 33.31 -46.80 36.62
C LEU D 373 33.64 -47.56 35.34
N VAL D 374 34.52 -47.00 34.51
CA VAL D 374 34.93 -47.67 33.28
C VAL D 374 35.61 -48.99 33.61
N ASN D 375 36.54 -48.98 34.56
CA ASN D 375 37.24 -50.20 34.94
C ASN D 375 36.28 -51.23 35.50
N LEU D 376 35.35 -50.82 36.36
CA LEU D 376 34.41 -51.77 36.94
C LEU D 376 33.51 -52.38 35.86
N ASN D 377 33.05 -51.55 34.91
CA ASN D 377 32.19 -52.08 33.85
C ASN D 377 32.95 -53.00 32.92
N TYR D 378 34.23 -52.73 32.67
CA TYR D 378 35.01 -53.64 31.84
C TYR D 378 35.28 -54.94 32.58
N ALA D 379 35.46 -54.86 33.90
CA ALA D 379 35.59 -56.08 34.70
C ALA D 379 34.31 -56.90 34.64
N VAL D 380 33.16 -56.23 34.69
CA VAL D 380 31.88 -56.93 34.58
C VAL D 380 31.74 -57.61 33.23
N LEU D 381 32.09 -56.88 32.15
CA LEU D 381 32.06 -57.49 30.82
C LEU D 381 32.96 -58.71 30.75
N LEU D 382 34.18 -58.60 31.29
CA LEU D 382 35.12 -59.72 31.22
C LEU D 382 34.61 -60.92 32.01
N TYR D 383 34.16 -60.68 33.24
CA TYR D 383 33.69 -61.78 34.08
C TYR D 383 32.46 -62.44 33.46
N ASN D 384 31.59 -61.66 32.83
CA ASN D 384 30.45 -62.25 32.13
C ASN D 384 30.86 -62.99 30.87
N GLN D 385 32.04 -62.68 30.31
CA GLN D 385 32.56 -63.41 29.17
C GLN D 385 33.20 -64.74 29.56
N GLY D 386 33.20 -65.08 30.85
CA GLY D 386 33.77 -66.33 31.32
C GLY D 386 35.27 -66.32 31.51
N GLU D 387 35.91 -65.17 31.42
CA GLU D 387 37.37 -65.12 31.55
C GLU D 387 37.79 -65.24 33.02
N LYS D 388 37.37 -64.28 33.85
CA LYS D 388 37.74 -64.14 35.25
C LYS D 388 39.22 -63.87 35.45
N ARG D 389 40.01 -63.77 34.38
CA ARG D 389 41.44 -63.52 34.49
C ARG D 389 41.75 -62.03 34.38
N ASP D 390 41.38 -61.41 33.26
CA ASP D 390 41.59 -59.98 33.09
C ASP D 390 40.56 -59.16 33.87
N ALA D 391 39.46 -59.78 34.30
CA ALA D 391 38.53 -59.10 35.19
C ALA D 391 39.24 -58.66 36.47
N LEU D 392 40.15 -59.50 36.98
CA LEU D 392 40.96 -59.09 38.12
C LEU D 392 41.88 -57.93 37.76
N ALA D 393 42.40 -57.89 36.53
CA ALA D 393 43.23 -56.77 36.11
C ALA D 393 42.43 -55.48 36.12
N GLN D 394 41.21 -55.51 35.61
CA GLN D 394 40.38 -54.30 35.62
C GLN D 394 39.95 -53.92 37.03
N TYR D 395 39.70 -54.91 37.90
CA TYR D 395 39.38 -54.60 39.29
C TYR D 395 40.57 -53.92 39.97
N GLN D 396 41.78 -54.42 39.73
CA GLN D 396 42.95 -53.81 40.33
C GLN D 396 43.21 -52.43 39.75
N GLU D 397 42.92 -52.22 38.46
CA GLU D 397 43.04 -50.89 37.87
C GLU D 397 42.06 -49.91 38.52
N MET D 398 40.82 -50.36 38.76
CA MET D 398 39.85 -49.51 39.43
C MET D 398 40.30 -49.17 40.85
N GLU D 399 40.72 -50.19 41.61
CA GLU D 399 41.13 -49.96 42.98
C GLU D 399 42.40 -49.12 43.07
N LYS D 400 43.22 -49.11 42.01
CA LYS D 400 44.32 -48.16 41.93
C LYS D 400 43.80 -46.75 41.65
N LYS D 401 42.75 -46.63 40.83
CA LYS D 401 42.20 -45.31 40.53
C LYS D 401 41.63 -44.65 41.78
N VAL D 402 40.90 -45.40 42.60
CA VAL D 402 40.35 -44.86 43.84
C VAL D 402 41.43 -44.84 44.91
N SER D 408 33.91 -42.19 44.44
CA SER D 408 33.75 -43.07 45.63
C SER D 408 32.37 -42.87 46.23
N SER D 409 31.45 -42.19 45.53
CA SER D 409 30.14 -41.87 46.17
C SER D 409 28.95 -42.67 45.66
N SER D 410 28.94 -43.15 44.42
CA SER D 410 27.70 -43.76 43.84
C SER D 410 27.23 -44.98 44.63
N LEU D 411 25.93 -45.01 44.93
CA LEU D 411 25.38 -46.13 45.72
C LEU D 411 25.48 -47.45 44.97
N GLU D 412 25.27 -47.46 43.65
CA GLU D 412 25.20 -48.78 42.95
C GLU D 412 26.55 -49.18 42.37
N PHE D 413 27.51 -48.28 42.33
CA PHE D 413 28.85 -48.71 41.87
C PHE D 413 29.60 -49.26 43.07
N ASP D 414 29.11 -48.99 44.29
CA ASP D 414 29.73 -49.57 45.51
C ASP D 414 29.47 -51.07 45.56
N PRO D 415 28.21 -51.51 45.38
CA PRO D 415 27.90 -52.92 45.55
C PRO D 415 28.59 -53.78 44.50
N GLU D 416 28.57 -53.34 43.25
CA GLU D 416 29.15 -54.14 42.16
C GLU D 416 30.65 -54.17 42.38
N MET D 417 31.17 -53.14 43.05
CA MET D 417 32.61 -53.15 43.41
C MET D 417 32.87 -54.38 44.28
N VAL D 418 32.04 -54.60 45.31
CA VAL D 418 32.29 -55.66 46.27
C VAL D 418 31.81 -57.00 45.74
N GLU D 419 30.79 -57.01 44.87
CA GLU D 419 30.28 -58.28 44.36
C GLU D 419 31.22 -58.87 43.32
N VAL D 420 31.81 -58.03 42.47
CA VAL D 420 32.82 -58.53 41.53
C VAL D 420 34.12 -58.82 42.25
N ALA D 421 34.32 -58.26 43.45
CA ALA D 421 35.48 -58.61 44.25
C ALA D 421 35.33 -60.01 44.86
N GLN D 422 34.29 -60.19 45.67
CA GLN D 422 34.13 -61.45 46.41
C GLN D 422 33.95 -62.63 45.46
N LYS D 423 33.31 -62.41 44.32
CA LYS D 423 33.11 -63.48 43.33
C LYS D 423 34.28 -63.62 42.38
N LEU D 424 35.47 -63.14 42.78
CA LEU D 424 36.65 -63.23 41.92
C LEU D 424 37.90 -63.51 42.76
N ALA E 6 7.79 -81.51 -12.17
CA ALA E 6 8.60 -81.69 -13.37
C ALA E 6 9.18 -80.37 -13.85
N LEU E 7 8.31 -79.41 -14.17
CA LEU E 7 8.70 -78.11 -14.67
C LEU E 7 8.30 -77.06 -13.65
N TRP E 8 9.29 -76.37 -13.08
CA TRP E 8 9.05 -75.35 -12.07
C TRP E 8 9.60 -73.98 -12.45
N GLU E 9 10.42 -73.90 -13.51
CA GLU E 9 11.09 -72.64 -13.83
C GLU E 9 10.10 -71.51 -14.08
N ASP E 10 8.95 -71.80 -14.69
CA ASP E 10 7.95 -70.79 -14.99
C ASP E 10 6.74 -70.87 -14.05
N ARG E 11 6.89 -71.50 -12.89
CA ARG E 11 5.78 -71.67 -11.96
C ARG E 11 6.10 -71.27 -10.53
N ASP E 12 7.35 -70.98 -10.19
CA ASP E 12 7.73 -70.65 -8.82
C ASP E 12 8.65 -69.45 -8.83
N VAL E 13 9.03 -69.01 -7.62
CA VAL E 13 10.00 -67.96 -7.43
C VAL E 13 10.96 -68.45 -6.36
N ARG E 14 12.21 -68.70 -6.75
CA ARG E 14 13.18 -69.35 -5.87
C ARG E 14 14.36 -68.42 -5.59
N PHE E 15 14.91 -68.56 -4.39
CA PHE E 15 15.99 -67.72 -3.90
C PHE E 15 17.16 -68.61 -3.50
N ASP E 16 18.38 -68.11 -3.73
CA ASP E 16 19.61 -68.86 -3.49
C ASP E 16 19.59 -70.19 -4.24
N VAL E 17 19.30 -70.10 -5.54
CA VAL E 17 19.15 -71.27 -6.39
C VAL E 17 20.53 -71.84 -6.67
N SER E 18 20.60 -73.12 -7.04
CA SER E 18 21.86 -73.80 -7.31
C SER E 18 22.38 -73.42 -8.70
N SER E 19 23.66 -73.69 -8.91
CA SER E 19 24.31 -73.37 -10.19
C SER E 19 23.78 -74.21 -11.34
N GLN E 20 23.04 -75.27 -11.07
CA GLN E 20 22.49 -76.13 -12.11
C GLN E 20 21.07 -75.74 -12.51
N GLN E 21 20.23 -75.36 -11.55
CA GLN E 21 18.86 -74.97 -11.87
C GLN E 21 18.80 -73.64 -12.60
N MET E 22 19.86 -72.84 -12.56
CA MET E 22 19.93 -71.63 -13.37
C MET E 22 20.23 -71.92 -14.82
N LYS E 23 20.71 -73.13 -15.13
CA LYS E 23 21.06 -73.47 -16.50
C LYS E 23 19.82 -73.67 -17.35
N THR E 24 19.93 -73.26 -18.62
CA THR E 24 18.84 -73.35 -19.57
C THR E 24 18.28 -74.76 -19.68
N ARG E 25 17.00 -74.91 -19.33
CA ARG E 25 16.31 -76.17 -19.53
C ARG E 25 16.25 -76.48 -21.04
N PRO E 26 16.15 -77.77 -21.41
CA PRO E 26 16.05 -78.12 -22.85
C PRO E 26 15.11 -77.24 -23.66
N GLY E 27 13.85 -77.13 -23.25
CA GLY E 27 12.92 -76.29 -23.97
C GLY E 27 13.13 -74.81 -23.77
N GLU E 28 13.82 -74.43 -22.70
CA GLU E 28 14.15 -73.04 -22.44
C GLU E 28 15.20 -72.55 -23.42
N VAL E 29 15.32 -71.23 -23.53
CA VAL E 29 16.38 -70.62 -24.33
C VAL E 29 16.62 -69.19 -23.86
N LEU E 30 17.89 -68.85 -23.66
CA LEU E 30 18.25 -67.49 -23.28
C LEU E 30 17.93 -66.52 -24.42
N ILE E 31 17.57 -65.28 -24.05
CA ILE E 31 17.27 -64.23 -25.01
C ILE E 31 18.19 -63.03 -24.84
N ASP E 32 18.18 -62.40 -23.68
CA ASP E 32 18.99 -61.22 -23.45
C ASP E 32 19.59 -61.25 -22.06
N CYS E 33 20.71 -60.53 -21.91
CA CYS E 33 21.47 -60.52 -20.67
C CYS E 33 21.98 -59.11 -20.43
N LEU E 34 22.29 -58.81 -19.17
CA LEU E 34 22.84 -57.52 -18.81
C LEU E 34 23.65 -57.64 -17.53
N ASP E 35 24.90 -57.18 -17.56
CA ASP E 35 25.77 -57.19 -16.41
C ASP E 35 25.55 -55.94 -15.55
N SER E 36 26.07 -55.99 -14.33
CA SER E 36 26.09 -54.87 -13.39
C SER E 36 24.68 -54.41 -12.99
N VAL E 37 23.68 -55.26 -13.13
CA VAL E 37 22.33 -54.93 -12.68
C VAL E 37 22.25 -55.19 -11.18
N GLU E 38 22.29 -54.11 -10.39
CA GLU E 38 22.23 -54.23 -8.95
C GLU E 38 20.83 -54.65 -8.50
N ASP E 39 20.78 -55.44 -7.44
CA ASP E 39 19.52 -55.88 -6.86
C ASP E 39 19.13 -54.98 -5.70
N THR E 40 17.86 -54.56 -5.70
CA THR E 40 17.30 -53.77 -4.62
C THR E 40 15.91 -54.30 -4.30
N LYS E 41 15.35 -53.77 -3.21
CA LYS E 41 14.37 -54.35 -2.30
C LYS E 41 15.09 -55.34 -1.36
N GLY E 42 16.35 -55.66 -1.62
CA GLY E 42 17.23 -56.23 -0.63
C GLY E 42 18.47 -55.39 -0.55
N ASN E 43 18.67 -54.68 0.56
CA ASN E 43 19.71 -53.67 0.61
C ASN E 43 21.09 -54.29 0.86
N ASN E 44 21.46 -55.27 0.05
CA ASN E 44 22.81 -55.81 0.08
C ASN E 44 23.79 -54.97 -0.73
N GLY E 45 23.30 -54.05 -1.55
CA GLY E 45 24.15 -53.19 -2.35
C GLY E 45 25.11 -53.94 -3.24
N ASP E 46 24.72 -55.13 -3.67
CA ASP E 46 25.59 -56.01 -4.44
C ASP E 46 25.13 -56.08 -5.89
N ARG E 47 26.09 -56.08 -6.80
CA ARG E 47 25.79 -56.11 -8.23
C ARG E 47 25.37 -57.50 -8.66
N GLY E 48 25.23 -57.70 -9.96
CA GLY E 48 24.85 -59.00 -10.47
C GLY E 48 24.77 -58.99 -11.98
N ARG E 49 23.97 -59.92 -12.49
CA ARG E 49 23.74 -60.11 -13.91
C ARG E 49 22.33 -60.64 -14.08
N LEU E 50 21.60 -60.03 -15.00
CA LEU E 50 20.19 -60.31 -15.23
C LEU E 50 20.05 -61.03 -16.56
N LEU E 51 19.18 -62.03 -16.59
CA LEU E 51 18.95 -62.88 -17.75
C LEU E 51 17.45 -62.98 -17.99
N VAL E 52 17.02 -62.69 -19.20
CA VAL E 52 15.61 -62.83 -19.58
C VAL E 52 15.52 -64.06 -20.48
N THR E 53 15.22 -65.20 -19.88
CA THR E 53 15.20 -66.46 -20.60
C THR E 53 13.85 -66.65 -21.30
N ASN E 54 13.60 -67.86 -21.78
CA ASN E 54 12.36 -68.16 -22.48
C ASN E 54 11.19 -68.39 -21.54
N LEU E 55 11.45 -68.86 -20.32
CA LEU E 55 10.40 -69.20 -19.38
C LEU E 55 10.47 -68.44 -18.07
N ARG E 56 11.59 -67.79 -17.76
CA ARG E 56 11.72 -67.11 -16.47
C ARG E 56 12.85 -66.09 -16.55
N ILE E 57 12.88 -65.23 -15.55
CA ILE E 57 13.92 -64.22 -15.42
C ILE E 57 14.82 -64.60 -14.25
N VAL E 58 16.13 -64.53 -14.48
CA VAL E 58 17.12 -65.00 -13.51
C VAL E 58 18.06 -63.85 -13.20
N TRP E 59 18.55 -63.81 -11.97
CA TRP E 59 19.54 -62.81 -11.59
C TRP E 59 20.55 -63.44 -10.66
N HIS E 60 21.83 -63.39 -11.04
CA HIS E 60 22.88 -63.97 -10.20
C HIS E 60 23.93 -62.93 -9.88
N SER E 61 24.46 -63.00 -8.65
CA SER E 61 25.18 -61.88 -8.05
C SER E 61 26.43 -61.47 -8.81
N LEU E 62 26.95 -62.30 -9.72
CA LEU E 62 28.08 -62.01 -10.58
C LEU E 62 29.40 -61.89 -9.80
N ALA E 63 29.36 -61.92 -8.49
CA ALA E 63 30.56 -61.98 -7.65
C ALA E 63 30.48 -63.11 -6.64
N LEU E 64 29.30 -63.36 -6.07
CA LEU E 64 29.03 -64.55 -5.27
C LEU E 64 27.84 -65.21 -5.94
N PRO E 65 28.06 -65.95 -7.03
CA PRO E 65 26.95 -66.40 -7.87
C PRO E 65 26.00 -67.37 -7.18
N ARG E 66 26.27 -67.71 -5.92
CA ARG E 66 25.35 -68.54 -5.16
C ARG E 66 24.05 -67.79 -4.90
N VAL E 67 24.12 -66.63 -4.25
CA VAL E 67 22.92 -65.84 -3.99
C VAL E 67 22.35 -65.35 -5.31
N ASN E 68 21.08 -65.66 -5.54
CA ASN E 68 20.47 -65.38 -6.83
C ASN E 68 18.96 -65.46 -6.69
N LEU E 69 18.28 -65.15 -7.80
CA LEU E 69 16.84 -65.08 -7.85
C LEU E 69 16.36 -65.70 -9.15
N SER E 70 15.24 -66.43 -9.07
CA SER E 70 14.61 -67.03 -10.24
C SER E 70 13.12 -66.78 -10.16
N ILE E 71 12.58 -66.06 -11.15
CA ILE E 71 11.18 -65.62 -11.14
C ILE E 71 10.50 -66.14 -12.40
N GLY E 72 9.46 -66.95 -12.24
CA GLY E 72 8.74 -67.47 -13.37
C GLY E 72 7.74 -66.50 -13.95
N TYR E 73 7.40 -66.69 -15.22
CA TYR E 73 6.51 -65.78 -15.92
C TYR E 73 5.04 -66.06 -15.65
N ASN E 74 4.68 -67.26 -15.21
CA ASN E 74 3.35 -67.52 -14.70
C ASN E 74 3.23 -67.19 -13.22
N CYS E 75 4.14 -66.36 -12.71
CA CYS E 75 4.06 -65.89 -11.32
C CYS E 75 4.36 -64.40 -11.22
N ILE E 76 4.29 -63.65 -12.32
CA ILE E 76 4.46 -62.21 -12.29
C ILE E 76 3.12 -61.56 -12.63
N LEU E 77 2.87 -60.42 -11.99
CA LEU E 77 1.64 -59.65 -12.20
C LEU E 77 1.88 -58.33 -12.89
N ASN E 78 2.95 -57.63 -12.53
CA ASN E 78 3.22 -56.31 -13.08
C ASN E 78 4.72 -56.13 -13.24
N ILE E 79 5.11 -55.52 -14.36
CA ILE E 79 6.50 -55.19 -14.65
C ILE E 79 6.54 -53.73 -15.10
N THR E 80 7.26 -52.91 -14.33
CA THR E 80 7.27 -51.47 -14.55
C THR E 80 8.70 -50.95 -14.67
N THR E 81 8.95 -50.13 -15.68
CA THR E 81 10.24 -49.52 -15.91
C THR E 81 10.18 -48.06 -15.48
N ARG E 82 11.20 -47.62 -14.74
CA ARG E 82 11.22 -46.30 -14.12
C ARG E 82 12.46 -45.55 -14.60
N THR E 83 12.26 -44.60 -15.52
CA THR E 83 13.34 -43.77 -16.04
C THR E 83 13.45 -42.52 -15.18
N ALA E 84 14.52 -42.40 -14.41
CA ALA E 84 14.72 -41.28 -13.50
C ALA E 84 16.21 -41.03 -13.35
N ASN E 85 16.59 -40.33 -12.29
CA ASN E 85 17.99 -40.03 -11.97
C ASN E 85 18.63 -39.23 -13.12
N SER E 86 18.17 -37.98 -13.21
CA SER E 86 18.38 -37.08 -14.34
C SER E 86 19.80 -36.53 -14.40
N LYS E 87 19.95 -35.39 -15.09
CA LYS E 87 21.18 -34.86 -15.69
C LYS E 87 22.47 -35.16 -14.93
N LEU E 88 22.43 -35.19 -13.59
CA LEU E 88 23.60 -35.50 -12.78
C LEU E 88 24.41 -36.64 -13.41
N ARG E 89 23.72 -37.65 -13.92
CA ARG E 89 24.32 -38.60 -14.84
C ARG E 89 23.32 -38.92 -15.95
N GLY E 90 23.61 -39.95 -16.74
CA GLY E 90 22.70 -40.36 -17.79
C GLY E 90 21.40 -40.92 -17.24
N GLN E 91 20.40 -40.98 -18.11
CA GLN E 91 19.09 -41.49 -17.73
C GLN E 91 19.17 -42.99 -17.51
N THR E 92 19.23 -43.40 -16.25
CA THR E 92 19.26 -44.81 -15.89
C THR E 92 17.85 -45.30 -15.58
N GLU E 93 17.60 -46.57 -15.88
CA GLU E 93 16.28 -47.15 -15.69
C GLU E 93 16.26 -48.02 -14.44
N ALA E 94 15.11 -48.62 -14.18
CA ALA E 94 14.94 -49.54 -13.05
C ALA E 94 13.74 -50.42 -13.33
N LEU E 95 13.82 -51.67 -12.90
CA LEU E 95 12.77 -52.66 -13.15
C LEU E 95 12.10 -53.04 -11.85
N TYR E 96 10.78 -52.87 -11.80
CA TYR E 96 9.96 -53.26 -10.65
C TYR E 96 9.11 -54.45 -11.10
N VAL E 97 9.34 -55.60 -10.48
CA VAL E 97 8.56 -56.81 -10.78
C VAL E 97 7.75 -57.18 -9.54
N LEU E 98 6.46 -57.39 -9.75
CA LEU E 98 5.52 -57.79 -8.70
C LEU E 98 5.07 -59.22 -8.97
N THR E 99 5.22 -60.09 -7.97
CA THR E 99 5.02 -61.52 -8.13
C THR E 99 4.10 -62.04 -7.06
N LYS E 100 3.28 -63.03 -7.42
CA LYS E 100 2.35 -63.67 -6.48
C LYS E 100 2.39 -65.18 -6.72
N CYS E 101 3.13 -65.89 -5.88
CA CYS E 101 3.26 -67.34 -5.96
C CYS E 101 2.59 -67.97 -4.74
N ASN E 102 1.68 -68.91 -4.99
CA ASN E 102 0.90 -69.62 -3.98
C ASN E 102 0.46 -68.69 -2.84
N SER E 103 -0.16 -67.57 -3.24
CA SER E 103 -0.69 -66.57 -2.32
C SER E 103 0.42 -66.03 -1.39
N THR E 104 1.43 -65.45 -2.02
CA THR E 104 2.50 -64.74 -1.33
C THR E 104 3.07 -63.73 -2.30
N ARG E 105 3.05 -62.45 -1.93
CA ARG E 105 3.38 -61.36 -2.84
C ARG E 105 4.79 -60.86 -2.57
N PHE E 106 5.65 -60.97 -3.57
CA PHE E 106 7.01 -60.45 -3.55
C PHE E 106 7.14 -59.29 -4.52
N GLU E 107 8.15 -58.46 -4.30
CA GLU E 107 8.50 -57.41 -5.22
C GLU E 107 10.02 -57.30 -5.30
N PHE E 108 10.55 -57.26 -6.51
CA PHE E 108 11.98 -57.13 -6.73
C PHE E 108 12.26 -55.87 -7.56
N ILE E 109 13.37 -55.20 -7.26
CA ILE E 109 13.77 -53.99 -7.97
C ILE E 109 15.16 -54.24 -8.53
N PHE E 110 15.38 -53.81 -9.77
CA PHE E 110 16.63 -54.07 -10.47
C PHE E 110 17.14 -52.75 -11.04
N THR E 111 18.26 -52.27 -10.51
CA THR E 111 18.81 -50.96 -10.85
C THR E 111 19.98 -51.14 -11.81
N ASN E 112 19.85 -50.57 -13.01
CA ASN E 112 20.95 -50.58 -13.97
C ASN E 112 21.98 -49.54 -13.54
N LEU E 113 23.12 -50.00 -13.04
CA LEU E 113 24.13 -49.07 -12.51
C LEU E 113 24.76 -48.25 -13.63
N VAL E 114 25.39 -48.92 -14.58
CA VAL E 114 26.05 -48.23 -15.70
C VAL E 114 24.97 -47.77 -16.68
N PRO E 115 24.82 -46.46 -16.91
CA PRO E 115 23.70 -45.98 -17.72
C PRO E 115 23.89 -46.20 -19.22
N GLY E 116 24.88 -46.99 -19.60
CA GLY E 116 25.22 -47.17 -20.99
C GLY E 116 24.56 -48.33 -21.70
N SER E 117 23.67 -49.08 -21.04
CA SER E 117 23.02 -50.21 -21.70
C SER E 117 21.71 -50.58 -20.99
N PRO E 118 20.65 -49.79 -21.14
CA PRO E 118 19.36 -50.10 -20.49
C PRO E 118 18.35 -50.83 -21.37
N ARG E 119 18.74 -51.31 -22.55
CA ARG E 119 17.75 -51.82 -23.50
C ARG E 119 17.06 -53.09 -22.99
N LEU E 120 17.75 -53.87 -22.14
CA LEU E 120 17.19 -55.13 -21.66
C LEU E 120 15.75 -54.97 -21.18
N TYR E 121 15.51 -53.99 -20.31
CA TYR E 121 14.20 -53.80 -19.69
C TYR E 121 13.05 -53.70 -20.68
N THR E 122 13.35 -53.50 -21.97
CA THR E 122 12.29 -53.51 -22.97
C THR E 122 11.94 -54.92 -23.40
N SER E 123 12.94 -55.70 -23.83
CA SER E 123 12.70 -57.02 -24.39
C SER E 123 11.91 -57.90 -23.44
N LEU E 124 12.28 -57.87 -22.15
CA LEU E 124 11.54 -58.60 -21.12
C LEU E 124 10.04 -58.38 -21.29
N ILE E 125 9.61 -57.11 -21.27
CA ILE E 125 8.19 -56.83 -21.42
C ILE E 125 7.63 -57.57 -22.62
N ALA E 126 8.29 -57.43 -23.77
CA ALA E 126 7.86 -58.11 -24.98
C ALA E 126 7.65 -59.60 -24.73
N VAL E 127 8.69 -60.28 -24.25
CA VAL E 127 8.59 -61.73 -24.14
C VAL E 127 7.51 -62.11 -23.14
N HIS E 128 7.29 -61.26 -22.13
CA HIS E 128 6.25 -61.57 -21.16
C HIS E 128 4.89 -61.64 -21.82
N ARG E 129 4.62 -60.72 -22.75
CA ARG E 129 3.39 -60.82 -23.53
C ARG E 129 3.35 -62.14 -24.28
N ALA E 130 4.45 -62.50 -24.93
CA ALA E 130 4.52 -63.77 -25.64
C ALA E 130 4.31 -64.94 -24.69
N TYR E 131 4.63 -64.77 -23.40
CA TYR E 131 4.38 -65.85 -22.46
C TYR E 131 2.90 -65.99 -22.16
N GLU E 132 2.17 -64.88 -22.11
CA GLU E 132 0.76 -64.95 -21.74
C GLU E 132 -0.15 -65.17 -22.92
N THR E 133 0.18 -64.62 -24.09
CA THR E 133 -0.60 -64.89 -25.29
C THR E 133 -0.51 -66.34 -25.73
N SER E 134 0.37 -67.13 -25.13
CA SER E 134 0.56 -68.54 -25.48
C SER E 134 0.47 -69.36 -24.18
N LYS E 135 -0.74 -69.76 -23.82
CA LYS E 135 -0.96 -70.66 -22.71
C LYS E 135 -1.63 -71.96 -23.12
N MET E 136 -2.19 -72.03 -24.33
CA MET E 136 -2.70 -73.29 -24.84
C MET E 136 -1.59 -74.26 -25.21
N TYR E 137 -0.33 -73.83 -25.11
CA TYR E 137 0.82 -74.69 -25.38
C TYR E 137 1.25 -75.49 -24.15
N ARG E 138 1.05 -74.95 -22.95
CA ARG E 138 1.62 -75.56 -21.76
C ARG E 138 0.65 -75.55 -20.59
N ASP E 139 -0.67 -75.52 -20.86
CA ASP E 139 -1.63 -75.53 -19.78
C ASP E 139 -2.89 -76.26 -20.23
N PHE E 140 -3.70 -76.64 -19.25
CA PHE E 140 -4.86 -77.49 -19.45
C PHE E 140 -6.14 -76.69 -19.27
N LYS E 141 -7.06 -76.83 -20.21
CA LYS E 141 -8.23 -75.95 -20.26
C LYS E 141 -9.48 -76.76 -20.62
N LEU E 142 -10.61 -76.37 -20.03
CA LEU E 142 -11.91 -76.96 -20.32
C LEU E 142 -12.76 -76.03 -21.16
N ARG E 143 -13.48 -76.61 -22.12
CA ARG E 143 -14.64 -75.96 -22.75
C ARG E 143 -14.28 -74.62 -23.39
N SER E 144 -13.06 -74.48 -23.87
CA SER E 144 -12.62 -73.21 -24.46
C SER E 144 -13.23 -73.03 -25.84
N ALA E 145 -12.82 -71.94 -26.50
CA ALA E 145 -13.28 -71.62 -27.86
C ALA E 145 -12.23 -72.09 -28.85
N LEU E 146 -12.23 -73.41 -29.08
CA LEU E 146 -11.25 -74.05 -29.93
C LEU E 146 -11.74 -74.28 -31.36
N ILE E 147 -12.98 -74.67 -31.52
CA ILE E 147 -13.48 -75.14 -32.80
C ILE E 147 -13.98 -73.97 -33.64
N GLN E 148 -13.60 -73.98 -34.91
CA GLN E 148 -14.20 -73.09 -35.91
C GLN E 148 -15.52 -73.70 -36.36
N ASN E 149 -16.04 -73.23 -37.50
CA ASN E 149 -17.30 -73.72 -38.04
C ASN E 149 -17.47 -75.23 -37.87
N LYS E 150 -16.51 -76.01 -38.36
CA LYS E 150 -16.46 -77.44 -38.08
C LYS E 150 -15.06 -77.96 -37.80
N GLN E 151 -14.03 -77.13 -37.89
CA GLN E 151 -12.65 -77.58 -37.79
C GLN E 151 -11.98 -76.91 -36.59
N LEU E 152 -10.73 -77.32 -36.34
CA LEU E 152 -9.96 -76.83 -35.20
C LEU E 152 -9.18 -75.57 -35.57
N ARG E 153 -9.11 -74.64 -34.63
CA ARG E 153 -8.30 -73.44 -34.79
C ARG E 153 -6.90 -73.74 -34.25
N LEU E 154 -5.92 -73.80 -35.14
CA LEU E 154 -4.58 -74.24 -34.79
C LEU E 154 -3.77 -73.10 -34.17
N LEU E 155 -2.91 -73.46 -33.21
CA LEU E 155 -1.92 -72.54 -32.69
C LEU E 155 -0.90 -72.23 -33.77
N PRO E 156 0.00 -71.25 -33.54
CA PRO E 156 1.03 -70.95 -34.55
C PRO E 156 1.87 -72.16 -34.94
N GLN E 157 2.54 -72.77 -33.97
CA GLN E 157 3.39 -73.94 -34.22
C GLN E 157 2.62 -75.22 -33.88
N GLU E 158 1.64 -75.52 -34.71
CA GLU E 158 0.80 -76.70 -34.47
C GLU E 158 0.10 -77.11 -35.76
N ASN E 159 0.22 -78.39 -36.10
CA ASN E 159 -0.56 -78.99 -37.17
C ASN E 159 -1.12 -80.31 -36.69
N VAL E 160 -2.26 -80.70 -37.25
CA VAL E 160 -2.94 -81.92 -36.83
C VAL E 160 -2.23 -83.13 -37.42
N TYR E 161 -2.30 -84.26 -36.69
CA TYR E 161 -1.73 -85.52 -37.14
C TYR E 161 -2.80 -86.52 -37.55
N ASN E 162 -3.75 -86.80 -36.67
CA ASN E 162 -4.81 -87.77 -36.93
C ASN E 162 -6.16 -87.13 -36.70
N LYS E 163 -7.10 -87.42 -37.59
CA LYS E 163 -8.43 -86.82 -37.62
C LYS E 163 -9.44 -87.97 -37.50
N ILE E 164 -9.92 -88.21 -36.28
CA ILE E 164 -10.76 -89.38 -35.99
C ILE E 164 -12.15 -88.90 -35.61
N ASN E 165 -13.16 -89.51 -36.22
CA ASN E 165 -14.55 -89.18 -35.92
C ASN E 165 -15.18 -90.28 -35.08
N GLY E 166 -16.09 -89.89 -34.20
CA GLY E 166 -16.81 -90.83 -33.36
C GLY E 166 -16.01 -91.36 -32.19
N VAL E 167 -15.39 -90.45 -31.44
CA VAL E 167 -14.59 -90.81 -30.27
C VAL E 167 -15.35 -90.39 -29.03
N TRP E 168 -15.74 -91.37 -28.21
CA TRP E 168 -16.57 -91.11 -27.05
C TRP E 168 -15.74 -90.52 -25.92
N ASN E 169 -16.43 -90.13 -24.84
CA ASN E 169 -15.79 -89.53 -23.67
C ASN E 169 -16.38 -90.17 -22.44
N LEU E 170 -15.56 -90.93 -21.70
CA LEU E 170 -16.05 -91.65 -20.53
C LEU E 170 -15.93 -90.82 -19.27
N SER E 171 -16.46 -89.60 -19.34
CA SER E 171 -16.61 -88.73 -18.19
C SER E 171 -18.00 -88.10 -18.10
N SER E 172 -18.84 -88.27 -19.13
CA SER E 172 -20.20 -87.77 -19.11
C SER E 172 -21.16 -88.92 -19.42
N ASP E 173 -22.43 -88.60 -19.68
CA ASP E 173 -23.45 -89.63 -19.88
C ASP E 173 -24.04 -89.63 -21.28
N GLN E 174 -24.43 -88.48 -21.82
CA GLN E 174 -25.17 -88.45 -23.07
C GLN E 174 -24.68 -87.44 -24.10
N GLY E 175 -23.55 -86.77 -23.85
CA GLY E 175 -23.01 -85.84 -24.82
C GLY E 175 -21.63 -86.22 -25.31
N ASN E 176 -21.43 -87.51 -25.61
CA ASN E 176 -20.10 -88.07 -25.75
C ASN E 176 -19.53 -87.96 -27.16
N LEU E 177 -20.22 -88.53 -28.15
CA LEU E 177 -19.63 -88.75 -29.47
C LEU E 177 -19.05 -87.48 -30.06
N GLY E 178 -17.74 -87.42 -30.23
CA GLY E 178 -17.09 -86.21 -30.66
C GLY E 178 -15.75 -86.49 -31.30
N THR E 179 -15.32 -85.58 -32.16
CA THR E 179 -14.08 -85.72 -32.91
C THR E 179 -12.87 -85.62 -31.98
N PHE E 180 -11.75 -86.20 -32.44
CA PHE E 180 -10.52 -86.29 -31.66
C PHE E 180 -9.37 -85.81 -32.52
N PHE E 181 -8.83 -84.62 -32.21
CA PHE E 181 -7.74 -84.03 -32.96
C PHE E 181 -6.42 -84.30 -32.25
N ILE E 182 -5.43 -84.75 -33.01
CA ILE E 182 -4.10 -85.07 -32.49
C ILE E 182 -3.10 -84.14 -33.17
N THR E 183 -2.35 -83.39 -32.36
CA THR E 183 -1.38 -82.43 -32.86
C THR E 183 -0.04 -82.65 -32.18
N ASN E 184 0.97 -81.92 -32.65
CA ASN E 184 2.33 -82.07 -32.13
C ASN E 184 2.56 -81.34 -30.82
N VAL E 185 1.64 -80.48 -30.38
CA VAL E 185 1.78 -79.75 -29.14
C VAL E 185 0.77 -80.18 -28.09
N ARG E 186 -0.47 -80.46 -28.52
CA ARG E 186 -1.53 -80.83 -27.59
C ARG E 186 -2.56 -81.66 -28.33
N ILE E 187 -3.37 -82.39 -27.57
CA ILE E 187 -4.41 -83.26 -28.10
C ILE E 187 -5.75 -82.74 -27.60
N VAL E 188 -6.72 -82.61 -28.51
CA VAL E 188 -8.00 -82.02 -28.14
C VAL E 188 -9.13 -82.95 -28.56
N TRP E 189 -10.27 -82.81 -27.89
CA TRP E 189 -11.48 -83.53 -28.23
C TRP E 189 -12.66 -82.60 -28.05
N HIS E 190 -13.43 -82.37 -29.11
CA HIS E 190 -14.68 -81.66 -28.99
C HIS E 190 -15.84 -82.64 -29.06
N ALA E 191 -17.06 -82.13 -28.94
CA ALA E 191 -18.20 -82.98 -28.65
C ALA E 191 -19.12 -83.23 -29.84
N ASN E 192 -18.92 -82.55 -30.97
CA ASN E 192 -19.64 -82.82 -32.21
C ASN E 192 -21.14 -82.62 -32.04
N MET E 193 -21.55 -82.19 -30.85
CA MET E 193 -22.95 -81.93 -30.54
C MET E 193 -22.94 -80.96 -29.37
N ASN E 194 -23.32 -79.71 -29.61
CA ASN E 194 -23.02 -78.62 -28.69
C ASN E 194 -21.52 -78.56 -28.45
N ASP E 195 -20.79 -78.21 -29.51
CA ASP E 195 -19.34 -78.39 -29.53
C ASP E 195 -18.64 -77.33 -28.69
N SER E 196 -19.06 -77.22 -27.44
CA SER E 196 -18.33 -76.46 -26.43
C SER E 196 -17.90 -77.33 -25.26
N PHE E 197 -18.19 -78.63 -25.28
CA PHE E 197 -17.64 -79.57 -24.31
C PHE E 197 -16.40 -80.18 -24.94
N ASN E 198 -15.33 -79.39 -24.99
CA ASN E 198 -14.07 -79.86 -25.56
C ASN E 198 -13.00 -79.76 -24.49
N VAL E 199 -12.05 -80.69 -24.55
CA VAL E 199 -10.93 -80.74 -23.64
C VAL E 199 -9.64 -80.66 -24.46
N SER E 200 -8.72 -79.81 -24.02
CA SER E 200 -7.47 -79.54 -24.74
C SER E 200 -6.32 -79.85 -23.79
N ILE E 201 -5.80 -81.07 -23.85
CA ILE E 201 -4.74 -81.50 -22.95
C ILE E 201 -3.39 -81.28 -23.63
N PRO E 202 -2.47 -80.56 -23.01
CA PRO E 202 -1.13 -80.43 -23.58
C PRO E 202 -0.23 -81.59 -23.19
N TYR E 203 0.69 -81.90 -24.10
CA TYR E 203 1.66 -82.95 -23.84
C TYR E 203 2.47 -82.66 -22.57
N LEU E 204 2.65 -81.38 -22.25
CA LEU E 204 3.41 -81.02 -21.06
C LEU E 204 2.71 -81.47 -19.79
N GLN E 205 1.38 -81.46 -19.78
CA GLN E 205 0.64 -81.87 -18.59
C GLN E 205 0.38 -83.36 -18.53
N ILE E 206 0.53 -84.07 -19.66
CA ILE E 206 0.33 -85.52 -19.65
C ILE E 206 1.47 -86.19 -18.89
N ARG E 207 1.12 -87.20 -18.10
CA ARG E 207 2.09 -87.98 -17.34
C ARG E 207 2.31 -89.37 -17.94
N SER E 208 1.24 -90.03 -18.38
CA SER E 208 1.35 -91.35 -18.97
C SER E 208 0.05 -91.68 -19.69
N VAL E 209 0.16 -92.10 -20.95
CA VAL E 209 -0.98 -92.50 -21.75
C VAL E 209 -0.99 -94.02 -21.82
N LYS E 210 -1.98 -94.64 -21.17
CA LYS E 210 -2.09 -96.08 -21.10
C LYS E 210 -3.54 -96.46 -21.38
N ILE E 211 -3.86 -97.73 -21.15
CA ILE E 211 -5.19 -98.27 -21.42
C ILE E 211 -5.64 -99.07 -20.21
N ARG E 212 -6.93 -99.01 -19.89
CA ARG E 212 -7.50 -99.77 -18.79
C ARG E 212 -8.87 -100.32 -19.17
N ALA E 219 -11.16 -97.31 -24.30
CA ALA E 219 -10.32 -97.03 -23.14
C ALA E 219 -9.01 -96.36 -23.56
N LEU E 220 -8.95 -95.04 -23.39
CA LEU E 220 -7.74 -94.26 -23.65
C LEU E 220 -7.50 -93.41 -22.40
N VAL E 221 -6.81 -93.97 -21.42
CA VAL E 221 -6.62 -93.31 -20.14
C VAL E 221 -5.43 -92.35 -20.24
N ILE E 222 -5.66 -91.10 -19.84
CA ILE E 222 -4.62 -90.07 -19.86
C ILE E 222 -4.58 -89.41 -18.49
N GLU E 223 -3.42 -89.44 -17.84
CA GLU E 223 -3.24 -88.90 -16.51
C GLU E 223 -2.52 -87.56 -16.57
N SER E 224 -2.82 -86.70 -15.60
CA SER E 224 -2.25 -85.37 -15.53
C SER E 224 -1.09 -85.32 -14.53
N SER E 225 -0.19 -84.36 -14.73
CA SER E 225 1.10 -84.34 -14.06
C SER E 225 1.08 -83.48 -12.79
N GLN E 226 0.15 -83.82 -11.89
CA GLN E 226 0.13 -83.28 -10.53
C GLN E 226 -0.06 -81.78 -10.46
N GLN E 227 -0.24 -81.12 -11.62
CA GLN E 227 -0.48 -79.69 -11.67
C GLN E 227 -1.94 -79.37 -11.94
N SER E 228 -2.56 -80.05 -12.90
CA SER E 228 -3.99 -79.99 -13.12
C SER E 228 -4.75 -81.01 -12.27
N GLY E 229 -4.13 -81.50 -11.20
CA GLY E 229 -4.73 -82.53 -10.38
C GLY E 229 -4.65 -83.89 -11.03
N GLY E 230 -5.20 -84.87 -10.33
CA GLY E 230 -5.26 -86.22 -10.87
C GLY E 230 -6.41 -86.40 -11.83
N TYR E 231 -6.36 -85.69 -12.95
CA TYR E 231 -7.47 -85.68 -13.92
C TYR E 231 -7.29 -86.84 -14.88
N VAL E 232 -7.99 -87.95 -14.60
CA VAL E 232 -7.97 -89.11 -15.49
C VAL E 232 -9.03 -88.92 -16.58
N LEU E 233 -8.60 -88.97 -17.83
CA LEU E 233 -9.48 -88.78 -18.97
C LEU E 233 -9.64 -90.11 -19.71
N GLY E 234 -10.89 -90.51 -19.93
CA GLY E 234 -11.17 -91.77 -20.60
C GLY E 234 -12.00 -91.61 -21.86
N PHE E 235 -11.49 -92.16 -22.97
CA PHE E 235 -12.17 -92.10 -24.26
C PHE E 235 -12.28 -93.51 -24.82
N LYS E 236 -13.26 -93.70 -25.70
CA LYS E 236 -13.53 -94.99 -26.31
C LYS E 236 -13.87 -94.79 -27.78
N ILE E 237 -13.37 -95.70 -28.62
CA ILE E 237 -13.50 -95.54 -30.07
C ILE E 237 -14.12 -96.81 -30.66
N ASP E 238 -14.16 -96.88 -31.98
CA ASP E 238 -14.58 -98.03 -32.78
C ASP E 238 -13.62 -99.20 -32.52
N PRO E 239 -13.84 -100.40 -33.15
CA PRO E 239 -12.93 -101.55 -32.90
C PRO E 239 -11.46 -101.19 -32.73
N VAL E 240 -10.81 -101.90 -31.81
CA VAL E 240 -9.66 -101.40 -31.08
C VAL E 240 -8.39 -101.32 -31.93
N GLU E 241 -8.46 -101.69 -33.19
CA GLU E 241 -7.29 -101.60 -34.06
C GLU E 241 -6.78 -100.16 -34.12
N LYS E 242 -7.62 -99.26 -34.64
CA LYS E 242 -7.31 -97.83 -34.62
C LYS E 242 -7.04 -97.33 -33.22
N LEU E 243 -7.61 -98.00 -32.21
CA LEU E 243 -7.39 -97.57 -30.83
C LEU E 243 -5.94 -97.74 -30.41
N GLN E 244 -5.41 -98.96 -30.52
CA GLN E 244 -4.00 -99.16 -30.20
C GLN E 244 -3.10 -98.39 -31.13
N GLU E 245 -3.50 -98.23 -32.40
CA GLU E 245 -2.74 -97.39 -33.31
C GLU E 245 -2.60 -95.97 -32.76
N SER E 246 -3.72 -95.38 -32.34
CA SER E 246 -3.69 -94.03 -31.80
C SER E 246 -2.89 -93.98 -30.51
N VAL E 247 -3.01 -94.99 -29.66
CA VAL E 247 -2.27 -94.97 -28.40
C VAL E 247 -0.77 -95.00 -28.65
N LYS E 248 -0.31 -95.87 -29.55
CA LYS E 248 1.13 -95.97 -29.80
C LYS E 248 1.66 -94.70 -30.47
N GLU E 249 0.89 -94.14 -31.42
CA GLU E 249 1.36 -92.91 -32.05
C GLU E 249 1.35 -91.74 -31.06
N ILE E 250 0.39 -91.73 -30.14
CA ILE E 250 0.35 -90.69 -29.11
C ILE E 250 1.55 -90.79 -28.19
N ASN E 251 1.90 -92.01 -27.79
CA ASN E 251 3.09 -92.18 -26.95
C ASN E 251 4.35 -91.75 -27.68
N SER E 252 4.46 -92.08 -28.98
CA SER E 252 5.63 -91.66 -29.75
C SER E 252 5.72 -90.13 -29.80
N LEU E 253 4.60 -89.46 -30.09
CA LEU E 253 4.61 -88.00 -30.14
C LEU E 253 4.93 -87.41 -28.77
N HIS E 254 4.40 -87.99 -27.70
CA HIS E 254 4.69 -87.52 -26.36
C HIS E 254 6.18 -87.58 -26.08
N LYS E 255 6.82 -88.70 -26.41
CA LYS E 255 8.25 -88.83 -26.12
C LYS E 255 9.07 -87.89 -26.99
N VAL E 256 8.73 -87.77 -28.28
CA VAL E 256 9.53 -86.92 -29.16
C VAL E 256 9.34 -85.46 -28.78
N TYR E 257 8.21 -85.10 -28.17
CA TYR E 257 8.05 -83.74 -27.66
C TYR E 257 8.86 -83.54 -26.39
N SER E 258 8.70 -84.46 -25.42
CA SER E 258 9.42 -84.35 -24.16
C SER E 258 10.92 -84.37 -24.34
N ALA E 259 11.41 -84.87 -25.48
CA ALA E 259 12.84 -84.77 -25.78
C ALA E 259 13.30 -83.33 -25.77
N ASN E 260 12.60 -82.47 -26.50
CA ASN E 260 12.88 -81.04 -26.50
C ASN E 260 11.57 -80.26 -26.45
N PRO E 261 11.20 -79.70 -25.30
CA PRO E 261 9.92 -78.99 -25.19
C PRO E 261 9.90 -77.72 -26.04
N ILE E 262 8.69 -77.26 -26.31
CA ILE E 262 8.46 -76.16 -27.25
C ILE E 262 8.12 -74.86 -26.52
N PHE E 263 7.10 -74.89 -25.66
CA PHE E 263 6.71 -73.76 -24.81
C PHE E 263 6.09 -72.61 -25.61
N GLY E 264 6.10 -72.72 -26.94
CA GLY E 264 5.42 -71.78 -27.81
C GLY E 264 5.66 -70.30 -27.59
N VAL E 265 6.74 -69.95 -26.89
CA VAL E 265 7.06 -68.54 -26.62
C VAL E 265 7.71 -67.97 -27.87
N ASP E 266 6.96 -67.19 -28.64
CA ASP E 266 7.47 -66.61 -29.87
C ASP E 266 8.32 -65.37 -29.59
N TYR E 267 9.23 -65.09 -30.50
CA TYR E 267 10.10 -63.92 -30.39
C TYR E 267 10.76 -63.60 -31.73
N THR E 296 16.59 -70.97 4.29
CA THR E 296 17.17 -69.62 4.08
C THR E 296 16.19 -68.55 4.55
N ASP E 297 16.64 -67.30 4.75
CA ASP E 297 15.74 -66.17 5.06
C ASP E 297 15.64 -65.22 3.87
N ALA E 298 16.02 -65.63 2.67
CA ALA E 298 16.03 -64.72 1.52
C ALA E 298 14.64 -64.22 1.22
N PHE E 299 13.65 -65.10 1.19
CA PHE E 299 12.32 -64.61 0.83
C PHE E 299 12.01 -63.42 1.73
N VAL E 300 12.33 -63.50 3.03
CA VAL E 300 11.70 -62.56 3.95
C VAL E 300 12.07 -61.11 3.66
N ALA E 301 13.12 -60.88 2.86
CA ALA E 301 13.57 -59.53 2.54
C ALA E 301 12.99 -59.04 1.21
N TYR E 302 12.02 -59.75 0.64
CA TYR E 302 11.47 -59.38 -0.66
C TYR E 302 9.96 -59.32 -0.66
N PHE E 303 9.33 -59.23 0.51
CA PHE E 303 7.87 -59.19 0.56
C PHE E 303 7.35 -57.88 -0.01
N ALA E 304 6.30 -57.98 -0.82
CA ALA E 304 5.70 -56.76 -1.38
C ALA E 304 4.87 -56.02 -0.35
N ASP E 305 4.32 -56.73 0.63
CA ASP E 305 3.48 -56.11 1.64
C ASP E 305 4.31 -55.47 2.73
N GLY E 306 5.31 -56.18 3.24
CA GLY E 306 6.11 -55.72 4.35
C GLY E 306 5.83 -56.54 5.59
N ASN E 307 6.70 -57.52 5.85
CA ASN E 307 6.56 -58.43 7.00
C ASN E 307 5.20 -59.11 7.00
N LYS E 308 4.71 -59.47 5.82
CA LYS E 308 3.43 -60.16 5.70
C LYS E 308 3.49 -61.18 4.56
N GLN E 309 3.39 -62.45 4.91
CA GLN E 309 3.19 -63.54 3.95
C GLN E 309 1.96 -64.31 4.42
N GLN E 310 0.79 -63.81 4.04
CA GLN E 310 -0.43 -64.29 4.67
C GLN E 310 -1.64 -63.66 3.98
N ASP E 311 -2.80 -64.26 4.23
CA ASP E 311 -4.08 -63.61 3.95
C ASP E 311 -5.11 -64.31 4.82
N ARG E 312 -5.56 -63.63 5.86
CA ARG E 312 -6.52 -64.24 6.78
C ARG E 312 -7.83 -64.53 6.06
N GLU E 313 -8.64 -65.37 6.67
CA GLU E 313 -9.84 -65.89 6.01
C GLU E 313 -10.79 -64.76 5.65
N PRO E 314 -11.09 -64.54 4.37
CA PRO E 314 -12.04 -63.49 4.00
C PRO E 314 -13.45 -63.76 4.50
N VAL E 315 -13.94 -62.90 5.40
CA VAL E 315 -15.26 -63.08 5.99
C VAL E 315 -16.10 -61.86 5.65
N PHE E 316 -17.41 -62.00 5.83
CA PHE E 316 -18.29 -60.88 5.55
C PHE E 316 -18.06 -59.76 6.56
N SER E 317 -18.47 -58.55 6.17
CA SER E 317 -18.31 -57.37 7.00
C SER E 317 -19.65 -56.66 7.07
N GLU E 318 -20.26 -56.62 8.26
CA GLU E 318 -21.53 -55.95 8.43
C GLU E 318 -21.40 -54.44 8.35
N GLU E 319 -20.20 -53.90 8.60
CA GLU E 319 -20.02 -52.45 8.58
C GLU E 319 -20.06 -51.90 7.16
N LEU E 320 -19.30 -52.52 6.25
CA LEU E 320 -19.17 -52.01 4.88
C LEU E 320 -20.11 -52.69 3.90
N GLY E 321 -20.52 -53.93 4.16
CA GLY E 321 -21.30 -54.68 3.21
C GLY E 321 -20.49 -55.41 2.17
N LEU E 322 -19.18 -55.54 2.36
CA LEU E 322 -18.29 -56.19 1.43
C LEU E 322 -17.58 -57.35 2.12
N ALA E 323 -17.10 -58.29 1.30
CA ALA E 323 -16.25 -59.36 1.80
C ALA E 323 -14.89 -58.78 2.16
N ILE E 324 -14.53 -58.83 3.44
CA ILE E 324 -13.35 -58.15 3.93
C ILE E 324 -12.46 -59.18 4.62
N GLU E 325 -11.16 -58.93 4.59
CA GLU E 325 -10.24 -59.83 5.27
C GLU E 325 -10.45 -59.75 6.77
N LYS E 326 -10.34 -60.90 7.44
CA LYS E 326 -10.59 -60.98 8.87
C LYS E 326 -9.69 -60.00 9.63
N LEU E 327 -10.25 -59.40 10.68
CA LEU E 327 -9.53 -58.39 11.45
C LEU E 327 -8.71 -59.07 12.56
N LYS E 328 -7.64 -58.38 12.96
CA LYS E 328 -6.55 -59.01 13.70
C LYS E 328 -6.67 -58.71 15.20
N ASP E 329 -7.51 -59.51 15.86
CA ASP E 329 -7.48 -59.69 17.31
C ASP E 329 -7.51 -58.36 18.06
N GLY E 330 -8.62 -57.65 17.94
CA GLY E 330 -8.87 -56.41 18.66
C GLY E 330 -9.06 -55.21 17.76
N PHE E 331 -8.49 -55.24 16.57
CA PHE E 331 -8.63 -54.12 15.64
C PHE E 331 -10.07 -53.99 15.18
N THR E 332 -10.44 -52.78 14.79
CA THR E 332 -11.76 -52.48 14.28
C THR E 332 -11.63 -51.66 13.00
N LEU E 333 -12.69 -51.68 12.19
CA LEU E 333 -12.65 -50.98 10.92
C LEU E 333 -12.55 -49.48 11.11
N GLN E 334 -13.44 -48.90 11.92
CA GLN E 334 -13.41 -47.47 12.16
C GLN E 334 -12.21 -47.03 13.00
N GLY E 335 -11.36 -47.96 13.43
CA GLY E 335 -10.15 -47.60 14.14
C GLY E 335 -8.94 -47.74 13.26
N LEU E 336 -9.05 -48.60 12.24
CA LEU E 336 -8.01 -48.69 11.22
C LEU E 336 -8.13 -47.59 10.18
N TRP E 337 -9.35 -47.07 9.99
CA TRP E 337 -9.58 -46.08 8.94
C TRP E 337 -9.03 -44.71 9.34
N GLU E 338 -9.36 -44.26 10.55
CA GLU E 338 -8.87 -42.96 11.00
C GLU E 338 -7.36 -43.00 11.21
N VAL E 339 -6.78 -41.82 11.37
CA VAL E 339 -5.34 -41.70 11.57
C VAL E 339 -5.03 -41.30 13.00
N ASP F 2 -2.27 43.57 20.61
CA ASP F 2 -3.43 42.92 21.21
C ASP F 2 -4.24 43.91 22.04
N LEU F 3 -5.50 44.11 21.65
CA LEU F 3 -6.38 45.04 22.34
C LEU F 3 -7.81 44.70 22.01
N ASN F 4 -8.71 44.90 22.98
CA ASN F 4 -10.11 44.55 22.83
C ASN F 4 -10.96 45.75 23.24
N LEU F 5 -11.92 46.10 22.39
CA LEU F 5 -12.83 47.21 22.63
C LEU F 5 -14.26 46.71 22.45
N ASN F 6 -15.07 46.87 23.49
CA ASN F 6 -16.45 46.42 23.47
C ASN F 6 -17.33 47.50 22.85
N ARG F 7 -18.26 47.09 22.00
CA ARG F 7 -19.11 48.01 21.25
C ARG F 7 -20.33 48.36 22.08
N ALA F 8 -20.29 49.51 22.74
CA ALA F 8 -21.42 50.03 23.51
C ALA F 8 -22.07 51.15 22.72
N ASP F 9 -23.37 51.02 22.49
CA ASP F 9 -24.08 52.00 21.68
C ASP F 9 -24.66 53.11 22.55
N TYR F 10 -24.77 54.29 21.96
CA TYR F 10 -25.29 55.49 22.59
C TYR F 10 -26.45 56.02 21.74
N LEU F 11 -26.86 57.25 22.05
CA LEU F 11 -27.96 57.91 21.35
C LEU F 11 -27.76 57.84 19.84
N GLN F 12 -28.87 57.74 19.12
CA GLN F 12 -28.89 57.76 17.66
C GLN F 12 -29.41 59.12 17.19
N VAL F 13 -28.62 59.77 16.33
CA VAL F 13 -29.00 61.05 15.73
C VAL F 13 -29.25 60.79 14.25
N GLY F 14 -29.71 61.83 13.56
CA GLY F 14 -29.96 61.73 12.14
C GLY F 14 -28.69 61.48 11.35
N VAL F 15 -28.84 61.50 10.02
CA VAL F 15 -27.72 61.23 9.13
C VAL F 15 -26.70 62.36 9.22
N THR F 16 -25.42 62.00 9.33
CA THR F 16 -24.35 62.94 9.56
C THR F 16 -23.37 62.95 8.40
N SER F 17 -22.79 64.12 8.15
CA SER F 17 -21.76 64.28 7.13
C SER F 17 -20.40 63.94 7.72
N GLN F 18 -19.34 64.27 6.99
CA GLN F 18 -17.98 63.95 7.42
C GLN F 18 -17.51 64.92 8.50
N LYS F 19 -16.92 64.37 9.56
CA LYS F 19 -16.35 65.14 10.66
C LYS F 19 -17.38 66.08 11.27
N THR F 20 -18.46 65.50 11.77
CA THR F 20 -19.56 66.25 12.35
C THR F 20 -19.78 65.88 13.82
N MET F 21 -18.80 65.22 14.44
CA MET F 21 -18.86 64.86 15.84
C MET F 21 -17.65 65.42 16.56
N LYS F 22 -17.84 65.81 17.82
CA LYS F 22 -16.76 66.36 18.61
C LYS F 22 -17.00 66.02 20.08
N LEU F 23 -15.94 66.12 20.86
CA LEU F 23 -15.97 65.84 22.29
C LEU F 23 -15.53 67.09 23.04
N LEU F 24 -16.39 67.58 23.92
CA LEU F 24 -16.02 68.72 24.77
C LEU F 24 -15.01 68.25 25.80
N PRO F 25 -13.91 68.99 26.00
CA PRO F 25 -12.82 68.47 26.85
C PRO F 25 -13.20 68.27 28.30
N ALA F 26 -14.26 68.91 28.78
CA ALA F 26 -14.73 68.75 30.16
C ALA F 26 -13.62 69.03 31.18
N ARG F 30 -11.82 65.47 34.84
CA ARG F 30 -11.23 64.16 34.58
C ARG F 30 -12.31 63.12 34.33
N ALA F 31 -13.57 63.54 34.47
CA ALA F 31 -14.71 62.64 34.37
C ALA F 31 -15.13 62.48 32.91
N THR F 32 -16.30 61.90 32.70
CA THR F 32 -16.81 61.68 31.35
C THR F 32 -16.96 63.00 30.60
N GLN F 33 -16.50 63.01 29.36
CA GLN F 33 -16.67 64.18 28.50
C GLN F 33 -18.11 64.23 27.96
N LYS F 34 -18.36 65.18 27.09
CA LYS F 34 -19.66 65.34 26.45
C LYS F 34 -19.51 65.21 24.94
N VAL F 35 -20.50 64.57 24.32
CA VAL F 35 -20.51 64.33 22.88
C VAL F 35 -21.41 65.39 22.24
N VAL F 36 -20.95 65.96 21.13
CA VAL F 36 -21.74 66.92 20.37
C VAL F 36 -21.73 66.50 18.91
N VAL F 37 -22.93 66.49 18.29
CA VAL F 37 -23.11 66.01 16.93
C VAL F 37 -24.07 66.92 16.19
N GLY F 38 -24.05 66.81 14.86
CA GLY F 38 -24.91 67.60 14.00
C GLY F 38 -25.59 66.80 12.92
N ASP F 39 -26.92 66.83 12.91
CA ASP F 39 -27.73 66.10 11.94
C ASP F 39 -27.84 66.89 10.64
N HIS F 40 -28.17 66.18 9.56
CA HIS F 40 -28.36 66.80 8.26
C HIS F 40 -29.59 67.69 8.18
N ASP F 41 -30.35 67.82 9.27
CA ASP F 41 -31.46 68.75 9.32
C ASP F 41 -31.14 70.01 10.10
N GLY F 42 -29.92 70.11 10.64
CA GLY F 42 -29.50 71.28 11.39
C GLY F 42 -29.59 71.15 12.88
N ILE F 43 -30.08 70.02 13.40
CA ILE F 43 -30.34 69.87 14.82
C ILE F 43 -29.02 69.44 15.47
N VAL F 44 -28.20 70.43 15.82
CA VAL F 44 -27.00 70.14 16.59
C VAL F 44 -27.38 69.88 18.03
N MET F 45 -26.85 68.79 18.59
CA MET F 45 -27.20 68.40 19.94
C MET F 45 -25.96 67.91 20.67
N CYS F 46 -26.10 67.74 21.98
CA CYS F 46 -25.02 67.28 22.84
C CYS F 46 -25.59 66.52 24.01
N PHE F 47 -24.88 65.47 24.42
CA PHE F 47 -25.28 64.66 25.56
C PHE F 47 -24.04 64.28 26.35
N GLY F 48 -24.26 63.64 27.49
CA GLY F 48 -23.18 63.31 28.39
C GLY F 48 -23.10 61.85 28.79
N MET F 49 -24.19 61.12 28.60
CA MET F 49 -24.28 59.70 28.94
C MET F 49 -23.90 59.47 30.42
N LYS F 50 -24.75 60.04 31.28
CA LYS F 50 -24.53 59.91 32.72
C LYS F 50 -24.57 58.46 33.16
N LYS F 51 -25.71 57.79 32.94
CA LYS F 51 -25.84 56.38 33.32
C LYS F 51 -26.78 55.71 32.32
N GLY F 52 -26.19 55.12 31.29
CA GLY F 52 -26.96 54.36 30.32
C GLY F 52 -27.73 55.21 29.33
N GLU F 53 -28.42 56.24 29.82
CA GLU F 53 -29.30 57.06 29.00
C GLU F 53 -28.63 58.38 28.66
N ALA F 54 -29.00 58.93 27.50
CA ALA F 54 -28.44 60.19 27.02
C ALA F 54 -29.19 61.36 27.64
N VAL F 55 -28.53 62.08 28.55
CA VAL F 55 -29.10 63.29 29.13
C VAL F 55 -28.83 64.42 28.15
N THR F 56 -29.79 64.64 27.25
CA THR F 56 -29.61 65.59 26.16
C THR F 56 -29.45 67.01 26.70
N VAL F 57 -28.65 67.80 25.99
CA VAL F 57 -28.40 69.20 26.33
C VAL F 57 -28.55 70.03 25.07
N PHE F 58 -29.29 71.13 25.19
CA PHE F 58 -29.50 72.14 24.14
C PHE F 58 -29.62 71.53 22.74
N LYS F 59 -30.57 70.61 22.60
CA LYS F 59 -30.93 70.10 21.28
C LYS F 59 -31.63 71.22 20.52
N THR F 60 -30.91 71.83 19.59
CA THR F 60 -31.40 73.04 18.93
C THR F 60 -32.45 72.71 17.87
N LEU F 61 -32.83 73.73 17.08
CA LEU F 61 -33.86 73.79 16.05
C LEU F 61 -33.30 73.36 14.70
N PRO F 62 -34.15 72.80 13.83
CA PRO F 62 -33.68 72.35 12.52
C PRO F 62 -33.42 73.49 11.57
N GLY F 63 -32.45 73.28 10.69
CA GLY F 63 -32.06 74.27 9.69
C GLY F 63 -31.47 73.60 8.47
N GLN F 64 -30.38 74.17 7.96
CA GLN F 64 -29.69 73.57 6.82
C GLN F 64 -28.87 72.37 7.27
N LYS F 65 -28.35 71.63 6.30
CA LYS F 65 -27.56 70.45 6.60
C LYS F 65 -26.20 70.84 7.17
N ILE F 66 -25.91 70.40 8.38
CA ILE F 66 -24.66 70.74 9.05
C ILE F 66 -23.51 70.07 8.29
N ALA F 67 -22.71 70.88 7.61
CA ALA F 67 -21.62 70.34 6.80
C ALA F 67 -20.33 70.17 7.58
N ARG F 68 -20.16 70.86 8.70
CA ARG F 68 -18.92 70.74 9.47
C ARG F 68 -19.15 71.30 10.86
N LEU F 69 -18.43 70.75 11.83
CA LEU F 69 -18.52 71.18 13.21
C LEU F 69 -17.14 71.09 13.84
N GLU F 70 -16.72 72.16 14.52
CA GLU F 70 -15.38 72.21 15.09
C GLU F 70 -15.39 73.03 16.36
N LEU F 71 -14.71 72.53 17.40
CA LEU F 71 -14.61 73.24 18.67
C LEU F 71 -13.24 73.88 18.80
N GLY F 72 -13.23 75.13 19.27
CA GLY F 72 -12.01 75.90 19.45
C GLY F 72 -12.17 76.92 20.55
N GLY F 73 -11.09 77.65 20.79
CA GLY F 73 -11.08 78.69 21.80
C GLY F 73 -10.12 79.80 21.37
N ALA F 74 -10.46 81.02 21.77
CA ALA F 74 -9.70 82.19 21.32
C ALA F 74 -8.26 82.13 21.82
N LEU F 75 -8.08 82.20 23.14
CA LEU F 75 -6.76 82.14 23.75
C LEU F 75 -6.42 80.69 24.10
N ASN F 76 -5.37 80.51 24.90
CA ASN F 76 -4.98 79.18 25.35
C ASN F 76 -5.97 78.56 26.33
N THR F 77 -7.10 79.23 26.57
CA THR F 77 -8.22 78.71 27.35
C THR F 77 -8.63 77.33 26.85
N PRO F 78 -9.16 76.47 27.71
CA PRO F 78 -9.72 75.20 27.23
C PRO F 78 -10.77 75.45 26.17
N GLN F 79 -10.54 74.89 24.99
CA GLN F 79 -11.38 75.17 23.83
C GLN F 79 -12.76 74.55 24.01
N GLU F 80 -13.79 75.40 23.99
CA GLU F 80 -15.16 74.96 24.20
C GLU F 80 -16.16 75.53 23.21
N LYS F 81 -15.82 76.56 22.44
CA LYS F 81 -16.76 77.15 21.51
C LYS F 81 -16.94 76.23 20.30
N ILE F 82 -18.17 75.78 20.07
CA ILE F 82 -18.47 74.84 19.00
C ILE F 82 -19.09 75.61 17.83
N PHE F 83 -18.40 75.61 16.69
CA PHE F 83 -18.86 76.32 15.51
C PHE F 83 -19.35 75.34 14.46
N ILE F 84 -20.50 75.64 13.86
CA ILE F 84 -21.06 74.89 12.76
C ILE F 84 -21.14 75.80 11.55
N ALA F 85 -21.36 75.21 10.37
CA ALA F 85 -21.53 75.95 9.12
C ALA F 85 -22.55 75.20 8.28
N ALA F 86 -23.81 75.61 8.37
CA ALA F 86 -24.87 74.78 7.80
C ALA F 86 -25.06 75.01 6.30
N GLY F 87 -25.59 76.17 5.92
CA GLY F 87 -25.84 76.41 4.51
C GLY F 87 -24.82 77.28 3.80
N SER F 88 -24.66 78.51 4.30
CA SER F 88 -23.65 79.42 3.79
C SER F 88 -23.05 80.29 4.89
N GLU F 89 -23.40 80.05 6.15
CA GLU F 89 -22.99 80.91 7.25
C GLU F 89 -22.47 80.05 8.39
N ILE F 90 -21.60 80.63 9.20
CA ILE F 90 -21.00 79.94 10.33
C ILE F 90 -21.67 80.43 11.60
N ARG F 91 -22.34 79.52 12.30
CA ARG F 91 -22.93 79.80 13.59
C ARG F 91 -22.04 79.25 14.70
N GLY F 92 -22.18 79.82 15.88
CA GLY F 92 -21.31 79.44 16.98
C GLY F 92 -22.03 79.37 18.31
N PHE F 93 -21.83 78.27 19.04
CA PHE F 93 -22.47 78.05 20.32
C PHE F 93 -21.39 77.94 21.39
N THR F 94 -21.74 78.33 22.61
CA THR F 94 -20.88 78.08 23.76
C THR F 94 -21.14 76.65 24.25
N LYS F 95 -20.59 76.29 25.40
CA LYS F 95 -20.81 74.93 25.88
C LYS F 95 -22.16 74.84 26.57
N ARG F 96 -23.19 75.35 25.89
CA ARG F 96 -24.59 75.38 26.30
C ARG F 96 -25.35 76.06 25.17
N GLY F 97 -26.67 76.06 25.27
CA GLY F 97 -27.50 76.62 24.23
C GLY F 97 -27.58 78.13 24.19
N LYS F 98 -26.43 78.80 24.07
CA LYS F 98 -26.39 80.24 23.83
C LYS F 98 -25.56 80.49 22.57
N GLN F 99 -26.23 80.86 21.49
CA GLN F 99 -25.54 81.25 20.27
C GLN F 99 -24.97 82.65 20.44
N PHE F 100 -23.69 82.81 20.09
CA PHE F 100 -23.02 84.10 20.24
C PHE F 100 -22.52 84.66 18.92
N LEU F 101 -21.99 83.83 18.03
CA LEU F 101 -21.45 84.26 16.76
C LEU F 101 -22.34 83.77 15.63
N SER F 102 -22.60 84.65 14.66
CA SER F 102 -23.30 84.27 13.43
C SER F 102 -22.67 85.07 12.30
N PHE F 103 -21.65 84.50 11.67
CA PHE F 103 -20.96 85.16 10.57
C PHE F 103 -21.61 84.71 9.27
N GLU F 104 -22.20 85.66 8.54
CA GLU F 104 -22.97 85.32 7.36
C GLU F 104 -22.08 84.81 6.24
N THR F 105 -20.91 85.40 6.07
CA THR F 105 -19.92 85.04 5.05
C THR F 105 -20.60 84.68 3.72
N ASN F 106 -21.36 85.64 3.21
CA ASN F 106 -22.20 85.44 2.04
C ASN F 106 -21.41 84.85 0.88
N LEU F 107 -21.75 83.61 0.52
CA LEU F 107 -21.07 82.87 -0.53
C LEU F 107 -22.12 82.38 -1.53
N THR F 108 -21.69 81.50 -2.44
CA THR F 108 -22.56 81.05 -3.51
C THR F 108 -23.30 79.76 -3.15
N GLU F 109 -22.56 78.70 -2.83
CA GLU F 109 -23.15 77.36 -2.77
C GLU F 109 -23.20 76.79 -1.36
N SER F 110 -22.06 76.63 -0.67
CA SER F 110 -22.02 75.92 0.60
C SER F 110 -20.59 75.93 1.12
N ILE F 111 -20.43 75.40 2.34
CA ILE F 111 -19.13 75.17 2.95
C ILE F 111 -18.89 73.67 3.02
N LYS F 112 -17.65 73.26 2.76
CA LYS F 112 -17.27 71.85 2.81
C LYS F 112 -16.20 71.54 3.84
N ALA F 113 -15.55 72.54 4.41
CA ALA F 113 -14.55 72.34 5.45
C ALA F 113 -14.27 73.69 6.10
N MET F 114 -13.84 73.64 7.36
CA MET F 114 -13.55 74.87 8.08
C MET F 114 -12.67 74.55 9.28
N HIS F 115 -11.83 75.52 9.63
CA HIS F 115 -10.91 75.40 10.75
C HIS F 115 -10.92 76.69 11.54
N ILE F 116 -10.93 76.56 12.87
CA ILE F 116 -10.99 77.68 13.79
C ILE F 116 -9.71 77.68 14.61
N SER F 117 -8.83 78.64 14.35
CA SER F 117 -7.61 78.82 15.12
C SER F 117 -7.80 80.10 15.94
N GLY F 118 -8.36 79.96 17.12
CA GLY F 118 -8.68 81.11 17.95
C GLY F 118 -9.68 82.03 17.26
N SER F 119 -9.19 83.19 16.81
CA SER F 119 -10.02 84.11 16.04
C SER F 119 -9.93 83.86 14.55
N ASP F 120 -8.82 83.33 14.07
CA ASP F 120 -8.66 83.08 12.65
C ASP F 120 -9.61 81.98 12.20
N LEU F 121 -10.24 82.20 11.04
CA LEU F 121 -11.27 81.30 10.52
C LEU F 121 -10.94 80.97 9.07
N PHE F 122 -10.52 79.73 8.81
CA PHE F 122 -10.19 79.29 7.46
C PHE F 122 -11.32 78.39 6.96
N LEU F 123 -12.12 78.89 6.03
CA LEU F 123 -13.22 78.11 5.49
C LEU F 123 -12.96 77.80 4.02
N SER F 124 -13.53 76.68 3.59
CA SER F 124 -13.44 76.24 2.21
C SER F 124 -14.77 76.48 1.50
N ALA F 125 -14.87 75.99 0.28
CA ALA F 125 -16.08 76.04 -0.53
C ALA F 125 -15.97 74.94 -1.58
N SER F 126 -16.80 75.00 -2.61
CA SER F 126 -16.63 74.10 -3.74
C SER F 126 -15.22 74.22 -4.30
N TYR F 127 -14.88 75.41 -4.80
CA TYR F 127 -13.51 75.72 -5.20
C TYR F 127 -12.86 76.81 -4.36
N ILE F 128 -13.66 77.67 -3.73
CA ILE F 128 -13.14 78.87 -3.08
C ILE F 128 -12.55 78.54 -1.72
N TYR F 129 -11.58 79.34 -1.29
CA TYR F 129 -10.99 79.25 0.04
C TYR F 129 -10.89 80.66 0.60
N ASN F 130 -11.40 80.87 1.81
CA ASN F 130 -11.36 82.17 2.45
C ASN F 130 -10.73 82.06 3.82
N HIS F 131 -10.02 83.11 4.22
CA HIS F 131 -9.46 83.23 5.55
C HIS F 131 -9.91 84.56 6.12
N TYR F 132 -10.80 84.49 7.11
CA TYR F 132 -11.33 85.65 7.81
C TYR F 132 -10.68 85.77 9.18
N CYS F 133 -10.76 86.98 9.74
CA CYS F 133 -10.38 87.23 11.13
C CYS F 133 -11.49 88.06 11.75
N ASP F 134 -12.42 87.40 12.43
CA ASP F 134 -13.56 88.03 13.09
C ASP F 134 -14.39 88.82 12.07
N CYS F 135 -14.98 88.09 11.14
CA CYS F 135 -15.94 88.65 10.18
C CYS F 135 -15.29 89.73 9.32
N LYS F 136 -14.00 89.54 9.01
CA LYS F 136 -13.25 90.47 8.17
C LYS F 136 -12.42 89.66 7.19
N ASP F 137 -12.68 89.86 5.89
CA ASP F 137 -11.96 89.13 4.86
C ASP F 137 -10.50 89.55 4.83
N GLN F 138 -9.60 88.58 4.89
CA GLN F 138 -8.17 88.84 4.84
C GLN F 138 -7.41 88.01 3.81
N HIS F 139 -7.89 86.82 3.45
CA HIS F 139 -7.22 86.05 2.41
C HIS F 139 -8.26 85.35 1.55
N TYR F 140 -7.99 85.28 0.24
CA TYR F 140 -8.94 84.72 -0.72
C TYR F 140 -8.19 83.97 -1.80
N TYR F 141 -8.49 82.69 -1.97
CA TYR F 141 -7.84 81.85 -2.96
C TYR F 141 -8.90 81.09 -3.75
N LEU F 142 -8.60 80.83 -5.02
CA LEU F 142 -9.50 80.10 -5.91
C LEU F 142 -8.67 79.01 -6.60
N SER F 143 -8.70 77.81 -6.02
CA SER F 143 -7.99 76.69 -6.60
C SER F 143 -8.66 76.26 -7.91
N GLY F 144 -7.97 75.38 -8.64
CA GLY F 144 -8.51 74.86 -9.88
C GLY F 144 -9.31 73.58 -9.68
N ASP F 145 -9.23 73.02 -8.48
CA ASP F 145 -9.90 71.78 -8.13
C ASP F 145 -10.60 71.92 -6.78
N LYS F 146 -11.60 71.08 -6.56
CA LYS F 146 -12.38 71.16 -5.34
C LYS F 146 -11.52 70.86 -4.13
N ILE F 147 -11.82 71.55 -3.03
CA ILE F 147 -11.07 71.43 -1.78
C ILE F 147 -11.74 70.39 -0.90
N ASN F 148 -10.94 69.58 -0.22
CA ASN F 148 -11.47 68.57 0.67
C ASN F 148 -11.38 68.94 2.15
N ASP F 149 -10.34 69.67 2.55
CA ASP F 149 -10.17 70.06 3.95
C ASP F 149 -9.10 71.15 4.00
N VAL F 150 -9.21 71.99 5.03
CA VAL F 150 -8.28 73.09 5.26
C VAL F 150 -7.80 73.01 6.70
N ILE F 151 -6.50 73.21 6.91
CA ILE F 151 -5.92 73.24 8.24
C ILE F 151 -4.86 74.33 8.29
N CYS F 152 -4.60 74.82 9.49
CA CYS F 152 -3.52 75.77 9.75
C CYS F 152 -2.63 75.21 10.85
N LEU F 153 -1.32 75.24 10.62
CA LEU F 153 -0.39 74.76 11.63
C LEU F 153 -0.53 75.58 12.91
N PRO F 154 -0.07 75.04 14.04
CA PRO F 154 -0.22 75.76 15.31
C PRO F 154 0.49 77.10 15.28
N VAL F 155 -0.29 78.18 15.32
CA VAL F 155 0.26 79.53 15.28
C VAL F 155 1.01 79.89 16.55
N GLU F 156 0.98 79.01 17.56
CA GLU F 156 1.67 79.24 18.82
C GLU F 156 3.02 78.52 18.86
N ARG F 157 3.01 77.21 18.63
CA ARG F 157 4.27 76.47 18.59
C ARG F 157 5.17 76.91 17.45
N LEU F 158 4.60 77.51 16.41
CA LEU F 158 5.34 78.18 15.36
C LEU F 158 4.93 79.66 15.38
N LEU F 159 5.39 80.42 14.39
CA LEU F 159 5.12 81.85 14.35
C LEU F 159 4.21 82.29 13.22
N ARG F 160 4.36 81.72 12.04
CA ARG F 160 3.54 82.12 10.90
C ARG F 160 2.38 81.15 10.71
N GLU F 161 1.26 81.67 10.22
CA GLU F 161 0.11 80.83 9.89
C GLU F 161 0.26 80.33 8.46
N VAL F 162 0.47 79.04 8.30
CA VAL F 162 0.61 78.45 6.97
C VAL F 162 -0.55 77.51 6.70
N PRO F 163 -1.67 78.02 6.18
CA PRO F 163 -2.80 77.14 5.86
C PRO F 163 -2.45 76.18 4.73
N VAL F 164 -2.83 74.92 4.92
CA VAL F 164 -2.68 73.88 3.91
C VAL F 164 -4.03 73.66 3.26
N LEU F 165 -4.04 73.47 1.95
CA LEU F 165 -5.27 73.32 1.19
C LEU F 165 -5.18 72.00 0.43
N ALA F 166 -6.01 71.02 0.81
CA ALA F 166 -6.01 69.72 0.17
C ALA F 166 -6.92 69.77 -1.04
N CYS F 167 -6.35 69.58 -2.23
CA CYS F 167 -7.16 69.63 -3.44
C CYS F 167 -7.58 68.23 -3.87
N GLN F 168 -8.51 68.17 -4.81
CA GLN F 168 -9.03 66.89 -5.28
C GLN F 168 -8.03 66.16 -6.17
N ASP F 169 -7.04 66.86 -6.71
CA ASP F 169 -6.10 66.28 -7.66
C ASP F 169 -4.80 65.84 -7.00
N ARG F 170 -4.90 65.30 -5.78
CA ARG F 170 -3.80 64.60 -5.11
C ARG F 170 -2.69 65.54 -4.66
N VAL F 171 -2.99 66.83 -4.49
CA VAL F 171 -1.97 67.78 -4.06
C VAL F 171 -2.40 68.43 -2.76
N LEU F 172 -1.40 68.83 -1.98
CA LEU F 172 -1.59 69.66 -0.79
C LEU F 172 -0.84 70.96 -1.04
N ARG F 173 -1.58 72.02 -1.34
CA ARG F 173 -0.98 73.33 -1.59
C ARG F 173 -0.83 74.03 -0.25
N VAL F 174 0.42 74.13 0.24
CA VAL F 174 0.68 74.72 1.55
C VAL F 174 0.89 76.22 1.32
N LEU F 175 -0.21 76.96 1.32
CA LEU F 175 -0.17 78.35 0.90
C LEU F 175 -0.11 79.28 2.10
N GLN F 176 0.52 80.42 1.91
CA GLN F 176 0.53 81.50 2.90
C GLN F 176 -0.04 82.75 2.24
N GLY F 177 -0.81 83.51 3.00
CA GLY F 177 -1.46 84.68 2.45
C GLY F 177 -2.52 84.30 1.42
N SER F 178 -2.25 84.58 0.15
CA SER F 178 -3.18 84.25 -0.91
C SER F 178 -2.48 83.65 -2.12
N ASP F 179 -1.30 83.04 -1.91
CA ASP F 179 -0.55 82.42 -2.98
C ASP F 179 0.19 81.22 -2.43
N VAL F 180 0.31 80.18 -3.25
CA VAL F 180 0.91 78.93 -2.82
C VAL F 180 2.42 79.09 -2.68
N THR F 181 2.96 78.66 -1.56
CA THR F 181 4.41 78.57 -1.41
C THR F 181 4.96 77.36 -2.16
N TYR F 182 4.40 76.19 -1.88
CA TYR F 182 4.72 75.00 -2.66
C TYR F 182 3.59 73.99 -2.50
N GLU F 183 3.70 72.90 -3.26
CA GLU F 183 2.66 71.87 -3.33
C GLU F 183 3.31 70.53 -3.07
N ILE F 184 2.75 69.78 -2.12
CA ILE F 184 3.20 68.43 -1.80
C ILE F 184 2.36 67.45 -2.60
N GLU F 185 3.00 66.40 -3.11
CA GLU F 185 2.32 65.37 -3.89
C GLU F 185 2.03 64.17 -2.99
N VAL F 186 0.81 63.64 -3.12
CA VAL F 186 0.39 62.51 -2.30
C VAL F 186 -0.39 61.53 -3.16
N PRO F 187 -0.24 60.23 -2.87
CA PRO F 187 -0.98 59.22 -3.62
C PRO F 187 -2.45 59.18 -3.21
N GLY F 188 -3.33 59.45 -4.17
CA GLY F 188 -4.75 59.44 -3.92
C GLY F 188 -5.28 60.79 -3.48
N PRO F 189 -6.54 61.08 -3.77
CA PRO F 189 -7.12 62.36 -3.40
C PRO F 189 -7.28 62.47 -1.90
N PRO F 190 -6.64 63.45 -1.26
CA PRO F 190 -6.75 63.59 0.18
C PRO F 190 -8.17 63.94 0.60
N THR F 191 -8.58 63.38 1.73
CA THR F 191 -9.92 63.63 2.25
C THR F 191 -9.89 64.21 3.65
N VAL F 192 -8.99 63.74 4.52
CA VAL F 192 -8.88 64.28 5.86
C VAL F 192 -7.43 64.61 6.13
N LEU F 193 -7.20 65.53 7.07
CA LEU F 193 -5.85 65.84 7.51
C LEU F 193 -5.86 66.63 8.80
N ALA F 194 -5.02 66.23 9.75
CA ALA F 194 -4.98 66.86 11.05
C ALA F 194 -3.62 66.62 11.67
N LEU F 195 -3.01 67.67 12.21
CA LEU F 195 -1.75 67.55 12.93
C LEU F 195 -1.82 66.43 13.96
N HIS F 196 -0.77 65.61 14.00
CA HIS F 196 -0.87 64.28 14.58
C HIS F 196 -0.54 64.25 16.07
N ASN F 197 -1.13 65.17 16.82
CA ASN F 197 -1.03 65.22 18.26
C ASN F 197 -1.92 66.32 18.81
N GLY F 198 -1.93 66.49 20.14
CA GLY F 198 -2.61 67.63 20.71
C GLY F 198 -1.90 68.95 20.50
N ASN F 199 -0.73 68.93 19.88
CA ASN F 199 0.06 70.14 19.64
C ASN F 199 0.44 70.31 18.18
N GLY F 200 0.71 69.23 17.46
CA GLY F 200 1.18 69.34 16.09
C GLY F 200 2.56 68.73 15.88
N GLY F 201 2.89 67.71 16.68
CA GLY F 201 4.16 67.04 16.54
C GLY F 201 5.24 67.64 17.43
N ASP F 202 5.94 66.78 18.16
CA ASP F 202 7.00 67.24 19.06
C ASP F 202 8.05 68.04 18.31
N SER F 203 8.63 67.44 17.27
CA SER F 203 9.71 68.06 16.51
C SER F 203 9.14 69.16 15.61
N GLY F 204 8.65 70.22 16.25
CA GLY F 204 8.12 71.35 15.52
C GLY F 204 6.72 71.14 15.00
N GLU F 205 6.59 70.94 13.69
CA GLU F 205 5.31 70.83 13.02
C GLU F 205 5.27 69.59 12.14
N ASP F 206 4.10 68.95 12.10
CA ASP F 206 3.88 67.77 11.27
C ASP F 206 2.41 67.72 10.87
N LEU F 207 2.15 67.39 9.60
CA LEU F 207 0.80 67.28 9.07
C LEU F 207 0.52 65.84 8.68
N LEU F 208 -0.58 65.29 9.19
CA LEU F 208 -0.96 63.90 8.96
C LEU F 208 -2.19 63.88 8.07
N PHE F 209 -2.06 63.31 6.89
CA PHE F 209 -3.13 63.30 5.91
C PHE F 209 -3.63 61.88 5.67
N GLY F 210 -4.88 61.78 5.23
CA GLY F 210 -5.51 60.53 4.84
C GLY F 210 -6.32 60.72 3.58
N THR F 211 -6.10 59.87 2.60
CA THR F 211 -6.65 60.04 1.26
C THR F 211 -7.83 59.12 1.03
N SER F 212 -8.56 59.40 -0.06
CA SER F 212 -9.78 58.67 -0.39
C SER F 212 -9.53 57.30 -1.01
N ASP F 213 -8.33 57.04 -1.53
CA ASP F 213 -7.98 55.70 -1.97
C ASP F 213 -7.66 54.78 -0.80
N GLY F 214 -7.36 55.37 0.35
CA GLY F 214 -7.01 54.65 1.57
C GLY F 214 -5.51 54.66 1.72
N LYS F 215 -5.01 55.66 2.46
CA LYS F 215 -3.58 55.92 2.60
C LYS F 215 -3.39 56.98 3.66
N LEU F 216 -2.44 56.78 4.55
CA LEU F 216 -2.09 57.75 5.59
C LEU F 216 -0.68 58.26 5.38
N GLY F 217 -0.41 59.43 5.93
CA GLY F 217 0.92 60.01 5.80
C GLY F 217 1.15 61.11 6.80
N LEU F 218 2.41 61.51 6.89
CA LEU F 218 2.90 62.46 7.90
C LEU F 218 3.77 63.53 7.25
N ILE F 219 3.25 64.16 6.19
CA ILE F 219 3.97 65.25 5.52
C ILE F 219 4.38 66.30 6.54
N GLN F 220 5.68 66.51 6.68
CA GLN F 220 6.24 67.51 7.59
C GLN F 220 6.57 68.75 6.75
N ILE F 221 5.67 69.72 6.78
CA ILE F 221 5.75 70.89 5.90
C ILE F 221 6.70 71.90 6.54
N THR F 222 7.92 71.98 6.00
CA THR F 222 8.89 72.98 6.42
C THR F 222 8.59 74.29 5.69
N THR F 223 9.54 75.24 5.76
CA THR F 223 9.30 76.55 5.17
C THR F 223 9.23 76.49 3.65
N SER F 224 9.96 75.55 3.03
CA SER F 224 10.00 75.49 1.57
C SER F 224 9.84 74.10 0.97
N LYS F 225 9.95 73.03 1.75
CA LYS F 225 9.85 71.69 1.18
C LYS F 225 9.24 70.73 2.20
N PRO F 226 8.58 69.68 1.75
CA PRO F 226 8.05 68.67 2.69
C PRO F 226 9.06 67.57 2.97
N ILE F 227 8.89 66.96 4.13
CA ILE F 227 9.74 65.87 4.58
C ILE F 227 8.83 64.67 4.86
N HIS F 228 8.69 63.78 3.89
CA HIS F 228 7.89 62.59 4.09
C HIS F 228 8.53 61.71 5.16
N LYS F 229 7.74 61.29 6.14
CA LYS F 229 8.25 60.48 7.24
C LYS F 229 7.82 59.02 7.17
N TRP F 230 6.57 58.74 6.81
CA TRP F 230 6.12 57.38 6.59
C TRP F 230 4.78 57.42 5.88
N GLU F 231 4.35 56.27 5.40
CA GLU F 231 3.09 56.13 4.69
C GLU F 231 2.48 54.77 5.02
N ILE F 232 1.15 54.73 5.07
CA ILE F 232 0.43 53.53 5.49
C ILE F 232 -0.37 53.01 4.30
N ARG F 233 0.20 53.15 3.10
CA ARG F 233 -0.38 52.57 1.90
C ARG F 233 -0.81 51.13 2.15
N ASN F 234 -2.09 50.87 1.94
CA ASN F 234 -2.69 49.59 2.29
C ASN F 234 -3.01 48.77 1.05
N GLU F 235 -3.27 47.48 1.28
CA GLU F 235 -3.65 46.55 0.22
C GLU F 235 -5.06 46.02 0.42
N LYS F 236 -5.36 45.44 1.59
CA LYS F 236 -6.68 44.90 1.88
C LYS F 236 -7.59 45.91 2.53
N LYS F 237 -7.05 47.02 3.04
CA LYS F 237 -7.81 47.99 3.82
C LYS F 237 -8.40 49.11 2.96
N ARG F 238 -8.74 48.81 1.71
CA ARG F 238 -9.38 49.78 0.84
C ARG F 238 -10.58 50.42 1.53
N GLY F 239 -10.86 51.67 1.16
CA GLY F 239 -11.93 52.42 1.78
C GLY F 239 -11.48 53.82 2.16
N GLY F 240 -12.23 54.83 1.72
CA GLY F 240 -11.84 56.20 1.92
C GLY F 240 -11.76 56.64 3.37
N ILE F 241 -10.59 57.15 3.77
CA ILE F 241 -10.45 57.71 5.12
C ILE F 241 -11.33 58.93 5.23
N LEU F 242 -12.35 58.85 6.09
CA LEU F 242 -13.23 59.98 6.33
C LEU F 242 -12.90 60.72 7.61
N CYS F 243 -12.10 60.13 8.49
CA CYS F 243 -11.79 60.78 9.76
C CYS F 243 -10.53 60.15 10.34
N VAL F 244 -9.81 60.95 11.13
CA VAL F 244 -8.59 60.49 11.78
C VAL F 244 -8.37 61.38 13.00
N ASP F 245 -7.71 60.82 14.02
CA ASP F 245 -7.49 61.55 15.25
C ASP F 245 -6.34 60.91 16.00
N SER F 246 -5.81 61.64 16.98
CA SER F 246 -4.71 61.18 17.80
C SER F 246 -5.14 61.11 19.26
N PHE F 247 -4.89 59.98 19.90
CA PHE F 247 -5.24 59.76 21.29
C PHE F 247 -4.55 58.50 21.79
N ASP F 248 -4.12 58.53 23.04
CA ASP F 248 -3.41 57.41 23.66
C ASP F 248 -4.42 56.48 24.28
N ILE F 249 -4.86 55.48 23.52
CA ILE F 249 -5.78 54.48 24.04
C ILE F 249 -5.05 53.26 24.59
N VAL F 250 -3.95 52.84 23.95
CA VAL F 250 -3.23 51.67 24.41
C VAL F 250 -2.61 51.92 25.78
N GLY F 251 -2.27 53.17 26.09
CA GLY F 251 -1.75 53.52 27.39
C GLY F 251 -0.26 53.36 27.56
N ASP F 252 0.49 53.23 26.46
CA ASP F 252 1.93 53.05 26.55
C ASP F 252 2.66 54.31 26.96
N GLY F 253 2.07 55.47 26.72
CA GLY F 253 2.71 56.75 26.99
C GLY F 253 2.83 57.66 25.80
N VAL F 254 2.78 57.14 24.58
CA VAL F 254 2.78 57.93 23.36
C VAL F 254 1.42 57.81 22.71
N LYS F 255 0.93 58.91 22.14
CA LYS F 255 -0.41 58.93 21.60
C LYS F 255 -0.51 58.02 20.37
N ASP F 256 -1.62 57.29 20.28
CA ASP F 256 -1.89 56.40 19.17
C ASP F 256 -2.72 57.12 18.11
N LEU F 257 -2.89 56.45 16.98
CA LEU F 257 -3.64 57.01 15.84
C LEU F 257 -4.93 56.24 15.67
N LEU F 258 -6.05 56.89 15.96
CA LEU F 258 -7.38 56.32 15.76
C LEU F 258 -7.87 56.78 14.39
N VAL F 259 -7.97 55.86 13.44
CA VAL F 259 -8.32 56.20 12.07
C VAL F 259 -9.59 55.47 11.67
N GLY F 260 -10.51 56.19 11.04
CA GLY F 260 -11.71 55.61 10.50
C GLY F 260 -11.58 55.35 9.01
N ARG F 261 -12.61 54.71 8.45
CA ARG F 261 -12.61 54.36 7.03
C ARG F 261 -13.99 54.69 6.47
N ASP F 262 -14.23 54.25 5.23
CA ASP F 262 -15.53 54.36 4.61
C ASP F 262 -16.31 53.06 4.64
N ASP F 263 -15.65 51.94 4.93
CA ASP F 263 -16.31 50.64 5.04
C ASP F 263 -16.47 50.19 6.50
N GLY F 264 -16.60 51.15 7.41
CA GLY F 264 -16.83 50.82 8.81
C GLY F 264 -15.56 50.56 9.61
N MET F 265 -14.50 50.15 8.92
CA MET F 265 -13.26 49.78 9.59
C MET F 265 -12.74 50.92 10.46
N VAL F 266 -12.62 50.64 11.75
CA VAL F 266 -11.94 51.52 12.69
C VAL F 266 -10.65 50.84 13.10
N GLU F 267 -9.55 51.59 13.06
CA GLU F 267 -8.22 51.04 13.27
C GLU F 267 -7.47 51.88 14.29
N VAL F 268 -6.67 51.22 15.12
CA VAL F 268 -5.74 51.91 16.01
C VAL F 268 -4.32 51.55 15.58
N TYR F 269 -3.50 52.57 15.40
CA TYR F 269 -2.10 52.41 15.03
C TYR F 269 -1.24 52.86 16.19
N GLY F 270 -0.42 51.94 16.71
CA GLY F 270 0.54 52.25 17.74
C GLY F 270 1.91 52.50 17.11
N PHE F 271 2.71 53.29 17.81
CA PHE F 271 4.07 53.62 17.38
C PHE F 271 5.12 52.87 18.18
N ASP F 272 4.86 51.61 18.49
CA ASP F 272 5.77 50.83 19.33
C ASP F 272 7.18 50.74 18.77
N ASN F 273 7.34 50.92 17.47
CA ASN F 273 8.68 50.99 16.88
C ASN F 273 9.38 52.31 17.21
N ALA F 274 8.70 53.20 17.94
CA ALA F 274 9.21 54.47 18.45
C ALA F 274 9.36 55.51 17.36
N ASN F 275 9.22 55.10 16.09
CA ASN F 275 9.17 56.05 14.99
C ASN F 275 8.13 55.74 13.93
N GLU F 276 7.68 54.50 13.79
CA GLU F 276 6.81 54.07 12.71
C GLU F 276 5.57 53.41 13.26
N PRO F 277 4.48 53.40 12.51
CA PRO F 277 3.21 52.85 13.01
C PRO F 277 3.10 51.35 12.80
N VAL F 278 2.17 50.77 13.55
CA VAL F 278 1.82 49.36 13.41
C VAL F 278 0.38 49.18 13.87
N LEU F 279 -0.38 48.40 13.11
CA LEU F 279 -1.78 48.18 13.42
C LEU F 279 -1.92 47.36 14.71
N ARG F 280 -2.95 47.69 15.49
CA ARG F 280 -3.17 46.99 16.75
C ARG F 280 -4.56 46.41 16.88
N PHE F 281 -5.60 47.12 16.40
CA PHE F 281 -6.97 46.64 16.53
C PHE F 281 -7.82 47.26 15.44
N ASP F 282 -8.59 46.42 14.75
CA ASP F 282 -9.47 46.81 13.67
C ASP F 282 -10.86 46.24 13.92
N HIS F 283 -11.88 46.98 13.50
CA HIS F 283 -13.25 46.53 13.75
C HIS F 283 -14.18 47.09 12.68
N THR F 284 -14.98 46.23 12.07
CA THR F 284 -15.92 46.63 11.04
C THR F 284 -17.26 47.04 11.68
N LEU F 285 -18.02 47.86 10.96
CA LEU F 285 -19.19 48.49 11.55
C LEU F 285 -20.43 48.44 10.69
N SER F 286 -20.33 47.96 9.45
CA SER F 286 -21.44 47.77 8.49
C SER F 286 -21.95 49.07 7.90
N GLU F 287 -21.43 50.22 8.32
CA GLU F 287 -21.78 51.50 7.72
C GLU F 287 -20.49 52.28 7.51
N SER F 288 -20.60 53.57 7.22
CA SER F 288 -19.43 54.40 6.94
C SER F 288 -19.18 55.33 8.11
N VAL F 289 -18.00 55.18 8.72
CA VAL F 289 -17.59 56.08 9.79
C VAL F 289 -17.39 57.48 9.23
N THR F 290 -17.79 58.49 10.01
CA THR F 290 -17.63 59.87 9.60
C THR F 290 -16.88 60.74 10.58
N SER F 291 -16.58 60.25 11.78
CA SER F 291 -15.84 61.03 12.77
C SER F 291 -15.35 60.09 13.86
N ILE F 292 -14.15 60.35 14.37
CA ILE F 292 -13.55 59.52 15.41
C ILE F 292 -12.90 60.42 16.44
N GLN F 293 -13.04 60.04 17.72
CA GLN F 293 -12.42 60.77 18.81
C GLN F 293 -12.03 59.79 19.90
N GLY F 294 -11.12 60.22 20.77
CA GLY F 294 -10.67 59.42 21.89
C GLY F 294 -11.33 59.85 23.19
N GLY F 295 -10.67 59.51 24.30
CA GLY F 295 -11.14 59.93 25.61
C GLY F 295 -12.08 58.96 26.28
N CYS F 296 -13.09 59.49 26.97
CA CYS F 296 -14.09 58.67 27.64
C CYS F 296 -15.40 59.43 27.71
N VAL F 297 -16.51 58.72 27.54
CA VAL F 297 -17.83 59.33 27.59
C VAL F 297 -18.72 58.58 28.57
N GLY F 298 -18.41 57.30 28.77
CA GLY F 298 -19.20 56.47 29.67
C GLY F 298 -18.33 55.78 30.71
N LYS F 299 -18.75 55.87 31.96
CA LYS F 299 -18.08 55.21 33.08
C LYS F 299 -16.62 55.65 33.17
N ASP F 300 -16.47 56.94 33.52
CA ASP F 300 -15.15 57.56 33.61
C ASP F 300 -14.16 56.69 34.36
N GLY F 301 -12.91 56.71 33.91
CA GLY F 301 -11.89 55.81 34.38
C GLY F 301 -11.48 54.74 33.40
N TYR F 302 -12.02 54.77 32.18
CA TYR F 302 -11.70 53.80 31.14
C TYR F 302 -11.71 54.52 29.80
N ASP F 303 -10.56 54.56 29.15
CA ASP F 303 -10.46 55.26 27.86
C ASP F 303 -11.22 54.50 26.78
N GLU F 304 -11.87 55.25 25.89
CA GLU F 304 -12.71 54.66 24.86
C GLU F 304 -12.64 55.51 23.61
N ILE F 305 -13.15 54.94 22.52
CA ILE F 305 -13.22 55.61 21.23
C ILE F 305 -14.67 55.91 20.90
N VAL F 306 -14.95 57.15 20.52
CA VAL F 306 -16.28 57.55 20.07
C VAL F 306 -16.25 57.66 18.55
N VAL F 307 -17.19 56.97 17.90
CA VAL F 307 -17.23 56.85 16.46
C VAL F 307 -18.61 57.29 15.98
N SER F 308 -18.65 58.34 15.18
CA SER F 308 -19.88 58.79 14.55
C SER F 308 -20.12 57.98 13.28
N THR F 309 -21.31 57.39 13.19
CA THR F 309 -21.68 56.55 12.06
C THR F 309 -22.56 57.35 11.11
N TYR F 310 -22.49 57.01 9.82
CA TYR F 310 -23.18 57.79 8.80
C TYR F 310 -24.66 58.00 9.13
N SER F 311 -25.38 56.91 9.42
CA SER F 311 -26.80 57.04 9.74
C SER F 311 -27.03 57.77 11.04
N GLY F 312 -26.00 57.99 11.86
CA GLY F 312 -26.12 58.74 13.08
C GLY F 312 -25.85 57.97 14.34
N TRP F 313 -25.59 56.67 14.28
CA TRP F 313 -25.40 55.87 15.48
C TRP F 313 -24.08 56.23 16.11
N ILE F 314 -24.12 57.04 17.16
CA ILE F 314 -22.90 57.50 17.83
C ILE F 314 -22.42 56.39 18.75
N THR F 315 -21.56 55.53 18.25
CA THR F 315 -21.16 54.32 18.94
C THR F 315 -19.88 54.58 19.72
N GLY F 316 -19.63 53.76 20.75
CA GLY F 316 -18.38 53.82 21.47
C GLY F 316 -17.77 52.43 21.58
N LEU F 317 -16.44 52.42 21.67
CA LEU F 317 -15.67 51.21 21.84
C LEU F 317 -14.89 51.40 23.13
N THR F 318 -15.30 50.69 24.17
CA THR F 318 -14.73 50.87 25.50
C THR F 318 -13.70 49.79 25.81
N THR F 319 -12.84 50.09 26.77
CA THR F 319 -11.84 49.15 27.23
C THR F 319 -12.27 48.41 28.49
N GLU F 320 -13.53 48.56 28.90
CA GLU F 320 -14.06 47.96 30.13
C GLU F 320 -14.98 46.81 29.79
N PRO F 321 -14.79 45.63 30.43
CA PRO F 321 -15.70 44.49 30.16
C PRO F 321 -17.17 44.80 30.36
N VAL F 322 -18.04 43.94 29.82
CA VAL F 322 -19.47 44.17 29.86
C VAL F 322 -20.19 43.23 30.82
N HIS F 323 -19.70 42.01 31.02
CA HIS F 323 -20.37 40.99 31.83
C HIS F 323 -19.78 40.92 33.23
N LYS F 324 -19.48 42.07 33.82
CA LYS F 324 -18.68 42.16 35.05
C LYS F 324 -19.23 41.34 36.20
N GLU F 325 -20.46 40.85 36.14
CA GLU F 325 -21.02 40.07 37.22
C GLU F 325 -21.88 38.93 36.67
N SER F 326 -21.87 37.82 37.40
CA SER F 326 -22.64 36.63 37.05
C SER F 326 -22.75 35.75 38.28
N GLY F 327 -23.41 34.61 38.12
CA GLY F 327 -23.60 33.67 39.21
C GLY F 327 -24.20 32.37 38.75
N PRO F 328 -25.11 31.81 39.56
CA PRO F 328 -25.81 30.59 39.15
C PRO F 328 -26.99 30.83 38.23
N GLY F 329 -27.41 32.08 38.05
CA GLY F 329 -28.53 32.38 37.17
C GLY F 329 -29.86 31.97 37.74
N ASN F 335 -26.88 39.41 33.38
CA ASN F 335 -27.02 40.85 33.29
C ASN F 335 -28.49 41.24 33.22
N GLN F 336 -28.79 42.48 33.60
CA GLN F 336 -30.16 42.99 33.58
C GLN F 336 -30.34 44.21 32.68
N GLU F 337 -29.27 44.92 32.31
CA GLU F 337 -29.42 46.05 31.40
C GLU F 337 -29.97 45.64 30.06
N MET F 338 -29.66 44.40 29.63
CA MET F 338 -30.29 43.87 28.42
C MET F 338 -31.80 43.82 28.57
N GLN F 339 -32.28 43.37 29.74
CA GLN F 339 -33.72 43.32 29.97
C GLN F 339 -34.33 44.72 29.99
N ASN F 340 -33.63 45.69 30.57
CA ASN F 340 -34.13 47.06 30.61
C ASN F 340 -34.25 47.63 29.20
N LYS F 341 -33.19 47.51 28.40
CA LYS F 341 -33.24 48.02 27.04
C LYS F 341 -34.30 47.29 26.22
N ILE F 342 -34.45 45.98 26.46
CA ILE F 342 -35.48 45.21 25.76
C ILE F 342 -36.86 45.76 26.09
N SER F 343 -37.13 45.99 27.37
CA SER F 343 -38.45 46.48 27.77
C SER F 343 -38.70 47.87 27.19
N SER F 344 -37.69 48.73 27.20
CA SER F 344 -37.86 50.08 26.65
C SER F 344 -38.20 50.01 25.16
N LEU F 345 -37.44 49.21 24.41
CA LEU F 345 -37.73 49.09 22.99
C LEU F 345 -39.10 48.44 22.76
N ARG F 346 -39.48 47.48 23.60
CA ARG F 346 -40.82 46.90 23.52
C ARG F 346 -41.89 47.97 23.60
N SER F 347 -41.87 48.75 24.69
CA SER F 347 -42.90 49.76 24.90
C SER F 347 -42.91 50.78 23.76
N GLU F 348 -41.72 51.25 23.36
CA GLU F 348 -41.66 52.24 22.29
C GLU F 348 -42.21 51.68 20.99
N LEU F 349 -41.89 50.43 20.66
CA LEU F 349 -42.38 49.88 19.41
C LEU F 349 -43.87 49.62 19.46
N GLU F 350 -44.42 49.23 20.61
CA GLU F 350 -45.87 49.12 20.74
C GLU F 350 -46.55 50.45 20.45
N GLN F 351 -46.14 51.51 21.15
CA GLN F 351 -46.84 52.78 20.99
C GLN F 351 -46.64 53.34 19.58
N LEU F 352 -45.43 53.19 19.03
CA LEU F 352 -45.19 53.68 17.67
C LEU F 352 -45.99 52.88 16.66
N GLN F 353 -46.15 51.57 16.87
CA GLN F 353 -46.99 50.77 15.99
C GLN F 353 -48.43 51.27 16.03
N TYR F 354 -48.94 51.54 17.24
CA TYR F 354 -50.29 52.11 17.36
C TYR F 354 -50.42 53.36 16.51
N LYS F 355 -49.52 54.33 16.74
CA LYS F 355 -49.61 55.61 16.07
C LYS F 355 -49.50 55.47 14.55
N VAL F 356 -48.49 54.72 14.09
CA VAL F 356 -48.27 54.64 12.65
C VAL F 356 -49.32 53.79 11.97
N LEU F 357 -49.94 52.83 12.67
CA LEU F 357 -51.05 52.10 12.08
C LEU F 357 -52.26 53.00 11.90
N GLN F 358 -52.58 53.80 12.91
CA GLN F 358 -53.70 54.74 12.75
C GLN F 358 -53.41 55.74 11.65
N GLU F 359 -52.16 56.21 11.56
CA GLU F 359 -51.83 57.18 10.52
C GLU F 359 -51.81 56.54 9.14
N ARG F 360 -51.41 55.27 9.04
CA ARG F 360 -51.50 54.56 7.76
C ARG F 360 -52.94 54.41 7.34
N GLU F 361 -53.83 54.10 8.28
CA GLU F 361 -55.25 54.03 7.95
C GLU F 361 -55.75 55.36 7.42
N LYS F 362 -55.42 56.45 8.12
CA LYS F 362 -55.87 57.77 7.67
C LYS F 362 -55.29 58.14 6.31
N TYR F 363 -54.02 57.77 6.07
CA TYR F 363 -53.37 58.12 4.82
C TYR F 363 -53.94 57.31 3.65
N GLN F 364 -54.18 56.01 3.87
CA GLN F 364 -54.74 55.18 2.82
C GLN F 364 -56.17 55.58 2.51
N GLN F 365 -56.95 55.97 3.53
CA GLN F 365 -58.32 56.40 3.28
C GLN F 365 -58.39 57.82 2.72
N SER F 366 -57.36 58.64 2.93
CA SER F 366 -57.32 59.97 2.35
C SER F 366 -56.59 60.01 1.02
N SER F 367 -55.89 58.94 0.65
CA SER F 367 -55.22 58.89 -0.64
C SER F 367 -56.22 58.93 -1.79
N GLN F 368 -57.43 58.42 -1.57
CA GLN F 368 -58.45 58.41 -2.60
C GLN F 368 -58.96 59.81 -2.95
N SER F 369 -58.56 60.83 -2.19
CA SER F 369 -58.98 62.19 -2.50
C SER F 369 -58.45 62.60 -3.89
N SER F 370 -59.35 63.11 -4.72
CA SER F 370 -59.00 63.40 -6.11
C SER F 370 -57.93 64.48 -6.20
N LYS F 371 -58.25 65.68 -5.72
CA LYS F 371 -57.34 66.82 -5.88
C LYS F 371 -56.09 66.70 -5.03
N ALA F 372 -56.06 65.80 -4.04
CA ALA F 372 -54.90 65.69 -3.17
C ALA F 372 -53.69 65.14 -3.93
N LYS F 373 -52.51 65.45 -3.42
CA LYS F 373 -51.25 64.99 -3.98
C LYS F 373 -50.47 64.23 -2.92
N SER F 374 -49.83 63.14 -3.33
CA SER F 374 -49.07 62.28 -2.42
C SER F 374 -47.60 62.66 -2.53
N ALA F 375 -47.09 63.36 -1.53
CA ALA F 375 -45.70 63.79 -1.53
C ALA F 375 -44.78 62.59 -1.25
N VAL F 376 -43.50 62.79 -1.51
CA VAL F 376 -42.55 61.68 -1.46
C VAL F 376 -41.50 61.94 -0.38
N PRO F 377 -41.16 60.94 0.42
CA PRO F 377 -40.08 61.10 1.39
C PRO F 377 -38.70 61.17 0.74
N SER F 378 -38.08 62.34 0.76
CA SER F 378 -36.73 62.47 0.26
C SER F 378 -35.74 61.86 1.26
N PHE F 379 -34.59 61.45 0.75
CA PHE F 379 -33.56 60.82 1.57
C PHE F 379 -32.23 60.97 0.85
N SER F 380 -31.16 60.54 1.53
CA SER F 380 -29.80 60.76 1.05
C SER F 380 -29.15 59.44 0.68
N VAL F 381 -28.38 59.46 -0.40
CA VAL F 381 -27.63 58.31 -0.87
C VAL F 381 -26.19 58.73 -1.12
N ASN F 382 -25.32 58.47 -0.14
CA ASN F 382 -23.91 58.81 -0.23
C ASN F 382 -23.24 57.82 -1.17
N ASP F 383 -23.22 58.16 -2.45
CA ASP F 383 -22.61 57.32 -3.47
C ASP F 383 -21.20 57.78 -3.77
N LYS F 384 -20.40 56.85 -4.30
CA LYS F 384 -18.98 57.09 -4.52
C LYS F 384 -18.54 56.30 -5.75
N PHE F 385 -18.46 56.98 -6.89
CA PHE F 385 -18.12 56.35 -8.17
C PHE F 385 -16.64 56.56 -8.43
N THR F 386 -15.82 55.78 -7.73
CA THR F 386 -14.37 55.89 -7.83
C THR F 386 -13.85 54.91 -8.87
N LEU F 387 -12.53 54.96 -9.09
CA LEU F 387 -11.87 54.11 -10.08
C LEU F 387 -10.71 53.39 -9.40
N ASN F 388 -10.84 52.07 -9.23
CA ASN F 388 -9.74 51.28 -8.70
C ASN F 388 -8.57 51.33 -9.67
N LYS F 389 -7.38 51.61 -9.14
CA LYS F 389 -6.18 51.72 -9.98
C LYS F 389 -5.48 50.39 -10.18
N ASP F 390 -5.43 49.56 -9.13
CA ASP F 390 -4.81 48.24 -9.26
C ASP F 390 -5.54 47.37 -10.27
N ASP F 391 -6.81 47.65 -10.50
CA ASP F 391 -7.62 47.00 -11.53
C ASP F 391 -8.09 48.07 -12.51
N ALA F 392 -8.97 47.69 -13.43
CA ALA F 392 -9.58 48.62 -14.36
C ALA F 392 -11.08 48.75 -14.14
N SER F 393 -11.52 48.58 -12.89
CA SER F 393 -12.94 48.46 -12.57
C SER F 393 -13.35 49.55 -11.58
N TYR F 394 -14.31 50.37 -11.97
CA TYR F 394 -14.96 51.25 -11.02
C TYR F 394 -15.61 50.44 -9.92
N SER F 395 -15.70 51.02 -8.73
CA SER F 395 -16.29 50.34 -7.56
C SER F 395 -17.38 51.25 -7.01
N LEU F 396 -18.59 51.10 -7.52
CA LEU F 396 -19.69 51.95 -7.07
C LEU F 396 -20.13 51.53 -5.67
N ILE F 397 -20.42 52.52 -4.83
CA ILE F 397 -20.80 52.25 -3.44
C ILE F 397 -21.97 53.13 -3.05
N LEU F 398 -23.15 52.53 -2.94
CA LEU F 398 -24.32 53.25 -2.46
C LEU F 398 -24.47 53.08 -0.95
N GLU F 399 -24.97 54.12 -0.30
CA GLU F 399 -25.29 54.04 1.12
C GLU F 399 -26.60 54.76 1.37
N VAL F 400 -27.41 54.21 2.26
CA VAL F 400 -28.67 54.82 2.67
C VAL F 400 -28.75 54.74 4.20
N GLN F 401 -29.38 55.73 4.80
CA GLN F 401 -29.54 55.73 6.25
C GLN F 401 -30.32 54.50 6.71
N THR F 402 -31.43 54.22 6.05
CA THR F 402 -32.22 53.03 6.34
C THR F 402 -31.61 51.84 5.61
N ALA F 403 -32.32 50.72 5.58
CA ALA F 403 -31.90 49.57 4.79
C ALA F 403 -32.55 49.59 3.42
N ILE F 404 -31.87 49.01 2.45
CA ILE F 404 -32.33 48.99 1.07
C ILE F 404 -33.21 47.75 0.89
N ASP F 405 -34.11 47.82 -0.10
CA ASP F 405 -34.92 46.67 -0.50
C ASP F 405 -34.45 46.09 -1.84
N ASN F 406 -34.24 46.94 -2.84
CA ASN F 406 -33.72 46.49 -4.11
C ASN F 406 -33.11 47.67 -4.84
N VAL F 407 -32.05 47.38 -5.61
CA VAL F 407 -31.32 48.36 -6.38
C VAL F 407 -31.33 47.92 -7.82
N LEU F 408 -31.88 48.76 -8.70
CA LEU F 408 -31.77 48.54 -10.13
C LEU F 408 -30.44 49.08 -10.65
N ILE F 409 -29.88 48.39 -11.63
CA ILE F 409 -28.69 48.85 -12.35
C ILE F 409 -29.05 48.77 -13.83
N GLN F 410 -29.55 49.87 -14.38
CA GLN F 410 -29.76 50.01 -15.81
C GLN F 410 -28.57 50.72 -16.43
N SER F 411 -28.28 50.37 -17.67
CA SER F 411 -27.07 50.87 -18.33
C SER F 411 -27.38 51.29 -19.75
N ASP F 412 -26.36 51.86 -20.39
CA ASP F 412 -26.37 52.14 -21.81
C ASP F 412 -25.03 51.75 -22.43
N VAL F 413 -24.22 51.00 -21.71
CA VAL F 413 -22.85 50.65 -22.12
C VAL F 413 -22.63 49.17 -21.81
N PRO F 414 -22.01 48.41 -22.72
CA PRO F 414 -21.60 47.05 -22.35
C PRO F 414 -20.72 47.04 -21.12
N ILE F 415 -21.22 46.49 -20.02
CA ILE F 415 -20.57 46.59 -18.72
C ILE F 415 -20.64 45.24 -18.02
N ASP F 416 -19.56 44.89 -17.33
CA ASP F 416 -19.50 43.67 -16.55
C ASP F 416 -19.71 44.02 -15.08
N LEU F 417 -20.76 43.47 -14.48
CA LEU F 417 -20.98 43.58 -13.04
C LEU F 417 -20.33 42.39 -12.35
N LEU F 418 -19.19 42.62 -11.73
CA LEU F 418 -18.47 41.55 -11.05
C LEU F 418 -19.09 41.29 -9.68
N ASP F 419 -18.48 40.37 -8.93
CA ASP F 419 -18.99 39.96 -7.64
C ASP F 419 -18.08 40.46 -6.53
N VAL F 420 -18.69 40.97 -5.47
CA VAL F 420 -17.97 41.45 -4.29
C VAL F 420 -18.32 40.52 -3.14
N ASP F 421 -17.29 39.96 -2.50
CA ASP F 421 -17.53 39.03 -1.40
C ASP F 421 -18.19 39.71 -0.22
N LYS F 422 -17.80 40.97 0.06
CA LYS F 422 -18.41 41.69 1.16
C LYS F 422 -19.91 41.90 0.93
N ASN F 423 -20.33 42.04 -0.31
CA ASN F 423 -21.74 42.19 -0.61
C ASN F 423 -22.49 40.90 -0.31
N SER F 424 -23.69 41.05 0.27
CA SER F 424 -24.54 39.92 0.59
C SER F 424 -25.83 39.91 -0.22
N ALA F 425 -25.94 40.77 -1.23
CA ALA F 425 -27.14 40.87 -2.02
C ALA F 425 -27.21 39.71 -3.01
N VAL F 426 -28.37 39.56 -3.65
CA VAL F 426 -28.55 38.60 -4.73
C VAL F 426 -28.59 39.38 -6.04
N VAL F 427 -28.27 38.68 -7.13
CA VAL F 427 -28.18 39.29 -8.44
C VAL F 427 -29.12 38.55 -9.38
N SER F 428 -29.57 39.26 -10.40
CA SER F 428 -30.72 38.82 -11.21
C SER F 428 -30.69 39.35 -12.64
N PHE F 429 -29.68 39.00 -13.42
CA PHE F 429 -29.45 39.68 -14.69
C PHE F 429 -30.66 39.43 -15.60
N SER F 430 -31.57 40.35 -15.60
CA SER F 430 -32.77 40.25 -16.43
C SER F 430 -32.39 40.27 -17.91
N SER F 431 -33.14 39.51 -18.72
CA SER F 431 -32.79 39.29 -20.12
C SER F 431 -32.97 40.58 -20.89
N CYS F 432 -31.88 41.28 -21.16
CA CYS F 432 -31.92 42.46 -22.01
C CYS F 432 -32.17 42.05 -23.45
N ASP F 433 -32.27 43.06 -24.31
CA ASP F 433 -32.45 42.85 -25.75
C ASP F 433 -31.33 43.46 -26.57
N SER F 434 -30.96 44.71 -26.28
CA SER F 434 -29.96 45.51 -26.98
C SER F 434 -30.40 45.95 -28.37
N GLU F 435 -31.60 45.56 -28.81
CA GLU F 435 -32.12 45.98 -30.11
C GLU F 435 -33.29 46.94 -30.01
N SER F 436 -34.24 46.70 -29.10
CA SER F 436 -35.40 47.57 -28.94
C SER F 436 -35.28 48.50 -27.75
N ASN F 437 -34.68 48.05 -26.65
CA ASN F 437 -34.32 48.92 -25.54
C ASN F 437 -32.84 49.26 -25.64
N ASP F 438 -32.50 50.48 -25.27
CA ASP F 438 -31.09 50.86 -25.32
C ASP F 438 -30.31 50.32 -24.13
N ASN F 439 -30.90 49.41 -23.37
CA ASN F 439 -30.31 48.88 -22.15
C ASN F 439 -29.50 47.63 -22.48
N PHE F 440 -28.18 47.77 -22.56
CA PHE F 440 -27.29 46.63 -22.70
C PHE F 440 -27.04 45.94 -21.37
N LEU F 441 -27.75 46.33 -20.31
CA LEU F 441 -27.57 45.76 -18.99
C LEU F 441 -28.73 46.14 -18.07
N LEU F 442 -29.30 45.16 -17.37
CA LEU F 442 -30.40 45.42 -16.44
C LEU F 442 -30.25 44.44 -15.28
N ALA F 443 -29.58 44.88 -14.21
CA ALA F 443 -29.35 44.04 -13.06
C ALA F 443 -30.39 44.34 -11.97
N THR F 444 -30.24 43.75 -10.79
CA THR F 444 -31.24 43.98 -9.69
C THR F 444 -30.84 43.27 -8.39
N TYR F 445 -30.27 44.05 -7.49
CA TYR F 445 -29.54 43.49 -6.36
C TYR F 445 -30.47 43.61 -5.17
N ARG F 446 -31.25 42.59 -4.86
CA ARG F 446 -32.07 42.68 -3.62
C ARG F 446 -31.12 42.56 -2.47
N CYS F 447 -31.38 43.26 -1.38
CA CYS F 447 -30.42 43.26 -0.28
C CYS F 447 -31.06 42.48 0.86
N GLN F 448 -30.36 41.47 1.33
CA GLN F 448 -30.95 40.58 2.33
C GLN F 448 -30.81 41.17 3.70
N ALA F 449 -31.88 41.08 4.49
CA ALA F 449 -31.83 41.53 5.89
C ALA F 449 -31.48 43.00 5.88
N ASN F 450 -30.75 43.42 6.89
CA ASN F 450 -30.81 44.85 7.26
C ASN F 450 -29.45 45.46 6.97
N THR F 451 -29.19 45.67 5.68
CA THR F 451 -27.94 46.22 5.20
C THR F 451 -28.15 47.62 4.66
N THR F 452 -27.20 48.51 4.96
CA THR F 452 -27.26 49.90 4.54
C THR F 452 -26.46 50.16 3.27
N ARG F 453 -25.19 49.77 3.25
CA ARG F 453 -24.32 50.06 2.13
C ARG F 453 -24.25 48.87 1.17
N LEU F 454 -24.01 49.18 -0.10
CA LEU F 454 -23.92 48.20 -1.17
C LEU F 454 -22.78 48.58 -2.09
N GLU F 455 -21.78 47.72 -2.19
CA GLU F 455 -20.63 47.93 -3.07
C GLU F 455 -20.71 46.95 -4.23
N LEU F 456 -20.66 47.47 -5.45
CA LEU F 456 -20.68 46.63 -6.64
C LEU F 456 -19.68 47.15 -7.65
N LYS F 457 -18.98 46.22 -8.29
CA LYS F 457 -17.97 46.57 -9.29
C LYS F 457 -18.61 46.78 -10.65
N ILE F 458 -17.93 47.58 -11.47
CA ILE F 458 -18.37 47.89 -12.82
C ILE F 458 -17.13 48.04 -13.69
N ARG F 459 -16.99 47.19 -14.70
CA ARG F 459 -15.81 47.18 -15.55
C ARG F 459 -16.22 47.60 -16.96
N SER F 460 -15.68 48.73 -17.42
CA SER F 460 -15.99 49.27 -18.73
C SER F 460 -14.74 49.27 -19.59
N ILE F 461 -14.93 49.09 -20.90
CA ILE F 461 -13.83 48.97 -21.86
C ILE F 461 -13.26 50.35 -22.14
N GLU F 462 -12.11 50.40 -22.81
CA GLU F 462 -11.46 51.65 -23.18
C GLU F 462 -12.36 52.56 -24.01
N GLY F 463 -13.40 52.01 -24.63
CA GLY F 463 -14.36 52.82 -25.34
C GLY F 463 -15.75 52.72 -24.73
N GLN F 464 -16.79 52.90 -25.55
CA GLN F 464 -18.17 52.73 -25.14
C GLN F 464 -18.53 53.68 -23.99
N TYR F 465 -18.50 54.96 -24.31
CA TYR F 465 -18.99 55.97 -23.38
C TYR F 465 -20.50 55.86 -23.22
N GLY F 466 -21.02 56.45 -22.16
CA GLY F 466 -22.45 56.51 -21.97
C GLY F 466 -22.84 56.54 -20.51
N THR F 467 -24.12 56.77 -20.27
CA THR F 467 -24.63 56.93 -18.93
C THR F 467 -24.82 55.57 -18.24
N LEU F 468 -25.22 55.62 -16.97
CA LEU F 468 -25.52 54.42 -16.21
C LEU F 468 -26.42 54.82 -15.05
N GLN F 469 -27.64 54.32 -15.03
CA GLN F 469 -28.59 54.70 -14.00
C GLN F 469 -28.62 53.66 -12.88
N ALA F 470 -29.10 54.09 -11.73
CA ALA F 470 -29.22 53.21 -10.57
C ALA F 470 -30.39 53.70 -9.72
N TYR F 471 -31.44 52.89 -9.63
CA TYR F 471 -32.61 53.20 -8.82
C TYR F 471 -32.46 52.52 -7.47
N VAL F 472 -32.47 53.32 -6.40
CA VAL F 472 -32.35 52.80 -5.04
C VAL F 472 -33.69 52.96 -4.35
N THR F 473 -34.12 51.91 -3.64
CA THR F 473 -35.38 51.92 -2.91
C THR F 473 -35.10 51.49 -1.48
N PRO F 474 -35.48 52.29 -0.48
CA PRO F 474 -35.24 51.92 0.91
C PRO F 474 -36.41 51.15 1.50
N ARG F 475 -36.20 50.66 2.72
CA ARG F 475 -37.24 49.92 3.44
C ARG F 475 -38.08 50.83 4.33
N ILE F 476 -38.63 51.89 3.74
CA ILE F 476 -39.55 52.79 4.43
C ILE F 476 -40.95 52.50 3.91
N GLN F 477 -41.95 53.11 4.57
CA GLN F 477 -43.32 52.68 4.33
C GLN F 477 -43.84 53.05 2.95
N PRO F 478 -43.75 54.30 2.49
CA PRO F 478 -44.20 54.59 1.12
C PRO F 478 -43.36 53.91 0.05
N LYS F 479 -42.15 53.46 0.40
CA LYS F 479 -41.28 52.70 -0.49
C LYS F 479 -41.05 53.45 -1.81
N THR F 480 -40.42 54.60 -1.71
CA THR F 480 -40.09 55.40 -2.88
C THR F 480 -38.81 54.89 -3.52
N CYS F 481 -38.43 55.51 -4.64
CA CYS F 481 -37.20 55.16 -5.34
C CYS F 481 -36.53 56.43 -5.83
N GLN F 482 -35.21 56.47 -5.74
CA GLN F 482 -34.42 57.60 -6.19
C GLN F 482 -33.42 57.13 -7.23
N VAL F 483 -33.34 57.87 -8.33
CA VAL F 483 -32.49 57.49 -9.44
C VAL F 483 -31.20 58.29 -9.40
N ARG F 484 -30.09 57.64 -9.74
CA ARG F 484 -28.81 58.29 -9.91
C ARG F 484 -28.28 58.01 -11.31
N GLN F 485 -27.64 59.02 -11.90
CA GLN F 485 -27.10 58.91 -13.25
C GLN F 485 -25.60 59.15 -13.19
N TYR F 486 -24.82 58.07 -13.23
CA TYR F 486 -23.38 58.16 -13.36
C TYR F 486 -22.99 58.13 -14.84
N HIS F 487 -21.75 58.49 -15.11
CA HIS F 487 -21.23 58.51 -16.47
C HIS F 487 -20.03 57.60 -16.56
N ILE F 488 -20.01 56.74 -17.58
CA ILE F 488 -18.82 56.02 -17.99
C ILE F 488 -18.22 56.81 -19.15
N LYS F 489 -17.10 57.47 -18.88
CA LYS F 489 -16.49 58.36 -19.85
C LYS F 489 -15.92 57.55 -21.01
N PRO F 490 -15.70 58.20 -22.17
CA PRO F 490 -15.08 57.49 -23.29
C PRO F 490 -13.77 56.84 -22.89
N LEU F 491 -12.82 57.63 -22.40
CA LEU F 491 -11.54 57.09 -21.94
C LEU F 491 -11.59 56.80 -20.45
N SER F 492 -12.54 55.95 -20.06
CA SER F 492 -12.86 55.71 -18.66
C SER F 492 -11.76 54.96 -17.91
N LEU F 493 -10.62 54.68 -18.53
CA LEU F 493 -9.52 54.01 -17.86
C LEU F 493 -8.28 54.88 -17.73
N HIS F 494 -8.45 56.20 -17.74
CA HIS F 494 -7.33 57.14 -17.64
C HIS F 494 -7.41 57.85 -16.30
N GLN F 495 -6.52 57.49 -15.38
CA GLN F 495 -6.40 58.15 -14.10
C GLN F 495 -5.40 59.30 -14.22
N ARG F 496 -5.83 60.50 -13.84
CA ARG F 496 -5.01 61.68 -14.05
C ARG F 496 -3.86 61.74 -13.05
N THR F 497 -2.66 62.02 -13.55
CA THR F 497 -1.45 62.16 -12.74
C THR F 497 -0.85 63.53 -12.97
N HIS F 498 0.34 63.75 -12.40
CA HIS F 498 0.98 65.06 -12.43
C HIS F 498 2.14 65.17 -13.40
N PHE F 499 2.65 64.06 -13.92
CA PHE F 499 3.79 64.10 -14.82
C PHE F 499 3.71 62.96 -15.82
N ILE F 500 4.31 63.18 -16.99
CA ILE F 500 4.39 62.15 -18.02
C ILE F 500 5.84 61.92 -18.39
N ASP F 501 6.08 61.04 -19.36
CA ASP F 501 7.40 60.80 -19.92
C ASP F 501 7.35 61.15 -21.40
N HIS F 502 8.01 62.24 -21.79
CA HIS F 502 7.96 62.71 -23.16
C HIS F 502 8.88 61.92 -24.09
N ASP F 503 9.75 61.07 -23.56
CA ASP F 503 10.65 60.26 -24.38
C ASP F 503 9.95 59.06 -25.00
N ARG F 504 8.63 58.99 -24.93
CA ARG F 504 7.85 57.93 -25.54
C ARG F 504 7.41 58.35 -26.93
N PRO F 505 7.09 57.39 -27.81
CA PRO F 505 6.64 57.77 -29.16
C PRO F 505 5.27 58.41 -29.12
N MET F 506 5.22 59.72 -29.32
CA MET F 506 3.99 60.49 -29.14
C MET F 506 3.26 60.62 -30.47
N ASN F 507 2.03 60.12 -30.50
CA ASN F 507 1.18 60.21 -31.69
C ASN F 507 0.27 61.43 -31.55
N THR F 508 0.87 62.60 -31.78
CA THR F 508 0.18 63.86 -31.54
C THR F 508 -1.05 64.00 -32.44
N LEU F 509 -1.88 64.97 -32.09
CA LEU F 509 -3.14 65.22 -32.79
C LEU F 509 -3.62 66.61 -32.40
N THR F 510 -4.06 67.38 -33.40
CA THR F 510 -4.35 68.80 -33.21
C THR F 510 -5.77 69.11 -33.65
N LEU F 511 -6.53 69.74 -32.76
CA LEU F 511 -7.84 70.31 -33.06
C LEU F 511 -7.70 71.82 -33.17
N THR F 512 -8.24 72.39 -34.24
CA THR F 512 -8.19 73.83 -34.45
C THR F 512 -9.52 74.34 -34.97
N GLY F 513 -9.90 75.54 -34.54
CA GLY F 513 -11.00 76.25 -35.17
C GLY F 513 -12.23 76.55 -34.33
N GLN F 514 -12.45 77.84 -34.08
CA GLN F 514 -13.73 78.37 -33.60
C GLN F 514 -14.20 77.67 -32.31
N PHE F 515 -13.43 77.88 -31.26
CA PHE F 515 -13.77 77.36 -29.94
C PHE F 515 -13.90 78.49 -28.94
N SER F 516 -14.88 78.35 -28.04
CA SER F 516 -14.83 79.04 -26.77
C SER F 516 -14.14 78.11 -25.78
N PHE F 517 -13.11 78.63 -25.10
CA PHE F 517 -12.27 77.76 -24.28
C PHE F 517 -13.08 77.00 -23.25
N SER F 518 -14.14 77.63 -22.72
CA SER F 518 -15.04 76.93 -21.81
C SER F 518 -15.70 75.74 -22.51
N GLU F 519 -16.05 75.90 -23.78
CA GLU F 519 -16.71 74.81 -24.51
C GLU F 519 -15.75 73.65 -24.76
N LEU F 520 -14.51 73.96 -25.15
CA LEU F 520 -13.52 72.91 -25.33
C LEU F 520 -13.25 72.20 -24.00
N HIS F 521 -13.22 72.96 -22.90
CA HIS F 521 -13.07 72.32 -21.60
C HIS F 521 -14.26 71.42 -21.30
N SER F 522 -15.46 71.85 -21.66
CA SER F 522 -16.63 70.99 -21.47
C SER F 522 -16.50 69.70 -22.26
N TRP F 523 -15.97 69.80 -23.48
CA TRP F 523 -15.70 68.59 -24.27
C TRP F 523 -14.73 67.67 -23.53
N VAL F 524 -13.64 68.23 -23.02
CA VAL F 524 -12.67 67.39 -22.32
C VAL F 524 -13.24 66.79 -21.05
N VAL F 525 -14.16 67.49 -20.38
CA VAL F 525 -14.83 66.91 -19.22
C VAL F 525 -15.75 65.79 -19.64
N PHE F 526 -16.44 65.96 -20.77
CA PHE F 526 -17.20 64.87 -21.35
C PHE F 526 -16.32 63.68 -21.70
N CYS F 527 -15.04 63.92 -21.97
CA CYS F 527 -14.17 62.90 -22.51
C CYS F 527 -13.19 62.30 -21.51
N MET F 528 -13.04 62.89 -20.32
CA MET F 528 -12.00 62.42 -19.42
C MET F 528 -12.55 62.24 -18.01
N PRO F 529 -12.05 61.24 -17.28
CA PRO F 529 -12.64 60.92 -15.97
C PRO F 529 -12.48 62.01 -14.91
N GLU F 530 -11.24 62.42 -14.64
CA GLU F 530 -10.96 63.27 -13.49
C GLU F 530 -10.45 64.63 -13.96
N VAL F 531 -11.39 65.51 -14.26
CA VAL F 531 -11.10 66.89 -14.61
C VAL F 531 -12.15 67.80 -13.98
N PRO F 532 -11.77 68.95 -13.42
CA PRO F 532 -12.76 69.85 -12.84
C PRO F 532 -13.71 70.39 -13.90
N GLU F 533 -14.97 70.55 -13.51
CA GLU F 533 -15.97 71.06 -14.44
C GLU F 533 -15.73 72.53 -14.76
N LYS F 534 -15.48 73.36 -13.75
CA LYS F 534 -15.28 74.77 -13.98
C LYS F 534 -14.04 75.01 -14.83
N PRO F 535 -14.15 75.76 -15.92
CA PRO F 535 -12.98 76.02 -16.77
C PRO F 535 -11.89 76.73 -16.00
N PRO F 536 -10.69 76.16 -15.94
CA PRO F 536 -9.60 76.80 -15.19
C PRO F 536 -9.20 78.12 -15.81
N ALA F 537 -8.87 79.08 -14.95
CA ALA F 537 -8.51 80.41 -15.42
C ALA F 537 -7.18 80.37 -16.18
N GLY F 538 -7.00 81.33 -17.07
CA GLY F 538 -5.79 81.47 -17.85
C GLY F 538 -5.93 81.13 -19.31
N GLU F 539 -7.06 80.55 -19.73
CA GLU F 539 -7.33 80.19 -21.11
C GLU F 539 -6.26 79.28 -21.71
N CYS F 540 -5.53 78.56 -20.87
CA CYS F 540 -4.51 77.62 -21.35
C CYS F 540 -4.27 76.61 -20.24
N VAL F 541 -4.66 75.35 -20.48
CA VAL F 541 -4.60 74.32 -19.45
C VAL F 541 -3.98 73.07 -20.02
N THR F 542 -3.20 72.37 -19.18
CA THR F 542 -2.52 71.15 -19.56
C THR F 542 -2.76 70.10 -18.48
N PHE F 543 -3.19 68.92 -18.90
CA PHE F 543 -3.42 67.79 -18.00
C PHE F 543 -2.59 66.59 -18.45
N TYR F 544 -2.15 65.81 -17.46
CA TYR F 544 -1.26 64.68 -17.67
C TYR F 544 -1.97 63.40 -17.25
N PHE F 545 -2.63 62.73 -18.19
CA PHE F 545 -3.39 61.53 -17.90
C PHE F 545 -2.50 60.30 -17.94
N GLN F 546 -3.10 59.14 -17.69
CA GLN F 546 -2.40 57.86 -17.76
C GLN F 546 -3.38 56.69 -17.81
N ASN F 547 -3.24 55.84 -18.81
CA ASN F 547 -4.07 54.64 -18.91
C ASN F 547 -3.71 53.67 -17.79
N THR F 548 -4.73 53.16 -17.09
CA THR F 548 -4.48 52.27 -15.96
C THR F 548 -4.38 50.81 -16.35
N PHE F 549 -4.98 50.40 -17.48
CA PHE F 549 -4.86 49.03 -17.92
C PHE F 549 -3.42 48.71 -18.34
N LEU F 550 -2.77 49.67 -18.98
CA LEU F 550 -1.35 49.58 -19.29
C LEU F 550 -0.83 51.01 -19.44
N ASP F 551 0.40 51.25 -18.98
CA ASP F 551 0.91 52.60 -18.78
C ASP F 551 1.18 53.28 -20.14
N THR F 552 0.24 54.11 -20.58
CA THR F 552 0.39 54.93 -21.77
C THR F 552 -0.21 56.30 -21.49
N GLN F 553 0.61 57.35 -21.59
CA GLN F 553 0.19 58.68 -21.20
C GLN F 553 -0.62 59.36 -22.30
N LEU F 554 -1.42 60.35 -21.90
CA LEU F 554 -2.32 61.08 -22.80
C LEU F 554 -2.27 62.57 -22.52
N GLU F 555 -1.07 63.15 -22.48
CA GLU F 555 -0.92 64.59 -22.31
C GLU F 555 -1.91 65.36 -23.18
N SER F 556 -2.65 66.28 -22.54
CA SER F 556 -3.64 67.08 -23.24
C SER F 556 -3.41 68.55 -22.90
N THR F 557 -3.05 69.34 -23.91
CA THR F 557 -2.83 70.77 -23.74
C THR F 557 -3.83 71.52 -24.61
N TYR F 558 -4.36 72.62 -24.11
CA TYR F 558 -5.29 73.35 -24.96
C TYR F 558 -5.43 74.80 -24.52
N ARG F 559 -5.64 75.66 -25.50
CA ARG F 559 -5.81 77.10 -25.37
C ARG F 559 -7.20 77.48 -25.85
N LYS F 560 -7.43 78.79 -26.01
CA LYS F 560 -8.74 79.32 -26.36
C LYS F 560 -9.31 78.69 -27.63
N GLY F 561 -8.45 78.32 -28.58
CA GLY F 561 -8.95 77.83 -29.84
C GLY F 561 -8.15 76.71 -30.47
N GLU F 562 -7.23 76.11 -29.71
CA GLU F 562 -6.35 75.09 -30.24
C GLU F 562 -6.15 74.02 -29.19
N GLY F 563 -5.94 72.78 -29.65
CA GLY F 563 -5.72 71.67 -28.74
C GLY F 563 -4.77 70.62 -29.27
N VAL F 564 -3.84 70.19 -28.44
CA VAL F 564 -2.88 69.14 -28.76
C VAL F 564 -3.10 67.99 -27.79
N PHE F 565 -3.47 66.82 -28.33
CA PHE F 565 -3.70 65.63 -27.52
C PHE F 565 -2.63 64.60 -27.89
N LYS F 566 -1.48 64.72 -27.24
CA LYS F 566 -0.43 63.73 -27.45
C LYS F 566 -0.81 62.43 -26.74
N SER F 567 -0.13 61.35 -27.09
CA SER F 567 -0.50 60.05 -26.56
C SER F 567 0.62 59.05 -26.81
N ASP F 568 0.47 57.87 -26.21
CA ASP F 568 1.33 56.74 -26.50
C ASP F 568 0.55 55.58 -27.10
N ASN F 569 -0.75 55.76 -27.33
CA ASN F 569 -1.61 54.72 -27.88
C ASN F 569 -2.33 55.27 -29.10
N ILE F 570 -2.52 54.40 -30.10
CA ILE F 570 -3.34 54.77 -31.25
C ILE F 570 -4.81 54.73 -30.88
N SER F 571 -5.19 53.80 -30.01
CA SER F 571 -6.59 53.67 -29.60
C SER F 571 -7.08 54.95 -28.93
N THR F 572 -6.27 55.53 -28.04
CA THR F 572 -6.71 56.71 -27.30
C THR F 572 -6.98 57.87 -28.24
N ILE F 573 -6.06 58.15 -29.16
CA ILE F 573 -6.26 59.29 -30.05
C ILE F 573 -7.38 59.00 -31.05
N SER F 574 -7.57 57.75 -31.44
CA SER F 574 -8.70 57.44 -32.33
C SER F 574 -10.02 57.71 -31.63
N ILE F 575 -10.14 57.24 -30.38
CA ILE F 575 -11.36 57.47 -29.60
C ILE F 575 -11.58 58.96 -29.42
N LEU F 576 -10.52 59.70 -29.09
CA LEU F 576 -10.63 61.14 -28.92
C LEU F 576 -11.12 61.81 -30.19
N LYS F 577 -10.53 61.44 -31.33
CA LYS F 577 -10.96 62.00 -32.61
C LYS F 577 -12.44 61.76 -32.84
N ASP F 578 -12.88 60.52 -32.68
CA ASP F 578 -14.28 60.20 -32.94
C ASP F 578 -15.22 60.97 -32.01
N VAL F 579 -14.92 60.96 -30.70
CA VAL F 579 -15.85 61.56 -29.75
C VAL F 579 -15.86 63.09 -29.89
N LEU F 580 -14.70 63.69 -30.16
CA LEU F 580 -14.68 65.14 -30.34
C LEU F 580 -15.38 65.55 -31.63
N SER F 581 -15.24 64.75 -32.69
CA SER F 581 -16.01 65.03 -33.90
C SER F 581 -17.50 64.91 -33.64
N LYS F 582 -17.90 63.94 -32.81
CA LYS F 582 -19.31 63.81 -32.45
C LYS F 582 -19.80 65.04 -31.69
N GLU F 583 -19.01 65.50 -30.71
CA GLU F 583 -19.39 66.70 -29.97
C GLU F 583 -19.48 67.91 -30.89
N ALA F 584 -18.55 68.04 -31.82
CA ALA F 584 -18.59 69.15 -32.78
C ALA F 584 -19.85 69.11 -33.62
N THR F 585 -20.16 67.93 -34.18
CA THR F 585 -21.39 67.80 -34.96
C THR F 585 -22.62 68.09 -34.11
N LYS F 586 -22.56 67.78 -32.82
CA LYS F 586 -23.65 68.14 -31.92
C LYS F 586 -23.80 69.66 -31.83
N ARG F 587 -22.70 70.36 -31.58
CA ARG F 587 -22.74 71.77 -31.24
C ARG F 587 -22.44 72.69 -32.42
N LYS F 588 -22.39 72.17 -33.65
CA LYS F 588 -22.25 72.97 -34.86
C LYS F 588 -20.97 73.83 -34.80
N ILE F 589 -19.84 73.12 -34.85
CA ILE F 589 -18.53 73.74 -34.77
C ILE F 589 -17.76 73.63 -36.08
N ASN F 590 -17.73 72.43 -36.67
CA ASN F 590 -16.95 72.15 -37.88
C ASN F 590 -15.46 72.44 -37.63
N LEU F 591 -14.90 71.72 -36.66
CA LEU F 591 -13.50 71.91 -36.32
C LEU F 591 -12.60 71.28 -37.37
N ASN F 592 -11.29 71.38 -37.14
CA ASN F 592 -10.28 70.91 -38.08
C ASN F 592 -9.30 70.01 -37.34
N ILE F 593 -9.21 68.76 -37.77
CA ILE F 593 -8.33 67.76 -37.15
C ILE F 593 -7.06 67.65 -37.99
N SER F 594 -5.95 67.36 -37.33
CA SER F 594 -4.70 67.07 -38.01
C SER F 594 -3.91 66.12 -37.13
N TYR F 595 -3.79 64.86 -37.55
CA TYR F 595 -3.13 63.86 -36.73
C TYR F 595 -1.72 63.60 -37.21
N GLU F 596 -1.07 62.61 -36.61
CA GLU F 596 0.32 62.25 -36.86
C GLU F 596 0.59 60.95 -36.16
N ILE F 597 1.53 60.17 -36.70
CA ILE F 597 1.81 58.84 -36.18
C ILE F 597 3.32 58.64 -36.12
N ASN F 598 3.80 58.14 -34.99
CA ASN F 598 5.16 57.61 -34.89
C ASN F 598 5.12 56.16 -35.31
N GLU F 599 5.86 55.82 -36.37
CA GLU F 599 5.78 54.50 -36.98
C GLU F 599 6.33 53.39 -36.07
N VAL F 600 6.73 53.71 -34.85
CA VAL F 600 7.18 52.70 -33.89
C VAL F 600 6.25 52.57 -32.70
N SER F 601 5.23 53.42 -32.59
CA SER F 601 4.33 53.37 -31.43
C SER F 601 3.61 52.03 -31.34
N VAL F 602 3.17 51.50 -32.48
CA VAL F 602 2.49 50.20 -32.47
C VAL F 602 3.42 49.12 -31.91
N LYS F 603 4.71 49.18 -32.28
CA LYS F 603 5.69 48.25 -31.71
C LYS F 603 5.76 48.37 -30.20
N HIS F 604 5.75 49.61 -29.69
CA HIS F 604 5.82 49.82 -28.25
C HIS F 604 4.58 49.27 -27.54
N THR F 605 3.39 49.54 -28.10
CA THR F 605 2.17 49.03 -27.49
C THR F 605 2.12 47.50 -27.52
N LEU F 606 2.60 46.90 -28.61
CA LEU F 606 2.61 45.44 -28.67
C LEU F 606 3.60 44.85 -27.69
N LYS F 607 4.75 45.50 -27.51
CA LYS F 607 5.71 45.05 -26.51
C LYS F 607 5.14 45.21 -25.11
N LEU F 608 4.32 46.23 -24.89
CA LEU F 608 3.62 46.38 -23.61
C LEU F 608 2.62 45.23 -23.40
N ILE F 609 1.88 44.87 -24.44
CA ILE F 609 0.82 43.88 -24.29
C ILE F 609 1.40 42.48 -24.11
N HIS F 610 2.51 42.18 -24.81
CA HIS F 610 3.03 40.80 -24.85
C HIS F 610 3.14 40.11 -23.50
N PRO F 611 3.67 40.73 -22.43
CA PRO F 611 3.73 40.00 -21.16
C PRO F 611 2.38 39.57 -20.64
N LYS F 612 1.34 40.38 -20.83
CA LYS F 612 0.02 40.04 -20.31
C LYS F 612 -0.55 38.81 -21.02
N LEU F 613 -0.47 38.79 -22.35
CA LEU F 613 -0.95 37.62 -23.09
C LEU F 613 -0.12 36.39 -22.78
N GLU F 614 1.19 36.56 -22.63
CA GLU F 614 2.04 35.43 -22.24
C GLU F 614 1.60 34.86 -20.90
N TYR F 615 1.31 35.75 -19.93
CA TYR F 615 0.90 35.28 -18.62
C TYR F 615 -0.45 34.58 -18.67
N GLN F 616 -1.39 35.12 -19.46
CA GLN F 616 -2.69 34.47 -19.58
C GLN F 616 -2.57 33.07 -20.21
N LEU F 617 -1.75 32.95 -21.26
CA LEU F 617 -1.60 31.65 -21.90
C LEU F 617 -0.91 30.64 -20.99
N LEU F 618 0.11 31.08 -20.25
CA LEU F 618 0.74 30.18 -19.28
C LEU F 618 -0.24 29.79 -18.18
N LEU F 619 -1.08 30.74 -17.75
CA LEU F 619 -2.15 30.43 -16.81
C LEU F 619 -3.01 29.28 -17.32
N ALA F 620 -3.51 29.41 -18.55
CA ALA F 620 -4.35 28.36 -19.12
C ALA F 620 -3.60 27.04 -19.22
N LYS F 621 -2.35 27.08 -19.68
CA LYS F 621 -1.61 25.84 -19.89
C LYS F 621 -1.35 25.11 -18.57
N LYS F 622 -1.12 25.86 -17.49
CA LYS F 622 -0.89 25.20 -16.21
C LYS F 622 -2.19 24.68 -15.59
N VAL F 623 -3.27 25.46 -15.68
CA VAL F 623 -4.52 25.02 -15.07
C VAL F 623 -5.13 23.87 -15.86
N GLN F 624 -4.72 23.67 -17.11
CA GLN F 624 -5.17 22.49 -17.85
C GLN F 624 -4.68 21.20 -17.19
N LEU F 625 -3.46 21.20 -16.67
CA LEU F 625 -2.85 20.02 -16.10
C LEU F 625 -2.90 19.96 -14.58
N ILE F 626 -3.37 21.03 -13.92
CA ILE F 626 -3.43 21.03 -12.46
C ILE F 626 -4.15 19.79 -11.93
N ASP F 627 -5.38 19.55 -12.41
CA ASP F 627 -6.19 18.48 -11.84
C ASP F 627 -5.65 17.11 -12.21
N ALA F 628 -5.15 16.96 -13.44
CA ALA F 628 -4.54 15.69 -13.83
C ALA F 628 -3.36 15.36 -12.92
N LEU F 629 -2.54 16.36 -12.61
CA LEU F 629 -1.42 16.12 -11.70
C LEU F 629 -1.90 15.87 -10.28
N LYS F 630 -3.00 16.51 -9.88
CA LYS F 630 -3.53 16.27 -8.54
C LYS F 630 -4.04 14.85 -8.39
N GLU F 631 -4.55 14.26 -9.47
CA GLU F 631 -4.96 12.86 -9.41
C GLU F 631 -3.76 11.95 -9.14
N LEU F 632 -2.60 12.30 -9.68
CA LEU F 632 -1.38 11.53 -9.39
C LEU F 632 -0.85 11.84 -8.00
N GLN F 633 -1.11 13.04 -7.49
CA GLN F 633 -0.57 13.43 -6.18
C GLN F 633 -1.10 12.56 -5.06
N VAL F 634 -2.37 12.16 -5.12
CA VAL F 634 -2.99 11.45 -4.01
C VAL F 634 -2.40 10.08 -3.77
N HIS F 635 -1.64 9.54 -4.74
CA HIS F 635 -0.99 8.25 -4.57
C HIS F 635 0.51 8.41 -4.43
N GLU F 636 1.12 7.41 -3.76
CA GLU F 636 2.57 7.25 -3.55
C GLU F 636 3.24 8.53 -3.03
N GLY F 637 2.48 9.43 -2.43
CA GLY F 637 3.03 10.52 -1.63
C GLY F 637 4.00 11.48 -2.29
N ASN F 638 4.27 11.30 -3.59
CA ASN F 638 5.17 12.17 -4.35
C ASN F 638 6.54 12.29 -3.67
N THR F 639 7.24 11.16 -3.63
CA THR F 639 8.58 11.13 -3.07
C THR F 639 9.69 11.19 -4.12
N ASN F 640 9.54 10.52 -5.26
CA ASN F 640 10.64 10.34 -6.19
C ASN F 640 10.31 10.52 -7.66
N PHE F 641 9.04 10.60 -8.05
CA PHE F 641 8.68 10.43 -9.45
C PHE F 641 8.31 11.71 -10.17
N LEU F 642 7.51 12.59 -9.56
CA LEU F 642 7.00 13.75 -10.27
C LEU F 642 8.14 14.63 -10.80
N ILE F 643 8.00 15.06 -12.05
CA ILE F 643 9.00 15.93 -12.66
C ILE F 643 9.05 17.25 -11.90
N PRO F 644 10.23 17.85 -11.71
CA PRO F 644 10.27 19.17 -11.06
C PRO F 644 9.41 20.21 -11.75
N GLU F 645 9.29 20.13 -13.08
CA GLU F 645 8.48 21.10 -13.82
C GLU F 645 7.06 21.17 -13.28
N TYR F 646 6.36 20.04 -13.27
CA TYR F 646 5.01 20.01 -12.72
C TYR F 646 5.01 20.09 -11.20
N ARG F 647 6.14 19.77 -10.56
CA ARG F 647 6.23 19.98 -9.12
C ARG F 647 6.16 21.46 -8.77
N CYS F 648 6.63 22.33 -9.67
CA CYS F 648 6.43 23.76 -9.46
C CYS F 648 4.97 24.16 -9.52
N ILE F 649 4.13 23.35 -10.17
CA ILE F 649 2.71 23.67 -10.25
C ILE F 649 1.92 23.03 -9.11
N LEU F 650 2.39 21.89 -8.59
CA LEU F 650 1.65 21.24 -7.52
C LEU F 650 1.49 22.11 -6.28
N GLU F 651 2.46 22.99 -6.00
CA GLU F 651 2.32 23.86 -4.85
C GLU F 651 1.36 25.01 -5.12
N GLU F 652 1.61 25.77 -6.19
CA GLU F 652 0.84 26.96 -6.50
C GLU F 652 -0.46 26.66 -7.26
N ALA F 653 -0.86 25.38 -7.28
CA ALA F 653 -2.14 24.99 -7.88
C ALA F 653 -3.30 25.86 -7.41
N ASP F 654 -3.32 26.23 -6.14
CA ASP F 654 -4.45 27.01 -5.61
C ASP F 654 -4.52 28.38 -6.26
N HIS F 655 -3.40 29.11 -6.27
CA HIS F 655 -3.39 30.44 -6.86
C HIS F 655 -3.64 30.37 -8.36
N LEU F 656 -3.07 29.36 -9.04
CA LEU F 656 -3.33 29.18 -10.46
C LEU F 656 -4.83 28.98 -10.72
N GLN F 657 -5.47 28.13 -9.91
CA GLN F 657 -6.89 27.83 -10.12
C GLN F 657 -7.76 29.04 -9.83
N GLU F 658 -7.39 29.84 -8.81
CA GLU F 658 -8.23 30.99 -8.49
C GLU F 658 -8.00 32.15 -9.44
N GLU F 659 -6.86 32.19 -10.14
CA GLU F 659 -6.67 33.18 -11.19
C GLU F 659 -7.29 32.74 -12.51
N TYR F 660 -7.39 31.44 -12.74
CA TYR F 660 -8.04 30.96 -13.95
C TYR F 660 -9.51 31.36 -13.99
N LYS F 661 -10.13 31.59 -12.82
CA LYS F 661 -11.52 32.00 -12.79
C LYS F 661 -11.69 33.38 -13.43
N LYS F 662 -10.72 34.26 -13.23
CA LYS F 662 -10.78 35.61 -13.79
C LYS F 662 -10.10 35.72 -15.15
N GLN F 663 -9.27 34.74 -15.52
CA GLN F 663 -8.55 34.79 -16.79
C GLN F 663 -9.42 35.11 -18.00
N PRO F 664 -10.52 34.40 -18.28
CA PRO F 664 -11.21 34.59 -19.57
C PRO F 664 -11.63 36.04 -19.83
N ALA F 665 -12.04 36.77 -18.80
CA ALA F 665 -12.38 38.18 -19.00
C ALA F 665 -11.16 38.97 -19.47
N HIS F 666 -10.00 38.74 -18.83
CA HIS F 666 -8.78 39.43 -19.24
C HIS F 666 -8.39 39.06 -20.66
N LEU F 667 -8.53 37.77 -21.02
CA LEU F 667 -8.19 37.35 -22.38
C LEU F 667 -9.09 38.00 -23.41
N GLU F 668 -10.40 38.03 -23.14
CA GLU F 668 -11.32 38.68 -24.07
C GLU F 668 -11.02 40.17 -24.18
N ARG F 669 -10.73 40.82 -23.06
CA ARG F 669 -10.40 42.24 -23.08
C ARG F 669 -9.14 42.51 -23.89
N LEU F 670 -8.12 41.65 -23.73
CA LEU F 670 -6.89 41.82 -24.48
C LEU F 670 -7.12 41.62 -25.97
N TYR F 671 -7.91 40.61 -26.34
CA TYR F 671 -8.21 40.40 -27.75
C TYR F 671 -8.95 41.59 -28.34
N GLY F 672 -9.93 42.11 -27.60
CA GLY F 672 -10.64 43.29 -28.08
C GLY F 672 -9.74 44.50 -28.23
N MET F 673 -8.85 44.71 -27.25
CA MET F 673 -7.94 45.85 -27.33
C MET F 673 -7.00 45.71 -28.52
N ILE F 674 -6.50 44.50 -28.78
CA ILE F 674 -5.60 44.30 -29.90
C ILE F 674 -6.32 44.53 -31.22
N THR F 675 -7.56 44.02 -31.34
CA THR F 675 -8.26 44.21 -32.60
C THR F 675 -8.64 45.67 -32.81
N ASP F 676 -8.97 46.40 -31.75
CA ASP F 676 -9.21 47.83 -31.90
C ASP F 676 -7.94 48.57 -32.29
N LEU F 677 -6.81 48.21 -31.69
CA LEU F 677 -5.53 48.82 -32.05
C LEU F 677 -5.24 48.62 -33.53
N PHE F 678 -5.38 47.37 -34.00
CA PHE F 678 -5.15 47.05 -35.40
C PHE F 678 -6.07 47.85 -36.32
N ILE F 679 -7.38 47.79 -36.05
CA ILE F 679 -8.35 48.48 -36.90
C ILE F 679 -8.08 49.97 -36.93
N ASP F 680 -7.77 50.58 -35.79
CA ASP F 680 -7.56 52.03 -35.76
C ASP F 680 -6.26 52.41 -36.47
N LYS F 681 -5.17 51.69 -36.20
CA LYS F 681 -3.90 52.04 -36.83
C LYS F 681 -3.94 51.82 -38.33
N PHE F 682 -4.85 50.97 -38.83
CA PHE F 682 -5.11 50.97 -40.26
C PHE F 682 -6.13 52.01 -40.69
N LYS F 683 -6.96 52.48 -39.77
CA LYS F 683 -7.96 53.48 -40.14
C LYS F 683 -7.34 54.86 -40.31
N PHE F 684 -6.26 55.16 -39.58
CA PHE F 684 -5.64 56.47 -39.72
C PHE F 684 -5.11 56.70 -41.12
N LYS F 685 -4.55 55.66 -41.75
CA LYS F 685 -4.04 55.80 -43.10
C LYS F 685 -5.14 55.97 -44.13
N GLY F 686 -6.41 55.85 -43.74
CA GLY F 686 -7.52 56.00 -44.64
C GLY F 686 -8.13 54.71 -45.14
N THR F 687 -7.76 53.57 -44.56
CA THR F 687 -8.24 52.27 -45.01
C THR F 687 -9.37 51.77 -44.13
N ASN F 688 -10.01 50.71 -44.59
CA ASN F 688 -11.08 50.02 -43.86
C ASN F 688 -10.74 48.54 -43.86
N VAL F 689 -10.29 48.04 -42.71
CA VAL F 689 -9.79 46.68 -42.60
C VAL F 689 -10.63 45.92 -41.59
N LYS F 690 -11.93 46.23 -41.55
CA LYS F 690 -12.85 45.51 -40.68
C LYS F 690 -13.04 44.05 -41.09
N THR F 691 -12.45 43.62 -42.21
CA THR F 691 -12.65 42.27 -42.72
C THR F 691 -11.55 41.30 -42.33
N LYS F 692 -10.33 41.79 -42.10
CA LYS F 692 -9.21 40.91 -41.77
C LYS F 692 -9.21 40.48 -40.31
N VAL F 693 -10.27 40.79 -39.56
CA VAL F 693 -10.31 40.43 -38.13
C VAL F 693 -10.16 38.93 -37.89
N PRO F 694 -10.91 38.05 -38.56
CA PRO F 694 -10.82 36.61 -38.20
C PRO F 694 -9.42 36.04 -38.33
N LEU F 695 -8.64 36.49 -39.33
CA LEU F 695 -7.26 36.04 -39.41
C LEU F 695 -6.47 36.47 -38.18
N LEU F 696 -6.72 37.68 -37.69
CA LEU F 696 -6.07 38.14 -36.47
C LEU F 696 -6.51 37.32 -35.27
N LEU F 697 -7.78 36.93 -35.22
CA LEU F 697 -8.25 36.07 -34.14
C LEU F 697 -7.53 34.73 -34.15
N GLU F 698 -7.39 34.15 -35.35
CA GLU F 698 -6.66 32.88 -35.46
C GLU F 698 -5.20 33.05 -35.04
N ILE F 699 -4.57 34.15 -35.49
CA ILE F 699 -3.18 34.41 -35.10
C ILE F 699 -3.05 34.49 -33.59
N LEU F 700 -4.01 35.13 -32.93
CA LEU F 700 -3.95 35.23 -31.48
C LEU F 700 -4.23 33.89 -30.80
N ASP F 701 -5.07 33.06 -31.39
CA ASP F 701 -5.18 31.68 -30.92
C ASP F 701 -3.83 30.98 -31.01
N SER F 702 -3.04 31.30 -32.03
CA SER F 702 -1.67 30.81 -32.10
C SER F 702 -0.72 31.68 -31.28
N TYR F 703 -0.79 33.00 -31.50
CA TYR F 703 0.03 34.00 -30.79
C TYR F 703 1.53 33.73 -30.98
N ASP F 704 1.95 33.88 -32.23
CA ASP F 704 3.37 34.03 -32.55
C ASP F 704 3.63 35.54 -32.59
N GLN F 705 4.26 36.05 -31.52
CA GLN F 705 4.42 37.50 -31.37
C GLN F 705 5.13 38.10 -32.57
N ASN F 706 6.14 37.43 -33.09
CA ASN F 706 6.83 37.92 -34.28
C ASN F 706 5.93 37.83 -35.51
N ALA F 707 5.20 36.72 -35.65
CA ALA F 707 4.20 36.65 -36.71
C ALA F 707 3.08 37.67 -36.48
N LEU F 708 2.80 37.99 -35.22
CA LEU F 708 1.80 38.99 -34.92
C LEU F 708 2.24 40.36 -35.43
N ILE F 709 3.45 40.78 -35.07
CA ILE F 709 3.95 42.07 -35.55
C ILE F 709 4.11 42.07 -37.06
N ALA F 710 4.44 40.92 -37.65
CA ALA F 710 4.51 40.83 -39.10
C ALA F 710 3.15 41.06 -39.74
N PHE F 711 2.10 40.43 -39.20
CA PHE F 711 0.76 40.66 -39.70
C PHE F 711 0.32 42.10 -39.46
N PHE F 712 0.80 42.72 -38.38
CA PHE F 712 0.50 44.13 -38.15
C PHE F 712 1.10 45.02 -39.23
N ASP F 713 2.39 44.83 -39.52
CA ASP F 713 3.05 45.73 -40.47
C ASP F 713 2.65 45.44 -41.91
N ALA F 714 2.36 44.18 -42.24
CA ALA F 714 2.08 43.82 -43.62
C ALA F 714 0.62 44.02 -44.01
N ALA F 715 -0.32 43.50 -43.24
CA ALA F 715 -1.73 43.60 -43.58
C ALA F 715 -2.60 43.36 -42.35
N MET G 1 -16.98 -51.89 -32.72
CA MET G 1 -16.83 -52.36 -34.09
C MET G 1 -17.05 -51.24 -35.09
N GLU G 2 -18.29 -50.75 -35.15
CA GLU G 2 -18.62 -49.65 -36.03
C GLU G 2 -17.80 -48.41 -35.66
N PRO G 3 -17.58 -47.51 -36.61
CA PRO G 3 -16.69 -46.37 -36.32
C PRO G 3 -17.21 -45.48 -35.20
N LEU G 4 -18.42 -44.92 -35.35
CA LEU G 4 -18.93 -44.00 -34.35
C LEU G 4 -19.05 -44.67 -32.98
N LEU G 5 -19.53 -45.91 -32.95
CA LEU G 5 -19.72 -46.61 -31.68
C LEU G 5 -18.38 -46.88 -31.00
N LEU G 6 -17.41 -47.39 -31.76
CA LEU G 6 -16.11 -47.69 -31.17
C LEU G 6 -15.43 -46.42 -30.70
N ALA G 7 -15.59 -45.32 -31.44
CA ALA G 7 -14.97 -44.06 -31.03
C ALA G 7 -15.61 -43.53 -29.75
N TRP G 8 -16.94 -43.57 -29.69
CA TRP G 8 -17.63 -43.12 -28.48
C TRP G 8 -17.29 -43.99 -27.28
N SER G 9 -17.10 -45.29 -27.49
CA SER G 9 -16.73 -46.16 -26.38
C SER G 9 -15.28 -45.94 -25.97
N TYR G 10 -14.40 -45.59 -26.92
CA TYR G 10 -13.06 -45.14 -26.55
C TYR G 10 -13.13 -43.88 -25.72
N PHE G 11 -14.08 -43.01 -26.04
CA PHE G 11 -14.26 -41.78 -25.27
C PHE G 11 -14.71 -42.08 -23.85
N ARG G 12 -15.68 -42.97 -23.70
CA ARG G 12 -16.15 -43.35 -22.37
C ARG G 12 -15.03 -43.89 -21.50
N ARG G 13 -14.11 -44.66 -22.08
CA ARG G 13 -13.02 -45.26 -21.35
C ARG G 13 -11.80 -44.34 -21.24
N ARG G 14 -11.95 -43.08 -21.65
CA ARG G 14 -10.91 -42.06 -21.47
C ARG G 14 -9.63 -42.45 -22.19
N ARG G 15 -9.76 -42.84 -23.46
CA ARG G 15 -8.59 -43.05 -24.31
C ARG G 15 -8.07 -41.73 -24.85
N PHE G 16 -8.93 -40.99 -25.56
CA PHE G 16 -8.69 -39.62 -25.99
C PHE G 16 -7.67 -39.55 -27.13
N GLN G 17 -7.18 -40.67 -27.62
CA GLN G 17 -6.38 -40.60 -28.86
C GLN G 17 -7.12 -41.42 -29.87
N LEU G 18 -7.50 -42.61 -29.47
CA LEU G 18 -8.24 -43.49 -30.40
C LEU G 18 -9.53 -42.80 -30.83
N CYS G 19 -10.26 -42.11 -29.95
CA CYS G 19 -11.56 -41.51 -30.38
C CYS G 19 -11.33 -40.44 -31.45
N ALA G 20 -10.35 -39.58 -31.21
CA ALA G 20 -10.09 -38.48 -32.14
C ALA G 20 -9.74 -39.14 -33.45
N ASP G 21 -8.91 -40.17 -33.41
CA ASP G 21 -8.48 -40.77 -34.69
C ASP G 21 -9.65 -41.39 -35.44
N LEU G 22 -10.49 -42.16 -34.77
CA LEU G 22 -11.56 -42.78 -35.59
C LEU G 22 -12.43 -41.68 -36.14
N CYS G 23 -12.66 -40.60 -35.39
CA CYS G 23 -13.49 -39.45 -35.87
C CYS G 23 -12.83 -38.70 -37.02
N THR G 24 -11.52 -38.53 -36.94
CA THR G 24 -10.78 -37.90 -38.06
C THR G 24 -11.10 -38.77 -39.28
N GLN G 25 -11.02 -40.09 -39.15
CA GLN G 25 -11.37 -40.92 -40.30
C GLN G 25 -12.79 -40.53 -40.63
N MET G 26 -13.68 -40.73 -39.68
CA MET G 26 -15.10 -40.62 -39.98
C MET G 26 -15.47 -39.24 -40.54
N LEU G 27 -14.63 -38.23 -40.30
CA LEU G 27 -14.88 -36.90 -40.85
C LEU G 27 -14.32 -36.76 -42.26
N GLU G 28 -13.15 -37.36 -42.53
CA GLU G 28 -12.66 -37.41 -43.90
C GLU G 28 -13.63 -38.19 -44.79
N LYS G 29 -14.26 -39.22 -44.24
CA LYS G 29 -15.18 -40.02 -45.04
C LYS G 29 -16.46 -39.25 -45.36
N SER G 30 -16.94 -38.45 -44.43
CA SER G 30 -18.19 -37.69 -44.60
C SER G 30 -17.99 -36.25 -44.15
N PRO G 31 -18.08 -35.28 -45.06
CA PRO G 31 -17.98 -33.87 -44.64
C PRO G 31 -19.21 -33.35 -43.91
N CYS G 32 -20.27 -34.16 -43.76
CA CYS G 32 -21.49 -33.74 -43.07
C CYS G 32 -21.79 -34.78 -42.00
N ASP G 33 -21.19 -34.60 -40.82
CA ASP G 33 -21.47 -35.46 -39.66
C ASP G 33 -21.01 -34.70 -38.43
N GLN G 34 -21.97 -34.26 -37.60
CA GLN G 34 -21.64 -33.44 -36.45
C GLN G 34 -21.43 -34.25 -35.19
N ALA G 35 -21.93 -35.48 -35.13
CA ALA G 35 -21.69 -36.33 -33.96
C ALA G 35 -20.20 -36.58 -33.77
N ALA G 36 -19.55 -37.13 -34.79
CA ALA G 36 -18.11 -37.33 -34.73
C ALA G 36 -17.36 -36.02 -34.61
N TRP G 37 -17.91 -34.95 -35.19
CA TRP G 37 -17.31 -33.63 -35.05
C TRP G 37 -17.17 -33.23 -33.59
N ILE G 38 -18.30 -33.14 -32.87
CA ILE G 38 -18.22 -32.74 -31.48
C ILE G 38 -17.58 -33.81 -30.62
N LEU G 39 -17.56 -35.07 -31.07
CA LEU G 39 -16.85 -36.09 -30.29
C LEU G 39 -15.35 -35.87 -30.35
N LYS G 40 -14.82 -35.59 -31.54
CA LYS G 40 -13.40 -35.25 -31.67
C LYS G 40 -13.11 -33.95 -30.92
N ALA G 41 -14.03 -33.00 -30.95
CA ALA G 41 -13.87 -31.78 -30.17
C ALA G 41 -13.74 -32.08 -28.68
N ARG G 42 -14.61 -32.96 -28.17
CA ARG G 42 -14.55 -33.36 -26.77
C ARG G 42 -13.23 -34.03 -26.45
N ALA G 43 -12.81 -34.97 -27.30
CA ALA G 43 -11.55 -35.68 -27.05
C ALA G 43 -10.38 -34.71 -27.02
N LEU G 44 -10.30 -33.82 -28.00
CA LEU G 44 -9.22 -32.85 -28.06
C LEU G 44 -9.22 -31.95 -26.83
N THR G 45 -10.39 -31.44 -26.45
CA THR G 45 -10.46 -30.52 -25.31
C THR G 45 -10.29 -31.22 -23.98
N GLU G 46 -10.40 -32.55 -23.93
CA GLU G 46 -10.20 -33.26 -22.67
C GLU G 46 -8.83 -33.90 -22.54
N MET G 47 -8.08 -34.05 -23.65
CA MET G 47 -6.67 -34.40 -23.51
C MET G 47 -5.91 -33.32 -22.74
N VAL G 48 -6.37 -32.08 -22.79
CA VAL G 48 -5.66 -30.95 -22.19
C VAL G 48 -6.43 -30.33 -21.04
N TYR G 49 -7.66 -30.77 -20.77
CA TYR G 49 -8.50 -30.11 -19.79
C TYR G 49 -7.84 -30.07 -18.42
N VAL G 50 -8.04 -28.95 -17.73
CA VAL G 50 -7.68 -28.80 -16.32
C VAL G 50 -8.65 -27.81 -15.72
N ASP G 51 -9.27 -28.19 -14.60
CA ASP G 51 -10.38 -27.41 -14.06
C ASP G 51 -9.90 -26.02 -13.65
N GLU G 52 -10.70 -25.01 -13.98
CA GLU G 52 -10.29 -23.62 -13.79
C GLU G 52 -10.17 -23.22 -12.33
N ILE G 53 -10.73 -24.03 -11.41
CA ILE G 53 -10.77 -23.65 -10.01
C ILE G 53 -9.35 -23.56 -9.44
N ASP G 54 -8.52 -24.57 -9.71
CA ASP G 54 -7.18 -24.65 -9.12
C ASP G 54 -6.11 -24.17 -10.09
N VAL G 55 -6.41 -23.14 -10.88
CA VAL G 55 -5.44 -22.50 -11.78
C VAL G 55 -5.47 -21.02 -11.44
N ASP G 56 -4.56 -20.59 -10.56
CA ASP G 56 -4.56 -19.24 -10.00
C ASP G 56 -3.15 -18.65 -10.01
N GLU G 57 -2.49 -18.70 -11.17
CA GLU G 57 -1.11 -18.23 -11.28
C GLU G 57 -0.97 -16.80 -10.79
N GLU G 58 -1.75 -15.88 -11.36
CA GLU G 58 -1.82 -14.45 -11.09
C GLU G 58 -0.63 -13.68 -11.67
N GLY G 59 0.37 -14.35 -12.22
CA GLY G 59 1.44 -13.64 -12.92
C GLY G 59 2.20 -12.66 -12.04
N ILE G 60 2.89 -11.73 -12.71
CA ILE G 60 3.67 -10.71 -12.03
C ILE G 60 3.04 -9.33 -12.17
N ALA G 61 2.22 -9.10 -13.19
CA ALA G 61 1.54 -7.82 -13.34
C ALA G 61 0.41 -7.69 -12.33
N GLU G 62 -0.41 -8.73 -12.19
CA GLU G 62 -1.53 -8.73 -11.27
C GLU G 62 -1.10 -8.78 -9.81
N MET G 63 0.20 -8.80 -9.53
CA MET G 63 0.68 -8.72 -8.16
C MET G 63 1.02 -7.30 -7.74
N ILE G 64 1.34 -6.43 -8.69
CA ILE G 64 1.66 -5.03 -8.37
C ILE G 64 0.80 -4.10 -9.20
N LEU G 65 0.83 -4.28 -10.53
CA LEU G 65 0.20 -3.34 -11.44
C LEU G 65 -1.32 -3.42 -11.44
N ASP G 66 -1.93 -4.24 -10.59
CA ASP G 66 -3.38 -4.38 -10.52
C ASP G 66 -3.80 -4.25 -9.07
N GLU G 67 -4.55 -3.21 -8.75
CA GLU G 67 -5.04 -2.96 -7.41
C GLU G 67 -6.55 -3.13 -7.38
N ASN G 68 -7.03 -4.05 -6.55
CA ASN G 68 -8.46 -4.32 -6.42
C ASN G 68 -8.96 -4.33 -4.98
N ALA G 69 -8.09 -4.53 -4.00
CA ALA G 69 -8.53 -4.50 -2.61
C ALA G 69 -9.02 -3.12 -2.24
N ILE G 70 -10.20 -3.05 -1.63
CA ILE G 70 -10.76 -1.77 -1.21
C ILE G 70 -9.87 -1.14 -0.15
N ALA G 71 -9.71 -1.81 0.98
CA ALA G 71 -8.92 -1.25 2.07
C ALA G 71 -7.43 -1.33 1.73
N GLN G 72 -6.73 -0.22 1.95
CA GLN G 72 -5.29 -0.18 1.70
C GLN G 72 -4.48 -0.70 2.87
N VAL G 73 -4.86 -0.34 4.10
CA VAL G 73 -4.17 -0.80 5.30
C VAL G 73 -5.18 -1.38 6.28
N PRO G 74 -5.78 -2.52 5.97
CA PRO G 74 -6.82 -3.06 6.84
C PRO G 74 -6.24 -3.65 8.12
N ARG G 75 -7.14 -3.92 9.05
CA ARG G 75 -6.75 -4.39 10.37
C ARG G 75 -5.96 -5.69 10.24
N PRO G 76 -4.88 -5.86 11.02
CA PRO G 76 -4.14 -7.13 10.98
C PRO G 76 -5.01 -8.28 11.47
N GLY G 77 -5.32 -9.20 10.56
CA GLY G 77 -6.18 -10.32 10.84
C GLY G 77 -7.36 -10.46 9.90
N THR G 78 -7.55 -9.54 8.95
CA THR G 78 -8.66 -9.61 8.01
C THR G 78 -8.20 -9.53 6.56
N SER G 79 -6.91 -9.68 6.28
CA SER G 79 -6.39 -9.60 4.93
C SER G 79 -5.37 -10.71 4.70
N LEU G 80 -5.19 -11.04 3.43
CA LEU G 80 -4.19 -12.02 3.02
C LEU G 80 -2.88 -11.37 2.60
N LYS G 81 -2.84 -10.04 2.54
CA LYS G 81 -1.65 -9.33 2.07
C LYS G 81 -1.16 -8.35 3.14
N GLY G 90 2.89 -19.79 14.62
CA GLY G 90 3.27 -21.20 14.59
C GLY G 90 4.72 -21.42 14.96
N PRO G 91 5.35 -22.42 14.33
CA PRO G 91 6.77 -22.68 14.61
C PRO G 91 7.64 -21.59 14.05
N SER G 92 8.69 -21.25 14.80
CA SER G 92 9.56 -20.13 14.45
C SER G 92 10.58 -20.56 13.41
N PRO G 93 11.18 -19.60 12.70
CA PRO G 93 12.22 -19.94 11.73
C PRO G 93 13.42 -20.66 12.32
N ALA G 94 13.50 -20.80 13.65
CA ALA G 94 14.53 -21.60 14.27
C ALA G 94 14.23 -23.09 14.20
N VAL G 95 13.00 -23.47 13.84
CA VAL G 95 12.63 -24.87 13.71
C VAL G 95 12.21 -25.13 12.27
N ARG G 96 11.19 -24.43 11.82
CA ARG G 96 10.63 -24.67 10.50
C ARG G 96 11.35 -23.82 9.45
N PRO G 97 11.85 -24.42 8.37
CA PRO G 97 12.42 -23.62 7.29
C PRO G 97 11.40 -22.66 6.70
N VAL G 98 11.92 -21.58 6.13
CA VAL G 98 11.09 -20.49 5.63
C VAL G 98 11.39 -20.26 4.15
N THR G 99 10.52 -19.50 3.51
CA THR G 99 10.65 -19.11 2.12
C THR G 99 10.79 -17.61 1.93
N GLN G 100 10.11 -16.81 2.75
CA GLN G 100 10.23 -15.37 2.74
C GLN G 100 10.57 -14.91 4.15
N ALA G 101 10.48 -13.59 4.40
CA ALA G 101 10.68 -13.07 5.75
C ALA G 101 9.89 -13.88 6.77
N GLY G 102 8.65 -14.20 6.45
CA GLY G 102 7.88 -15.14 7.23
C GLY G 102 7.49 -16.32 6.37
N ARG G 103 6.20 -16.70 6.39
CA ARG G 103 5.66 -17.73 5.51
C ARG G 103 6.47 -19.01 5.56
N PRO G 104 6.37 -19.79 6.64
CA PRO G 104 7.11 -21.05 6.72
C PRO G 104 6.71 -21.99 5.59
N ILE G 105 7.62 -22.91 5.25
CA ILE G 105 7.37 -23.81 4.15
C ILE G 105 6.13 -24.65 4.43
N THR G 106 5.35 -24.89 3.39
CA THR G 106 4.08 -25.60 3.52
C THR G 106 4.21 -27.01 2.93
N GLY G 107 3.28 -27.87 3.33
CA GLY G 107 3.05 -29.08 2.61
C GLY G 107 2.06 -28.89 1.48
N PHE G 108 2.12 -29.77 0.50
CA PHE G 108 1.14 -29.79 -0.60
C PHE G 108 1.15 -28.47 -1.39
N LEU G 109 2.25 -28.25 -2.10
CA LEU G 109 2.28 -27.22 -3.14
C LEU G 109 1.09 -27.38 -4.08
N ARG G 110 0.31 -26.32 -4.22
CA ARG G 110 -0.74 -26.25 -5.22
C ARG G 110 -0.49 -25.06 -6.13
N PRO G 111 -0.92 -25.12 -7.40
CA PRO G 111 -0.59 -24.04 -8.34
C PRO G 111 -1.32 -22.73 -8.06
N SER G 112 -2.07 -22.64 -6.97
CA SER G 112 -2.68 -21.40 -6.54
C SER G 112 -1.91 -20.73 -5.42
N THR G 113 -0.81 -21.32 -4.97
CA THR G 113 -0.03 -20.76 -3.88
C THR G 113 0.65 -19.47 -4.32
N GLN G 114 0.43 -18.41 -3.55
CA GLN G 114 1.16 -17.16 -3.73
C GLN G 114 2.33 -17.02 -2.76
N SER G 115 2.15 -17.45 -1.51
CA SER G 115 3.21 -17.53 -0.51
C SER G 115 4.01 -16.23 -0.45
N GLY G 116 3.31 -15.15 -0.10
CA GLY G 116 3.90 -13.83 -0.10
C GLY G 116 3.84 -13.18 -1.47
N ARG G 117 4.14 -11.89 -1.50
CA ARG G 117 4.09 -11.11 -2.73
C ARG G 117 5.21 -10.09 -2.72
N PRO G 118 5.77 -9.78 -3.89
CA PRO G 118 6.85 -8.79 -3.96
C PRO G 118 6.30 -7.38 -3.81
N GLY G 119 7.22 -6.46 -3.55
CA GLY G 119 6.86 -5.07 -3.37
C GLY G 119 6.93 -4.27 -4.66
N THR G 120 7.96 -4.52 -5.46
CA THR G 120 8.18 -3.76 -6.68
C THR G 120 8.50 -4.72 -7.81
N ILE G 121 8.33 -4.23 -9.05
CA ILE G 121 8.65 -5.04 -10.22
C ILE G 121 10.12 -5.42 -10.23
N GLU G 122 10.99 -4.52 -9.77
CA GLU G 122 12.41 -4.81 -9.74
C GLU G 122 12.73 -5.96 -8.81
N GLN G 123 12.16 -5.94 -7.60
CA GLN G 123 12.39 -7.03 -6.66
C GLN G 123 11.86 -8.34 -7.22
N ALA G 124 10.69 -8.31 -7.85
CA ALA G 124 10.12 -9.54 -8.39
C ALA G 124 10.95 -10.08 -9.55
N ILE G 125 11.59 -9.20 -10.32
CA ILE G 125 12.42 -9.64 -11.43
C ILE G 125 13.76 -10.16 -10.93
N LYS G 126 14.40 -9.42 -10.03
CA LYS G 126 15.75 -9.73 -9.55
C LYS G 126 15.77 -10.82 -8.47
N THR G 127 14.69 -11.56 -8.29
CA THR G 127 14.63 -12.73 -7.42
C THR G 127 14.50 -14.00 -8.25
N PRO G 128 14.66 -15.17 -7.64
CA PRO G 128 14.41 -16.41 -8.37
C PRO G 128 13.00 -16.45 -8.95
N ARG G 129 12.89 -17.04 -10.14
CA ARG G 129 11.63 -17.03 -10.87
C ARG G 129 10.53 -17.82 -10.16
N THR G 130 10.91 -18.74 -9.29
CA THR G 130 9.96 -19.62 -8.61
C THR G 130 10.00 -19.41 -7.10
N ALA G 131 10.08 -18.16 -6.66
CA ALA G 131 10.08 -17.82 -5.25
C ALA G 131 8.77 -17.23 -4.76
N TYR G 132 7.81 -17.00 -5.66
CA TYR G 132 6.49 -16.54 -5.28
C TYR G 132 5.37 -17.40 -5.87
N THR G 133 5.70 -18.48 -6.58
CA THR G 133 4.69 -19.32 -7.20
C THR G 133 5.27 -20.72 -7.35
N ALA G 134 4.39 -21.71 -7.48
CA ALA G 134 4.83 -23.07 -7.70
C ALA G 134 5.52 -23.24 -9.04
N ARG G 135 5.26 -22.33 -9.98
CA ARG G 135 5.89 -22.32 -11.28
C ARG G 135 6.55 -20.96 -11.52
N PRO G 136 7.56 -20.89 -12.40
CA PRO G 136 8.20 -19.60 -12.69
C PRO G 136 7.19 -18.57 -13.17
N ILE G 137 7.29 -17.36 -12.61
CA ILE G 137 6.31 -16.32 -12.89
C ILE G 137 6.40 -15.87 -14.34
N ALA G 138 5.26 -15.55 -14.92
CA ALA G 138 5.18 -14.96 -16.25
C ALA G 138 5.05 -13.45 -16.10
N SER G 139 4.76 -12.77 -17.21
CA SER G 139 4.46 -11.34 -17.16
C SER G 139 3.01 -11.09 -16.82
N SER G 140 2.10 -11.90 -17.36
CA SER G 140 0.70 -11.91 -16.97
C SER G 140 0.15 -13.31 -17.18
N SER G 141 -0.78 -13.71 -16.33
CA SER G 141 -1.35 -15.05 -16.41
C SER G 141 -2.25 -15.20 -17.63
N GLY G 158 -2.77 -30.39 -38.80
CA GLY G 158 -3.29 -29.03 -38.80
C GLY G 158 -4.29 -28.78 -37.69
N PRO G 159 -4.87 -27.58 -37.67
CA PRO G 159 -5.85 -27.26 -36.63
C PRO G 159 -7.20 -27.87 -36.94
N PHE G 160 -7.87 -28.35 -35.88
CA PHE G 160 -9.16 -29.02 -36.06
C PHE G 160 -10.21 -28.06 -36.59
N ILE G 161 -10.39 -26.93 -35.92
CA ILE G 161 -11.35 -25.91 -36.35
C ILE G 161 -10.71 -24.55 -36.17
N ASN G 162 -10.83 -23.71 -37.20
CA ASN G 162 -10.32 -22.35 -37.17
C ASN G 162 -11.39 -21.46 -36.56
N LEU G 163 -11.02 -20.73 -35.51
CA LEU G 163 -12.01 -19.98 -34.74
C LEU G 163 -12.62 -18.83 -35.54
N SER G 164 -11.89 -18.33 -36.54
CA SER G 164 -12.36 -17.19 -37.31
C SER G 164 -13.31 -17.58 -38.44
N ARG G 165 -13.65 -18.86 -38.58
CA ARG G 165 -14.46 -19.30 -39.71
C ARG G 165 -15.91 -19.58 -39.33
N LEU G 166 -16.16 -20.00 -38.10
CA LEU G 166 -17.50 -20.39 -37.68
C LEU G 166 -18.26 -19.20 -37.11
N ASN G 167 -19.56 -19.18 -37.39
CA ASN G 167 -20.45 -18.12 -36.93
C ASN G 167 -21.07 -18.57 -35.61
N LEU G 168 -20.54 -18.06 -34.51
CA LEU G 168 -21.01 -18.44 -33.19
C LEU G 168 -22.49 -18.17 -32.99
N ALA G 169 -23.08 -17.30 -33.81
CA ALA G 169 -24.51 -17.03 -33.71
C ALA G 169 -25.36 -18.20 -34.18
N LYS G 170 -24.78 -19.16 -34.90
CA LYS G 170 -25.51 -20.33 -35.36
C LYS G 170 -25.26 -21.57 -34.51
N TYR G 171 -24.05 -21.71 -33.97
CA TYR G 171 -23.81 -22.78 -33.01
C TYR G 171 -24.45 -22.51 -31.66
N ALA G 172 -24.75 -21.24 -31.37
CA ALA G 172 -25.41 -20.91 -30.10
C ALA G 172 -26.85 -21.41 -30.09
N GLN G 173 -27.47 -21.55 -31.26
CA GLN G 173 -28.85 -22.05 -31.31
C GLN G 173 -28.92 -23.50 -30.88
N LYS G 174 -27.87 -24.27 -31.17
CA LYS G 174 -27.82 -25.69 -30.84
C LYS G 174 -27.03 -25.86 -29.55
N PRO G 175 -27.66 -26.01 -28.39
CA PRO G 175 -26.90 -26.11 -27.14
C PRO G 175 -26.04 -27.36 -27.07
N LYS G 176 -26.50 -28.47 -27.64
CA LYS G 176 -25.72 -29.71 -27.62
C LYS G 176 -24.36 -29.50 -28.28
N LEU G 177 -24.31 -28.71 -29.34
CA LEU G 177 -23.03 -28.36 -29.95
C LEU G 177 -22.35 -27.24 -29.19
N ALA G 178 -23.13 -26.28 -28.71
CA ALA G 178 -22.57 -25.06 -28.12
C ALA G 178 -21.77 -25.35 -26.87
N LYS G 179 -22.23 -26.30 -26.05
CA LYS G 179 -21.53 -26.56 -24.78
C LYS G 179 -20.15 -27.15 -25.02
N ALA G 180 -20.08 -28.20 -25.84
CA ALA G 180 -18.78 -28.79 -26.16
C ALA G 180 -17.91 -27.82 -26.94
N LEU G 181 -18.49 -27.00 -27.81
CA LEU G 181 -17.71 -26.05 -28.56
C LEU G 181 -17.11 -24.99 -27.65
N PHE G 182 -17.88 -24.52 -26.66
CA PHE G 182 -17.34 -23.55 -25.72
C PHE G 182 -16.24 -24.18 -24.87
N GLU G 183 -16.44 -25.41 -24.41
CA GLU G 183 -15.38 -26.08 -23.65
C GLU G 183 -14.12 -26.21 -24.48
N TYR G 184 -14.27 -26.50 -25.77
CA TYR G 184 -13.11 -26.56 -26.67
C TYR G 184 -12.41 -25.21 -26.76
N ILE G 185 -13.17 -24.16 -27.08
CA ILE G 185 -12.58 -22.84 -27.26
C ILE G 185 -11.89 -22.37 -25.98
N PHE G 186 -12.48 -22.68 -24.83
CA PHE G 186 -11.98 -22.14 -23.57
C PHE G 186 -10.79 -22.93 -23.04
N HIS G 187 -10.87 -24.25 -23.02
CA HIS G 187 -9.84 -25.05 -22.38
C HIS G 187 -8.78 -25.57 -23.33
N HIS G 188 -9.07 -25.69 -24.62
CA HIS G 188 -8.07 -26.13 -25.58
C HIS G 188 -7.37 -24.95 -26.24
N GLU G 189 -8.13 -24.06 -26.88
CA GLU G 189 -7.55 -22.96 -27.62
C GLU G 189 -7.22 -21.75 -26.75
N ASN G 190 -7.90 -21.61 -25.61
CA ASN G 190 -7.69 -20.48 -24.70
C ASN G 190 -7.95 -19.15 -25.39
N ASP G 191 -9.13 -19.05 -26.00
CA ASP G 191 -9.58 -17.84 -26.68
C ASP G 191 -10.75 -17.29 -25.87
N VAL G 192 -10.44 -16.46 -24.88
CA VAL G 192 -11.44 -16.02 -23.92
C VAL G 192 -12.47 -15.10 -24.58
N LYS G 193 -12.06 -14.31 -25.58
CA LYS G 193 -12.99 -13.36 -26.18
C LYS G 193 -14.03 -14.06 -27.04
N THR G 194 -13.59 -14.97 -27.92
CA THR G 194 -14.54 -15.73 -28.72
C THR G 194 -15.38 -16.65 -27.84
N ALA G 195 -14.76 -17.24 -26.82
CA ALA G 195 -15.52 -18.04 -25.86
C ALA G 195 -16.62 -17.21 -25.20
N LEU G 196 -16.30 -15.98 -24.82
CA LEU G 196 -17.29 -15.12 -24.18
C LEU G 196 -18.38 -14.73 -25.17
N ASP G 197 -18.02 -14.51 -26.43
CA ASP G 197 -19.03 -14.22 -27.44
C ASP G 197 -20.00 -15.38 -27.58
N LEU G 198 -19.47 -16.60 -27.70
CA LEU G 198 -20.31 -17.79 -27.80
C LEU G 198 -21.18 -17.95 -26.56
N ALA G 199 -20.59 -17.75 -25.39
CA ALA G 199 -21.33 -17.92 -24.14
C ALA G 199 -22.42 -16.88 -23.98
N ALA G 200 -22.18 -15.65 -24.45
CA ALA G 200 -23.20 -14.61 -24.38
C ALA G 200 -24.37 -14.95 -25.31
N LEU G 201 -24.06 -15.34 -26.54
CA LEU G 201 -25.13 -15.73 -27.46
C LEU G 201 -25.90 -16.93 -26.93
N SER G 202 -25.21 -17.86 -26.29
CA SER G 202 -25.88 -19.04 -25.75
C SER G 202 -26.78 -18.68 -24.57
N THR G 203 -26.26 -17.85 -23.64
CA THR G 203 -27.06 -17.43 -22.50
C THR G 203 -28.29 -16.66 -22.95
N GLU G 204 -28.15 -15.80 -23.96
CA GLU G 204 -29.33 -15.10 -24.44
C GLU G 204 -30.28 -16.04 -25.18
N HIS G 205 -29.77 -17.14 -25.72
CA HIS G 205 -30.66 -18.13 -26.31
C HIS G 205 -31.44 -18.90 -25.24
N SER G 206 -30.85 -19.10 -24.07
CA SER G 206 -31.51 -19.82 -22.98
C SER G 206 -32.30 -18.90 -22.06
N GLN G 207 -32.44 -17.62 -22.43
CA GLN G 207 -33.17 -16.63 -21.64
C GLN G 207 -32.67 -16.58 -20.19
N TYR G 208 -31.36 -16.76 -20.03
CA TYR G 208 -30.68 -16.55 -18.75
C TYR G 208 -31.23 -17.46 -17.65
N LYS G 209 -31.49 -18.73 -17.99
CA LYS G 209 -32.13 -19.64 -17.06
C LYS G 209 -31.31 -20.91 -16.80
N ASP G 210 -30.07 -20.99 -17.28
CA ASP G 210 -29.20 -22.13 -17.02
C ASP G 210 -27.93 -21.65 -16.34
N TRP G 211 -27.67 -22.16 -15.14
CA TRP G 211 -26.54 -21.72 -14.33
C TRP G 211 -25.21 -22.01 -14.98
N TRP G 212 -25.15 -22.99 -15.88
CA TRP G 212 -23.86 -23.38 -16.46
C TRP G 212 -23.29 -22.26 -17.33
N TRP G 213 -24.11 -21.67 -18.20
CA TRP G 213 -23.63 -20.59 -19.04
C TRP G 213 -23.25 -19.38 -18.20
N LYS G 214 -23.97 -19.13 -17.11
CA LYS G 214 -23.60 -18.04 -16.22
C LYS G 214 -22.24 -18.30 -15.59
N VAL G 215 -22.00 -19.53 -15.14
CA VAL G 215 -20.70 -19.86 -14.54
C VAL G 215 -19.59 -19.72 -15.57
N GLN G 216 -19.86 -20.11 -16.82
CA GLN G 216 -18.83 -20.02 -17.85
C GLN G 216 -18.51 -18.57 -18.21
N ILE G 217 -19.55 -17.74 -18.34
CA ILE G 217 -19.32 -16.31 -18.56
C ILE G 217 -18.54 -15.72 -17.39
N GLY G 218 -18.87 -16.12 -16.17
CA GLY G 218 -18.14 -15.64 -15.01
C GLY G 218 -16.69 -16.04 -15.05
N LYS G 219 -16.39 -17.25 -15.55
CA LYS G 219 -15.00 -17.69 -15.66
C LYS G 219 -14.26 -16.89 -16.73
N CYS G 220 -14.92 -16.67 -17.88
CA CYS G 220 -14.36 -15.81 -18.91
C CYS G 220 -14.00 -14.45 -18.34
N TYR G 221 -14.93 -13.84 -17.60
CA TYR G 221 -14.65 -12.56 -16.95
C TYR G 221 -13.47 -12.68 -15.98
N TYR G 222 -13.52 -13.67 -15.10
CA TYR G 222 -12.51 -13.79 -14.05
C TYR G 222 -11.11 -13.89 -14.63
N ARG G 223 -10.95 -14.56 -15.77
CA ARG G 223 -9.63 -14.60 -16.38
C ARG G 223 -9.43 -13.52 -17.44
N LEU G 224 -10.44 -12.67 -17.67
CA LEU G 224 -10.20 -11.42 -18.38
C LEU G 224 -9.73 -10.32 -17.46
N GLY G 225 -10.04 -10.42 -16.17
CA GLY G 225 -9.62 -9.43 -15.21
C GLY G 225 -10.78 -8.82 -14.42
N LEU G 226 -11.98 -8.90 -14.98
CA LEU G 226 -13.17 -8.29 -14.38
C LEU G 226 -13.69 -9.20 -13.29
N TYR G 227 -13.42 -8.86 -12.03
CA TYR G 227 -13.84 -9.70 -10.93
C TYR G 227 -15.29 -9.46 -10.53
N ARG G 228 -15.67 -8.20 -10.35
CA ARG G 228 -17.05 -7.90 -9.97
C ARG G 228 -18.03 -8.35 -11.03
N GLU G 229 -17.70 -8.15 -12.31
CA GLU G 229 -18.55 -8.62 -13.39
C GLU G 229 -18.63 -10.14 -13.42
N ALA G 230 -17.69 -10.83 -12.78
CA ALA G 230 -17.72 -12.28 -12.64
C ALA G 230 -18.45 -12.71 -11.39
N GLU G 231 -18.25 -11.98 -10.29
CA GLU G 231 -19.00 -12.24 -9.07
C GLU G 231 -20.49 -12.09 -9.30
N LYS G 232 -20.89 -11.16 -10.17
CA LYS G 232 -22.31 -11.02 -10.51
C LYS G 232 -22.86 -12.31 -11.09
N GLN G 233 -22.16 -12.88 -12.07
CA GLN G 233 -22.64 -14.10 -12.72
C GLN G 233 -22.59 -15.28 -11.77
N PHE G 234 -21.57 -15.34 -10.92
CA PHE G 234 -21.49 -16.45 -9.96
C PHE G 234 -22.62 -16.37 -8.93
N LYS G 235 -22.94 -15.17 -8.45
CA LYS G 235 -24.08 -15.00 -7.55
C LYS G 235 -25.38 -15.38 -8.24
N SER G 236 -25.57 -14.91 -9.47
CA SER G 236 -26.78 -15.25 -10.22
C SER G 236 -26.86 -16.73 -10.54
N ALA G 237 -25.72 -17.43 -10.57
CA ALA G 237 -25.74 -18.87 -10.77
C ALA G 237 -26.03 -19.61 -9.49
N LEU G 238 -25.54 -19.10 -8.35
CA LEU G 238 -25.91 -19.67 -7.07
C LEU G 238 -27.40 -19.54 -6.81
N LYS G 239 -27.99 -18.43 -7.26
CA LYS G 239 -29.43 -18.28 -7.09
C LYS G 239 -30.21 -19.32 -7.88
N GLN G 240 -29.72 -19.70 -9.05
CA GLN G 240 -30.39 -20.74 -9.84
C GLN G 240 -30.32 -22.09 -9.14
N GLN G 241 -29.12 -22.59 -8.86
CA GLN G 241 -28.95 -23.93 -8.32
C GLN G 241 -27.60 -24.01 -7.61
N GLU G 242 -27.64 -24.30 -6.31
CA GLU G 242 -26.41 -24.43 -5.53
C GLU G 242 -25.57 -25.59 -6.03
N MET G 243 -24.29 -25.32 -6.28
CA MET G 243 -23.32 -26.34 -6.70
C MET G 243 -21.99 -26.01 -6.06
N VAL G 244 -21.21 -27.05 -5.76
CA VAL G 244 -19.89 -26.81 -5.16
C VAL G 244 -19.01 -25.99 -6.10
N ASP G 245 -19.21 -26.13 -7.41
CA ASP G 245 -18.42 -25.40 -8.38
C ASP G 245 -18.57 -23.90 -8.19
N THR G 246 -19.81 -23.41 -8.18
CA THR G 246 -20.03 -21.98 -8.05
C THR G 246 -19.54 -21.45 -6.71
N PHE G 247 -19.65 -22.25 -5.65
CA PHE G 247 -19.14 -21.82 -4.35
C PHE G 247 -17.63 -21.62 -4.40
N LEU G 248 -16.90 -22.57 -5.00
CA LEU G 248 -15.46 -22.41 -5.10
C LEU G 248 -15.10 -21.25 -6.04
N TYR G 249 -15.90 -21.02 -7.08
CA TYR G 249 -15.64 -19.90 -7.98
C TYR G 249 -15.78 -18.57 -7.26
N LEU G 250 -16.87 -18.40 -6.50
CA LEU G 250 -17.01 -17.19 -5.70
C LEU G 250 -15.89 -17.08 -4.67
N ALA G 251 -15.43 -18.20 -4.12
CA ALA G 251 -14.32 -18.14 -3.18
C ALA G 251 -13.07 -17.57 -3.85
N LYS G 252 -12.78 -18.04 -5.07
CA LYS G 252 -11.66 -17.48 -5.82
C LYS G 252 -11.85 -15.99 -6.06
N VAL G 253 -13.05 -15.59 -6.50
CA VAL G 253 -13.30 -14.19 -6.79
C VAL G 253 -13.07 -13.33 -5.55
N TYR G 254 -13.59 -13.77 -4.41
CA TYR G 254 -13.46 -13.00 -3.17
C TYR G 254 -12.02 -12.95 -2.70
N ILE G 255 -11.27 -14.04 -2.87
CA ILE G 255 -9.87 -14.04 -2.49
C ILE G 255 -9.08 -13.10 -3.40
N SER G 256 -9.52 -12.97 -4.66
CA SER G 256 -8.84 -12.06 -5.58
C SER G 256 -9.04 -10.61 -5.19
N LEU G 257 -10.20 -10.28 -4.63
CA LEU G 257 -10.47 -8.95 -4.12
C LEU G 257 -9.94 -8.74 -2.71
N ASP G 258 -9.12 -9.66 -2.21
CA ASP G 258 -8.56 -9.60 -0.85
C ASP G 258 -9.67 -9.43 0.19
N GLN G 259 -10.53 -10.44 0.27
CA GLN G 259 -11.62 -10.46 1.23
C GLN G 259 -11.74 -11.86 1.81
N PRO G 260 -10.87 -12.21 2.75
CA PRO G 260 -10.95 -13.56 3.34
C PRO G 260 -12.23 -13.80 4.11
N LEU G 261 -12.65 -12.83 4.93
CA LEU G 261 -13.79 -13.05 5.82
C LEU G 261 -15.11 -13.11 5.06
N THR G 262 -15.15 -12.63 3.81
CA THR G 262 -16.32 -12.88 2.98
C THR G 262 -16.30 -14.29 2.43
N ALA G 263 -15.12 -14.76 2.02
CA ALA G 263 -14.99 -16.12 1.50
C ALA G 263 -15.31 -17.15 2.58
N LEU G 264 -14.92 -16.88 3.82
CA LEU G 264 -15.20 -17.83 4.89
C LEU G 264 -16.69 -17.91 5.18
N ASN G 265 -17.37 -16.76 5.21
CA ASN G 265 -18.81 -16.77 5.40
C ASN G 265 -19.51 -17.49 4.25
N LEU G 266 -19.03 -17.29 3.02
CA LEU G 266 -19.61 -17.97 1.88
C LEU G 266 -19.37 -19.49 1.96
N PHE G 267 -18.19 -19.89 2.44
CA PHE G 267 -17.90 -21.31 2.59
C PHE G 267 -18.78 -21.94 3.65
N LYS G 268 -18.99 -21.25 4.77
CA LYS G 268 -19.88 -21.81 5.79
C LYS G 268 -21.32 -21.84 5.31
N GLN G 269 -21.72 -20.89 4.46
CA GLN G 269 -23.02 -20.99 3.81
C GLN G 269 -23.11 -22.22 2.91
N GLY G 270 -22.07 -22.47 2.12
CA GLY G 270 -22.05 -23.65 1.28
C GLY G 270 -22.11 -24.94 2.09
N LEU G 271 -21.38 -24.99 3.20
CA LEU G 271 -21.44 -26.16 4.07
C LEU G 271 -22.80 -26.29 4.73
N ASP G 272 -23.50 -25.17 4.97
CA ASP G 272 -24.90 -25.27 5.37
C ASP G 272 -25.74 -25.90 4.26
N LYS G 273 -25.37 -25.65 3.00
CA LYS G 273 -26.07 -26.31 1.91
C LYS G 273 -25.62 -27.76 1.75
N PHE G 274 -24.31 -27.99 1.58
CA PHE G 274 -23.73 -29.32 1.50
C PHE G 274 -23.04 -29.65 2.81
N PRO G 275 -23.64 -30.50 3.65
CA PRO G 275 -23.22 -30.55 5.06
C PRO G 275 -21.80 -31.04 5.29
N GLY G 276 -21.22 -31.82 4.39
CA GLY G 276 -19.92 -32.39 4.66
C GLY G 276 -18.95 -32.37 3.50
N GLU G 277 -19.04 -31.34 2.67
CA GLU G 277 -18.19 -31.28 1.49
C GLU G 277 -16.72 -31.12 1.88
N VAL G 278 -15.86 -31.82 1.15
CA VAL G 278 -14.43 -31.83 1.47
C VAL G 278 -13.72 -30.65 0.84
N THR G 279 -14.09 -30.27 -0.38
CA THR G 279 -13.46 -29.13 -1.03
C THR G 279 -13.75 -27.83 -0.29
N LEU G 280 -14.94 -27.68 0.27
CA LEU G 280 -15.26 -26.46 1.00
C LEU G 280 -14.47 -26.37 2.30
N LEU G 281 -14.39 -27.47 3.04
CA LEU G 281 -13.58 -27.48 4.25
C LEU G 281 -12.11 -27.24 3.93
N CYS G 282 -11.64 -27.80 2.82
CA CYS G 282 -10.25 -27.60 2.43
C CYS G 282 -10.00 -26.16 2.01
N GLY G 283 -10.97 -25.50 1.37
CA GLY G 283 -10.81 -24.09 1.06
C GLY G 283 -10.79 -23.22 2.30
N ILE G 284 -11.64 -23.54 3.27
CA ILE G 284 -11.61 -22.83 4.56
C ILE G 284 -10.24 -22.98 5.20
N ALA G 285 -9.69 -24.19 5.18
CA ALA G 285 -8.38 -24.42 5.79
C ALA G 285 -7.28 -23.69 5.02
N ARG G 286 -7.37 -23.66 3.69
CA ARG G 286 -6.39 -22.92 2.91
C ARG G 286 -6.43 -21.43 3.24
N ILE G 287 -7.64 -20.88 3.39
CA ILE G 287 -7.74 -19.46 3.73
C ILE G 287 -7.19 -19.20 5.12
N TYR G 288 -7.46 -20.11 6.07
CA TYR G 288 -6.93 -19.92 7.42
C TYR G 288 -5.41 -20.04 7.45
N GLU G 289 -4.83 -20.86 6.57
CA GLU G 289 -3.37 -20.94 6.53
C GLU G 289 -2.75 -19.76 5.81
N GLU G 290 -3.42 -19.20 4.79
CA GLU G 290 -2.93 -17.98 4.18
C GLU G 290 -2.93 -16.83 5.17
N MET G 291 -3.98 -16.72 5.98
CA MET G 291 -4.01 -15.75 7.06
C MET G 291 -3.07 -16.12 8.20
N ASN G 292 -2.49 -17.32 8.16
CA ASN G 292 -1.50 -17.78 9.13
C ASN G 292 -2.05 -17.74 10.56
N ASN G 293 -3.11 -18.51 10.78
CA ASN G 293 -3.53 -18.91 12.12
C ASN G 293 -3.79 -20.41 12.05
N ILE G 294 -2.73 -21.18 12.29
CA ILE G 294 -2.76 -22.62 12.05
C ILE G 294 -3.72 -23.32 13.01
N SER G 295 -4.00 -22.71 14.16
CA SER G 295 -4.84 -23.35 15.17
C SER G 295 -6.26 -23.61 14.69
N SER G 296 -6.68 -23.02 13.57
CA SER G 296 -7.96 -23.33 12.95
C SER G 296 -7.82 -24.11 11.66
N ALA G 297 -6.72 -23.92 10.94
CA ALA G 297 -6.46 -24.72 9.75
C ALA G 297 -6.28 -26.19 10.12
N THR G 298 -5.66 -26.48 11.26
CA THR G 298 -5.57 -27.88 11.69
C THR G 298 -6.94 -28.44 12.01
N GLU G 299 -7.81 -27.65 12.65
CA GLU G 299 -9.16 -28.12 12.94
C GLU G 299 -9.92 -28.43 11.65
N TYR G 300 -9.79 -27.57 10.65
CA TYR G 300 -10.54 -27.81 9.43
C TYR G 300 -9.92 -28.92 8.58
N TYR G 301 -8.61 -29.09 8.61
CA TYR G 301 -8.00 -30.25 7.98
C TYR G 301 -8.37 -31.54 8.70
N LYS G 302 -8.57 -31.48 10.02
CA LYS G 302 -9.06 -32.65 10.74
C LYS G 302 -10.49 -32.96 10.37
N GLU G 303 -11.31 -31.95 10.11
CA GLU G 303 -12.65 -32.22 9.58
C GLU G 303 -12.57 -32.88 8.20
N VAL G 304 -11.69 -32.37 7.34
CA VAL G 304 -11.48 -33.00 6.03
C VAL G 304 -11.08 -34.46 6.22
N LEU G 305 -10.22 -34.74 7.19
CA LEU G 305 -9.80 -36.11 7.46
C LEU G 305 -10.97 -36.96 7.92
N LYS G 306 -11.77 -36.45 8.86
CA LYS G 306 -12.97 -37.14 9.29
C LYS G 306 -13.91 -37.42 8.13
N GLN G 307 -13.82 -36.64 7.06
CA GLN G 307 -14.64 -36.94 5.88
C GLN G 307 -13.93 -37.86 4.89
N ASP G 308 -12.66 -37.58 4.57
CA ASP G 308 -11.98 -38.28 3.49
C ASP G 308 -11.02 -39.36 4.01
N ASN G 309 -10.07 -38.98 4.87
CA ASN G 309 -9.02 -39.83 5.44
C ASN G 309 -8.02 -40.32 4.41
N THR G 310 -8.17 -39.97 3.14
CA THR G 310 -7.13 -40.17 2.14
C THR G 310 -6.68 -38.85 1.52
N HIS G 311 -7.24 -37.74 1.96
CA HIS G 311 -6.91 -36.42 1.43
C HIS G 311 -5.41 -36.17 1.54
N VAL G 312 -4.76 -35.99 0.38
CA VAL G 312 -3.33 -35.76 0.39
C VAL G 312 -3.00 -34.41 1.00
N GLU G 313 -3.85 -33.41 0.77
CA GLU G 313 -3.57 -32.06 1.26
C GLU G 313 -3.60 -32.01 2.77
N ALA G 314 -4.71 -32.41 3.38
CA ALA G 314 -4.84 -32.34 4.83
C ALA G 314 -3.82 -33.23 5.51
N ILE G 315 -3.60 -34.42 4.96
CA ILE G 315 -2.65 -35.35 5.57
C ILE G 315 -1.24 -34.78 5.53
N ALA G 316 -0.84 -34.23 4.38
CA ALA G 316 0.48 -33.64 4.26
C ALA G 316 0.65 -32.45 5.20
N CYS G 317 -0.37 -31.60 5.30
CA CYS G 317 -0.25 -30.41 6.13
C CYS G 317 -0.16 -30.78 7.60
N ILE G 318 -1.08 -31.62 8.09
CA ILE G 318 -1.02 -32.03 9.48
C ILE G 318 0.25 -32.81 9.76
N GLY G 319 0.76 -33.57 8.78
CA GLY G 319 2.00 -34.30 8.99
C GLY G 319 3.18 -33.37 9.15
N SER G 320 3.29 -32.37 8.27
CA SER G 320 4.37 -31.39 8.40
C SER G 320 4.30 -30.68 9.75
N ASN G 321 3.11 -30.19 10.10
CA ASN G 321 2.96 -29.50 11.38
C ASN G 321 3.31 -30.41 12.55
N HIS G 322 3.00 -31.71 12.44
CA HIS G 322 3.34 -32.63 13.51
C HIS G 322 4.84 -32.88 13.56
N PHE G 323 5.52 -32.86 12.40
CA PHE G 323 6.95 -33.08 12.40
C PHE G 323 7.69 -31.90 13.01
N TYR G 324 7.28 -30.67 12.67
CA TYR G 324 8.07 -29.52 13.06
C TYR G 324 7.83 -29.11 14.51
N THR G 325 6.63 -29.36 15.04
CA THR G 325 6.39 -29.21 16.48
C THR G 325 6.81 -30.47 17.23
N ASP G 326 8.08 -30.84 17.05
CA ASP G 326 8.79 -31.92 17.76
C ASP G 326 7.88 -33.10 18.11
N GLN G 327 7.16 -33.58 17.10
CA GLN G 327 6.38 -34.82 17.22
C GLN G 327 6.54 -35.62 15.94
N PRO G 328 7.77 -36.08 15.65
CA PRO G 328 8.01 -36.72 14.34
C PRO G 328 7.38 -38.09 14.19
N GLU G 329 6.98 -38.74 15.28
CA GLU G 329 6.35 -40.06 15.15
C GLU G 329 4.93 -39.95 14.60
N VAL G 330 4.17 -38.96 15.06
CA VAL G 330 2.84 -38.75 14.50
C VAL G 330 2.92 -38.35 13.04
N ALA G 331 3.92 -37.53 12.67
CA ALA G 331 4.13 -37.21 11.27
C ALA G 331 4.52 -38.43 10.46
N LEU G 332 5.32 -39.32 11.05
CA LEU G 332 5.68 -40.55 10.36
C LEU G 332 4.44 -41.40 10.11
N ARG G 333 3.52 -41.44 11.07
CA ARG G 333 2.26 -42.14 10.85
C ARG G 333 1.47 -41.49 9.72
N PHE G 334 1.36 -40.16 9.75
CA PHE G 334 0.58 -39.46 8.74
C PHE G 334 1.16 -39.65 7.34
N TYR G 335 2.48 -39.81 7.24
CA TYR G 335 3.09 -40.03 5.93
C TYR G 335 3.10 -41.49 5.51
N ARG G 336 3.20 -42.40 6.48
CA ARG G 336 3.00 -43.82 6.17
C ARG G 336 1.60 -44.06 5.66
N ARG G 337 0.64 -43.23 6.06
CA ARG G 337 -0.71 -43.34 5.47
C ARG G 337 -0.67 -43.09 3.97
N LEU G 338 -0.04 -41.98 3.55
CA LEU G 338 0.08 -41.72 2.12
C LEU G 338 0.87 -42.80 1.42
N LEU G 339 1.87 -43.38 2.09
CA LEU G 339 2.57 -44.52 1.52
C LEU G 339 1.62 -45.70 1.32
N GLN G 340 0.69 -45.89 2.26
CA GLN G 340 -0.24 -47.01 2.17
C GLN G 340 -1.24 -46.83 1.05
N MET G 341 -1.50 -45.60 0.63
CA MET G 341 -2.48 -45.31 -0.41
C MET G 341 -1.86 -45.17 -1.79
N GLY G 342 -0.77 -45.89 -2.07
CA GLY G 342 -0.23 -45.95 -3.40
C GLY G 342 0.52 -44.74 -3.90
N VAL G 343 0.64 -43.69 -3.09
CA VAL G 343 1.42 -42.52 -3.50
C VAL G 343 2.90 -42.91 -3.54
N TYR G 344 3.57 -42.56 -4.64
CA TYR G 344 4.93 -43.00 -4.90
C TYR G 344 5.68 -41.84 -5.53
N ASN G 345 6.34 -41.03 -4.71
CA ASN G 345 6.99 -39.81 -5.14
C ASN G 345 8.44 -39.81 -4.68
N CYS G 346 9.15 -38.73 -5.03
CA CYS G 346 10.43 -38.43 -4.39
C CYS G 346 10.21 -37.64 -3.11
N GLN G 347 9.22 -36.76 -3.10
CA GLN G 347 8.93 -35.97 -1.90
C GLN G 347 8.47 -36.86 -0.76
N LEU G 348 7.55 -37.78 -1.06
CA LEU G 348 6.99 -38.63 0.00
C LEU G 348 8.08 -39.47 0.65
N PHE G 349 9.01 -40.01 -0.12
CA PHE G 349 9.99 -40.91 0.45
C PHE G 349 11.07 -40.18 1.23
N ASN G 350 11.49 -39.00 0.75
CA ASN G 350 12.37 -38.16 1.54
C ASN G 350 11.71 -37.74 2.85
N ASN G 351 10.42 -37.42 2.80
CA ASN G 351 9.69 -37.09 4.02
C ASN G 351 9.67 -38.28 4.97
N LEU G 352 9.41 -39.47 4.45
CA LEU G 352 9.42 -40.67 5.28
C LEU G 352 10.81 -40.90 5.88
N GLY G 353 11.86 -40.57 5.13
CA GLY G 353 13.20 -40.71 5.68
C GLY G 353 13.47 -39.76 6.82
N LEU G 354 13.13 -38.48 6.63
CA LEU G 354 13.28 -37.49 7.70
C LEU G 354 12.51 -37.92 8.94
N CYS G 355 11.26 -38.37 8.75
CA CYS G 355 10.44 -38.76 9.88
C CYS G 355 11.00 -39.99 10.57
N CYS G 356 11.39 -41.02 9.80
CA CYS G 356 11.93 -42.23 10.38
C CYS G 356 13.19 -41.95 11.18
N PHE G 357 14.07 -41.09 10.66
CA PHE G 357 15.30 -40.78 11.37
C PHE G 357 15.02 -39.97 12.63
N TYR G 358 14.18 -38.95 12.52
CA TYR G 358 13.93 -38.08 13.67
C TYR G 358 12.92 -38.68 14.65
N ALA G 359 12.10 -39.63 14.21
CA ALA G 359 11.30 -40.41 15.14
C ALA G 359 12.06 -41.60 15.71
N GLN G 360 13.35 -41.72 15.40
CA GLN G 360 14.21 -42.77 15.93
C GLN G 360 13.75 -44.16 15.46
N GLN G 361 13.59 -44.32 14.15
CA GLN G 361 13.39 -45.63 13.53
C GLN G 361 14.49 -45.80 12.49
N TYR G 362 15.62 -46.34 12.93
CA TYR G 362 16.84 -46.36 12.14
C TYR G 362 16.88 -47.50 11.12
N ASP G 363 15.87 -48.36 11.09
CA ASP G 363 15.86 -49.45 10.13
C ASP G 363 15.26 -49.05 8.79
N MET G 364 14.23 -48.19 8.79
CA MET G 364 13.57 -47.75 7.59
C MET G 364 13.95 -46.33 7.18
N THR G 365 15.10 -45.84 7.67
CA THR G 365 15.47 -44.45 7.42
C THR G 365 16.13 -44.28 6.06
N LEU G 366 17.26 -44.96 5.84
CA LEU G 366 18.07 -44.66 4.66
C LEU G 366 17.52 -45.31 3.40
N THR G 367 16.79 -46.42 3.52
CA THR G 367 16.16 -46.99 2.34
C THR G 367 15.12 -46.04 1.76
N SER G 368 14.48 -45.23 2.61
CA SER G 368 13.54 -44.23 2.11
C SER G 368 14.27 -43.15 1.33
N PHE G 369 15.43 -42.70 1.83
CA PHE G 369 16.22 -41.74 1.07
C PHE G 369 16.72 -42.33 -0.25
N GLU G 370 16.99 -43.64 -0.26
CA GLU G 370 17.42 -44.27 -1.50
C GLU G 370 16.28 -44.32 -2.51
N ARG G 371 15.07 -44.68 -2.07
CA ARG G 371 13.92 -44.63 -2.96
C ARG G 371 13.67 -43.20 -3.44
N ALA G 372 13.90 -42.21 -2.57
CA ALA G 372 13.75 -40.82 -2.96
C ALA G 372 14.72 -40.46 -4.08
N LEU G 373 16.01 -40.67 -3.85
CA LEU G 373 17.02 -40.43 -4.88
C LEU G 373 16.70 -41.18 -6.16
N SER G 374 16.05 -42.35 -6.05
CA SER G 374 15.65 -43.08 -7.25
C SER G 374 14.51 -42.39 -7.98
N LEU G 375 13.55 -41.84 -7.24
CA LEU G 375 12.33 -41.31 -7.80
C LEU G 375 12.43 -39.85 -8.25
N ALA G 376 13.56 -39.20 -8.04
CA ALA G 376 13.67 -37.76 -8.25
C ALA G 376 13.78 -37.45 -9.74
N GLU G 377 12.76 -36.79 -10.29
CA GLU G 377 12.75 -36.38 -11.69
C GLU G 377 13.19 -34.93 -11.86
N ASN G 378 14.34 -34.54 -11.31
CA ASN G 378 14.84 -33.18 -11.40
C ASN G 378 16.29 -33.17 -10.99
N GLU G 379 16.85 -31.96 -10.87
CA GLU G 379 18.15 -31.74 -10.26
C GLU G 379 18.05 -30.98 -8.94
N GLU G 380 16.91 -30.36 -8.66
CA GLU G 380 16.66 -29.74 -7.37
C GLU G 380 16.14 -30.75 -6.36
N GLU G 381 15.32 -31.70 -6.79
CA GLU G 381 14.88 -32.76 -5.90
C GLU G 381 16.05 -33.62 -5.44
N VAL G 382 16.95 -33.97 -6.37
CA VAL G 382 18.14 -34.73 -6.00
C VAL G 382 18.99 -33.93 -5.01
N ALA G 383 19.10 -32.63 -5.22
CA ALA G 383 19.87 -31.79 -4.32
C ALA G 383 19.26 -31.75 -2.94
N ASP G 384 17.93 -31.67 -2.87
CA ASP G 384 17.27 -31.65 -1.56
C ASP G 384 17.42 -32.99 -0.84
N VAL G 385 17.36 -34.09 -1.59
CA VAL G 385 17.56 -35.40 -0.97
C VAL G 385 18.99 -35.54 -0.45
N TRP G 386 19.97 -35.02 -1.20
CA TRP G 386 21.34 -35.08 -0.72
C TRP G 386 21.55 -34.16 0.47
N TYR G 387 20.88 -33.01 0.49
CA TYR G 387 20.91 -32.13 1.64
C TYR G 387 20.39 -32.83 2.88
N ASN G 388 19.25 -33.52 2.76
CA ASN G 388 18.69 -34.22 3.90
C ASN G 388 19.55 -35.41 4.31
N LEU G 389 20.18 -36.08 3.35
CA LEU G 389 21.12 -37.14 3.70
C LEU G 389 22.32 -36.59 4.46
N GLY G 390 22.77 -35.38 4.10
CA GLY G 390 23.81 -34.74 4.88
C GLY G 390 23.35 -34.38 6.27
N HIS G 391 22.08 -34.01 6.42
CA HIS G 391 21.54 -33.80 7.76
C HIS G 391 21.55 -35.08 8.58
N VAL G 392 21.13 -36.18 7.96
CA VAL G 392 21.20 -37.50 8.62
C VAL G 392 22.63 -37.80 9.04
N ALA G 393 23.58 -37.57 8.12
CA ALA G 393 24.98 -37.87 8.40
C ALA G 393 25.52 -37.03 9.55
N VAL G 394 25.23 -35.72 9.56
CA VAL G 394 25.73 -34.87 10.63
C VAL G 394 25.03 -35.15 11.94
N GLY G 395 23.81 -35.70 11.90
CA GLY G 395 23.21 -36.21 13.12
C GLY G 395 23.86 -37.50 13.59
N THR G 396 24.45 -38.25 12.67
CA THR G 396 25.19 -39.46 13.03
C THR G 396 26.60 -39.16 13.50
N GLY G 397 27.12 -37.97 13.22
CA GLY G 397 28.53 -37.68 13.46
C GLY G 397 29.24 -37.53 12.13
N ASP G 398 30.41 -38.18 11.99
CA ASP G 398 31.11 -38.39 10.73
C ASP G 398 30.95 -37.23 9.75
N THR G 399 31.38 -36.03 10.17
CA THR G 399 31.15 -34.81 9.41
C THR G 399 31.64 -34.89 7.97
N ASN G 400 32.50 -35.87 7.64
CA ASN G 400 32.97 -35.99 6.26
C ASN G 400 31.87 -36.43 5.32
N LEU G 401 31.04 -37.38 5.75
CA LEU G 401 29.92 -37.80 4.92
C LEU G 401 28.95 -36.65 4.67
N ALA G 402 28.67 -35.86 5.72
CA ALA G 402 27.80 -34.70 5.54
C ALA G 402 28.46 -33.66 4.64
N HIS G 403 29.77 -33.52 4.74
CA HIS G 403 30.51 -32.64 3.83
C HIS G 403 30.28 -33.05 2.39
N GLN G 404 30.44 -34.35 2.10
CA GLN G 404 30.22 -34.84 0.74
C GLN G 404 28.77 -34.64 0.31
N CYS G 405 27.82 -34.87 1.20
CA CYS G 405 26.41 -34.74 0.82
C CYS G 405 26.05 -33.29 0.52
N PHE G 406 26.56 -32.35 1.32
CA PHE G 406 26.30 -30.95 1.04
C PHE G 406 26.97 -30.50 -0.26
N ARG G 407 28.20 -30.97 -0.51
CA ARG G 407 28.85 -30.63 -1.77
C ARG G 407 28.11 -31.22 -2.95
N LEU G 408 27.49 -32.39 -2.80
CA LEU G 408 26.71 -32.96 -3.88
C LEU G 408 25.40 -32.20 -4.08
N ALA G 409 24.80 -31.74 -2.98
CA ALA G 409 23.63 -30.88 -3.10
C ALA G 409 23.96 -29.61 -3.88
N LEU G 410 25.18 -29.09 -3.67
CA LEU G 410 25.63 -27.95 -4.45
C LEU G 410 25.85 -28.31 -5.91
N VAL G 411 26.47 -29.48 -6.15
CA VAL G 411 26.72 -29.94 -7.51
C VAL G 411 25.41 -30.07 -8.29
N SER G 412 24.36 -30.54 -7.62
CA SER G 412 23.09 -30.78 -8.30
C SER G 412 22.23 -29.53 -8.44
N ASN G 413 22.29 -28.62 -7.47
CA ASN G 413 21.58 -27.34 -7.55
C ASN G 413 22.54 -26.27 -7.04
N ASN G 414 23.09 -25.49 -7.98
CA ASN G 414 24.10 -24.51 -7.62
C ASN G 414 23.53 -23.41 -6.72
N GLN G 415 22.25 -23.09 -6.88
CA GLN G 415 21.59 -22.07 -6.07
C GLN G 415 20.83 -22.70 -4.90
N HIS G 416 21.58 -23.41 -4.06
CA HIS G 416 21.04 -24.09 -2.89
C HIS G 416 21.70 -23.46 -1.66
N ALA G 417 21.02 -22.49 -1.04
CA ALA G 417 21.66 -21.68 -0.01
C ALA G 417 21.86 -22.44 1.29
N GLU G 418 20.95 -23.36 1.63
CA GLU G 418 21.11 -24.12 2.86
C GLU G 418 22.35 -25.00 2.80
N ALA G 419 22.63 -25.59 1.63
CA ALA G 419 23.84 -26.37 1.48
C ALA G 419 25.07 -25.51 1.69
N TYR G 420 25.07 -24.30 1.14
CA TYR G 420 26.19 -23.38 1.35
C TYR G 420 26.37 -23.08 2.84
N ASN G 421 25.27 -22.78 3.53
CA ASN G 421 25.38 -22.43 4.95
C ASN G 421 25.92 -23.59 5.76
N ASN G 422 25.38 -24.80 5.54
CA ASN G 422 25.81 -25.95 6.32
C ASN G 422 27.25 -26.35 5.99
N LEU G 423 27.64 -26.27 4.72
CA LEU G 423 29.00 -26.57 4.34
C LEU G 423 29.97 -25.55 4.91
N ALA G 424 29.55 -24.29 5.03
CA ALA G 424 30.39 -23.29 5.68
C ALA G 424 30.50 -23.54 7.18
N VAL G 425 29.42 -24.00 7.81
CA VAL G 425 29.48 -24.36 9.22
C VAL G 425 30.49 -25.50 9.42
N LEU G 426 30.44 -26.52 8.56
CA LEU G 426 31.38 -27.62 8.68
C LEU G 426 32.82 -27.18 8.37
N GLU G 427 32.99 -26.25 7.42
CA GLU G 427 34.31 -25.73 7.13
C GLU G 427 34.89 -24.99 8.34
N MET G 428 34.12 -24.07 8.91
CA MET G 428 34.59 -23.38 10.12
C MET G 428 34.79 -24.35 11.28
N ARG G 429 34.05 -25.47 11.30
CA ARG G 429 34.35 -26.52 12.25
C ARG G 429 35.74 -27.09 12.00
N ARG G 430 36.10 -27.30 10.73
CA ARG G 430 37.45 -27.75 10.40
C ARG G 430 38.48 -26.68 10.74
N GLY G 431 38.23 -25.44 10.36
CA GLY G 431 39.13 -24.35 10.67
C GLY G 431 39.26 -23.32 9.57
N HIS G 432 38.86 -23.67 8.35
CA HIS G 432 39.04 -22.79 7.20
C HIS G 432 38.05 -21.62 7.26
N VAL G 433 38.49 -20.49 7.81
CA VAL G 433 37.58 -19.39 8.06
C VAL G 433 37.18 -18.68 6.78
N GLU G 434 38.12 -18.50 5.85
CA GLU G 434 37.83 -17.75 4.63
C GLU G 434 36.84 -18.51 3.75
N GLN G 435 36.99 -19.84 3.66
CA GLN G 435 36.02 -20.65 2.94
C GLN G 435 34.63 -20.47 3.52
N ALA G 436 34.53 -20.52 4.85
CA ALA G 436 33.23 -20.36 5.50
C ALA G 436 32.65 -18.98 5.23
N LYS G 437 33.49 -17.94 5.27
CA LYS G 437 33.02 -16.59 5.01
C LYS G 437 32.47 -16.46 3.59
N ALA G 438 33.21 -16.98 2.61
CA ALA G 438 32.76 -16.89 1.23
C ALA G 438 31.47 -17.68 1.01
N LEU G 439 31.37 -18.87 1.62
CA LEU G 439 30.18 -19.68 1.43
C LEU G 439 28.96 -19.05 2.10
N LEU G 440 29.15 -18.46 3.27
CA LEU G 440 28.04 -17.78 3.93
C LEU G 440 27.62 -16.53 3.16
N GLN G 441 28.58 -15.83 2.57
CA GLN G 441 28.22 -14.70 1.71
C GLN G 441 27.41 -15.16 0.52
N THR G 442 27.79 -16.28 -0.09
CA THR G 442 27.02 -16.81 -1.21
C THR G 442 25.61 -17.20 -0.78
N ALA G 443 25.49 -17.86 0.37
CA ALA G 443 24.17 -18.25 0.87
C ALA G 443 23.29 -17.04 1.13
N SER G 444 23.82 -16.04 1.84
CA SER G 444 23.05 -14.84 2.13
C SER G 444 22.77 -14.01 0.89
N SER G 445 23.55 -14.21 -0.19
CA SER G 445 23.24 -13.54 -1.44
C SER G 445 22.11 -14.26 -2.17
N LEU G 446 22.09 -15.58 -2.10
CA LEU G 446 21.05 -16.34 -2.79
C LEU G 446 19.70 -16.21 -2.09
N ALA G 447 19.69 -16.39 -0.77
CA ALA G 447 18.45 -16.30 0.02
C ALA G 447 18.63 -15.25 1.10
N PRO G 448 18.18 -14.01 0.89
CA PRO G 448 18.29 -12.99 1.93
C PRO G 448 17.28 -13.17 3.03
N HIS G 449 16.16 -13.83 2.69
CA HIS G 449 15.08 -14.04 3.65
C HIS G 449 15.45 -15.03 4.75
N MET G 450 16.52 -15.80 4.57
CA MET G 450 16.99 -16.71 5.61
C MET G 450 17.81 -15.94 6.64
N TYR G 451 17.84 -16.46 7.86
CA TYR G 451 18.53 -15.78 8.95
C TYR G 451 19.83 -16.45 9.36
N GLU G 452 20.03 -17.72 9.03
CA GLU G 452 21.19 -18.46 9.50
C GLU G 452 22.48 -18.00 8.83
N PRO G 453 22.52 -17.80 7.51
CA PRO G 453 23.77 -17.30 6.92
C PRO G 453 24.20 -15.94 7.46
N HIS G 454 23.25 -15.02 7.62
CA HIS G 454 23.57 -13.71 8.17
C HIS G 454 24.10 -13.84 9.60
N PHE G 455 23.41 -14.62 10.43
CA PHE G 455 23.84 -14.77 11.81
C PHE G 455 25.23 -15.39 11.89
N ASN G 456 25.49 -16.42 11.08
CA ASN G 456 26.80 -17.08 11.13
C ASN G 456 27.90 -16.16 10.63
N PHE G 457 27.64 -15.42 9.56
CA PHE G 457 28.63 -14.47 9.06
C PHE G 457 28.93 -13.41 10.11
N ALA G 458 27.89 -12.86 10.74
CA ALA G 458 28.11 -11.88 11.79
C ALA G 458 28.89 -12.48 12.95
N THR G 459 28.59 -13.73 13.32
CA THR G 459 29.27 -14.37 14.43
C THR G 459 30.76 -14.54 14.15
N ILE G 460 31.10 -15.08 12.97
CA ILE G 460 32.51 -15.30 12.65
C ILE G 460 33.24 -13.98 12.50
N SER G 461 32.60 -12.98 11.88
CA SER G 461 33.22 -11.65 11.79
C SER G 461 33.53 -11.11 13.18
N ASP G 462 32.53 -11.07 14.06
CA ASP G 462 32.74 -10.59 15.42
C ASP G 462 33.83 -11.39 16.12
N LYS G 463 33.91 -12.70 15.83
CA LYS G 463 34.97 -13.51 16.43
C LYS G 463 36.35 -13.01 16.00
N ILE G 464 36.50 -12.65 14.73
CA ILE G 464 37.78 -12.13 14.27
C ILE G 464 37.88 -10.61 14.39
N GLY G 465 36.75 -9.90 14.38
CA GLY G 465 36.78 -8.45 14.45
C GLY G 465 35.71 -7.83 13.57
N ASP G 466 36.14 -6.94 12.68
CA ASP G 466 35.31 -6.42 11.58
C ASP G 466 33.88 -6.14 12.03
N LEU G 467 33.76 -5.35 13.10
CA LEU G 467 32.45 -5.09 13.68
C LEU G 467 31.50 -4.40 12.72
N GLN G 468 32.01 -3.76 11.67
CA GLN G 468 31.12 -3.18 10.67
C GLN G 468 30.38 -4.27 9.90
N ARG G 469 31.12 -5.28 9.42
CA ARG G 469 30.48 -6.40 8.74
C ARG G 469 29.58 -7.17 9.70
N SER G 470 30.01 -7.31 10.95
CA SER G 470 29.18 -7.97 11.94
C SER G 470 27.85 -7.25 12.13
N TYR G 471 27.89 -5.92 12.16
CA TYR G 471 26.65 -5.16 12.30
C TYR G 471 25.79 -5.28 11.05
N ALA G 472 26.39 -5.12 9.88
CA ALA G 472 25.63 -5.22 8.63
C ALA G 472 25.03 -6.62 8.45
N ALA G 473 25.60 -7.64 9.07
CA ALA G 473 25.06 -8.99 8.95
C ALA G 473 24.03 -9.29 10.04
N ALA G 474 24.31 -8.88 11.29
CA ALA G 474 23.37 -9.11 12.37
C ALA G 474 22.09 -8.32 12.17
N LYS G 475 22.18 -7.14 11.56
CA LYS G 475 20.96 -6.37 11.30
C LYS G 475 20.11 -7.04 10.24
N LYS G 476 20.74 -7.65 9.23
CA LYS G 476 19.97 -8.41 8.25
C LYS G 476 19.40 -9.68 8.86
N SER G 477 20.12 -10.29 9.79
CA SER G 477 19.56 -11.42 10.54
C SER G 477 18.30 -11.00 11.29
N GLU G 478 18.37 -9.90 12.03
CA GLU G 478 17.20 -9.38 12.71
C GLU G 478 16.09 -9.00 11.73
N ALA G 479 16.46 -8.60 10.52
CA ALA G 479 15.44 -8.34 9.50
C ALA G 479 14.80 -9.62 9.01
N ALA G 480 15.52 -10.74 9.06
CA ALA G 480 15.02 -12.01 8.56
C ALA G 480 14.20 -12.76 9.62
N PHE G 481 14.72 -12.84 10.84
CA PHE G 481 14.05 -13.52 11.95
C PHE G 481 14.04 -12.53 13.11
N PRO G 482 13.03 -11.65 13.17
CA PRO G 482 13.10 -10.49 14.07
C PRO G 482 12.94 -10.83 15.53
N ASP G 483 12.51 -12.03 15.89
CA ASP G 483 12.36 -12.41 17.28
C ASP G 483 13.48 -13.32 17.77
N HIS G 484 14.61 -13.33 17.08
CA HIS G 484 15.75 -14.12 17.50
C HIS G 484 16.28 -13.61 18.84
N VAL G 485 17.21 -14.35 19.42
CA VAL G 485 17.79 -14.02 20.72
C VAL G 485 19.27 -13.69 20.60
N ASP G 486 20.06 -14.60 20.01
CA ASP G 486 21.48 -14.35 19.85
C ASP G 486 21.75 -13.13 18.98
N THR G 487 20.89 -12.89 17.98
CA THR G 487 21.02 -11.68 17.17
C THR G 487 20.88 -10.43 18.02
N GLN G 488 19.96 -10.45 18.99
CA GLN G 488 19.77 -9.29 19.86
C GLN G 488 20.99 -9.05 20.74
N HIS G 489 21.56 -10.12 21.30
CA HIS G 489 22.78 -9.96 22.11
C HIS G 489 23.93 -9.46 21.26
N LEU G 490 24.03 -9.95 20.03
CA LEU G 490 25.09 -9.49 19.13
C LEU G 490 24.92 -8.01 18.84
N ILE G 491 23.69 -7.57 18.53
CA ILE G 491 23.46 -6.17 18.22
C ILE G 491 23.74 -5.29 19.43
N LYS G 492 23.37 -5.75 20.63
CA LYS G 492 23.66 -4.99 21.83
C LYS G 492 25.16 -4.84 22.04
N GLN G 493 25.91 -5.94 21.91
CA GLN G 493 27.35 -5.86 22.06
C GLN G 493 27.97 -4.92 21.03
N LEU G 494 27.50 -4.99 19.78
CA LEU G 494 28.05 -4.15 18.73
C LEU G 494 27.78 -2.67 19.01
N GLU G 495 26.51 -2.33 19.22
CA GLU G 495 26.16 -0.94 19.55
C GLU G 495 26.85 -0.46 20.81
N GLN G 496 27.25 -1.37 21.71
CA GLN G 496 28.04 -0.96 22.87
C GLN G 496 29.49 -0.69 22.49
N HIS G 497 30.04 -1.48 21.56
CA HIS G 497 31.40 -1.23 21.09
C HIS G 497 31.51 0.09 20.35
N PHE G 498 30.40 0.59 19.80
CA PHE G 498 30.41 1.83 19.03
C PHE G 498 30.34 3.08 19.91
N ALA G 499 30.66 2.96 21.19
CA ALA G 499 30.61 4.10 22.10
C ALA G 499 31.41 3.84 23.37
N SER H 2 -0.89 -54.94 3.86
CA SER H 2 -2.07 -55.33 3.10
C SER H 2 -3.19 -54.31 3.23
N LEU H 3 -3.02 -53.39 4.16
CA LEU H 3 -4.08 -52.43 4.46
C LEU H 3 -4.34 -51.55 3.25
N PHE H 4 -5.61 -51.38 2.91
CA PHE H 4 -6.05 -50.54 1.79
C PHE H 4 -5.64 -51.09 0.44
N LYS H 5 -5.45 -52.40 0.35
CA LYS H 5 -5.31 -53.09 -0.92
C LYS H 5 -6.47 -54.04 -1.12
N ALA H 6 -6.77 -54.33 -2.39
CA ALA H 6 -7.85 -55.26 -2.73
C ALA H 6 -7.22 -56.63 -2.88
N ARG H 7 -7.18 -57.37 -1.78
CA ARG H 7 -6.58 -58.70 -1.78
C ARG H 7 -7.30 -59.61 -2.76
N ASP H 8 -6.53 -60.51 -3.37
CA ASP H 8 -6.98 -61.24 -4.54
C ASP H 8 -7.77 -62.49 -4.18
N TRP H 9 -8.74 -62.79 -5.03
CA TRP H 9 -9.55 -64.01 -4.97
C TRP H 9 -9.35 -64.62 -6.36
N TRP H 10 -10.18 -65.56 -6.77
CA TRP H 10 -10.09 -66.11 -8.12
C TRP H 10 -9.96 -65.00 -9.14
N SER H 11 -8.86 -65.00 -9.90
CA SER H 11 -8.54 -63.94 -10.85
C SER H 11 -8.04 -64.56 -12.15
N THR H 12 -8.21 -63.83 -13.25
CA THR H 12 -7.83 -64.36 -14.55
C THR H 12 -7.60 -63.23 -15.56
N VAL H 13 -6.95 -63.57 -16.66
CA VAL H 13 -6.86 -62.71 -17.84
C VAL H 13 -7.73 -63.33 -18.92
N LEU H 14 -8.40 -62.48 -19.70
CA LEU H 14 -9.54 -62.99 -20.47
C LEU H 14 -9.42 -62.80 -21.98
N GLY H 15 -8.31 -63.19 -22.56
CA GLY H 15 -8.23 -63.27 -24.00
C GLY H 15 -6.91 -62.76 -24.52
N ASP H 16 -6.91 -62.43 -25.81
CA ASP H 16 -5.72 -62.00 -26.55
C ASP H 16 -5.94 -60.58 -27.04
N LYS H 17 -5.58 -59.60 -26.18
CA LYS H 17 -5.74 -58.18 -26.48
C LYS H 17 -7.18 -57.86 -26.91
N GLU H 18 -8.14 -58.44 -26.20
CA GLU H 18 -9.54 -58.13 -26.43
C GLU H 18 -9.88 -56.78 -25.82
N GLU H 19 -11.13 -56.35 -26.01
CA GLU H 19 -11.57 -55.06 -25.48
C GLU H 19 -13.02 -55.17 -25.03
N PHE H 20 -13.29 -54.67 -23.82
CA PHE H 20 -14.60 -54.69 -23.20
C PHE H 20 -15.05 -53.25 -22.94
N ASP H 21 -16.19 -53.11 -22.28
CA ASP H 21 -16.74 -51.81 -21.91
C ASP H 21 -17.71 -52.05 -20.75
N GLN H 22 -18.52 -51.04 -20.43
CA GLN H 22 -19.59 -51.24 -19.46
C GLN H 22 -20.61 -52.23 -19.99
N GLY H 23 -21.41 -52.78 -19.08
CA GLY H 23 -22.44 -53.71 -19.46
C GLY H 23 -21.90 -55.10 -19.74
N CYS H 24 -20.61 -55.20 -20.04
CA CYS H 24 -19.99 -56.49 -20.28
C CYS H 24 -20.13 -57.40 -19.05
N LEU H 25 -19.57 -56.96 -17.93
CA LEU H 25 -19.60 -57.76 -16.71
C LEU H 25 -21.01 -57.81 -16.14
N CYS H 26 -21.61 -59.01 -16.15
CA CYS H 26 -22.86 -59.27 -15.47
C CYS H 26 -22.63 -60.38 -14.45
N LEU H 27 -23.49 -60.42 -13.44
CA LEU H 27 -23.26 -61.29 -12.29
C LEU H 27 -24.62 -61.64 -11.67
N ALA H 28 -25.09 -62.84 -11.96
CA ALA H 28 -26.40 -63.30 -11.48
C ALA H 28 -26.46 -64.81 -11.62
N ASP H 29 -27.66 -65.37 -11.46
CA ASP H 29 -27.91 -66.80 -11.68
C ASP H 29 -28.54 -66.98 -13.05
N VAL H 30 -27.69 -67.00 -14.08
CA VAL H 30 -28.14 -67.37 -15.41
C VAL H 30 -28.38 -68.87 -15.49
N ASP H 31 -27.80 -69.64 -14.58
CA ASP H 31 -28.00 -71.08 -14.52
C ASP H 31 -29.31 -71.47 -13.84
N ASN H 32 -29.97 -70.52 -13.16
CA ASN H 32 -31.25 -70.77 -12.51
C ASN H 32 -31.17 -71.91 -11.49
N THR H 33 -30.04 -72.03 -10.81
CA THR H 33 -29.91 -73.04 -9.76
C THR H 33 -30.82 -72.70 -8.58
N GLY H 34 -30.83 -71.45 -8.15
CA GLY H 34 -31.64 -71.02 -7.03
C GLY H 34 -30.95 -71.02 -5.70
N ASN H 35 -29.63 -71.19 -5.66
CA ASN H 35 -28.90 -71.33 -4.41
C ASN H 35 -28.33 -70.01 -3.91
N GLY H 36 -28.29 -68.98 -4.74
CA GLY H 36 -27.78 -67.68 -4.36
C GLY H 36 -26.41 -67.37 -4.93
N GLN H 37 -25.55 -68.37 -5.07
CA GLN H 37 -24.23 -68.14 -5.63
C GLN H 37 -24.34 -67.67 -7.07
N ASP H 38 -23.73 -66.53 -7.37
CA ASP H 38 -23.81 -65.91 -8.68
C ASP H 38 -22.76 -66.53 -9.61
N LYS H 39 -22.78 -66.09 -10.86
CA LYS H 39 -21.87 -66.59 -11.88
C LYS H 39 -21.47 -65.45 -12.79
N ILE H 40 -20.17 -65.34 -13.06
CA ILE H 40 -19.65 -64.21 -13.82
C ILE H 40 -19.94 -64.41 -15.29
N ILE H 41 -20.33 -63.34 -15.97
CA ILE H 41 -20.59 -63.37 -17.41
C ILE H 41 -19.93 -62.16 -18.04
N VAL H 42 -19.15 -62.39 -19.09
CA VAL H 42 -18.34 -61.33 -19.70
C VAL H 42 -18.39 -61.50 -21.22
N GLY H 43 -18.76 -60.43 -21.92
CA GLY H 43 -18.76 -60.48 -23.37
C GLY H 43 -18.12 -59.27 -24.01
N SER H 44 -17.04 -59.48 -24.75
CA SER H 44 -16.35 -58.38 -25.41
C SER H 44 -16.98 -58.07 -26.76
N PHE H 45 -16.69 -56.89 -27.28
CA PHE H 45 -17.03 -56.61 -28.66
C PHE H 45 -15.98 -57.14 -29.63
N MET H 46 -15.18 -58.11 -29.18
CA MET H 46 -14.41 -58.97 -30.07
C MET H 46 -15.21 -60.19 -30.48
N GLY H 47 -16.13 -60.65 -29.65
CA GLY H 47 -17.06 -61.70 -30.04
C GLY H 47 -17.34 -62.76 -29.00
N TYR H 48 -16.37 -63.04 -28.14
CA TYR H 48 -16.48 -64.19 -27.24
C TYR H 48 -17.33 -63.86 -26.02
N LEU H 49 -18.29 -64.73 -25.73
CA LEU H 49 -19.08 -64.66 -24.51
C LEU H 49 -18.63 -65.78 -23.57
N ARG H 50 -18.17 -65.39 -22.38
CA ARG H 50 -17.59 -66.32 -21.42
C ARG H 50 -18.39 -66.28 -20.12
N ILE H 51 -18.66 -67.45 -19.56
CA ILE H 51 -19.35 -67.59 -18.29
C ILE H 51 -18.52 -68.46 -17.37
N PHE H 52 -18.36 -68.00 -16.12
CA PHE H 52 -17.51 -68.61 -15.12
C PHE H 52 -18.28 -68.86 -13.84
N ASN H 53 -17.93 -69.93 -13.14
CA ASN H 53 -18.37 -70.20 -11.77
C ASN H 53 -17.12 -70.36 -10.93
N PRO H 54 -16.55 -69.26 -10.45
CA PRO H 54 -15.22 -69.31 -9.84
C PRO H 54 -15.21 -70.01 -8.48
N HIS H 55 -14.09 -70.65 -8.20
CA HIS H 55 -13.79 -71.25 -6.90
C HIS H 55 -12.41 -70.80 -6.46
N PRO H 56 -12.22 -70.53 -5.16
CA PRO H 56 -10.94 -70.03 -4.68
C PRO H 56 -9.82 -71.05 -4.79
N ALA H 63 -7.41 -69.34 -12.59
CA ALA H 63 -6.29 -70.24 -12.38
C ALA H 63 -6.71 -71.70 -12.60
N GLN H 64 -7.67 -72.16 -11.81
CA GLN H 64 -8.15 -73.53 -11.93
C GLN H 64 -8.90 -73.71 -13.25
N ALA H 65 -8.80 -74.92 -13.80
CA ALA H 65 -9.28 -75.16 -15.16
C ALA H 65 -10.80 -75.18 -15.24
N GLU H 66 -11.45 -75.87 -14.31
CA GLU H 66 -12.90 -76.07 -14.38
C GLU H 66 -13.71 -74.85 -13.99
N ASP H 67 -13.05 -73.72 -13.72
CA ASP H 67 -13.80 -72.52 -13.36
C ASP H 67 -14.60 -71.97 -14.54
N LEU H 68 -13.99 -71.90 -15.71
CA LEU H 68 -14.64 -71.41 -16.90
C LEU H 68 -15.76 -72.36 -17.32
N LEU H 69 -17.01 -71.96 -17.08
CA LEU H 69 -18.14 -72.78 -17.52
C LEU H 69 -18.14 -72.91 -19.03
N LEU H 70 -18.14 -71.78 -19.74
CA LEU H 70 -18.10 -71.86 -21.20
C LEU H 70 -17.48 -70.59 -21.76
N GLU H 71 -16.98 -70.69 -22.99
CA GLU H 71 -16.26 -69.63 -23.69
C GLU H 71 -16.74 -69.52 -25.13
N VAL H 72 -18.06 -69.45 -25.32
CA VAL H 72 -18.58 -69.51 -26.68
C VAL H 72 -18.12 -68.29 -27.47
N HIS H 73 -18.19 -68.40 -28.81
CA HIS H 73 -17.82 -67.30 -29.68
C HIS H 73 -18.96 -67.03 -30.66
N LEU H 74 -19.45 -65.80 -30.68
CA LEU H 74 -20.41 -65.35 -31.67
C LEU H 74 -19.68 -64.47 -32.68
N ARG H 75 -20.24 -64.42 -33.90
CA ARG H 75 -19.55 -63.72 -34.98
C ARG H 75 -19.45 -62.22 -34.70
N ASP H 76 -20.59 -61.56 -34.55
CA ASP H 76 -20.61 -60.12 -34.36
C ASP H 76 -20.21 -59.76 -32.94
N PRO H 77 -19.75 -58.53 -32.71
CA PRO H 77 -19.36 -58.11 -31.37
C PRO H 77 -20.50 -58.19 -30.36
N ILE H 78 -20.15 -57.97 -29.09
CA ILE H 78 -21.06 -58.13 -27.97
C ILE H 78 -21.06 -56.86 -27.15
N LEU H 79 -22.24 -56.32 -26.86
CA LEU H 79 -22.39 -55.13 -26.03
C LEU H 79 -23.43 -55.41 -24.96
N GLN H 80 -23.05 -55.17 -23.70
CA GLN H 80 -23.98 -55.11 -22.58
C GLN H 80 -24.77 -56.43 -22.41
N VAL H 81 -24.02 -57.47 -22.06
CA VAL H 81 -24.66 -58.71 -21.62
C VAL H 81 -25.50 -58.42 -20.37
N GLU H 82 -26.71 -58.97 -20.33
CA GLU H 82 -27.59 -58.77 -19.18
C GLU H 82 -28.22 -60.10 -18.80
N VAL H 83 -28.85 -60.14 -17.62
CA VAL H 83 -29.46 -61.34 -17.08
C VAL H 83 -30.82 -60.97 -16.50
N GLY H 84 -31.89 -61.36 -17.19
CA GLY H 84 -33.23 -61.06 -16.73
C GLY H 84 -34.25 -61.96 -17.38
N LYS H 85 -35.49 -61.81 -16.93
CA LYS H 85 -36.61 -62.65 -17.38
C LYS H 85 -37.02 -62.24 -18.79
N PHE H 86 -36.15 -62.55 -19.75
CA PHE H 86 -36.34 -62.12 -21.13
C PHE H 86 -37.05 -63.14 -22.00
N VAL H 87 -37.88 -64.00 -21.40
CA VAL H 87 -38.65 -64.98 -22.16
C VAL H 87 -40.12 -64.82 -21.80
N SER H 88 -40.99 -65.03 -22.81
CA SER H 88 -42.40 -64.69 -22.65
C SER H 88 -43.11 -65.62 -21.68
N GLY H 89 -42.65 -66.86 -21.54
CA GLY H 89 -43.40 -67.86 -20.81
C GLY H 89 -43.12 -68.01 -19.33
N THR H 90 -41.85 -68.24 -18.97
CA THR H 90 -41.50 -68.64 -17.61
C THR H 90 -40.80 -67.51 -16.88
N GLU H 91 -40.56 -67.76 -15.58
CA GLU H 91 -39.95 -66.80 -14.67
C GLU H 91 -38.50 -67.18 -14.37
N MET H 92 -37.80 -67.72 -15.34
CA MET H 92 -36.41 -68.15 -15.18
C MET H 92 -35.49 -67.19 -15.91
N LEU H 93 -34.35 -66.89 -15.28
CA LEU H 93 -33.45 -65.87 -15.81
C LEU H 93 -32.83 -66.31 -17.12
N HIS H 94 -32.83 -65.40 -18.10
CA HIS H 94 -32.22 -65.62 -19.40
C HIS H 94 -31.22 -64.52 -19.69
N LEU H 95 -30.25 -64.84 -20.55
CA LEU H 95 -29.09 -64.00 -20.79
C LEU H 95 -29.25 -63.27 -22.12
N ALA H 96 -29.18 -61.95 -22.08
CA ALA H 96 -29.37 -61.11 -23.26
C ALA H 96 -28.02 -60.63 -23.76
N VAL H 97 -27.80 -60.78 -25.07
CA VAL H 97 -26.58 -60.34 -25.74
C VAL H 97 -26.98 -59.34 -26.82
N LEU H 98 -26.44 -58.13 -26.72
CA LEU H 98 -26.76 -57.04 -27.63
C LEU H 98 -25.55 -56.78 -28.53
N HIS H 99 -25.62 -57.26 -29.76
CA HIS H 99 -24.66 -56.88 -30.78
C HIS H 99 -25.11 -55.58 -31.43
N SER H 100 -24.15 -54.89 -32.06
CA SER H 100 -24.38 -53.57 -32.61
C SER H 100 -25.69 -53.47 -33.38
N ARG H 101 -25.98 -54.47 -34.20
CA ARG H 101 -27.23 -54.53 -34.95
C ARG H 101 -27.95 -55.86 -34.73
N LYS H 102 -27.98 -56.34 -33.48
CA LYS H 102 -28.60 -57.63 -33.22
C LYS H 102 -28.95 -57.73 -31.74
N LEU H 103 -30.05 -58.40 -31.44
CA LEU H 103 -30.41 -58.77 -30.08
C LEU H 103 -30.59 -60.28 -30.03
N CYS H 104 -30.08 -60.92 -28.97
CA CYS H 104 -30.17 -62.38 -28.87
C CYS H 104 -30.41 -62.77 -27.42
N VAL H 105 -31.52 -63.43 -27.15
CA VAL H 105 -31.75 -64.01 -25.84
C VAL H 105 -31.32 -65.47 -25.88
N TYR H 106 -30.61 -65.90 -24.85
CA TYR H 106 -30.05 -67.24 -24.77
C TYR H 106 -30.59 -67.95 -23.53
N SER H 107 -30.06 -69.14 -23.27
CA SER H 107 -30.41 -69.88 -22.06
C SER H 107 -29.27 -70.83 -21.75
N VAL H 108 -28.58 -70.59 -20.64
CA VAL H 108 -27.41 -71.38 -20.26
C VAL H 108 -27.92 -72.56 -19.44
N SER H 109 -28.07 -73.71 -20.08
CA SER H 109 -28.54 -74.94 -19.44
C SER H 109 -27.33 -75.84 -19.19
N GLY H 110 -27.09 -76.15 -17.92
CA GLY H 110 -25.94 -76.97 -17.58
C GLY H 110 -26.30 -78.38 -17.17
N THR H 111 -25.86 -79.36 -17.96
CA THR H 111 -26.09 -80.76 -17.65
C THR H 111 -24.83 -81.36 -17.02
N LEU H 112 -25.03 -82.32 -16.13
CA LEU H 112 -23.97 -82.85 -15.29
C LEU H 112 -23.55 -84.25 -15.74
N GLY H 113 -22.26 -84.54 -15.55
CA GLY H 113 -21.73 -85.87 -15.70
C GLY H 113 -21.20 -86.38 -14.37
N ASN H 114 -20.79 -87.64 -14.35
CA ASN H 114 -20.30 -88.25 -13.12
C ASN H 114 -18.82 -87.96 -12.89
N VAL H 115 -18.44 -86.69 -13.05
CA VAL H 115 -17.10 -86.22 -12.70
C VAL H 115 -17.14 -84.69 -12.76
N GLU H 116 -16.23 -84.05 -12.03
CA GLU H 116 -16.21 -82.60 -11.94
C GLU H 116 -16.18 -81.92 -13.32
N HIS H 117 -15.60 -82.57 -14.32
CA HIS H 117 -15.44 -81.97 -15.63
C HIS H 117 -16.20 -82.71 -16.72
N GLY H 118 -17.18 -83.52 -16.35
CA GLY H 118 -18.06 -84.17 -17.30
C GLY H 118 -19.37 -83.45 -17.51
N ASN H 119 -19.49 -82.21 -17.01
CA ASN H 119 -20.72 -81.43 -17.10
C ASN H 119 -20.57 -80.36 -18.17
N GLN H 120 -21.49 -80.36 -19.13
CA GLN H 120 -21.47 -79.42 -20.24
C GLN H 120 -22.52 -78.34 -20.06
N TYR H 121 -22.42 -77.31 -20.89
CA TYR H 121 -23.30 -76.15 -20.81
C TYR H 121 -23.71 -75.74 -22.20
N GLN H 122 -25.01 -75.66 -22.45
CA GLN H 122 -25.56 -75.36 -23.76
C GLN H 122 -26.29 -74.03 -23.71
N ILE H 123 -25.97 -73.14 -24.65
CA ILE H 123 -26.70 -71.89 -24.83
C ILE H 123 -27.60 -72.04 -26.04
N LYS H 124 -28.90 -71.92 -25.83
CA LYS H 124 -29.89 -72.07 -26.90
C LYS H 124 -30.41 -70.70 -27.30
N LEU H 125 -30.48 -70.46 -28.61
CA LEU H 125 -31.00 -69.20 -29.13
C LEU H 125 -32.50 -69.18 -28.91
N MET H 126 -32.93 -68.58 -27.80
CA MET H 126 -34.36 -68.52 -27.52
C MET H 126 -35.08 -67.67 -28.55
N TYR H 127 -34.56 -66.49 -28.85
CA TYR H 127 -35.00 -65.73 -30.01
C TYR H 127 -33.99 -64.62 -30.28
N GLU H 128 -34.14 -63.99 -31.44
CA GLU H 128 -33.25 -62.94 -31.90
C GLU H 128 -34.09 -61.76 -32.38
N HIS H 129 -33.40 -60.68 -32.74
CA HIS H 129 -34.05 -59.45 -33.18
C HIS H 129 -33.09 -58.69 -34.06
N ASN H 130 -33.42 -58.56 -35.34
CA ASN H 130 -32.65 -57.70 -36.23
C ASN H 130 -32.87 -56.24 -35.87
N LEU H 131 -31.78 -55.49 -35.72
CA LEU H 131 -31.84 -54.10 -35.29
C LEU H 131 -31.58 -53.21 -36.49
N GLN H 132 -32.58 -52.41 -36.86
CA GLN H 132 -32.42 -51.47 -37.96
C GLN H 132 -31.32 -50.46 -37.63
N ARG H 133 -31.52 -49.68 -36.58
CA ARG H 133 -30.51 -48.74 -36.13
C ARG H 133 -29.35 -49.48 -35.49
N THR H 134 -28.24 -48.77 -35.30
CA THR H 134 -27.07 -49.31 -34.64
C THR H 134 -27.21 -49.11 -33.12
N ALA H 135 -27.24 -50.21 -32.38
CA ALA H 135 -27.46 -50.14 -30.95
C ALA H 135 -26.22 -49.58 -30.24
N CYS H 136 -26.44 -48.93 -29.12
CA CYS H 136 -25.37 -48.37 -28.29
C CYS H 136 -25.34 -48.97 -26.90
N ASN H 137 -26.47 -49.00 -26.21
CA ASN H 137 -26.61 -49.69 -24.94
C ASN H 137 -28.09 -49.88 -24.67
N MET H 138 -28.41 -50.52 -23.55
CA MET H 138 -29.80 -50.84 -23.25
C MET H 138 -30.00 -50.91 -21.74
N THR H 139 -31.27 -50.95 -21.35
CA THR H 139 -31.67 -51.21 -19.99
C THR H 139 -32.78 -52.25 -20.02
N TYR H 140 -33.05 -52.84 -18.87
CA TYR H 140 -34.08 -53.86 -18.77
C TYR H 140 -34.83 -53.70 -17.46
N GLY H 141 -36.13 -53.91 -17.51
CA GLY H 141 -36.95 -53.80 -16.32
C GLY H 141 -38.40 -54.08 -16.65
N SER H 142 -39.21 -54.14 -15.58
CA SER H 142 -40.64 -54.35 -15.70
C SER H 142 -41.30 -53.00 -15.98
N PHE H 143 -41.33 -52.65 -17.27
CA PHE H 143 -41.90 -51.36 -17.67
C PHE H 143 -43.35 -51.27 -17.27
N GLY H 144 -43.78 -50.07 -16.89
CA GLY H 144 -45.11 -49.94 -16.33
C GLY H 144 -45.17 -50.59 -14.96
N GLY H 145 -46.29 -51.27 -14.69
CA GLY H 145 -46.45 -51.97 -13.43
C GLY H 145 -46.54 -53.47 -13.60
N VAL H 146 -45.94 -54.00 -14.66
CA VAL H 146 -45.99 -55.43 -14.91
C VAL H 146 -45.06 -56.16 -13.94
N LYS H 147 -45.36 -57.43 -13.69
CA LYS H 147 -44.56 -58.26 -12.81
C LYS H 147 -44.25 -59.58 -13.50
N GLY H 148 -43.13 -60.18 -13.11
CA GLY H 148 -42.71 -61.43 -13.70
C GLY H 148 -42.21 -61.32 -15.13
N ARG H 149 -41.96 -60.11 -15.61
CA ARG H 149 -41.46 -59.88 -16.97
C ARG H 149 -40.38 -58.82 -16.93
N ASP H 150 -39.43 -58.93 -17.86
CA ASP H 150 -38.29 -58.01 -17.95
C ASP H 150 -38.20 -57.52 -19.40
N LEU H 151 -38.92 -56.44 -19.70
CA LEU H 151 -38.83 -55.84 -21.01
C LEU H 151 -37.47 -55.18 -21.20
N ILE H 152 -37.09 -54.95 -22.45
CA ILE H 152 -35.76 -54.43 -22.78
C ILE H 152 -35.91 -53.17 -23.63
N CYS H 153 -35.35 -52.06 -23.13
CA CYS H 153 -35.31 -50.80 -23.88
C CYS H 153 -33.88 -50.58 -24.34
N ILE H 154 -33.64 -50.75 -25.63
CA ILE H 154 -32.32 -50.54 -26.20
C ILE H 154 -32.24 -49.12 -26.73
N GLN H 155 -31.07 -48.52 -26.65
CA GLN H 155 -30.88 -47.19 -27.21
C GLN H 155 -30.38 -47.31 -28.64
N SER H 156 -29.95 -46.19 -29.23
CA SER H 156 -29.25 -46.20 -30.49
C SER H 156 -28.11 -45.19 -30.41
N VAL H 157 -27.15 -45.33 -31.33
CA VAL H 157 -26.04 -44.39 -31.35
C VAL H 157 -26.52 -43.02 -31.81
N ASP H 158 -27.64 -42.96 -32.53
CA ASP H 158 -28.19 -41.70 -33.02
C ASP H 158 -29.43 -41.26 -32.25
N GLY H 159 -29.55 -41.63 -30.97
CA GLY H 159 -30.59 -41.08 -30.13
C GLY H 159 -31.81 -41.95 -29.92
N MET H 160 -32.26 -42.63 -30.97
CA MET H 160 -33.50 -43.40 -30.89
C MET H 160 -33.43 -44.46 -29.80
N LEU H 161 -34.53 -44.63 -29.08
CA LEU H 161 -34.68 -45.72 -28.12
C LEU H 161 -35.85 -46.59 -28.54
N MET H 162 -35.60 -47.89 -28.68
CA MET H 162 -36.58 -48.86 -29.12
C MET H 162 -36.85 -49.85 -27.98
N VAL H 163 -38.13 -50.10 -27.71
CA VAL H 163 -38.56 -50.92 -26.59
C VAL H 163 -39.14 -52.22 -27.13
N PHE H 164 -38.66 -53.34 -26.57
CA PHE H 164 -39.18 -54.68 -26.84
C PHE H 164 -39.86 -55.20 -25.59
N GLU H 165 -41.09 -55.66 -25.74
CA GLU H 165 -41.85 -56.27 -24.64
C GLU H 165 -41.54 -57.75 -24.50
N GLN H 166 -40.24 -58.06 -24.43
CA GLN H 166 -39.75 -59.37 -24.02
C GLN H 166 -40.00 -60.44 -25.08
N GLU H 167 -40.80 -60.10 -26.09
CA GLU H 167 -41.04 -61.02 -27.20
C GLU H 167 -40.69 -60.44 -28.55
N SER H 168 -41.15 -59.22 -28.85
CA SER H 168 -41.01 -58.66 -30.18
C SER H 168 -40.84 -57.15 -30.06
N TYR H 169 -40.87 -56.47 -31.22
CA TYR H 169 -40.63 -55.04 -31.31
C TYR H 169 -41.89 -54.31 -30.86
N ALA H 170 -41.92 -53.93 -29.59
CA ALA H 170 -43.06 -53.19 -29.06
C ALA H 170 -43.21 -51.85 -29.76
N PHE H 171 -42.21 -50.97 -29.61
CA PHE H 171 -42.26 -49.68 -30.29
C PHE H 171 -40.86 -49.07 -30.31
N GLY H 172 -40.77 -47.82 -30.74
CA GLY H 172 -39.52 -47.09 -30.71
C GLY H 172 -39.72 -45.60 -30.94
N ARG H 173 -39.17 -44.78 -30.05
CA ARG H 173 -39.31 -43.33 -30.09
C ARG H 173 -37.94 -42.67 -30.06
N PHE H 174 -37.81 -41.56 -30.78
CA PHE H 174 -36.58 -40.80 -30.78
C PHE H 174 -36.47 -39.94 -29.53
N LEU H 175 -35.27 -39.89 -28.97
CA LEU H 175 -35.04 -38.97 -27.87
C LEU H 175 -35.00 -37.54 -28.40
N PRO H 176 -35.71 -36.60 -27.77
CA PRO H 176 -35.73 -35.21 -28.25
C PRO H 176 -34.43 -34.50 -27.92
N GLY H 177 -33.66 -34.18 -28.95
CA GLY H 177 -32.45 -33.39 -28.79
C GLY H 177 -31.30 -34.09 -28.11
N SER H 178 -30.73 -35.11 -28.75
CA SER H 178 -29.51 -35.74 -28.28
C SER H 178 -28.63 -36.07 -29.47
N LEU H 179 -27.32 -35.91 -29.29
CA LEU H 179 -26.35 -36.22 -30.33
C LEU H 179 -25.45 -37.39 -29.94
N LEU H 180 -24.76 -37.29 -28.80
CA LEU H 180 -23.95 -38.39 -28.32
C LEU H 180 -24.73 -39.14 -27.26
N PRO H 181 -25.06 -40.41 -27.48
CA PRO H 181 -25.94 -41.12 -26.53
C PRO H 181 -25.22 -41.37 -25.22
N GLY H 182 -25.89 -41.03 -24.12
CA GLY H 182 -25.34 -41.21 -22.80
C GLY H 182 -25.90 -42.43 -22.11
N PRO H 183 -25.68 -42.53 -20.81
CA PRO H 183 -26.13 -43.71 -20.07
C PRO H 183 -27.64 -43.69 -19.84
N LEU H 184 -28.26 -44.83 -20.07
CA LEU H 184 -29.70 -45.00 -19.94
C LEU H 184 -30.00 -45.91 -18.76
N ALA H 185 -31.05 -45.58 -17.99
CA ALA H 185 -31.48 -46.41 -16.89
C ALA H 185 -32.99 -46.29 -16.77
N TYR H 186 -33.58 -47.16 -15.95
CA TYR H 186 -35.02 -47.17 -15.74
C TYR H 186 -35.32 -47.24 -14.25
N SER H 187 -36.02 -46.23 -13.74
CA SER H 187 -36.44 -46.20 -12.36
C SER H 187 -37.84 -46.81 -12.24
N SER H 188 -37.99 -47.75 -11.32
CA SER H 188 -39.24 -48.46 -11.14
C SER H 188 -40.17 -47.78 -10.14
N ARG H 189 -39.62 -47.12 -9.13
CA ARG H 189 -40.44 -46.37 -8.19
C ARG H 189 -41.10 -45.16 -8.83
N THR H 190 -40.65 -44.76 -10.03
CA THR H 190 -41.28 -43.69 -10.78
C THR H 190 -41.62 -44.09 -12.20
N ASP H 191 -41.30 -45.32 -12.62
CA ASP H 191 -41.63 -45.83 -13.94
C ASP H 191 -41.13 -44.89 -15.04
N SER H 192 -39.85 -44.52 -14.94
CA SER H 192 -39.31 -43.50 -15.82
C SER H 192 -37.98 -43.92 -16.40
N PHE H 193 -37.81 -43.67 -17.69
CA PHE H 193 -36.51 -43.81 -18.34
C PHE H 193 -35.70 -42.55 -18.07
N ILE H 194 -34.53 -42.70 -17.47
CA ILE H 194 -33.67 -41.57 -17.12
C ILE H 194 -32.38 -41.69 -17.90
N THR H 195 -32.03 -40.62 -18.62
CA THR H 195 -30.84 -40.58 -19.45
C THR H 195 -30.10 -39.28 -19.16
N VAL H 196 -28.94 -39.11 -19.76
CA VAL H 196 -28.15 -37.89 -19.64
C VAL H 196 -27.80 -37.46 -21.06
N SER H 197 -28.50 -36.45 -21.55
CA SER H 197 -28.29 -36.00 -22.93
C SER H 197 -26.94 -35.33 -23.08
N SER H 198 -26.55 -35.09 -24.33
CA SER H 198 -25.28 -34.45 -24.60
C SER H 198 -25.21 -33.06 -24.01
N CYS H 199 -26.35 -32.38 -23.87
CA CYS H 199 -26.37 -31.02 -23.33
C CYS H 199 -26.58 -31.02 -21.82
N HIS H 200 -25.81 -31.85 -21.12
CA HIS H 200 -25.66 -31.82 -19.66
C HIS H 200 -26.97 -32.01 -18.91
N GLN H 201 -28.06 -32.38 -19.58
CA GLN H 201 -29.36 -32.49 -18.94
C GLN H 201 -29.63 -33.94 -18.56
N VAL H 202 -29.72 -34.21 -17.26
CA VAL H 202 -30.26 -35.48 -16.79
C VAL H 202 -31.78 -35.40 -16.90
N GLU H 203 -32.34 -36.23 -17.77
CA GLU H 203 -33.75 -36.13 -18.12
C GLU H 203 -34.47 -37.44 -17.79
N SER H 204 -35.62 -37.31 -17.16
CA SER H 204 -36.49 -38.45 -16.86
C SER H 204 -37.77 -38.30 -17.65
N TYR H 205 -38.14 -39.37 -18.34
CA TYR H 205 -39.36 -39.48 -19.13
C TYR H 205 -40.24 -40.56 -18.51
N LYS H 206 -41.51 -40.26 -18.29
CA LYS H 206 -42.42 -41.30 -17.86
C LYS H 206 -42.63 -42.31 -18.99
N TYR H 207 -42.74 -43.59 -18.62
CA TYR H 207 -42.80 -44.65 -19.62
C TYR H 207 -44.02 -44.48 -20.52
N GLN H 208 -45.21 -44.34 -19.92
CA GLN H 208 -46.43 -44.24 -20.71
C GLN H 208 -46.43 -42.99 -21.59
N VAL H 209 -45.62 -41.99 -21.24
CA VAL H 209 -45.49 -40.82 -22.10
C VAL H 209 -44.77 -41.19 -23.40
N LEU H 210 -43.63 -41.88 -23.28
CA LEU H 210 -42.92 -42.32 -24.47
C LEU H 210 -43.74 -43.32 -25.27
N ALA H 211 -44.46 -44.20 -24.58
CA ALA H 211 -45.30 -45.19 -25.27
C ALA H 211 -46.36 -44.53 -26.14
N PHE H 212 -46.71 -43.29 -25.83
CA PHE H 212 -47.79 -42.58 -26.53
C PHE H 212 -47.29 -41.73 -27.69
N ALA H 213 -45.98 -41.54 -27.82
CA ALA H 213 -45.43 -40.72 -28.90
C ALA H 213 -45.70 -41.37 -30.27
N VAL H 234 -43.10 -33.91 -23.42
CA VAL H 234 -42.66 -35.29 -23.37
C VAL H 234 -41.81 -35.53 -22.13
N VAL H 235 -40.93 -34.58 -21.82
CA VAL H 235 -39.98 -34.75 -20.73
C VAL H 235 -40.71 -34.61 -19.40
N ASP H 236 -40.58 -35.61 -18.54
CA ASP H 236 -41.14 -35.50 -17.20
C ASP H 236 -40.37 -34.49 -16.37
N TRP H 237 -39.05 -34.63 -16.28
CA TRP H 237 -38.27 -33.56 -15.66
C TRP H 237 -36.84 -33.59 -16.14
N THR H 238 -36.13 -32.49 -15.89
CA THR H 238 -34.72 -32.33 -16.24
C THR H 238 -33.94 -31.74 -15.08
N LEU H 239 -32.63 -31.94 -15.13
CA LEU H 239 -31.71 -31.35 -14.16
C LEU H 239 -30.39 -31.08 -14.86
N ASN H 240 -29.93 -29.83 -14.82
CA ASN H 240 -28.72 -29.43 -15.52
C ASN H 240 -27.53 -29.66 -14.58
N ILE H 241 -26.98 -30.87 -14.62
CA ILE H 241 -25.74 -31.13 -13.90
C ILE H 241 -24.60 -30.50 -14.68
N GLY H 242 -23.43 -30.39 -14.06
CA GLY H 242 -22.34 -29.63 -14.65
C GLY H 242 -21.64 -30.31 -15.82
N GLU H 243 -21.90 -31.60 -16.05
CA GLU H 243 -21.15 -32.35 -17.05
C GLU H 243 -22.07 -33.39 -17.69
N GLN H 244 -21.48 -34.25 -18.51
CA GLN H 244 -22.15 -35.43 -19.04
C GLN H 244 -21.73 -36.64 -18.21
N ALA H 245 -22.67 -37.56 -18.00
CA ALA H 245 -22.45 -38.67 -17.09
C ALA H 245 -21.91 -39.88 -17.83
N ILE H 246 -21.07 -40.64 -17.12
CA ILE H 246 -20.55 -41.89 -17.66
C ILE H 246 -21.54 -43.03 -17.41
N ASP H 247 -22.18 -43.02 -16.24
CA ASP H 247 -23.09 -44.08 -15.85
C ASP H 247 -24.22 -43.49 -15.03
N ILE H 248 -25.36 -44.17 -15.04
CA ILE H 248 -26.50 -43.84 -14.20
C ILE H 248 -27.07 -45.15 -13.66
N CYS H 249 -27.13 -45.28 -12.35
CA CYS H 249 -27.53 -46.54 -11.70
C CYS H 249 -28.65 -46.25 -10.71
N ILE H 250 -29.88 -46.53 -11.11
CA ILE H 250 -31.03 -46.41 -10.23
C ILE H 250 -31.09 -47.66 -9.36
N VAL H 251 -30.93 -47.48 -8.06
CA VAL H 251 -30.89 -48.59 -7.12
C VAL H 251 -32.15 -48.53 -6.25
N SER H 252 -32.72 -49.70 -5.96
CA SER H 252 -34.04 -49.73 -5.34
C SER H 252 -34.18 -50.79 -4.25
N PHE H 253 -33.10 -51.25 -3.63
CA PHE H 253 -33.26 -52.20 -2.54
C PHE H 253 -33.76 -51.55 -1.26
N ILE H 254 -33.96 -50.23 -1.25
CA ILE H 254 -34.52 -49.52 -0.11
C ILE H 254 -35.85 -48.91 -0.54
N GLN H 255 -36.92 -49.33 0.10
CA GLN H 255 -38.26 -48.83 -0.19
C GLN H 255 -38.65 -47.64 0.69
N SER H 256 -37.74 -47.17 1.55
CA SER H 256 -38.07 -46.05 2.42
C SER H 256 -37.96 -44.72 1.68
N ALA H 257 -36.77 -44.40 1.18
CA ALA H 257 -36.53 -43.17 0.44
C ALA H 257 -35.78 -43.52 -0.84
N SER H 258 -36.44 -43.40 -1.98
CA SER H 258 -35.83 -43.72 -3.26
C SER H 258 -34.87 -42.62 -3.70
N SER H 259 -33.87 -43.03 -4.48
CA SER H 259 -32.85 -42.11 -4.97
C SER H 259 -32.33 -42.64 -6.30
N VAL H 260 -31.67 -41.75 -7.04
CA VAL H 260 -31.13 -42.07 -8.37
C VAL H 260 -29.70 -41.56 -8.42
N PHE H 261 -28.75 -42.46 -8.66
CA PHE H 261 -27.35 -42.09 -8.68
C PHE H 261 -26.90 -41.78 -10.10
N VAL H 262 -26.15 -40.69 -10.25
CA VAL H 262 -25.63 -40.25 -11.54
C VAL H 262 -24.16 -39.92 -11.37
N LEU H 263 -23.30 -40.69 -12.01
CA LEU H 263 -21.86 -40.47 -11.94
C LEU H 263 -21.41 -39.76 -13.20
N GLY H 264 -21.05 -38.49 -13.07
CA GLY H 264 -20.49 -37.75 -14.17
C GLY H 264 -19.02 -38.07 -14.35
N GLU H 265 -18.40 -37.36 -15.27
CA GLU H 265 -16.96 -37.50 -15.47
C GLU H 265 -16.16 -36.53 -14.63
N ARG H 266 -16.82 -35.70 -13.83
CA ARG H 266 -16.13 -34.83 -12.88
C ARG H 266 -16.79 -34.77 -11.51
N ASN H 267 -18.02 -35.25 -11.35
CA ASN H 267 -18.76 -35.12 -10.11
C ASN H 267 -19.47 -36.44 -9.82
N PHE H 268 -20.28 -36.44 -8.75
CA PHE H 268 -21.03 -37.63 -8.37
C PHE H 268 -22.31 -37.18 -7.68
N PHE H 269 -23.44 -37.29 -8.36
CA PHE H 269 -24.71 -36.80 -7.85
C PHE H 269 -25.57 -37.96 -7.36
N CYS H 270 -26.36 -37.69 -6.32
CA CYS H 270 -27.47 -38.55 -5.92
C CYS H 270 -28.70 -37.67 -5.91
N LEU H 271 -29.61 -37.92 -6.83
CA LEU H 271 -30.79 -37.11 -7.07
C LEU H 271 -32.01 -37.75 -6.41
N LYS H 272 -32.98 -36.90 -6.10
CA LYS H 272 -34.26 -37.34 -5.55
C LYS H 272 -35.10 -37.94 -6.68
N ASP H 273 -36.37 -38.22 -6.39
CA ASP H 273 -37.27 -38.74 -7.39
C ASP H 273 -38.09 -37.66 -8.08
N ASN H 274 -38.13 -36.45 -7.53
CA ASN H 274 -38.79 -35.35 -8.20
C ASN H 274 -37.89 -34.70 -9.24
N GLY H 275 -36.59 -34.65 -8.99
CA GLY H 275 -35.66 -34.16 -9.99
C GLY H 275 -34.52 -33.29 -9.50
N GLN H 276 -34.46 -33.03 -8.19
CA GLN H 276 -33.43 -32.16 -7.65
C GLN H 276 -32.38 -32.96 -6.89
N ILE H 277 -31.19 -32.38 -6.80
CA ILE H 277 -30.06 -33.03 -6.16
C ILE H 277 -30.37 -33.29 -4.69
N GLN H 278 -30.30 -34.55 -4.27
CA GLN H 278 -30.33 -34.84 -2.84
C GLN H 278 -28.98 -34.56 -2.21
N PHE H 279 -27.90 -34.99 -2.86
CA PHE H 279 -26.56 -34.54 -2.47
C PHE H 279 -25.61 -34.77 -3.62
N MET H 280 -24.40 -34.22 -3.47
CA MET H 280 -23.41 -34.29 -4.54
C MET H 280 -22.01 -34.26 -3.95
N LYS H 281 -21.09 -34.90 -4.65
CA LYS H 281 -19.69 -34.93 -4.28
C LYS H 281 -18.88 -34.44 -5.47
N LYS H 282 -17.91 -33.55 -5.19
CA LYS H 282 -17.04 -33.02 -6.23
C LYS H 282 -15.75 -33.82 -6.20
N LEU H 283 -15.75 -34.94 -6.91
CA LEU H 283 -14.59 -35.83 -6.93
C LEU H 283 -13.39 -35.12 -7.53
N ASP H 284 -12.21 -35.42 -7.01
CA ASP H 284 -10.96 -34.84 -7.49
C ASP H 284 -10.21 -35.78 -8.42
N TYR H 285 -10.79 -36.94 -8.72
CA TYR H 285 -10.19 -37.89 -9.64
C TYR H 285 -11.12 -38.09 -10.83
N SER H 286 -10.77 -39.05 -11.69
CA SER H 286 -11.55 -39.32 -12.89
C SER H 286 -12.25 -40.66 -12.74
N PRO H 287 -13.56 -40.69 -12.46
CA PRO H 287 -14.23 -41.97 -12.25
C PRO H 287 -14.40 -42.72 -13.55
N SER H 288 -14.57 -44.04 -13.42
CA SER H 288 -14.76 -44.91 -14.57
C SER H 288 -15.97 -45.80 -14.39
N CYS H 289 -16.27 -46.14 -13.14
CA CYS H 289 -17.37 -47.04 -12.83
C CYS H 289 -17.77 -46.85 -11.38
N PHE H 290 -19.04 -47.14 -11.10
CA PHE H 290 -19.55 -47.06 -9.73
C PHE H 290 -20.73 -47.99 -9.59
N LEU H 291 -21.01 -48.37 -8.34
CA LEU H 291 -22.08 -49.31 -8.05
C LEU H 291 -22.60 -49.12 -6.64
N PRO H 292 -23.73 -48.45 -6.44
CA PRO H 292 -24.31 -48.40 -5.10
C PRO H 292 -24.86 -49.76 -4.71
N TYR H 293 -24.13 -50.48 -3.87
CA TYR H 293 -24.51 -51.81 -3.43
C TYR H 293 -25.30 -51.73 -2.13
N CYS H 294 -25.46 -52.87 -1.47
CA CYS H 294 -26.29 -52.94 -0.27
C CYS H 294 -25.84 -51.94 0.79
N SER H 295 -26.81 -51.32 1.44
CA SER H 295 -26.60 -50.28 2.43
C SER H 295 -26.59 -50.84 3.84
N VAL H 296 -26.23 -49.99 4.79
CA VAL H 296 -26.05 -50.42 6.18
C VAL H 296 -26.94 -49.62 7.10
N SER H 297 -26.78 -48.30 7.12
CA SER H 297 -27.49 -47.45 8.07
C SER H 297 -28.93 -47.25 7.61
N GLU H 298 -29.66 -46.37 8.31
CA GLU H 298 -31.06 -46.09 7.99
C GLU H 298 -31.11 -44.93 7.02
N GLY H 299 -31.58 -45.18 5.80
CA GLY H 299 -31.72 -44.18 4.78
C GLY H 299 -30.53 -44.03 3.87
N THR H 300 -29.31 -44.21 4.39
CA THR H 300 -28.11 -44.02 3.60
C THR H 300 -27.93 -45.18 2.62
N ILE H 301 -26.98 -45.02 1.70
CA ILE H 301 -26.67 -46.04 0.70
C ILE H 301 -25.16 -46.07 0.51
N ASN H 302 -24.54 -47.20 0.85
CA ASN H 302 -23.12 -47.40 0.54
C ASN H 302 -22.92 -47.48 -0.97
N THR H 303 -21.83 -46.88 -1.44
CA THR H 303 -21.51 -46.91 -2.86
C THR H 303 -20.01 -47.07 -3.02
N LEU H 304 -19.59 -47.61 -4.16
CA LEU H 304 -18.16 -47.75 -4.42
C LEU H 304 -17.85 -47.35 -5.84
N ILE H 305 -16.86 -46.48 -6.00
CA ILE H 305 -16.49 -45.84 -7.26
C ILE H 305 -15.05 -46.19 -7.60
N GLY H 306 -14.77 -46.32 -8.89
CA GLY H 306 -13.45 -46.70 -9.33
C GLY H 306 -12.71 -45.64 -10.13
N ASN H 307 -11.61 -45.16 -9.60
CA ASN H 307 -10.81 -44.14 -10.26
C ASN H 307 -10.24 -44.65 -11.58
N HIS H 308 -9.70 -43.72 -12.35
CA HIS H 308 -8.70 -44.04 -13.36
C HIS H 308 -7.30 -44.06 -12.79
N ASN H 309 -7.17 -43.81 -11.48
CA ASN H 309 -5.92 -43.91 -10.75
C ASN H 309 -5.77 -45.26 -10.05
N ASN H 310 -6.54 -46.26 -10.47
CA ASN H 310 -6.48 -47.61 -9.91
C ASN H 310 -6.80 -47.62 -8.42
N MET H 311 -8.01 -47.18 -8.08
CA MET H 311 -8.48 -47.22 -6.70
C MET H 311 -9.98 -47.41 -6.67
N LEU H 312 -10.45 -47.99 -5.58
CA LEU H 312 -11.86 -48.04 -5.23
C LEU H 312 -12.11 -47.20 -3.99
N HIS H 313 -13.21 -46.47 -4.00
CA HIS H 313 -13.62 -45.61 -2.90
C HIS H 313 -15.00 -46.06 -2.44
N ILE H 314 -15.22 -46.13 -1.13
CA ILE H 314 -16.44 -46.68 -0.56
C ILE H 314 -17.07 -45.58 0.29
N TYR H 315 -18.03 -44.87 -0.29
CA TYR H 315 -18.68 -43.75 0.38
C TYR H 315 -19.98 -44.18 1.05
N GLN H 316 -20.28 -43.53 2.17
CA GLN H 316 -21.63 -43.54 2.73
C GLN H 316 -22.34 -42.27 2.29
N ASP H 317 -22.58 -42.23 0.98
CA ASP H 317 -23.33 -41.25 0.21
C ASP H 317 -22.64 -39.91 0.00
N VAL H 318 -21.74 -39.51 0.89
CA VAL H 318 -20.81 -38.42 0.59
C VAL H 318 -19.45 -38.77 1.19
N THR H 319 -19.45 -39.58 2.23
CA THR H 319 -18.33 -39.67 3.15
C THR H 319 -17.56 -40.96 2.93
N LEU H 320 -16.27 -40.82 2.66
CA LEU H 320 -15.43 -41.97 2.38
C LEU H 320 -15.29 -42.84 3.62
N LYS H 321 -15.67 -44.11 3.50
CA LYS H 321 -15.56 -45.05 4.59
C LYS H 321 -14.38 -46.01 4.43
N TRP H 322 -13.85 -46.16 3.21
CA TRP H 322 -12.74 -47.05 2.94
C TRP H 322 -12.24 -46.78 1.53
N ALA H 323 -10.99 -47.17 1.28
CA ALA H 323 -10.39 -47.01 -0.02
C ALA H 323 -9.38 -48.13 -0.24
N THR H 324 -9.26 -48.57 -1.48
CA THR H 324 -8.42 -49.71 -1.81
C THR H 324 -7.69 -49.47 -3.12
N GLN H 325 -6.48 -50.04 -3.23
CA GLN H 325 -5.69 -49.96 -4.45
C GLN H 325 -6.03 -51.14 -5.35
N LEU H 326 -6.68 -50.88 -6.46
CA LEU H 326 -6.99 -51.94 -7.41
C LEU H 326 -5.80 -52.22 -8.31
N PRO H 327 -5.71 -53.43 -8.87
CA PRO H 327 -4.61 -53.73 -9.79
C PRO H 327 -4.73 -53.02 -11.11
N HIS H 328 -5.94 -53.00 -11.68
CA HIS H 328 -6.20 -52.44 -13.00
C HIS H 328 -7.24 -51.33 -12.89
N VAL H 329 -7.47 -50.65 -14.01
CA VAL H 329 -8.50 -49.61 -14.09
C VAL H 329 -9.86 -50.29 -14.15
N PRO H 330 -10.65 -50.24 -13.07
CA PRO H 330 -11.91 -50.99 -13.06
C PRO H 330 -12.90 -50.45 -14.06
N VAL H 331 -13.50 -51.34 -14.84
CA VAL H 331 -14.63 -51.04 -15.69
C VAL H 331 -15.78 -51.95 -15.28
N ALA H 332 -16.90 -51.35 -14.90
CA ALA H 332 -18.11 -52.09 -14.55
C ALA H 332 -17.85 -53.08 -13.41
N VAL H 333 -17.54 -52.51 -12.24
CA VAL H 333 -17.42 -53.34 -11.04
C VAL H 333 -18.79 -53.87 -10.65
N ARG H 334 -18.77 -55.00 -9.93
CA ARG H 334 -19.98 -55.59 -9.38
C ARG H 334 -19.65 -56.15 -8.00
N VAL H 335 -20.68 -56.39 -7.20
CA VAL H 335 -20.51 -57.00 -5.89
C VAL H 335 -21.49 -58.16 -5.78
N GLY H 336 -20.98 -59.34 -5.45
CA GLY H 336 -21.84 -60.50 -5.40
C GLY H 336 -21.30 -61.60 -4.51
N CYS H 337 -22.19 -62.51 -4.12
CA CYS H 337 -21.84 -63.66 -3.31
C CYS H 337 -21.32 -64.76 -4.23
N LEU H 338 -20.02 -65.02 -4.16
CA LEU H 338 -19.37 -66.02 -5.01
C LEU H 338 -18.81 -67.12 -4.12
N HIS H 339 -19.45 -68.29 -4.15
CA HIS H 339 -19.00 -69.48 -3.45
C HIS H 339 -18.89 -69.23 -1.94
N ASP H 340 -20.05 -69.00 -1.35
CA ASP H 340 -20.26 -68.92 0.10
C ASP H 340 -19.61 -67.71 0.74
N LEU H 341 -19.12 -66.75 -0.04
CA LEU H 341 -18.51 -65.53 0.48
C LEU H 341 -19.29 -64.33 -0.05
N LYS H 342 -20.12 -63.75 0.79
CA LYS H 342 -20.97 -62.64 0.37
C LYS H 342 -20.15 -61.37 0.18
N GLY H 343 -20.56 -60.57 -0.80
CA GLY H 343 -19.94 -59.27 -1.02
C GLY H 343 -18.53 -59.29 -1.58
N VAL H 344 -18.24 -60.21 -2.49
CA VAL H 344 -16.97 -60.22 -3.19
C VAL H 344 -17.05 -59.24 -4.35
N ILE H 345 -16.01 -58.45 -4.54
CA ILE H 345 -16.00 -57.39 -5.56
C ILE H 345 -15.36 -57.95 -6.82
N VAL H 346 -16.11 -57.93 -7.92
CA VAL H 346 -15.67 -58.47 -9.19
C VAL H 346 -15.43 -57.31 -10.15
N THR H 347 -14.18 -57.12 -10.56
CA THR H 347 -13.80 -56.06 -11.48
C THR H 347 -13.33 -56.65 -12.80
N LEU H 348 -13.51 -55.87 -13.86
CA LEU H 348 -13.16 -56.30 -15.22
C LEU H 348 -12.58 -55.10 -15.94
N SER H 349 -11.30 -55.17 -16.29
CA SER H 349 -10.69 -54.09 -17.06
C SER H 349 -11.19 -54.13 -18.50
N ASP H 350 -10.81 -53.13 -19.29
CA ASP H 350 -11.18 -53.10 -20.70
C ASP H 350 -10.13 -53.75 -21.59
N ASP H 351 -8.95 -54.05 -21.04
CA ASP H 351 -7.94 -54.77 -21.81
C ASP H 351 -8.20 -56.27 -21.80
N GLY H 352 -8.76 -56.79 -20.71
CA GLY H 352 -9.02 -58.22 -20.64
C GLY H 352 -8.84 -58.84 -19.27
N HIS H 353 -8.33 -58.07 -18.30
CA HIS H 353 -8.16 -58.63 -16.97
C HIS H 353 -9.51 -58.81 -16.31
N LEU H 354 -9.54 -59.64 -15.26
CA LEU H 354 -10.72 -59.82 -14.44
C LEU H 354 -10.28 -60.35 -13.10
N GLN H 355 -10.96 -59.90 -12.05
CA GLN H 355 -10.50 -60.25 -10.71
C GLN H 355 -11.62 -60.10 -9.71
N CYS H 356 -11.92 -61.19 -9.01
CA CYS H 356 -12.69 -61.13 -7.78
C CYS H 356 -11.75 -60.84 -6.63
N SER H 357 -12.23 -60.08 -5.65
CA SER H 357 -11.34 -59.61 -4.61
C SER H 357 -12.12 -59.33 -3.35
N TYR H 358 -11.38 -59.27 -2.26
CA TYR H 358 -11.90 -58.88 -0.95
C TYR H 358 -10.94 -57.86 -0.35
N LEU H 359 -11.49 -56.94 0.44
CA LEU H 359 -10.67 -55.87 0.98
C LEU H 359 -9.58 -56.42 1.89
N GLY H 360 -8.45 -55.71 1.93
CA GLY H 360 -7.36 -56.06 2.81
C GLY H 360 -7.36 -55.17 4.04
N THR H 361 -7.50 -55.82 5.17
CA THR H 361 -7.72 -55.14 6.45
C THR H 361 -6.65 -55.61 7.42
N ASP H 362 -5.38 -55.60 7.01
CA ASP H 362 -4.28 -56.11 7.85
C ASP H 362 -3.18 -55.10 7.98
N PRO H 363 -3.16 -54.33 9.05
CA PRO H 363 -2.18 -53.28 9.16
C PRO H 363 -0.85 -53.97 9.40
N SER H 364 0.11 -53.76 8.53
CA SER H 364 1.34 -54.57 8.68
C SER H 364 2.49 -53.73 9.18
N LEU H 365 3.21 -54.24 10.16
CA LEU H 365 4.25 -53.46 10.84
C LEU H 365 5.21 -52.95 9.80
N PHE H 366 5.60 -51.69 9.97
CA PHE H 366 6.64 -51.12 9.08
C PHE H 366 7.93 -51.41 9.81
N GLN H 367 8.70 -52.33 9.26
CA GLN H 367 9.92 -52.76 9.97
C GLN H 367 10.80 -53.41 8.92
N ALA H 368 12.12 -53.24 9.09
CA ALA H 368 13.06 -53.84 8.16
C ALA H 368 13.05 -55.37 8.31
N PRO H 369 13.08 -56.10 7.20
CA PRO H 369 13.06 -57.57 7.28
C PRO H 369 14.28 -58.09 8.01
N LYS H 370 14.04 -58.80 9.11
CA LYS H 370 15.12 -59.38 9.90
C LYS H 370 15.71 -60.58 9.16
N VAL H 371 16.35 -60.32 8.03
CA VAL H 371 16.92 -61.38 7.19
C VAL H 371 18.36 -61.64 7.64
N GLU H 372 18.65 -62.90 7.96
CA GLU H 372 19.99 -63.28 8.39
C GLU H 372 20.81 -63.93 7.28
N SER H 373 20.15 -64.59 6.33
CA SER H 373 20.88 -65.20 5.22
C SER H 373 21.57 -64.15 4.36
N ARG H 374 20.85 -63.09 4.01
CA ARG H 374 21.39 -62.04 3.17
C ARG H 374 22.27 -61.12 3.99
N GLU H 375 23.57 -61.21 3.80
CA GLU H 375 24.56 -60.38 4.49
C GLU H 375 25.18 -59.40 3.50
N LEU H 376 25.73 -58.32 4.05
CA LEU H 376 26.42 -57.33 3.24
C LEU H 376 27.80 -57.86 2.87
N ASN H 377 28.06 -58.02 1.57
CA ASN H 377 29.34 -58.54 1.10
C ASN H 377 30.43 -57.49 1.30
N TYR H 378 31.16 -57.58 2.42
CA TYR H 378 32.11 -56.54 2.77
C TYR H 378 33.35 -56.53 1.86
N ASP H 379 33.66 -57.65 1.20
CA ASP H 379 34.91 -57.73 0.44
C ASP H 379 34.85 -56.88 -0.83
N GLU H 380 33.91 -57.19 -1.72
CA GLU H 380 33.80 -56.43 -2.96
C GLU H 380 33.43 -54.98 -2.70
N LEU H 381 32.52 -54.75 -1.76
CA LEU H 381 32.12 -53.39 -1.42
C LEU H 381 33.29 -52.60 -0.86
N ASP H 382 34.10 -53.22 0.00
CA ASP H 382 35.27 -52.52 0.53
C ASP H 382 36.31 -52.29 -0.55
N MET H 383 36.42 -53.20 -1.52
CA MET H 383 37.31 -52.96 -2.65
C MET H 383 36.90 -51.71 -3.42
N GLU H 384 35.61 -51.61 -3.77
CA GLU H 384 35.13 -50.45 -4.50
C GLU H 384 35.27 -49.18 -3.67
N LEU H 385 35.01 -49.26 -2.37
CA LEU H 385 35.12 -48.08 -1.53
C LEU H 385 36.57 -47.64 -1.37
N LYS H 386 37.51 -48.60 -1.29
CA LYS H 386 38.92 -48.25 -1.26
C LYS H 386 39.34 -47.57 -2.55
N GLU H 387 38.84 -48.07 -3.69
CA GLU H 387 39.15 -47.42 -4.97
C GLU H 387 38.65 -45.98 -5.00
N LEU H 388 37.37 -45.78 -4.65
CA LEU H 388 36.80 -44.44 -4.72
C LEU H 388 37.46 -43.49 -3.72
N GLN H 389 37.69 -43.96 -2.48
CA GLN H 389 38.35 -43.14 -1.49
C GLN H 389 39.80 -42.84 -1.88
N LYS H 390 40.46 -43.77 -2.57
CA LYS H 390 41.79 -43.50 -3.09
C LYS H 390 41.75 -42.37 -4.11
N VAL H 391 40.79 -42.41 -5.03
CA VAL H 391 40.65 -41.32 -6.00
C VAL H 391 40.43 -40.00 -5.27
N ILE H 392 39.51 -39.99 -4.30
CA ILE H 392 39.19 -38.78 -3.56
C ILE H 392 40.44 -38.21 -2.88
N LYS H 393 41.07 -39.01 -2.01
CA LYS H 393 42.23 -38.52 -1.27
C LYS H 393 43.44 -38.29 -2.16
N ASN H 394 43.43 -38.79 -3.39
CA ASN H 394 44.52 -38.51 -4.32
C ASN H 394 44.35 -37.16 -4.99
N VAL H 395 43.13 -36.84 -5.43
CA VAL H 395 42.93 -35.59 -6.17
C VAL H 395 43.10 -34.36 -5.27
N ASN H 396 43.17 -34.55 -3.95
CA ASN H 396 43.26 -33.45 -3.01
C ASN H 396 44.69 -33.10 -2.62
N LYS H 397 45.65 -33.35 -3.52
CA LYS H 397 47.04 -32.99 -3.25
C LYS H 397 47.77 -32.60 -4.53
N ASP H 410 45.27 -34.92 -26.60
CA ASP H 410 43.96 -35.41 -26.99
C ASP H 410 43.41 -34.64 -28.19
N LEU H 411 43.86 -33.40 -28.35
CA LEU H 411 43.51 -32.62 -29.53
C LEU H 411 44.53 -31.50 -29.67
N LYS H 412 44.98 -31.27 -30.90
CA LYS H 412 45.93 -30.21 -31.21
C LYS H 412 45.26 -29.20 -32.14
N VAL H 413 45.38 -27.93 -31.80
CA VAL H 413 44.82 -26.84 -32.59
C VAL H 413 45.97 -26.03 -33.17
N SER H 414 45.79 -25.55 -34.39
CA SER H 414 46.79 -24.69 -35.03
C SER H 414 46.08 -23.69 -35.91
N ALA H 415 46.60 -22.47 -35.94
CA ALA H 415 46.06 -21.41 -36.78
C ALA H 415 47.13 -20.93 -37.75
N MET H 416 46.72 -20.61 -38.97
CA MET H 416 47.65 -20.10 -39.98
C MET H 416 46.99 -18.94 -40.69
N VAL H 417 47.69 -17.80 -40.73
CA VAL H 417 47.18 -16.58 -41.31
C VAL H 417 47.82 -16.38 -42.67
N SER H 418 46.99 -16.09 -43.68
CA SER H 418 47.50 -15.95 -45.04
C SER H 418 48.25 -14.63 -45.19
N PRO H 419 49.21 -14.58 -46.12
CA PRO H 419 49.95 -13.32 -46.34
C PRO H 419 49.23 -12.36 -47.27
N ASN H 420 47.94 -12.62 -47.51
CA ASN H 420 47.12 -11.80 -48.41
C ASN H 420 47.74 -11.71 -49.81
N SER H 439 41.28 -7.57 -45.19
CA SER H 439 40.47 -8.77 -45.08
C SER H 439 41.32 -10.01 -45.27
N VAL H 440 42.00 -10.43 -44.22
CA VAL H 440 42.93 -11.56 -44.29
C VAL H 440 42.19 -12.85 -43.94
N THR H 441 42.47 -13.91 -44.68
CA THR H 441 41.81 -15.20 -44.50
C THR H 441 42.66 -16.08 -43.59
N VAL H 442 42.11 -16.43 -42.43
CA VAL H 442 42.76 -17.31 -41.46
C VAL H 442 42.19 -18.71 -41.63
N LYS H 443 43.04 -19.72 -41.48
CA LYS H 443 42.63 -21.11 -41.56
C LYS H 443 43.11 -21.85 -40.33
N VAL H 444 42.19 -22.53 -39.65
CA VAL H 444 42.46 -23.21 -38.40
C VAL H 444 42.29 -24.71 -38.62
N THR H 445 43.34 -25.47 -38.33
CA THR H 445 43.33 -26.92 -38.46
C THR H 445 43.45 -27.55 -37.09
N LEU H 446 42.55 -28.48 -36.79
CA LEU H 446 42.56 -29.20 -35.54
C LEU H 446 42.56 -30.71 -35.81
N LYS H 447 43.39 -31.42 -35.05
CA LYS H 447 43.60 -32.85 -35.26
C LYS H 447 43.59 -33.57 -33.92
N ASN H 448 42.84 -34.66 -33.84
CA ASN H 448 42.64 -35.37 -32.58
C ASN H 448 43.46 -36.64 -32.52
N ARG H 449 43.77 -37.06 -31.29
CA ARG H 449 44.42 -38.34 -31.05
C ARG H 449 43.38 -39.41 -30.71
N VAL H 450 42.55 -39.14 -29.71
CA VAL H 450 41.44 -40.01 -29.36
C VAL H 450 40.18 -39.52 -30.06
N ALA H 451 39.22 -40.43 -30.26
CA ALA H 451 37.95 -40.05 -30.87
C ALA H 451 37.20 -39.10 -29.95
N LEU H 452 36.79 -37.96 -30.49
CA LEU H 452 36.18 -36.88 -29.72
C LEU H 452 34.80 -36.56 -30.27
N GLN H 453 34.01 -35.89 -29.42
CA GLN H 453 32.61 -35.62 -29.73
C GLN H 453 32.23 -34.24 -29.23
N LYS H 454 31.20 -33.68 -29.85
CA LYS H 454 30.65 -32.37 -29.47
C LYS H 454 31.74 -31.29 -29.48
N ILE H 455 32.39 -31.15 -30.63
CA ILE H 455 33.45 -30.17 -30.79
C ILE H 455 32.84 -28.86 -31.25
N LYS H 456 33.20 -27.77 -30.58
CA LYS H 456 32.79 -26.43 -30.99
C LYS H 456 34.01 -25.55 -31.06
N LEU H 457 34.21 -24.89 -32.19
CA LEU H 457 35.36 -24.02 -32.43
C LEU H 457 34.86 -22.61 -32.64
N SER H 458 35.31 -21.68 -31.80
CA SER H 458 34.95 -20.28 -31.94
C SER H 458 36.23 -19.44 -32.01
N ILE H 459 36.09 -18.25 -32.58
CA ILE H 459 37.21 -17.33 -32.78
C ILE H 459 36.84 -15.98 -32.21
N TYR H 460 37.76 -15.38 -31.45
CA TYR H 460 37.56 -14.09 -30.82
C TYR H 460 38.77 -13.22 -31.12
N VAL H 461 38.57 -12.14 -31.87
CA VAL H 461 39.72 -11.33 -32.23
C VAL H 461 39.83 -10.08 -31.36
N GLN H 462 38.88 -9.15 -31.47
CA GLN H 462 38.82 -7.87 -30.78
C GLN H 462 37.49 -7.19 -31.13
N PRO H 463 37.10 -6.12 -30.44
CA PRO H 463 35.87 -5.42 -30.80
C PRO H 463 35.90 -4.87 -32.22
N PRO H 464 36.92 -4.08 -32.61
CA PRO H 464 36.85 -3.43 -33.95
C PRO H 464 36.92 -4.44 -35.08
N LEU H 465 37.84 -5.40 -34.99
CA LEU H 465 37.96 -6.43 -36.02
C LEU H 465 36.71 -7.30 -36.03
N VAL H 466 36.26 -7.65 -37.23
CA VAL H 466 35.04 -8.42 -37.43
C VAL H 466 35.38 -9.65 -38.25
N LEU H 467 34.79 -10.78 -37.88
CA LEU H 467 34.99 -12.06 -38.53
C LEU H 467 33.80 -12.36 -39.45
N THR H 468 34.07 -12.99 -40.59
CA THR H 468 33.00 -13.48 -41.45
C THR H 468 32.42 -14.79 -40.96
N GLY H 469 33.07 -15.46 -40.01
CA GLY H 469 32.55 -16.68 -39.43
C GLY H 469 33.03 -16.84 -38.01
N ASP H 470 32.11 -17.12 -37.08
CA ASP H 470 32.43 -17.16 -35.66
C ASP H 470 32.50 -18.57 -35.11
N GLN H 471 31.44 -19.34 -35.26
CA GLN H 471 31.32 -20.65 -34.63
C GLN H 471 31.26 -21.75 -35.68
N PHE H 472 31.90 -22.88 -35.38
CA PHE H 472 31.89 -24.05 -36.24
C PHE H 472 31.70 -25.28 -35.37
N THR H 473 30.72 -26.11 -35.71
CA THR H 473 30.35 -27.27 -34.91
C THR H 473 30.74 -28.55 -35.63
N PHE H 474 31.55 -29.38 -34.96
CA PHE H 474 31.89 -30.72 -35.41
C PHE H 474 31.25 -31.73 -34.49
N GLU H 475 30.70 -32.79 -35.07
CA GLU H 475 30.20 -33.92 -34.31
C GLU H 475 31.32 -34.93 -34.16
N PHE H 476 30.98 -36.17 -33.76
CA PHE H 476 31.98 -37.20 -33.51
C PHE H 476 32.97 -37.32 -34.66
N MET H 477 34.22 -37.66 -34.32
CA MET H 477 35.28 -37.81 -35.30
C MET H 477 36.12 -39.02 -34.93
N ALA H 478 36.42 -39.86 -35.93
CA ALA H 478 37.27 -41.01 -35.69
C ALA H 478 38.71 -40.55 -35.40
N PRO H 479 39.47 -41.33 -34.64
CA PRO H 479 40.83 -40.91 -34.27
C PRO H 479 41.69 -40.66 -35.50
N GLU H 480 42.64 -39.74 -35.35
CA GLU H 480 43.56 -39.35 -36.40
C GLU H 480 42.80 -38.86 -37.64
N MET H 481 41.93 -37.88 -37.44
CA MET H 481 41.20 -37.23 -38.52
C MET H 481 41.37 -35.72 -38.37
N THR H 482 41.78 -35.06 -39.44
CA THR H 482 42.04 -33.63 -39.44
C THR H 482 40.80 -32.87 -39.89
N ARG H 483 40.61 -31.68 -39.32
CA ARG H 483 39.51 -30.81 -39.73
C ARG H 483 40.05 -29.39 -39.91
N THR H 484 39.74 -28.80 -41.06
CA THR H 484 40.15 -27.44 -41.37
C THR H 484 38.93 -26.54 -41.50
N VAL H 485 39.02 -25.35 -40.92
CA VAL H 485 38.01 -24.32 -41.09
C VAL H 485 38.71 -23.07 -41.61
N GLY H 486 37.95 -22.24 -42.31
CA GLY H 486 38.50 -21.02 -42.87
C GLY H 486 37.57 -19.85 -42.74
N PHE H 487 38.05 -18.76 -42.16
CA PHE H 487 37.26 -17.56 -42.01
C PHE H 487 38.09 -16.36 -42.44
N SER H 488 37.45 -15.19 -42.46
CA SER H 488 38.10 -13.98 -42.91
C SER H 488 37.89 -12.89 -41.87
N VAL H 489 38.95 -12.15 -41.56
CA VAL H 489 38.94 -11.10 -40.56
C VAL H 489 39.23 -9.77 -41.24
N TYR H 490 38.46 -8.75 -40.88
CA TYR H 490 38.62 -7.44 -41.51
C TYR H 490 38.24 -6.36 -40.51
N LEU H 491 38.84 -5.18 -40.67
CA LEU H 491 38.54 -4.08 -39.76
C LEU H 491 37.19 -3.47 -40.10
N LYS H 492 36.40 -3.19 -39.07
CA LYS H 492 35.10 -2.54 -39.23
C LYS H 492 34.96 -1.50 -38.12
N GLY H 493 35.14 -0.24 -38.48
CA GLY H 493 35.09 0.85 -37.53
C GLY H 493 36.10 1.90 -37.90
N SER H 494 36.45 2.73 -36.91
CA SER H 494 37.39 3.82 -37.12
C SER H 494 38.64 3.70 -36.25
N TYR H 495 38.47 3.43 -34.96
CA TYR H 495 39.61 3.30 -34.07
C TYR H 495 40.31 1.96 -34.29
N SER H 496 41.61 1.97 -34.10
CA SER H 496 42.36 0.74 -34.30
C SER H 496 42.27 -0.16 -33.08
N PRO H 497 42.23 -1.48 -33.30
CA PRO H 497 42.05 -2.41 -32.18
C PRO H 497 43.19 -2.33 -31.19
N PRO H 498 42.97 -2.73 -29.94
CA PRO H 498 44.06 -2.71 -28.96
C PRO H 498 45.22 -3.62 -29.32
N GLU H 499 44.94 -4.77 -29.92
CA GLU H 499 46.00 -5.64 -30.39
C GLU H 499 45.46 -6.50 -31.53
N LEU H 500 46.36 -6.87 -32.44
CA LEU H 500 45.96 -7.64 -33.62
C LEU H 500 45.82 -9.12 -33.35
N GLU H 501 46.35 -9.60 -32.23
CA GLU H 501 46.28 -11.03 -31.91
C GLU H 501 44.82 -11.47 -31.73
N GLY H 502 44.56 -12.71 -32.10
CA GLY H 502 43.23 -13.29 -31.92
C GLY H 502 43.35 -14.69 -31.37
N ASN H 503 42.26 -15.14 -30.75
CA ASN H 503 42.20 -16.45 -30.11
C ASN H 503 41.19 -17.35 -30.82
N ALA H 504 41.39 -18.65 -30.70
CA ALA H 504 40.47 -19.64 -31.25
C ALA H 504 40.42 -20.81 -30.30
N VAL H 505 39.21 -21.13 -29.82
CA VAL H 505 39.02 -22.07 -28.73
C VAL H 505 38.10 -23.19 -29.20
N VAL H 506 38.50 -24.42 -28.91
CA VAL H 506 37.69 -25.62 -29.15
C VAL H 506 37.28 -26.20 -27.82
N SER H 507 36.00 -26.51 -27.69
CA SER H 507 35.44 -27.22 -26.54
C SER H 507 34.90 -28.54 -27.05
N TYR H 508 35.44 -29.64 -26.52
CA TYR H 508 35.02 -30.96 -26.96
C TYR H 508 34.72 -31.86 -25.77
N SER H 509 34.46 -33.14 -26.02
CA SER H 509 34.08 -34.07 -24.97
C SER H 509 34.76 -35.41 -25.18
N ARG H 510 35.20 -36.01 -24.08
CA ARG H 510 35.75 -37.37 -24.09
C ARG H 510 34.73 -38.33 -23.50
N PRO H 511 34.10 -39.20 -24.29
CA PRO H 511 33.22 -40.21 -23.71
C PRO H 511 34.00 -41.21 -22.89
N THR H 512 33.46 -41.57 -21.73
CA THR H 512 34.18 -42.38 -20.75
C THR H 512 33.22 -43.41 -20.16
N GLU H 513 33.63 -44.04 -19.08
CA GLU H 513 32.88 -45.11 -18.45
C GLU H 513 31.87 -44.62 -17.42
N ARG H 514 32.24 -43.64 -16.58
CA ARG H 514 31.29 -43.10 -15.62
C ARG H 514 30.30 -42.16 -16.31
N ASN H 515 30.81 -41.21 -17.08
CA ASN H 515 29.97 -40.30 -17.85
C ASN H 515 30.16 -40.58 -19.34
N PRO H 516 29.43 -41.54 -19.92
CA PRO H 516 29.52 -41.77 -21.37
C PRO H 516 29.12 -40.55 -22.18
N ASP H 517 28.40 -39.59 -21.59
CA ASP H 517 28.09 -38.35 -22.30
C ASP H 517 29.34 -37.53 -22.57
N GLY H 518 30.43 -37.78 -21.87
CA GLY H 518 31.70 -37.16 -22.18
C GLY H 518 32.11 -36.05 -21.23
N ILE H 519 33.30 -36.19 -20.65
CA ILE H 519 33.87 -35.09 -19.86
C ILE H 519 34.24 -33.95 -20.80
N PRO H 520 33.88 -32.71 -20.48
CA PRO H 520 34.19 -31.60 -21.38
C PRO H 520 35.58 -31.03 -21.15
N ARG H 521 36.29 -30.82 -22.25
CA ARG H 521 37.62 -30.22 -22.22
C ARG H 521 37.65 -29.04 -23.17
N VAL H 522 38.64 -28.16 -22.97
CA VAL H 522 38.77 -26.92 -23.73
C VAL H 522 40.23 -26.67 -24.02
N SER H 523 40.55 -26.37 -25.28
CA SER H 523 41.92 -26.07 -25.68
C SER H 523 41.90 -24.95 -26.71
N GLN H 524 42.92 -24.10 -26.68
CA GLN H 524 42.91 -22.88 -27.47
C GLN H 524 44.24 -22.68 -28.17
N CYS H 525 44.21 -21.85 -29.20
CA CYS H 525 45.41 -21.42 -29.91
C CYS H 525 45.22 -19.99 -30.38
N LYS H 526 46.28 -19.21 -30.36
CA LYS H 526 46.21 -17.79 -30.66
C LYS H 526 47.05 -17.48 -31.90
N PHE H 527 46.45 -16.79 -32.86
CA PHE H 527 47.13 -16.35 -34.07
C PHE H 527 47.44 -14.86 -33.99
N ARG H 528 48.35 -14.42 -34.85
CA ARG H 528 48.86 -13.06 -34.86
C ARG H 528 48.57 -12.44 -36.22
N LEU H 529 47.76 -11.39 -36.23
CA LEU H 529 47.37 -10.75 -37.47
C LEU H 529 48.39 -9.69 -37.88
N PRO H 530 48.47 -9.37 -39.17
CA PRO H 530 49.47 -8.43 -39.65
C PRO H 530 48.97 -6.99 -39.71
N LEU H 531 49.93 -6.06 -39.70
CA LEU H 531 49.60 -4.64 -39.78
C LEU H 531 48.90 -4.30 -41.09
N LYS H 532 49.14 -5.09 -42.15
CA LYS H 532 48.54 -4.83 -43.44
C LYS H 532 47.01 -4.95 -43.42
N LEU H 533 46.42 -5.28 -42.27
CA LEU H 533 44.99 -5.38 -42.14
C LEU H 533 44.36 -4.12 -41.56
N VAL H 534 45.14 -3.33 -40.82
CA VAL H 534 44.63 -2.16 -40.13
C VAL H 534 45.35 -0.87 -40.52
N CYS H 535 46.49 -0.95 -41.20
CA CYS H 535 47.32 0.21 -41.44
C CYS H 535 47.62 0.33 -42.93
N LEU H 536 48.17 1.48 -43.31
CA LEU H 536 48.61 1.77 -44.66
C LEU H 536 49.79 2.73 -44.57
N PRO H 537 50.66 2.75 -45.59
CA PRO H 537 51.74 3.75 -45.59
C PRO H 537 51.20 5.12 -45.95
N GLY H 538 51.51 6.11 -45.11
CA GLY H 538 50.99 7.45 -45.29
C GLY H 538 52.08 8.48 -45.15
N GLN H 539 51.68 9.74 -45.28
CA GLN H 539 52.63 10.83 -45.23
C GLN H 539 53.05 11.09 -43.78
N PRO H 540 54.33 11.35 -43.53
CA PRO H 540 54.77 11.69 -42.18
C PRO H 540 54.74 13.19 -41.93
N SER H 541 54.62 13.54 -40.64
CA SER H 541 54.66 14.93 -40.21
C SER H 541 55.91 15.17 -39.38
N LYS H 542 56.32 16.44 -39.34
CA LYS H 542 57.55 16.79 -38.63
C LYS H 542 57.34 16.81 -37.12
N THR H 543 56.24 17.39 -36.66
CA THR H 543 55.95 17.51 -35.24
C THR H 543 54.55 16.98 -34.95
N ALA H 544 54.41 16.35 -33.79
CA ALA H 544 53.13 15.87 -33.32
C ALA H 544 53.01 16.20 -31.84
N SER H 545 51.83 15.94 -31.27
CA SER H 545 51.56 16.39 -29.91
C SER H 545 52.52 15.76 -28.91
N HIS H 546 52.81 14.46 -29.06
CA HIS H 546 53.72 13.82 -28.12
C HIS H 546 54.38 12.61 -28.77
N LYS H 547 55.51 12.22 -28.17
CA LYS H 547 56.39 11.21 -28.73
C LYS H 547 57.13 10.51 -27.60
N LEU H 548 57.62 9.31 -27.90
CA LEU H 548 58.46 8.56 -26.98
C LEU H 548 59.62 7.95 -27.75
N THR H 549 60.57 7.38 -27.01
CA THR H 549 61.80 6.87 -27.58
C THR H 549 62.05 5.43 -27.12
N ILE H 550 62.83 4.71 -27.91
CA ILE H 550 63.28 3.36 -27.59
C ILE H 550 64.72 3.24 -28.05
N ASP H 551 65.66 3.15 -27.11
CA ASP H 551 67.08 3.20 -27.42
C ASP H 551 67.66 1.80 -27.33
N THR H 552 67.90 1.18 -28.48
CA THR H 552 68.54 -0.13 -28.53
C THR H 552 70.05 0.01 -28.47
N ASN H 553 70.72 -1.09 -28.11
CA ASN H 553 72.18 -1.12 -28.08
C ASN H 553 72.75 -1.64 -29.39
N LYS H 554 72.30 -1.08 -30.51
CA LYS H 554 72.73 -1.50 -31.84
C LYS H 554 72.65 -0.30 -32.78
N SER H 555 72.74 -0.58 -34.06
CA SER H 555 72.69 0.47 -35.07
C SER H 555 71.25 0.73 -35.50
N PRO H 556 70.92 1.95 -35.89
CA PRO H 556 69.58 2.24 -36.43
C PRO H 556 69.37 1.50 -37.74
N VAL H 557 68.39 0.62 -37.76
CA VAL H 557 68.13 -0.22 -38.92
C VAL H 557 67.18 0.50 -39.86
N SER H 558 67.35 0.26 -41.15
CA SER H 558 66.48 0.87 -42.16
C SER H 558 65.04 0.43 -41.94
N LEU H 559 64.13 1.39 -41.86
CA LEU H 559 62.72 1.08 -41.63
C LEU H 559 62.15 0.28 -42.79
N LEU H 560 62.78 0.34 -43.96
CA LEU H 560 62.39 -0.53 -45.07
C LEU H 560 62.69 -1.99 -44.76
N SER H 561 63.66 -2.27 -43.90
CA SER H 561 63.97 -3.64 -43.53
C SER H 561 63.10 -4.13 -42.38
N LEU H 562 62.73 -3.24 -41.46
CA LEU H 562 61.83 -3.61 -40.38
C LEU H 562 60.39 -3.71 -40.88
N PHE H 563 59.93 -2.69 -41.60
CA PHE H 563 58.57 -2.63 -42.12
C PHE H 563 58.61 -2.58 -43.65
N PRO H 564 58.89 -3.72 -44.30
CA PRO H 564 59.02 -3.71 -45.77
C PRO H 564 57.70 -3.50 -46.48
N GLY H 565 56.56 -3.80 -45.86
CA GLY H 565 55.29 -3.64 -46.53
C GLY H 565 54.94 -2.20 -46.81
N PHE H 566 55.59 -1.26 -46.12
CA PHE H 566 55.33 0.16 -46.28
C PHE H 566 56.54 0.80 -46.93
N ALA H 567 56.49 0.97 -48.25
CA ALA H 567 57.59 1.57 -48.98
C ALA H 567 57.65 3.08 -48.78
N VAL H 575 62.90 5.65 -47.05
CA VAL H 575 63.87 6.44 -46.29
C VAL H 575 63.89 5.87 -44.87
N ASN H 576 64.74 6.43 -44.01
CA ASN H 576 64.81 6.04 -42.61
C ASN H 576 63.84 6.84 -41.74
N VAL H 577 62.77 7.37 -42.33
CA VAL H 577 61.71 8.07 -41.61
C VAL H 577 60.41 7.63 -42.25
N MET H 578 59.61 6.86 -41.52
CA MET H 578 58.41 6.26 -42.08
C MET H 578 57.16 6.87 -41.44
N GLY H 579 56.06 6.82 -42.18
CA GLY H 579 54.78 7.30 -41.69
C GLY H 579 53.70 6.30 -41.96
N PHE H 580 52.76 6.19 -41.03
CA PHE H 580 51.68 5.22 -41.10
C PHE H 580 50.35 5.94 -40.90
N ARG H 581 49.32 5.44 -41.57
CA ARG H 581 47.96 5.89 -41.35
C ARG H 581 47.06 4.67 -41.21
N PHE H 582 46.41 4.54 -40.05
CA PHE H 582 45.49 3.44 -39.87
C PHE H 582 44.14 3.79 -40.50
N LEU H 583 43.38 2.75 -40.84
CA LEU H 583 42.04 2.98 -41.34
C LEU H 583 41.23 3.69 -40.27
N GLY H 584 40.95 4.96 -40.50
CA GLY H 584 40.34 5.81 -39.48
C GLY H 584 40.91 7.22 -39.53
N GLY H 585 41.98 7.40 -40.31
CA GLY H 585 42.54 8.71 -40.52
C GLY H 585 43.77 9.02 -39.69
N SER H 586 43.82 8.46 -38.48
CA SER H 586 44.91 8.76 -37.56
C SER H 586 46.25 8.33 -38.13
N GLN H 587 47.30 9.09 -37.81
CA GLN H 587 48.61 8.90 -38.39
C GLN H 587 49.69 8.86 -37.30
N VAL H 588 50.71 8.05 -37.55
CA VAL H 588 51.84 7.86 -36.64
C VAL H 588 53.13 8.05 -37.43
N THR H 589 54.16 8.58 -36.76
CA THR H 589 55.46 8.77 -37.40
C THR H 589 56.53 7.99 -36.64
N LEU H 590 57.37 7.29 -37.40
CA LEU H 590 58.47 6.48 -36.89
C LEU H 590 59.78 7.04 -37.42
N LEU H 591 60.63 7.50 -36.52
CA LEU H 591 61.89 8.15 -36.88
C LEU H 591 63.05 7.27 -36.40
N ALA H 592 63.87 6.80 -37.34
CA ALA H 592 65.11 6.16 -36.97
C ALA H 592 66.13 7.21 -36.53
N SER H 593 67.29 6.75 -36.10
CA SER H 593 68.34 7.65 -35.63
C SER H 593 69.46 7.74 -36.66
N LYS H 594 70.25 8.81 -36.54
CA LYS H 594 71.43 8.99 -37.37
C LYS H 594 72.71 9.03 -36.54
N THR H 595 72.73 9.80 -35.46
CA THR H 595 73.85 9.82 -34.53
C THR H 595 73.64 8.88 -33.36
N SER H 596 72.48 8.95 -32.73
CA SER H 596 72.16 8.09 -31.59
C SER H 596 71.72 6.71 -32.09
N GLN H 597 71.20 5.89 -31.19
CA GLN H 597 70.70 4.56 -31.51
C GLN H 597 69.24 4.37 -31.11
N ARG H 598 68.48 5.44 -30.99
CA ARG H 598 67.11 5.37 -30.50
C ARG H 598 66.11 5.65 -31.61
N TYR H 599 64.95 5.01 -31.51
CA TYR H 599 63.83 5.20 -32.42
C TYR H 599 62.75 6.01 -31.74
N ARG H 600 62.14 6.92 -32.50
CA ARG H 600 61.15 7.84 -31.95
C ARG H 600 59.79 7.56 -32.57
N ILE H 601 58.77 7.47 -31.72
CA ILE H 601 57.39 7.23 -32.13
C ILE H 601 56.61 8.48 -31.74
N GLN H 602 55.96 9.12 -32.71
CA GLN H 602 55.24 10.35 -32.42
C GLN H 602 53.85 10.35 -33.05
N SER H 603 52.91 10.99 -32.35
CA SER H 603 51.54 11.18 -32.81
C SER H 603 50.86 12.18 -31.89
N GLU H 604 49.60 12.47 -32.18
CA GLU H 604 48.77 13.27 -31.29
C GLU H 604 48.00 12.42 -30.28
N GLN H 605 47.77 11.15 -30.60
CA GLN H 605 46.96 10.26 -29.77
C GLN H 605 47.88 9.26 -29.09
N PHE H 606 47.80 9.19 -27.76
CA PHE H 606 48.60 8.21 -27.02
C PHE H 606 48.23 6.79 -27.40
N GLU H 607 46.98 6.58 -27.83
CA GLU H 607 46.56 5.26 -28.30
C GLU H 607 47.35 4.85 -29.54
N ASP H 608 47.53 5.80 -30.47
CA ASP H 608 48.17 5.49 -31.75
C ASP H 608 49.58 4.93 -31.57
N LEU H 609 50.28 5.35 -30.51
CA LEU H 609 51.67 4.93 -30.34
C LEU H 609 51.79 3.43 -30.11
N TRP H 610 50.75 2.80 -29.56
CA TRP H 610 50.88 1.45 -29.03
C TRP H 610 51.13 0.43 -30.14
N LEU H 611 50.31 0.44 -31.18
CA LEU H 611 50.43 -0.57 -32.22
C LEU H 611 51.78 -0.46 -32.93
N ILE H 612 52.16 0.75 -33.32
CA ILE H 612 53.41 0.92 -34.04
C ILE H 612 54.59 0.62 -33.13
N THR H 613 54.50 0.92 -31.84
CA THR H 613 55.61 0.61 -30.93
C THR H 613 55.76 -0.89 -30.76
N ASN H 614 54.65 -1.59 -30.54
CA ASN H 614 54.68 -3.05 -30.42
C ASN H 614 55.26 -3.68 -31.67
N GLU H 615 54.79 -3.24 -32.84
CA GLU H 615 55.28 -3.82 -34.08
C GLU H 615 56.75 -3.49 -34.31
N LEU H 616 57.18 -2.28 -33.96
CA LEU H 616 58.58 -1.94 -34.09
C LEU H 616 59.45 -2.85 -33.24
N ILE H 617 59.07 -3.05 -31.98
CA ILE H 617 59.87 -3.90 -31.11
C ILE H 617 59.88 -5.34 -31.60
N ILE H 618 58.72 -5.82 -32.06
CA ILE H 618 58.63 -7.22 -32.53
C ILE H 618 59.49 -7.42 -33.77
N ARG H 619 59.44 -6.48 -34.72
CA ARG H 619 60.23 -6.59 -35.92
C ARG H 619 61.71 -6.47 -35.63
N LEU H 620 62.09 -5.59 -34.69
CA LEU H 620 63.49 -5.52 -34.26
C LEU H 620 63.95 -6.86 -33.72
N GLN H 621 63.16 -7.45 -32.82
CA GLN H 621 63.52 -8.75 -32.26
C GLN H 621 63.68 -9.79 -33.36
N GLU H 622 62.71 -9.88 -34.26
CA GLU H 622 62.77 -10.88 -35.33
C GLU H 622 63.99 -10.68 -36.22
N TYR H 623 64.22 -9.45 -36.66
CA TYR H 623 65.35 -9.15 -37.53
C TYR H 623 66.67 -9.50 -36.85
N PHE H 624 66.91 -8.96 -35.65
CA PHE H 624 68.16 -9.24 -34.98
C PHE H 624 68.28 -10.71 -34.58
N GLU H 625 67.18 -11.47 -34.55
CA GLU H 625 67.29 -12.91 -34.40
C GLU H 625 67.75 -13.55 -35.70
N LYS H 626 67.26 -13.05 -36.84
CA LYS H 626 67.70 -13.58 -38.14
C LYS H 626 69.19 -13.36 -38.35
N GLN H 627 69.75 -12.27 -37.80
CA GLN H 627 71.18 -12.04 -37.87
C GLN H 627 71.96 -12.91 -36.90
N GLY H 628 71.28 -13.71 -36.08
CA GLY H 628 71.94 -14.63 -35.18
C GLY H 628 72.55 -14.03 -33.94
N ILE H 629 72.63 -12.70 -33.85
CA ILE H 629 73.21 -12.08 -32.66
C ILE H 629 72.24 -12.23 -31.48
N LYS H 630 72.80 -12.37 -30.28
CA LYS H 630 72.02 -12.81 -29.14
C LYS H 630 71.74 -11.73 -28.09
N ASP H 631 72.51 -10.64 -28.07
CA ASP H 631 72.30 -9.57 -27.10
C ASP H 631 71.60 -8.40 -27.78
N PHE H 632 70.45 -8.01 -27.23
CA PHE H 632 69.65 -6.95 -27.83
C PHE H 632 68.67 -6.42 -26.79
N THR H 633 68.66 -5.10 -26.61
CA THR H 633 67.79 -4.46 -25.63
C THR H 633 66.92 -3.40 -26.29
N CYS H 634 65.87 -2.99 -25.58
CA CYS H 634 64.97 -1.92 -25.97
C CYS H 634 64.71 -1.02 -24.77
N SER H 635 65.80 -0.59 -24.12
CA SER H 635 65.78 -0.08 -22.75
C SER H 635 64.68 0.96 -22.52
N PHE H 636 64.72 2.08 -23.23
CA PHE H 636 63.89 3.25 -22.94
C PHE H 636 64.14 3.74 -21.51
N SER H 637 65.35 4.23 -21.31
CA SER H 637 65.68 4.92 -20.08
C SER H 637 65.14 6.35 -20.13
N GLY H 638 64.20 6.66 -19.25
CA GLY H 638 63.58 7.97 -19.26
C GLY H 638 62.48 8.14 -18.24
N SER H 639 61.36 8.71 -18.65
CA SER H 639 60.24 8.99 -17.76
C SER H 639 59.00 8.26 -18.27
N VAL H 640 58.45 7.37 -17.44
CA VAL H 640 57.19 6.74 -17.79
C VAL H 640 56.11 7.82 -17.91
N PRO H 641 55.26 7.80 -18.95
CA PRO H 641 54.42 8.97 -19.23
C PRO H 641 53.51 9.38 -18.08
N LEU H 642 52.57 8.52 -17.68
CA LEU H 642 51.73 8.70 -16.50
C LEU H 642 50.94 10.01 -16.49
N GLU H 643 50.96 10.77 -17.57
CA GLU H 643 50.20 12.00 -17.56
C GLU H 643 49.29 12.13 -18.77
N GLU H 644 49.75 11.71 -19.95
CA GLU H 644 48.85 11.55 -21.09
C GLU H 644 48.05 10.25 -21.00
N TYR H 645 48.39 9.40 -20.04
CA TYR H 645 47.67 8.17 -19.74
C TYR H 645 46.52 8.41 -18.78
N PHE H 646 46.65 9.40 -17.90
CA PHE H 646 45.59 9.69 -16.94
C PHE H 646 44.40 10.37 -17.59
N GLU H 647 44.64 11.13 -18.66
CA GLU H 647 43.54 11.86 -19.28
C GLU H 647 42.55 10.91 -19.95
N LEU H 648 43.06 9.82 -20.52
CA LEU H 648 42.17 8.80 -21.09
C LEU H 648 41.34 8.13 -20.00
N ILE H 649 41.97 7.84 -18.85
CA ILE H 649 41.24 7.29 -17.71
C ILE H 649 40.14 8.25 -17.27
N ASP H 650 40.45 9.55 -17.22
CA ASP H 650 39.46 10.53 -16.79
C ASP H 650 38.32 10.67 -17.79
N HIS H 651 38.63 10.58 -19.08
CA HIS H 651 37.58 10.60 -20.09
C HIS H 651 36.66 9.39 -19.94
N HIS H 652 37.26 8.21 -19.76
CA HIS H 652 36.49 7.00 -19.52
C HIS H 652 35.56 7.16 -18.32
N PHE H 653 36.10 7.70 -17.22
CA PHE H 653 35.31 7.80 -16.01
C PHE H 653 34.23 8.88 -16.12
N GLU H 654 34.49 9.95 -16.86
CA GLU H 654 33.45 10.94 -17.09
C GLU H 654 32.31 10.33 -17.90
N LEU H 655 32.64 9.50 -18.89
CA LEU H 655 31.59 8.81 -19.62
C LEU H 655 30.81 7.86 -18.72
N ARG H 656 31.49 7.17 -17.82
CA ARG H 656 30.80 6.26 -16.89
C ARG H 656 29.84 7.04 -15.99
N ILE H 657 30.29 8.15 -15.44
CA ILE H 657 29.43 8.95 -14.56
C ILE H 657 28.25 9.49 -15.33
N ASN H 658 28.48 9.97 -16.56
CA ASN H 658 27.37 10.45 -17.38
C ASN H 658 26.37 9.33 -17.65
N GLY H 659 26.85 8.11 -17.86
CA GLY H 659 25.93 6.99 -18.06
C GLY H 659 25.10 6.69 -16.83
N GLU H 660 25.73 6.72 -15.66
CA GLU H 660 24.98 6.48 -14.43
C GLU H 660 23.91 7.55 -14.22
N LYS H 661 24.25 8.81 -14.52
CA LYS H 661 23.25 9.88 -14.40
C LYS H 661 22.10 9.67 -15.38
N LEU H 662 22.43 9.35 -16.63
CA LEU H 662 21.38 9.10 -17.61
C LEU H 662 20.47 7.96 -17.17
N GLU H 663 21.04 6.93 -16.56
CA GLU H 663 20.23 5.78 -16.16
C GLU H 663 19.34 6.12 -14.96
N GLU H 664 19.87 6.87 -13.98
CA GLU H 664 19.02 7.26 -12.87
C GLU H 664 17.95 8.26 -13.28
N LEU H 665 18.14 8.96 -14.40
CA LEU H 665 17.07 9.80 -14.93
C LEU H 665 16.03 8.96 -15.67
N LEU H 666 16.49 7.99 -16.44
CA LEU H 666 15.58 7.07 -17.12
C LEU H 666 14.70 6.33 -16.12
N SER H 667 15.24 6.02 -14.93
CA SER H 667 14.44 5.39 -13.89
C SER H 667 13.23 6.24 -13.53
N GLU H 668 13.46 7.53 -13.28
CA GLU H 668 12.36 8.43 -12.91
C GLU H 668 11.36 8.57 -14.05
N ARG H 669 11.86 8.69 -15.27
CA ARG H 669 10.94 8.80 -16.41
C ARG H 669 10.07 7.56 -16.54
N ALA H 670 10.67 6.37 -16.34
CA ALA H 670 9.90 5.14 -16.41
C ALA H 670 8.87 5.06 -15.30
N VAL H 671 9.23 5.51 -14.10
CA VAL H 671 8.27 5.50 -12.99
C VAL H 671 7.09 6.41 -13.31
N GLN H 672 7.36 7.60 -13.85
CA GLN H 672 6.28 8.50 -14.24
C GLN H 672 5.37 7.84 -15.27
N PHE H 673 5.97 7.23 -16.29
CA PHE H 673 5.18 6.57 -17.33
C PHE H 673 4.31 5.49 -16.74
N ARG H 674 4.86 4.69 -15.82
CA ARG H 674 4.08 3.62 -15.21
C ARG H 674 2.92 4.17 -14.39
N ALA H 675 3.15 5.25 -13.65
CA ALA H 675 2.08 5.82 -12.83
C ALA H 675 0.95 6.35 -13.71
N ILE H 676 1.30 7.10 -14.76
CA ILE H 676 0.26 7.62 -15.64
C ILE H 676 -0.46 6.48 -16.36
N GLN H 677 0.27 5.42 -16.69
CA GLN H 677 -0.35 4.28 -17.35
C GLN H 677 -1.33 3.57 -16.43
N ARG H 678 -0.99 3.45 -15.15
CA ARG H 678 -1.92 2.85 -14.20
C ARG H 678 -3.16 3.71 -14.04
N ARG H 679 -2.98 5.03 -13.97
CA ARG H 679 -4.15 5.92 -13.93
C ARG H 679 -5.05 5.70 -15.14
N LEU H 680 -4.45 5.63 -16.33
CA LEU H 680 -5.25 5.43 -17.53
C LEU H 680 -5.95 4.07 -17.53
N LEU H 681 -5.27 3.04 -17.04
CA LEU H 681 -5.89 1.72 -16.96
C LEU H 681 -7.08 1.75 -16.00
N THR H 682 -6.94 2.47 -14.89
CA THR H 682 -8.07 2.63 -13.98
C THR H 682 -9.23 3.34 -14.65
N ARG H 683 -8.94 4.39 -15.42
CA ARG H 683 -10.01 5.06 -16.15
C ARG H 683 -10.63 4.15 -17.20
N PHE H 684 -9.85 3.19 -17.72
CA PHE H 684 -10.38 2.27 -18.73
C PHE H 684 -11.32 1.24 -18.11
N LYS H 685 -10.89 0.62 -17.01
CA LYS H 685 -11.71 -0.41 -16.38
C LYS H 685 -13.03 0.14 -15.89
N ASP H 686 -13.08 1.44 -15.57
CA ASP H 686 -14.30 2.04 -15.05
C ASP H 686 -15.37 2.09 -16.14
N LYS H 687 -16.61 1.84 -15.74
CA LYS H 687 -17.73 1.92 -16.68
C LYS H 687 -18.03 3.36 -17.06
N THR H 688 -18.19 4.22 -16.06
CA THR H 688 -18.74 5.55 -16.30
C THR H 688 -17.81 6.37 -17.20
N PRO H 689 -18.35 7.18 -18.10
CA PRO H 689 -17.51 8.06 -18.90
C PRO H 689 -16.96 9.19 -18.04
N ALA H 690 -15.84 9.76 -18.51
CA ALA H 690 -15.17 10.82 -17.77
C ALA H 690 -14.17 11.52 -18.68
N PRO H 691 -13.92 12.81 -18.45
CA PRO H 691 -12.86 13.49 -19.22
C PRO H 691 -11.52 12.86 -18.94
N LEU H 692 -10.70 12.73 -19.98
CA LEU H 692 -9.35 12.23 -19.79
C LEU H 692 -8.47 13.19 -19.01
N GLN H 693 -8.90 14.45 -18.87
CA GLN H 693 -8.16 15.47 -18.12
C GLN H 693 -6.74 15.63 -18.63
N HIS H 694 -6.56 15.40 -19.94
CA HIS H 694 -5.25 15.52 -20.59
C HIS H 694 -4.23 14.56 -19.98
N LEU H 695 -4.70 13.44 -19.44
CA LEU H 695 -3.77 12.41 -18.99
C LEU H 695 -3.02 11.80 -20.17
N ASP H 696 -3.68 11.69 -21.33
CA ASP H 696 -3.01 11.20 -22.53
C ASP H 696 -1.88 12.13 -22.94
N THR H 697 -2.05 13.44 -22.74
CA THR H 697 -0.98 14.37 -23.10
C THR H 697 0.23 14.19 -22.19
N LEU H 698 0.00 14.02 -20.89
CA LEU H 698 1.10 13.74 -19.98
C LEU H 698 1.78 12.43 -20.34
N LEU H 699 0.99 11.43 -20.74
CA LEU H 699 1.56 10.16 -21.17
C LEU H 699 2.43 10.33 -22.40
N ASP H 700 1.98 11.10 -23.38
CA ASP H 700 2.78 11.35 -24.58
C ASP H 700 4.07 12.08 -24.24
N GLY H 701 3.98 13.11 -23.39
CA GLY H 701 5.18 13.81 -22.98
C GLY H 701 6.18 12.90 -22.29
N THR H 702 5.69 12.07 -21.37
CA THR H 702 6.59 11.15 -20.66
C THR H 702 7.19 10.13 -21.62
N TYR H 703 6.41 9.68 -22.61
CA TYR H 703 6.92 8.73 -23.58
C TYR H 703 8.03 9.35 -24.42
N LYS H 704 7.85 10.61 -24.83
CA LYS H 704 8.91 11.31 -25.56
C LYS H 704 10.17 11.44 -24.70
N GLN H 705 9.99 11.78 -23.43
CA GLN H 705 11.15 11.86 -22.54
C GLN H 705 11.86 10.51 -22.43
N VAL H 706 11.10 9.43 -22.32
CA VAL H 706 11.71 8.11 -22.17
C VAL H 706 12.47 7.73 -23.42
N ILE H 707 11.91 8.00 -24.60
CA ILE H 707 12.61 7.66 -25.84
C ILE H 707 13.89 8.48 -25.97
N ALA H 708 13.82 9.78 -25.66
CA ALA H 708 15.01 10.62 -25.71
C ALA H 708 16.09 10.09 -24.78
N LEU H 709 15.71 9.71 -23.56
CA LEU H 709 16.69 9.22 -22.60
C LEU H 709 17.26 7.87 -23.04
N ALA H 710 16.44 7.03 -23.67
CA ALA H 710 16.94 5.74 -24.16
C ALA H 710 17.97 5.95 -25.26
N ASP H 711 17.69 6.85 -26.20
CA ASP H 711 18.67 7.14 -27.23
C ASP H 711 19.95 7.73 -26.64
N ALA H 712 19.81 8.59 -25.63
CA ALA H 712 20.98 9.16 -24.98
C ALA H 712 21.82 8.08 -24.32
N VAL H 713 21.18 7.11 -23.67
CA VAL H 713 21.90 6.03 -23.01
C VAL H 713 22.60 5.16 -24.04
N GLU H 714 21.95 4.91 -25.18
CA GLU H 714 22.59 4.13 -26.25
C GLU H 714 23.86 4.82 -26.74
N GLU H 715 23.75 6.12 -27.05
CA GLU H 715 24.92 6.85 -27.54
C GLU H 715 26.02 6.90 -26.48
N ASN H 716 25.64 7.03 -25.20
CA ASN H 716 26.66 7.03 -24.16
C ASN H 716 27.32 5.66 -24.05
N GLN H 717 26.57 4.58 -24.26
CA GLN H 717 27.18 3.26 -24.23
C GLN H 717 28.19 3.10 -25.36
N ASP H 718 27.86 3.60 -26.54
CA ASP H 718 28.80 3.52 -27.66
C ASP H 718 30.05 4.34 -27.39
N ASN H 719 29.89 5.57 -26.89
CA ASN H 719 31.04 6.39 -26.56
C ASN H 719 31.89 5.73 -25.48
N LEU H 720 31.26 5.12 -24.48
CA LEU H 720 31.99 4.45 -23.43
C LEU H 720 32.78 3.27 -23.98
N PHE H 721 32.21 2.55 -24.94
CA PHE H 721 32.94 1.43 -25.54
C PHE H 721 34.16 1.91 -26.32
N GLN H 722 34.00 2.98 -27.10
CA GLN H 722 35.15 3.53 -27.82
C GLN H 722 36.23 3.97 -26.84
N SER H 723 35.83 4.67 -25.77
CA SER H 723 36.81 5.12 -24.78
C SER H 723 37.50 3.94 -24.11
N PHE H 724 36.77 2.85 -23.88
CA PHE H 724 37.38 1.69 -23.25
C PHE H 724 38.41 1.04 -24.16
N THR H 725 38.11 0.94 -25.47
CA THR H 725 39.10 0.38 -26.38
C THR H 725 40.36 1.25 -26.44
N ARG H 726 40.18 2.57 -26.55
CA ARG H 726 41.33 3.45 -26.59
C ARG H 726 42.14 3.37 -25.29
N LEU H 727 41.44 3.23 -24.16
CA LEU H 727 42.13 3.08 -22.88
C LEU H 727 42.89 1.76 -22.81
N LYS H 728 42.34 0.69 -23.42
CA LYS H 728 43.05 -0.58 -23.46
C LYS H 728 44.34 -0.44 -24.24
N SER H 729 44.30 0.25 -25.38
CA SER H 729 45.53 0.49 -26.13
C SER H 729 46.53 1.29 -25.30
N ALA H 730 46.07 2.35 -24.63
CA ALA H 730 46.96 3.17 -23.83
C ALA H 730 47.61 2.38 -22.71
N THR H 731 46.83 1.57 -21.99
CA THR H 731 47.42 0.81 -20.90
C THR H 731 48.34 -0.30 -21.41
N HIS H 732 48.05 -0.86 -22.59
CA HIS H 732 49.01 -1.74 -23.22
C HIS H 732 50.35 -1.05 -23.39
N LEU H 733 50.34 0.15 -23.96
CA LEU H 733 51.57 0.90 -24.15
C LEU H 733 52.25 1.20 -22.82
N VAL H 734 51.47 1.50 -21.79
CA VAL H 734 52.06 1.87 -20.51
C VAL H 734 52.73 0.67 -19.85
N ILE H 735 52.10 -0.50 -19.92
CA ILE H 735 52.74 -1.70 -19.39
C ILE H 735 54.00 -2.01 -20.18
N LEU H 736 53.97 -1.81 -21.50
CA LEU H 736 55.17 -2.01 -22.31
C LEU H 736 56.30 -1.09 -21.84
N LEU H 737 56.00 0.19 -21.67
CA LEU H 737 57.02 1.15 -21.26
C LEU H 737 57.48 0.94 -19.83
N ILE H 738 56.67 0.31 -18.98
CA ILE H 738 57.14 0.00 -17.64
C ILE H 738 58.02 -1.24 -17.65
N GLY H 739 57.66 -2.24 -18.48
CA GLY H 739 58.49 -3.42 -18.61
C GLY H 739 59.79 -3.17 -19.33
N LEU H 740 59.89 -2.07 -20.06
CA LEU H 740 61.17 -1.69 -20.64
C LEU H 740 61.93 -0.71 -19.74
N TRP H 741 61.22 0.29 -19.19
CA TRP H 741 61.83 1.29 -18.33
C TRP H 741 62.58 0.66 -17.16
N GLN H 742 62.14 -0.52 -16.71
CA GLN H 742 62.90 -1.34 -15.79
C GLN H 742 62.96 -2.75 -16.35
N LYS H 743 64.04 -3.47 -16.00
CA LYS H 743 64.29 -4.78 -16.58
C LYS H 743 63.31 -5.79 -15.98
N LEU H 744 62.05 -5.68 -16.42
CA LEU H 744 60.99 -6.56 -15.96
C LEU H 744 61.00 -7.85 -16.77
N SER H 745 60.93 -8.99 -16.07
CA SER H 745 60.93 -10.29 -16.71
C SER H 745 59.53 -10.60 -17.23
N ALA H 746 59.32 -11.84 -17.68
CA ALA H 746 58.02 -12.20 -18.23
C ALA H 746 56.98 -12.40 -17.13
N ASP H 747 57.39 -12.84 -15.95
CA ASP H 747 56.45 -13.06 -14.86
C ASP H 747 55.79 -11.77 -14.41
N GLN H 748 56.61 -10.75 -14.12
CA GLN H 748 56.05 -9.48 -13.67
C GLN H 748 55.27 -8.79 -14.77
N ILE H 749 55.68 -8.97 -16.03
CA ILE H 749 54.91 -8.43 -17.13
C ILE H 749 53.55 -9.11 -17.22
N ALA H 750 53.49 -10.42 -16.94
CA ALA H 750 52.22 -11.12 -16.94
C ALA H 750 51.33 -10.65 -15.78
N ILE H 751 51.94 -10.42 -14.61
CA ILE H 751 51.19 -9.88 -13.48
C ILE H 751 50.59 -8.52 -13.83
N LEU H 752 51.40 -7.67 -14.46
CA LEU H 752 50.91 -6.34 -14.83
C LEU H 752 49.82 -6.42 -15.88
N GLU H 753 49.97 -7.31 -16.86
CA GLU H 753 48.94 -7.48 -17.87
C GLU H 753 47.65 -8.01 -17.26
N ALA H 754 47.75 -8.82 -16.21
CA ALA H 754 46.54 -9.30 -15.55
C ALA H 754 45.89 -8.21 -14.72
N ALA H 755 46.69 -7.36 -14.08
CA ALA H 755 46.14 -6.34 -13.20
C ALA H 755 45.58 -5.14 -13.97
N PHE H 756 46.20 -4.76 -15.08
CA PHE H 756 45.81 -3.55 -15.79
C PHE H 756 44.85 -3.78 -16.94
N LEU H 757 44.71 -5.02 -17.41
CA LEU H 757 43.87 -5.34 -18.57
C LEU H 757 42.78 -6.33 -18.17
N PRO H 758 41.89 -5.95 -17.27
CA PRO H 758 41.00 -6.94 -16.65
C PRO H 758 39.79 -7.35 -17.48
N LEU H 759 39.20 -6.42 -18.23
CA LEU H 759 37.90 -6.66 -18.83
C LEU H 759 37.93 -6.33 -20.31
N GLN H 760 36.92 -6.83 -21.02
CA GLN H 760 36.76 -6.57 -22.45
C GLN H 760 35.78 -5.44 -22.73
N GLN H 761 34.80 -5.23 -21.85
CA GLN H 761 33.93 -4.06 -21.93
C GLN H 761 33.34 -3.83 -20.55
N ASP H 762 32.65 -2.70 -20.41
CA ASP H 762 32.11 -2.30 -19.12
C ASP H 762 30.69 -2.80 -18.93
N THR H 763 30.34 -3.07 -17.68
CA THR H 763 29.00 -3.53 -17.32
C THR H 763 28.53 -2.75 -16.10
N GLN H 764 27.23 -2.80 -15.85
CA GLN H 764 26.65 -1.99 -14.78
C GLN H 764 26.94 -2.55 -13.39
N GLU H 765 27.81 -3.54 -13.27
CA GLU H 765 28.24 -4.05 -11.98
C GLU H 765 29.75 -4.09 -11.81
N LEU H 766 30.52 -4.20 -12.90
CA LEU H 766 31.96 -4.21 -12.83
C LEU H 766 32.52 -3.39 -13.98
N GLY H 767 33.39 -2.43 -13.65
CA GLY H 767 34.03 -1.61 -14.65
C GLY H 767 35.54 -1.68 -14.51
N TRP H 768 36.22 -1.00 -15.44
CA TRP H 768 37.68 -1.03 -15.45
C TRP H 768 38.27 -0.38 -14.21
N GLU H 769 37.71 0.76 -13.80
CA GLU H 769 38.29 1.53 -12.71
C GLU H 769 38.37 0.72 -11.42
N GLU H 770 37.23 0.21 -10.95
CA GLU H 770 37.22 -0.51 -9.68
C GLU H 770 38.11 -1.73 -9.73
N THR H 771 38.10 -2.45 -10.84
CA THR H 771 38.84 -3.70 -10.93
C THR H 771 40.35 -3.44 -10.91
N VAL H 772 40.81 -2.53 -11.75
CA VAL H 772 42.24 -2.24 -11.76
C VAL H 772 42.67 -1.59 -10.45
N ASP H 773 41.77 -0.84 -9.80
CA ASP H 773 42.10 -0.23 -8.53
C ASP H 773 42.27 -1.28 -7.45
N ALA H 774 41.35 -2.25 -7.38
CA ALA H 774 41.48 -3.34 -6.43
C ALA H 774 42.75 -4.13 -6.68
N ALA H 775 43.03 -4.45 -7.95
CA ALA H 775 44.22 -5.23 -8.27
C ALA H 775 45.49 -4.49 -7.87
N LEU H 776 45.55 -3.18 -8.14
CA LEU H 776 46.75 -2.43 -7.82
C LEU H 776 46.90 -2.23 -6.31
N SER H 777 45.79 -1.97 -5.62
CA SER H 777 45.85 -1.86 -4.16
C SER H 777 46.35 -3.16 -3.54
N HIS H 778 45.91 -4.30 -4.07
CA HIS H 778 46.37 -5.57 -3.53
C HIS H 778 47.84 -5.82 -3.86
N LEU H 779 48.25 -5.50 -5.09
CA LEU H 779 49.64 -5.72 -5.48
C LEU H 779 50.58 -4.85 -4.65
N LEU H 780 50.16 -3.64 -4.32
CA LEU H 780 50.97 -2.80 -3.44
C LEU H 780 50.86 -3.26 -1.99
N LYS H 781 49.74 -3.85 -1.61
CA LYS H 781 49.54 -4.31 -0.25
C LYS H 781 50.47 -5.46 0.08
N THR H 782 50.47 -6.50 -0.76
CA THR H 782 51.19 -7.73 -0.43
C THR H 782 52.64 -7.73 -0.87
N CYS H 783 53.04 -6.81 -1.75
CA CYS H 783 54.39 -6.86 -2.30
C CYS H 783 55.20 -5.59 -2.02
N LEU H 784 54.63 -4.41 -2.27
CA LEU H 784 55.42 -3.19 -2.33
C LEU H 784 55.21 -2.25 -1.15
N SER H 785 54.62 -2.73 -0.06
CA SER H 785 54.43 -1.90 1.12
C SER H 785 54.94 -2.62 2.36
N LYS H 786 55.49 -1.85 3.29
CA LYS H 786 55.97 -2.38 4.56
C LYS H 786 55.35 -1.72 5.79
N SER H 787 54.64 -0.60 5.62
CA SER H 787 53.95 0.04 6.73
C SER H 787 52.50 -0.43 6.77
N SER H 788 52.07 -0.91 7.93
CA SER H 788 50.71 -1.40 8.06
C SER H 788 49.69 -0.27 8.12
N LYS H 789 50.09 0.90 8.61
CA LYS H 789 49.18 2.04 8.68
C LYS H 789 48.66 2.41 7.29
N GLU H 790 49.56 2.56 6.32
CA GLU H 790 49.13 2.81 4.95
C GLU H 790 48.40 1.61 4.38
N GLN H 791 48.88 0.40 4.70
CA GLN H 791 48.24 -0.82 4.20
C GLN H 791 46.76 -0.85 4.55
N ALA H 792 46.40 -0.34 5.71
CA ALA H 792 45.00 -0.34 6.12
C ALA H 792 44.26 0.93 5.80
N LEU H 793 44.97 2.06 5.66
CA LEU H 793 44.29 3.34 5.43
C LEU H 793 44.06 3.59 3.94
N ASN H 794 45.12 3.54 3.14
CA ASN H 794 45.04 3.84 1.71
C ASN H 794 44.91 2.60 0.84
N LEU H 795 45.60 1.52 1.20
CA LEU H 795 45.67 0.32 0.35
C LEU H 795 44.55 -0.64 0.71
N ASN H 796 43.33 -0.22 0.42
CA ASN H 796 42.15 -1.06 0.56
C ASN H 796 41.49 -1.25 -0.80
N SER H 797 40.73 -2.33 -0.95
CA SER H 797 40.20 -2.74 -2.23
C SER H 797 38.71 -3.00 -2.12
N GLN H 798 37.93 -2.40 -3.02
CA GLN H 798 36.50 -2.64 -3.11
C GLN H 798 36.11 -2.70 -4.58
N LEU H 799 34.90 -3.16 -4.85
CA LEU H 799 34.42 -3.33 -6.22
C LEU H 799 33.16 -2.51 -6.47
N GLY H 800 33.15 -1.27 -5.96
CA GLY H 800 32.05 -0.35 -6.22
C GLY H 800 32.56 0.84 -7.00
N ILE H 801 31.70 1.37 -7.87
CA ILE H 801 32.06 2.49 -8.73
C ILE H 801 32.46 3.68 -7.87
N PRO H 802 33.67 4.21 -8.03
CA PRO H 802 34.10 5.33 -7.19
C PRO H 802 33.38 6.61 -7.56
N LYS H 803 33.59 7.63 -6.73
CA LYS H 803 33.11 8.97 -7.02
C LYS H 803 34.19 9.88 -7.59
N ASP H 804 35.43 9.39 -7.66
CA ASP H 804 36.53 10.15 -8.23
C ASP H 804 37.64 9.16 -8.59
N THR H 805 38.47 9.57 -9.55
CA THR H 805 39.57 8.73 -10.03
C THR H 805 40.89 9.05 -9.36
N SER H 806 40.88 9.81 -8.27
CA SER H 806 42.14 10.24 -7.67
C SER H 806 42.86 9.09 -6.97
N GLN H 807 42.11 8.16 -6.38
CA GLN H 807 42.76 7.03 -5.72
C GLN H 807 43.47 6.13 -6.72
N LEU H 808 42.84 5.85 -7.85
CA LEU H 808 43.46 5.03 -8.89
C LEU H 808 44.75 5.66 -9.38
N LYS H 809 44.71 6.97 -9.69
CA LYS H 809 45.91 7.64 -10.19
C LYS H 809 47.01 7.69 -9.13
N LYS H 810 46.64 7.96 -7.88
CA LYS H 810 47.60 7.92 -6.79
C LYS H 810 48.26 6.54 -6.72
N HIS H 811 47.47 5.48 -6.82
CA HIS H 811 48.03 4.14 -6.72
C HIS H 811 48.93 3.81 -7.90
N ILE H 812 48.59 4.28 -9.10
CA ILE H 812 49.43 4.00 -10.27
C ILE H 812 50.76 4.73 -10.14
N THR H 813 50.73 6.01 -9.78
CA THR H 813 51.98 6.75 -9.58
C THR H 813 52.81 6.13 -8.47
N LEU H 814 52.16 5.71 -7.38
CA LEU H 814 52.87 5.07 -6.28
C LEU H 814 53.46 3.74 -6.71
N PHE H 815 52.78 3.02 -7.61
CA PHE H 815 53.31 1.77 -8.13
C PHE H 815 54.58 2.01 -8.93
N CYS H 816 54.53 2.96 -9.87
CA CYS H 816 55.74 3.28 -10.62
C CYS H 816 56.86 3.77 -9.72
N ASP H 817 56.53 4.55 -8.69
CA ASP H 817 57.54 5.04 -7.76
C ASP H 817 58.21 3.89 -7.02
N ARG H 818 57.42 3.08 -6.31
CA ARG H 818 57.97 1.98 -5.55
C ARG H 818 58.59 0.90 -6.44
N LEU H 819 58.32 0.92 -7.74
CA LEU H 819 59.12 0.12 -8.66
C LEU H 819 60.47 0.78 -8.93
N ALA H 820 60.48 2.11 -9.00
CA ALA H 820 61.73 2.82 -9.29
C ALA H 820 62.77 2.60 -8.19
N LYS H 821 62.34 2.61 -6.93
CA LYS H 821 63.29 2.44 -5.83
C LYS H 821 63.93 1.06 -5.83
N GLY H 822 63.30 0.07 -6.45
CA GLY H 822 63.89 -1.25 -6.53
C GLY H 822 62.93 -2.36 -6.13
N GLY H 823 61.66 -2.02 -5.94
CA GLY H 823 60.68 -3.03 -5.59
C GLY H 823 60.49 -4.04 -6.70
N ARG H 824 59.93 -5.19 -6.33
CA ARG H 824 59.64 -6.25 -7.28
C ARG H 824 58.34 -6.93 -6.88
N LEU H 825 57.62 -7.43 -7.89
CA LEU H 825 56.30 -8.00 -7.67
C LEU H 825 56.38 -9.47 -7.30
N CYS H 826 55.30 -9.95 -6.69
CA CYS H 826 55.18 -11.36 -6.32
C CYS H 826 53.68 -11.67 -6.22
N LEU H 827 53.38 -12.91 -5.85
CA LEU H 827 51.99 -13.35 -5.72
C LEU H 827 51.61 -13.71 -4.29
N SER H 828 52.37 -14.61 -3.66
CA SER H 828 52.04 -15.07 -2.31
C SER H 828 52.08 -13.91 -1.31
N GLU I 17 -23.92 42.93 62.50
CA GLU I 17 -23.44 42.15 63.63
C GLU I 17 -23.21 40.70 63.23
N VAL I 18 -22.78 40.49 61.99
CA VAL I 18 -22.55 39.16 61.45
C VAL I 18 -21.06 38.99 61.19
N HIS I 19 -20.57 37.76 61.39
CA HIS I 19 -19.17 37.44 61.22
C HIS I 19 -18.96 36.83 59.84
N VAL I 20 -18.14 37.49 59.01
CA VAL I 20 -17.86 37.07 57.65
C VAL I 20 -16.36 36.88 57.50
N LEU I 21 -15.97 35.98 56.60
CA LEU I 21 -14.58 35.68 56.34
C LEU I 21 -14.23 36.08 54.92
N CYS I 22 -13.35 37.07 54.78
CA CYS I 22 -12.84 37.46 53.47
C CYS I 22 -11.62 36.62 53.14
N LEU I 23 -11.59 36.05 51.94
CA LEU I 23 -10.52 35.16 51.51
C LEU I 23 -9.90 35.67 50.23
N GLY I 24 -8.61 35.40 50.07
CA GLY I 24 -7.89 35.79 48.89
C GLY I 24 -6.43 35.40 48.94
N LEU I 25 -5.82 35.18 47.79
CA LEU I 25 -4.42 34.77 47.74
C LEU I 25 -3.52 35.95 48.07
N ASP I 26 -2.21 35.72 47.99
CA ASP I 26 -1.25 36.80 48.19
C ASP I 26 -1.44 37.89 47.15
N ASN I 27 -1.37 39.14 47.62
CA ASN I 27 -1.44 40.32 46.76
C ASN I 27 -2.66 40.30 45.85
N SER I 28 -3.77 39.72 46.33
CA SER I 28 -5.01 39.67 45.56
C SER I 28 -5.93 40.84 45.86
N GLY I 29 -5.65 41.63 46.90
CA GLY I 29 -6.43 42.82 47.14
C GLY I 29 -7.40 42.72 48.31
N LYS I 30 -7.02 42.05 49.39
CA LYS I 30 -7.96 41.89 50.51
C LYS I 30 -7.98 43.14 51.38
N THR I 31 -6.81 43.61 51.82
CA THR I 31 -6.77 44.78 52.68
C THR I 31 -7.40 45.99 52.01
N THR I 32 -7.12 46.19 50.72
CA THR I 32 -7.67 47.34 50.02
C THR I 32 -9.15 47.18 49.70
N ILE I 33 -9.67 45.95 49.67
CA ILE I 33 -11.08 45.78 49.36
C ILE I 33 -11.91 45.90 50.64
N ILE I 34 -11.35 45.53 51.79
CA ILE I 34 -12.05 45.82 53.04
C ILE I 34 -11.83 47.26 53.49
N ASN I 35 -10.77 47.91 53.00
CA ASN I 35 -10.51 49.29 53.37
C ASN I 35 -11.49 50.22 52.68
N LYS I 36 -11.71 50.03 51.38
CA LYS I 36 -12.64 50.86 50.63
C LYS I 36 -14.09 50.66 51.07
N LEU I 37 -14.36 49.68 51.92
CA LEU I 37 -15.71 49.49 52.45
C LEU I 37 -15.95 50.24 53.76
N LYS I 38 -14.89 50.77 54.37
CA LYS I 38 -15.05 51.55 55.59
C LYS I 38 -15.66 52.91 55.25
N PRO I 39 -16.29 53.57 56.24
CA PRO I 39 -16.92 54.87 55.99
C PRO I 39 -15.92 55.95 55.60
N SER I 40 -16.42 57.15 55.30
CA SER I 40 -15.58 58.22 54.78
C SER I 40 -14.48 58.59 55.76
N ASN I 41 -14.86 58.93 57.00
CA ASN I 41 -13.89 59.40 57.98
C ASN I 41 -12.93 58.29 58.40
N ALA I 42 -13.48 57.21 58.96
CA ALA I 42 -12.66 56.14 59.54
C ALA I 42 -11.83 55.38 58.52
N GLN I 43 -11.98 55.68 57.23
CA GLN I 43 -11.23 54.95 56.20
C GLN I 43 -9.74 55.24 56.33
N SER I 44 -8.93 54.19 56.30
CA SER I 44 -7.49 54.34 56.37
C SER I 44 -6.95 54.94 55.07
N GLN I 45 -5.63 55.13 55.04
CA GLN I 45 -4.97 55.77 53.91
C GLN I 45 -3.99 54.86 53.18
N ASP I 46 -3.08 54.22 53.91
CA ASP I 46 -2.04 53.41 53.32
C ASP I 46 -2.34 51.93 53.50
N ILE I 47 -2.00 51.14 52.49
CA ILE I 47 -2.20 49.71 52.48
C ILE I 47 -0.85 49.03 52.35
N VAL I 48 -0.57 48.10 53.26
CA VAL I 48 0.71 47.39 53.30
C VAL I 48 0.41 45.89 53.37
N PRO I 49 1.24 45.03 52.78
CA PRO I 49 1.07 43.59 53.00
C PRO I 49 1.01 43.26 54.48
N THR I 50 0.01 42.46 54.85
CA THR I 50 -0.29 42.20 56.25
C THR I 50 0.51 40.99 56.76
N ILE I 51 0.52 40.84 58.08
CA ILE I 51 1.27 39.78 58.76
C ILE I 51 0.43 39.24 59.91
N GLY I 52 0.27 37.93 59.95
CA GLY I 52 -0.36 37.24 61.07
C GLY I 52 -1.86 37.22 61.07
N PHE I 53 -2.49 38.33 61.48
CA PHE I 53 -3.94 38.43 61.57
C PHE I 53 -4.28 39.86 62.01
N SER I 54 -5.57 40.16 62.00
CA SER I 54 -6.09 41.44 62.47
C SER I 54 -7.60 41.32 62.58
N ILE I 55 -8.23 42.42 62.98
CA ILE I 55 -9.68 42.52 63.07
C ILE I 55 -10.13 43.77 62.34
N GLN I 56 -11.22 43.67 61.60
CA GLN I 56 -11.73 44.80 60.83
C GLN I 56 -13.25 44.75 60.81
N LYS I 57 -13.87 45.92 60.74
CA LYS I 57 -15.31 46.05 60.70
C LYS I 57 -15.72 46.91 59.51
N PHE I 58 -16.89 46.64 58.96
CA PHE I 58 -17.42 47.48 57.90
C PHE I 58 -18.93 47.36 57.85
N LYS I 59 -19.59 48.50 57.64
CA LYS I 59 -21.04 48.58 57.67
C LYS I 59 -21.61 48.43 56.27
N SER I 60 -22.57 47.52 56.12
CA SER I 60 -23.35 47.42 54.90
C SER I 60 -24.59 48.30 55.04
N SER I 61 -25.53 48.17 54.11
CA SER I 61 -26.73 49.01 54.14
C SER I 61 -27.58 48.70 55.38
N SER I 62 -27.93 47.44 55.58
CA SER I 62 -28.81 47.04 56.66
C SER I 62 -28.10 46.27 57.77
N LEU I 63 -26.81 45.96 57.60
CA LEU I 63 -26.10 45.16 58.59
C LEU I 63 -24.65 45.63 58.65
N SER I 64 -23.94 45.14 59.65
CA SER I 64 -22.52 45.44 59.84
C SER I 64 -21.75 44.14 59.98
N PHE I 65 -20.78 43.92 59.10
CA PHE I 65 -19.99 42.71 59.08
C PHE I 65 -18.61 42.96 59.65
N THR I 66 -17.92 41.88 60.01
CA THR I 66 -16.57 41.93 60.52
C THR I 66 -15.73 40.86 59.82
N VAL I 67 -14.52 41.26 59.43
CA VAL I 67 -13.59 40.38 58.75
C VAL I 67 -12.29 40.30 59.54
N PHE I 68 -11.52 39.24 59.26
CA PHE I 68 -10.22 39.03 59.87
C PHE I 68 -9.17 39.07 58.75
N ASP I 69 -8.63 40.27 58.51
CA ASP I 69 -7.60 40.45 57.50
C ASP I 69 -6.41 39.55 57.82
N MET I 70 -6.04 38.69 56.87
CA MET I 70 -4.98 37.74 57.07
C MET I 70 -4.18 37.57 55.78
N SER I 71 -2.87 37.39 55.95
CA SER I 71 -1.96 37.37 54.81
C SER I 71 -2.19 36.14 53.94
N GLY I 72 -2.35 36.37 52.64
CA GLY I 72 -2.51 35.31 51.67
C GLY I 72 -1.22 34.67 51.20
N GLN I 73 -0.10 34.96 51.87
CA GLN I 73 1.17 34.36 51.49
C GLN I 73 1.13 32.85 51.71
N GLY I 74 1.88 32.13 50.88
CA GLY I 74 1.86 30.69 50.84
C GLY I 74 1.96 30.00 52.19
N ARG I 75 3.11 30.15 52.86
CA ARG I 75 3.31 29.51 54.15
C ARG I 75 2.41 30.07 55.24
N TYR I 76 1.68 31.15 54.97
CA TYR I 76 0.77 31.76 55.93
C TYR I 76 -0.68 31.55 55.50
N ARG I 77 -0.99 30.38 54.96
CA ARG I 77 -2.33 30.06 54.49
C ARG I 77 -3.06 29.05 55.37
N ASN I 78 -2.34 28.25 56.15
CA ASN I 78 -2.99 27.26 57.00
C ASN I 78 -3.90 27.92 58.02
N LEU I 79 -3.50 29.11 58.51
CA LEU I 79 -4.27 29.82 59.53
C LEU I 79 -5.74 30.01 59.13
N TRP I 80 -6.04 29.95 57.83
CA TRP I 80 -7.42 30.07 57.36
C TRP I 80 -8.36 29.10 58.07
N GLU I 81 -7.84 27.99 58.61
CA GLU I 81 -8.70 27.05 59.31
C GLU I 81 -9.31 27.67 60.57
N HIS I 82 -8.52 28.44 61.32
CA HIS I 82 -8.93 28.88 62.65
C HIS I 82 -10.29 29.56 62.64
N TYR I 83 -10.56 30.37 61.63
CA TYR I 83 -11.77 31.18 61.60
C TYR I 83 -12.92 30.54 60.85
N TYR I 84 -12.80 29.26 60.48
CA TYR I 84 -13.86 28.60 59.72
C TYR I 84 -15.16 28.55 60.51
N LYS I 85 -15.08 28.45 61.83
CA LYS I 85 -16.26 28.19 62.64
C LYS I 85 -17.22 29.39 62.64
N GLU I 86 -16.72 30.56 63.03
CA GLU I 86 -17.59 31.72 63.23
C GLU I 86 -18.10 32.31 61.91
N GLY I 87 -17.63 31.82 60.77
CA GLY I 87 -18.00 32.43 59.51
C GLY I 87 -19.46 32.16 59.15
N GLN I 88 -20.14 33.21 58.70
CA GLN I 88 -21.48 33.10 58.14
C GLN I 88 -21.52 33.33 56.64
N ALA I 89 -20.51 33.98 56.07
CA ALA I 89 -20.40 34.16 54.63
C ALA I 89 -18.93 34.18 54.27
N ILE I 90 -18.65 33.95 52.99
CA ILE I 90 -17.28 33.88 52.48
C ILE I 90 -17.13 34.91 51.37
N ILE I 91 -16.25 35.88 51.59
CA ILE I 91 -15.82 36.81 50.54
C ILE I 91 -14.53 36.27 49.97
N PHE I 92 -14.49 36.10 48.64
CA PHE I 92 -13.35 35.48 47.97
C PHE I 92 -12.88 36.42 46.86
N VAL I 93 -11.91 37.25 47.16
CA VAL I 93 -11.34 38.13 46.14
C VAL I 93 -10.38 37.33 45.27
N ILE I 94 -10.34 37.66 43.99
CA ILE I 94 -9.44 37.02 43.04
C ILE I 94 -8.97 38.07 42.05
N ASP I 95 -7.66 38.10 41.81
CA ASP I 95 -7.11 39.07 40.88
C ASP I 95 -7.48 38.67 39.47
N SER I 96 -8.56 39.23 38.94
CA SER I 96 -9.01 38.90 37.60
C SER I 96 -7.96 39.23 36.54
N SER I 97 -6.95 40.02 36.88
CA SER I 97 -5.83 40.29 35.99
C SER I 97 -4.62 39.43 36.32
N ASP I 98 -4.84 38.25 36.89
CA ASP I 98 -3.78 37.32 37.26
C ASP I 98 -4.13 35.96 36.66
N LYS I 99 -3.71 35.73 35.42
CA LYS I 99 -4.10 34.52 34.71
C LYS I 99 -3.34 33.29 35.16
N LEU I 100 -2.18 33.45 35.80
CA LEU I 100 -1.38 32.30 36.17
C LEU I 100 -1.95 31.59 37.39
N ARG I 101 -2.09 32.31 38.50
CA ARG I 101 -2.57 31.71 39.75
C ARG I 101 -4.05 31.39 39.74
N MET I 102 -4.74 31.49 38.61
CA MET I 102 -6.17 31.19 38.58
C MET I 102 -6.43 29.76 39.02
N VAL I 103 -5.59 28.82 38.60
CA VAL I 103 -5.78 27.43 38.99
C VAL I 103 -5.48 27.25 40.47
N VAL I 104 -4.52 28.02 41.01
CA VAL I 104 -4.28 27.99 42.45
C VAL I 104 -5.51 28.48 43.19
N ALA I 105 -6.17 29.52 42.67
CA ALA I 105 -7.39 30.02 43.30
C ALA I 105 -8.49 28.97 43.23
N LYS I 106 -8.60 28.27 42.09
CA LYS I 106 -9.58 27.20 41.96
C LYS I 106 -9.34 26.11 43.01
N GLU I 107 -8.08 25.70 43.17
CA GLU I 107 -7.77 24.66 44.15
C GLU I 107 -8.02 25.14 45.57
N GLU I 108 -7.73 26.42 45.85
CA GLU I 108 -7.99 26.95 47.18
C GLU I 108 -9.48 26.97 47.48
N LEU I 109 -10.29 27.39 46.51
CA LEU I 109 -11.73 27.29 46.67
C LEU I 109 -12.16 25.86 46.94
N ARG I 110 -11.64 24.91 46.17
CA ARG I 110 -12.05 23.51 46.35
C ARG I 110 -11.67 22.99 47.72
N THR I 111 -10.45 23.25 48.18
CA THR I 111 -10.04 22.75 49.49
C THR I 111 -10.68 23.54 50.63
N LEU I 112 -11.25 24.72 50.35
CA LEU I 112 -12.02 25.43 51.37
C LEU I 112 -13.45 24.92 51.47
N LEU I 113 -14.05 24.53 50.35
CA LEU I 113 -15.42 24.03 50.38
C LEU I 113 -15.50 22.72 51.14
N ASN I 114 -14.74 21.71 50.70
CA ASN I 114 -14.86 20.36 51.23
C ASN I 114 -14.41 20.24 52.69
N HIS I 115 -14.01 21.34 53.33
CA HIS I 115 -13.71 21.28 54.75
C HIS I 115 -14.95 20.82 55.52
N PRO I 116 -14.79 20.00 56.56
CA PRO I 116 -15.97 19.46 57.27
C PRO I 116 -16.95 20.52 57.75
N ASP I 117 -16.48 21.74 58.00
CA ASP I 117 -17.38 22.80 58.45
C ASP I 117 -18.20 23.35 57.29
N ILE I 118 -17.53 23.86 56.25
CA ILE I 118 -18.21 24.58 55.18
C ILE I 118 -18.79 23.64 54.12
N LYS I 119 -18.56 22.33 54.23
CA LYS I 119 -19.03 21.41 53.20
C LYS I 119 -20.56 21.38 53.10
N HIS I 120 -21.27 21.72 54.17
CA HIS I 120 -22.72 21.59 54.17
C HIS I 120 -23.47 22.77 54.76
N ARG I 121 -22.80 23.70 55.45
CA ARG I 121 -23.50 24.74 56.21
C ARG I 121 -24.38 25.63 55.34
N ARG I 122 -24.22 25.60 54.01
CA ARG I 122 -25.02 26.41 53.09
C ARG I 122 -24.95 27.89 53.44
N ILE I 123 -23.76 28.44 53.33
CA ILE I 123 -23.54 29.86 53.61
C ILE I 123 -23.37 30.60 52.30
N PRO I 124 -23.83 31.85 52.19
CA PRO I 124 -23.64 32.60 50.95
C PRO I 124 -22.17 32.94 50.74
N ILE I 125 -21.78 33.04 49.48
CA ILE I 125 -20.38 33.25 49.12
C ILE I 125 -20.30 34.20 47.93
N LEU I 126 -19.51 35.25 48.09
CA LEU I 126 -19.36 36.30 47.09
C LEU I 126 -17.91 36.35 46.64
N PHE I 127 -17.68 36.16 45.34
CA PHE I 127 -16.35 36.21 44.74
C PHE I 127 -16.14 37.60 44.16
N PHE I 128 -14.95 38.15 44.39
CA PHE I 128 -14.61 39.49 43.95
C PHE I 128 -13.51 39.40 42.90
N ALA I 129 -13.88 39.63 41.64
CA ALA I 129 -12.92 39.76 40.56
C ALA I 129 -12.30 41.14 40.69
N ASN I 130 -11.25 41.23 41.49
CA ASN I 130 -10.62 42.51 41.77
C ASN I 130 -9.82 42.96 40.55
N LYS I 131 -9.44 44.24 40.56
CA LYS I 131 -8.65 44.85 39.50
C LYS I 131 -9.35 44.74 38.16
N MET I 132 -10.61 45.20 38.12
CA MET I 132 -11.35 45.31 36.87
C MET I 132 -10.77 46.37 35.95
N ASP I 133 -9.88 47.22 36.46
CA ASP I 133 -9.33 48.33 35.68
C ASP I 133 -8.27 47.87 34.70
N LEU I 134 -7.40 46.95 35.12
CA LEU I 134 -6.25 46.56 34.31
C LEU I 134 -6.69 45.99 32.97
N ARG I 135 -5.92 46.29 31.93
CA ARG I 135 -6.19 45.80 30.59
C ARG I 135 -5.78 44.35 30.40
N ASP I 136 -5.18 43.73 31.40
CA ASP I 136 -4.80 42.33 31.37
C ASP I 136 -5.72 41.48 32.24
N ALA I 137 -7.00 41.84 32.31
CA ALA I 137 -7.96 41.19 33.18
C ALA I 137 -9.01 40.47 32.36
N LEU I 138 -9.72 39.56 33.02
CA LEU I 138 -10.78 38.77 32.41
C LEU I 138 -12.14 39.28 32.85
N THR I 139 -13.16 38.97 32.04
CA THR I 139 -14.52 39.27 32.43
C THR I 139 -14.98 38.27 33.50
N SER I 140 -16.13 38.55 34.09
CA SER I 140 -16.63 37.67 35.15
C SER I 140 -17.01 36.31 34.60
N VAL I 141 -17.59 36.26 33.41
CA VAL I 141 -18.00 34.98 32.84
C VAL I 141 -16.79 34.11 32.56
N LYS I 142 -15.70 34.70 32.05
CA LYS I 142 -14.51 33.91 31.73
C LYS I 142 -13.88 33.34 33.00
N VAL I 143 -13.69 34.18 34.01
CA VAL I 143 -13.08 33.69 35.24
C VAL I 143 -13.99 32.67 35.92
N SER I 144 -15.31 32.83 35.79
CA SER I 144 -16.23 31.83 36.34
C SER I 144 -16.05 30.49 35.63
N GLN I 145 -15.88 30.53 34.31
CA GLN I 145 -15.61 29.30 33.57
C GLN I 145 -14.31 28.66 34.05
N LEU I 146 -13.23 29.43 34.08
CA LEU I 146 -11.92 28.86 34.44
C LEU I 146 -11.79 28.54 35.92
N LEU I 147 -12.75 28.96 36.76
CA LEU I 147 -12.67 28.71 38.19
C LEU I 147 -13.56 27.55 38.63
N CYS I 148 -14.37 27.01 37.73
CA CYS I 148 -15.32 25.94 38.04
C CYS I 148 -16.25 26.34 39.18
N LEU I 149 -17.06 27.37 38.90
CA LEU I 149 -18.13 27.75 39.82
C LEU I 149 -19.33 26.83 39.74
N GLU I 150 -19.28 25.80 38.91
CA GLU I 150 -20.39 24.86 38.78
C GLU I 150 -20.24 23.63 39.66
N ASP I 151 -19.01 23.31 40.09
CA ASP I 151 -18.81 22.14 40.96
C ASP I 151 -19.46 22.31 42.32
N ILE I 152 -19.92 23.51 42.66
CA ILE I 152 -20.70 23.75 43.86
C ILE I 152 -22.17 23.85 43.48
N LYS I 153 -23.02 23.18 44.26
CA LYS I 153 -24.47 23.25 44.02
C LYS I 153 -25.24 23.35 45.33
N ASP I 154 -24.57 23.52 46.47
CA ASP I 154 -25.22 23.57 47.77
C ASP I 154 -25.29 24.98 48.34
N LYS I 155 -24.55 25.94 47.78
CA LYS I 155 -24.58 27.31 48.25
C LYS I 155 -24.85 28.26 47.09
N PRO I 156 -25.69 29.27 47.30
CA PRO I 156 -25.91 30.28 46.27
C PRO I 156 -24.75 31.27 46.24
N TRP I 157 -23.91 31.15 45.22
CA TRP I 157 -22.74 32.01 45.09
C TRP I 157 -23.09 33.24 44.26
N HIS I 158 -22.13 34.15 44.18
CA HIS I 158 -22.25 35.29 43.26
C HIS I 158 -20.87 35.89 43.06
N ILE I 159 -20.46 36.04 41.79
CA ILE I 159 -19.17 36.62 41.46
C ILE I 159 -19.41 37.97 40.81
N CYS I 160 -18.62 38.98 41.20
CA CYS I 160 -18.77 40.33 40.68
C CYS I 160 -17.39 40.95 40.50
N ALA I 161 -17.21 41.67 39.40
CA ALA I 161 -15.96 42.36 39.13
C ALA I 161 -15.99 43.74 39.78
N SER I 162 -14.87 44.14 40.37
CA SER I 162 -14.81 45.40 41.10
C SER I 162 -13.38 45.85 41.28
N ASP I 163 -13.04 47.00 40.72
CA ASP I 163 -11.76 47.63 41.00
C ASP I 163 -11.75 48.21 42.40
N ALA I 164 -10.73 47.86 43.19
CA ALA I 164 -10.72 48.19 44.61
C ALA I 164 -9.96 49.48 44.90
N ILE I 165 -9.85 50.38 43.92
CA ILE I 165 -9.30 51.71 44.14
C ILE I 165 -10.37 52.78 43.94
N LYS I 166 -11.11 52.71 42.82
CA LYS I 166 -12.21 53.63 42.61
C LYS I 166 -13.45 53.26 43.40
N GLY I 167 -13.42 52.20 44.19
CA GLY I 167 -14.55 51.82 45.02
C GLY I 167 -15.77 51.35 44.29
N GLU I 168 -15.68 51.13 42.98
CA GLU I 168 -16.83 50.69 42.20
C GLU I 168 -16.95 49.17 42.24
N GLY I 169 -18.19 48.69 42.40
CA GLY I 169 -18.49 47.29 42.36
C GLY I 169 -18.66 46.63 43.72
N LEU I 170 -18.10 47.22 44.78
CA LEU I 170 -18.22 46.62 46.10
C LEU I 170 -19.62 46.78 46.66
N GLN I 171 -20.26 47.90 46.35
CA GLN I 171 -21.58 48.20 46.92
C GLN I 171 -22.60 47.13 46.53
N GLU I 172 -22.75 46.87 45.23
CA GLU I 172 -23.71 45.87 44.79
C GLU I 172 -23.35 44.48 45.31
N GLY I 173 -22.06 44.20 45.46
CA GLY I 173 -21.63 42.94 46.01
C GLY I 173 -22.14 42.73 47.43
N VAL I 174 -21.81 43.66 48.32
CA VAL I 174 -22.28 43.51 49.70
C VAL I 174 -23.80 43.63 49.77
N ASP I 175 -24.43 44.33 48.81
CA ASP I 175 -25.88 44.40 48.78
C ASP I 175 -26.50 43.04 48.51
N TRP I 176 -26.01 42.35 47.48
CA TRP I 176 -26.48 40.99 47.23
C TRP I 176 -26.17 40.08 48.41
N LEU I 177 -25.00 40.27 49.03
CA LEU I 177 -24.62 39.42 50.16
C LEU I 177 -25.62 39.57 51.31
N GLN I 178 -26.00 40.81 51.64
CA GLN I 178 -26.95 41.00 52.73
C GLN I 178 -28.35 40.56 52.33
N ASP I 179 -28.76 40.83 51.09
CA ASP I 179 -30.08 40.43 50.64
C ASP I 179 -30.22 38.92 50.53
N GLN I 180 -29.10 38.20 50.48
CA GLN I 180 -29.13 36.74 50.54
C GLN I 180 -28.97 36.22 51.95
N ILE I 181 -28.23 36.91 52.82
CA ILE I 181 -28.12 36.46 54.21
C ILE I 181 -29.40 36.70 54.98
N GLN I 182 -30.23 37.64 54.53
CA GLN I 182 -31.52 37.83 55.19
C GLN I 182 -32.54 36.81 54.71
N SER I 183 -32.80 36.77 53.41
CA SER I 183 -33.75 35.82 52.85
C SER I 183 -33.17 34.41 52.85
#